data_5FO9
#
_entry.id   5FO9
#
_cell.length_a   104.320
_cell.length_b   113.710
_cell.length_c   138.520
_cell.angle_alpha   82.74
_cell.angle_beta   71.77
_cell.angle_gamma   80.95
#
_symmetry.space_group_name_H-M   'P 1'
#
loop_
_entity.id
_entity.type
_entity.pdbx_description
1 polymer 'COMPLEMENT C3 BETA CHAIN'
2 polymer "COMPLEMENT C3B ALPHA' CHAIN"
3 polymer 'COMPLEMENT RECEPTOR TYPE 1'
4 non-polymer 2-acetamido-2-deoxy-beta-D-glucopyranose
#
loop_
_entity_poly.entity_id
_entity_poly.type
_entity_poly.pdbx_seq_one_letter_code
_entity_poly.pdbx_strand_id
1 'polypeptide(L)'
;SPMYSIITPNILRLESEETMVLEAHDAQGDVPVTVTVHDFPGKKLVLSSEKTVLTPATNHMGNVTFTIPANREFKSEKGR
NKFVTVQATFGTQVVEKVVLVSLQSGYLFIQTDKTIYTPGSTVLYRIFTVNHKLLPVGRTVMVNIENPEGIPVKQDSLSS
QNQLGVLPLSWDIPELVNMGQWKIRAYYENSPQQVFSTEFEVKEYVLPSFEVIVEPTEKFYYIYNEKGLEVTITARFLYG
KKVEGTAFVIFGIQDGEQRISLPESLKRIPIEDGSGEVVLSRKVLLDGVQNPRAEDLVGKSLYVSATVILHSGSDMVQAE
RSGIPIVTSPYQIHFTKTPKYFKPGMPFDLMVFVTNPDGSPAYRVPVAVQGEDTVQSLTQGDGVAKLSINTHPSQKPLSI
TVRTKKQELSEAEQATRTMQALPYSTVGNSNNYLHLSVLRTELRPGETLNVNFLLRMDRAHEAKIRYYTYLIMNKGRLLK
AGRQVREPGQDLVVLPLSITTDFIPSFRLVAYYTLIGASGQREVVADSVWVDVKDSCVGSLVVKSGQSEDRQPVPGQQMT
LKIEGDHGARVVLVAVDKGVFVLNKKNKLTQSKIWDVVEKADIGCTPGSGKDYAGVFSDAGLTFTSSSGQQTAQRAELQC
PQPAA
;
A,D
2 'polypeptide(L)'
;SNLDEDIIAEENIVSRSEFPESWLWNVEDLKEPPKNGISTKLMNIFLKDSITTWEILAVSMSDKKGICVADPFEVTVMQD
FFIDLRLPYSVVRNEQVEIRAVLYNYRQNQELKVRVELLHNPAFCSLATTKRRHQQTVTIPPKSSLSVPYVIVPLKTGLQ
EVEVKAAVYHHFISDGVRKSLKVVPEGIRMNKTVAVRTLDPERLGREGVQKEDIPPADLSDQVPDTESETRILLQGTPVA
QMTEDAVDAERLKHLIVTPSGCGEENMIGMTPTVIAVHYLDETEQWEKFGLEKRQGALELIKKGYTQQLAFRQPSSAFAA
FVKRAPSTWLTAYVVKVFSLAVNLIAIDSQVLCGAVKWLILEKQKPDGVFQEDAPVIHQEMIGGLRNNNEKDMALTAFVL
ISLQEAKDICEEQVNSLPGSITKAGDFLEANYMNLQRSYTVAIAGYALAQMGRLKGPLLNKFLTTAKDKNRWEDPGKQLY
NVEATSYALLALLQLKDFDFVPPVVRWLNEQRYYGGGYGSTQATFMVFQALAQYQKDAPDHQELNLDVSLQLPSRSSKIT
HRIHWESASLLRSEETKENEGFTVTAEGKGQGTLSVVTMYHAKAKDQLTCNKFDLKVTIKPAPETEKRPQDAKNTMILEI
CTRYRGDQDATMSILDISMMTGFAPDTDDLKQLANGVDRYISKYELDKAFSDRNTLIIYLDKVSHSEDDCLAFKVHQYFN
VELIQPGAVKVYAYYNLEESCTRFYHPEKEDGKLNKLCRDELCRCAEENCFIQKSDDKVTLEERLDKACEPGVDYVYKTR
LVKVQLSNDFDEYIMAIEQTIKSGSDEVQVGQQRTFISPIKCREALKLEEKKHYLMWGLSSDFWGEKPNLSYIIGKDTWV
EHWPEEDECQDEENQKQCQDLGAFTESMVVFGCPN
;
B,E
3 'polypeptide(L)'
;GHCQAPDHFLFAKLKTQTNASDFPIGTSLKYECRPEYYGRPFSITCLDNLVWSSPKDVCKRKSCKTPPDPVNGMVHVITD
IQVGSRINYSCTTGHRLIGHSSAECILSGNTAHWSTKPPICQRIPCGLPPTIANGDFISTNRENFHYGSVVTYRCNLGSR
GRKVFELVGEPSIYCTSNDDQVGIWSGPAPQCIIPN
;
C,F
#
loop_
_chem_comp.id
_chem_comp.type
_chem_comp.name
_chem_comp.formula
NAG D-saccharide, beta linking 2-acetamido-2-deoxy-beta-D-glucopyranose 'C8 H15 N O6'
#
# COMPACT_ATOMS: atom_id res chain seq x y z
N SER A 1 -14.48 40.45 -42.30
CA SER A 1 -14.91 41.05 -41.05
C SER A 1 -14.07 40.54 -39.88
N PRO A 2 -12.90 41.17 -39.65
CA PRO A 2 -12.04 40.82 -38.52
C PRO A 2 -12.75 41.03 -37.20
N MET A 3 -12.66 40.04 -36.30
CA MET A 3 -13.33 40.12 -35.02
C MET A 3 -12.32 40.16 -33.89
N TYR A 4 -12.44 41.13 -33.01
CA TYR A 4 -11.50 41.28 -31.91
C TYR A 4 -12.14 40.85 -30.60
N SER A 5 -11.49 39.93 -29.89
CA SER A 5 -12.04 39.43 -28.64
C SER A 5 -11.04 39.47 -27.50
N ILE A 6 -11.55 39.81 -26.32
CA ILE A 6 -10.75 39.90 -25.10
C ILE A 6 -11.39 39.06 -24.00
N ILE A 7 -10.58 38.26 -23.33
CA ILE A 7 -11.07 37.47 -22.19
C ILE A 7 -10.34 37.82 -20.90
N THR A 8 -11.10 38.15 -19.87
CA THR A 8 -10.51 38.50 -18.58
C THR A 8 -11.15 37.67 -17.47
N PRO A 9 -10.50 37.61 -16.31
CA PRO A 9 -11.17 37.00 -15.16
C PRO A 9 -12.38 37.82 -14.72
N ASN A 10 -13.38 37.11 -14.20
CA ASN A 10 -14.60 37.70 -13.68
C ASN A 10 -14.36 38.79 -12.64
N ILE A 11 -13.50 38.51 -11.67
CA ILE A 11 -13.17 39.47 -10.61
C ILE A 11 -11.69 39.75 -10.64
N LEU A 12 -11.32 41.02 -10.47
CA LEU A 12 -9.91 41.40 -10.46
C LEU A 12 -9.40 41.68 -9.04
N ARG A 13 -8.12 41.39 -8.80
CA ARG A 13 -7.53 41.61 -7.50
C ARG A 13 -6.36 42.60 -7.56
N LEU A 14 -6.05 43.22 -6.42
CA LEU A 14 -4.94 44.16 -6.35
C LEU A 14 -3.66 43.46 -5.89
N GLU A 15 -2.52 43.90 -6.42
CA GLU A 15 -1.21 43.30 -6.10
C GLU A 15 -1.19 41.80 -6.37
N SER A 16 -1.79 41.40 -7.48
CA SER A 16 -1.81 40.01 -7.89
C SER A 16 -1.68 39.97 -9.39
N GLU A 17 -0.94 38.99 -9.91
CA GLU A 17 -0.71 38.93 -11.34
C GLU A 17 -1.95 38.37 -12.02
N GLU A 18 -2.56 39.18 -12.87
CA GLU A 18 -3.69 38.76 -13.68
C GLU A 18 -3.30 38.73 -15.15
N THR A 19 -3.91 37.80 -15.88
CA THR A 19 -3.62 37.63 -17.29
C THR A 19 -4.87 37.97 -18.10
N MET A 20 -4.67 38.46 -19.32
CA MET A 20 -5.76 38.80 -20.20
C MET A 20 -5.50 38.21 -21.59
N VAL A 21 -6.53 37.63 -22.19
CA VAL A 21 -6.37 36.93 -23.46
C VAL A 21 -6.81 37.81 -24.63
N LEU A 22 -5.87 38.06 -25.56
CA LEU A 22 -6.16 38.86 -26.73
C LEU A 22 -6.24 38.00 -27.99
N GLU A 23 -7.34 38.13 -28.73
CA GLU A 23 -7.56 37.32 -29.93
C GLU A 23 -8.08 38.12 -31.12
N ALA A 24 -7.53 37.82 -32.30
CA ALA A 24 -8.04 38.37 -33.55
C ALA A 24 -8.49 37.25 -34.48
N HIS A 25 -9.79 37.14 -34.68
CA HIS A 25 -10.35 36.11 -35.55
C HIS A 25 -10.56 36.64 -36.97
N ASP A 26 -10.19 35.81 -37.94
CA ASP A 26 -10.37 36.11 -39.36
C ASP A 26 -9.67 37.40 -39.77
N ALA A 27 -8.47 37.62 -39.25
CA ALA A 27 -7.72 38.83 -39.58
C ALA A 27 -6.49 38.49 -40.42
N GLN A 28 -5.78 39.53 -40.85
CA GLN A 28 -4.59 39.37 -41.67
C GLN A 28 -3.44 40.26 -41.20
N GLY A 29 -2.25 39.69 -41.15
CA GLY A 29 -1.06 40.46 -40.79
C GLY A 29 -0.86 40.63 -39.30
N ASP A 30 0.12 41.44 -38.93
CA ASP A 30 0.45 41.67 -37.53
C ASP A 30 -0.33 42.85 -36.98
N VAL A 31 -1.19 42.59 -36.00
CA VAL A 31 -1.97 43.64 -35.36
C VAL A 31 -1.41 43.96 -33.99
N PRO A 32 -0.98 45.22 -33.80
CA PRO A 32 -0.48 45.68 -32.50
C PRO A 32 -1.63 45.95 -31.54
N VAL A 33 -1.42 45.68 -30.26
CA VAL A 33 -2.44 45.86 -29.25
C VAL A 33 -1.88 46.57 -28.03
N THR A 34 -2.58 47.61 -27.59
CA THR A 34 -2.23 48.33 -26.38
C THR A 34 -3.32 48.18 -25.33
N VAL A 35 -2.91 47.86 -24.11
CA VAL A 35 -3.85 47.64 -23.01
C VAL A 35 -3.75 48.73 -21.95
N THR A 36 -4.90 49.31 -21.61
CA THR A 36 -4.97 50.37 -20.61
C THR A 36 -5.98 49.99 -19.53
N VAL A 37 -5.65 50.28 -18.28
CA VAL A 37 -6.54 50.00 -17.17
C VAL A 37 -6.84 51.28 -16.38
N HIS A 38 -8.12 51.55 -16.15
CA HIS A 38 -8.51 52.76 -15.41
C HIS A 38 -9.42 52.41 -14.24
N ASP A 39 -9.58 53.36 -13.33
CA ASP A 39 -10.55 53.19 -12.24
C ASP A 39 -11.95 53.50 -12.78
N PHE A 40 -12.97 52.91 -12.19
CA PHE A 40 -14.34 53.18 -12.64
C PHE A 40 -15.22 53.90 -11.60
N PRO A 41 -15.73 55.08 -11.95
CA PRO A 41 -15.45 55.81 -13.19
C PRO A 41 -14.34 56.84 -13.04
N GLY A 42 -14.01 57.55 -14.11
CA GLY A 42 -12.95 58.53 -14.10
C GLY A 42 -11.67 57.97 -14.66
N LYS A 43 -10.56 58.70 -14.51
CA LYS A 43 -9.27 58.18 -14.96
C LYS A 43 -8.20 58.34 -13.88
N LYS A 44 -7.77 57.23 -13.29
CA LYS A 44 -6.62 57.27 -12.38
C LYS A 44 -5.35 56.71 -13.05
N LEU A 45 -5.51 56.18 -14.26
CA LEU A 45 -4.43 55.54 -15.00
C LEU A 45 -3.65 54.49 -14.18
N VAL A 46 -4.33 53.42 -13.79
CA VAL A 46 -3.73 52.38 -12.96
C VAL A 46 -2.55 51.71 -13.66
N LEU A 47 -2.82 51.15 -14.84
CA LEU A 47 -1.77 50.62 -15.71
C LEU A 47 -2.03 51.17 -17.10
N SER A 48 -1.12 52.01 -17.58
CA SER A 48 -1.33 52.69 -18.85
C SER A 48 -0.91 51.90 -20.08
N SER A 49 0.20 51.18 -20.00
CA SER A 49 0.73 50.60 -21.23
C SER A 49 1.19 49.14 -21.15
N GLU A 50 0.44 48.29 -21.82
CA GLU A 50 0.84 46.91 -22.07
C GLU A 50 0.73 46.69 -23.58
N LYS A 51 1.85 46.44 -24.23
CA LYS A 51 1.85 46.34 -25.69
C LYS A 51 2.26 44.95 -26.14
N THR A 52 1.54 44.42 -27.11
CA THR A 52 1.89 43.12 -27.67
C THR A 52 1.53 43.08 -29.15
N VAL A 53 2.09 42.14 -29.88
CA VAL A 53 1.82 42.03 -31.30
C VAL A 53 1.21 40.69 -31.66
N LEU A 54 -0.05 40.70 -32.09
CA LEU A 54 -0.70 39.49 -32.56
C LEU A 54 -0.24 39.22 -33.98
N THR A 55 0.20 38.00 -34.26
CA THR A 55 0.76 37.66 -35.56
C THR A 55 0.19 36.36 -36.11
N PRO A 56 0.19 36.20 -37.44
CA PRO A 56 -0.08 34.89 -38.02
C PRO A 56 1.03 33.92 -37.62
N ALA A 57 0.75 32.63 -37.71
CA ALA A 57 1.58 31.55 -37.17
C ALA A 57 1.60 31.53 -35.64
N THR A 58 1.13 32.61 -35.02
CA THR A 58 0.78 32.61 -33.61
C THR A 58 -0.73 32.44 -33.54
N ASN A 59 -1.36 32.40 -34.71
CA ASN A 59 -2.81 32.31 -34.84
C ASN A 59 -3.56 33.44 -34.16
N HIS A 60 -2.92 34.62 -34.11
CA HIS A 60 -3.53 35.83 -33.55
C HIS A 60 -4.04 35.65 -32.12
N MET A 61 -3.16 35.16 -31.24
CA MET A 61 -3.51 35.02 -29.84
C MET A 61 -2.34 35.39 -28.94
N GLY A 62 -2.61 36.15 -27.88
CA GLY A 62 -1.54 36.60 -27.00
C GLY A 62 -1.91 36.91 -25.56
N ASN A 63 -0.89 36.82 -24.69
CA ASN A 63 -1.02 37.15 -23.28
C ASN A 63 -0.95 38.64 -23.05
N VAL A 64 -1.59 39.08 -21.97
CA VAL A 64 -1.23 40.35 -21.36
C VAL A 64 -1.13 40.09 -19.86
N THR A 65 0.07 40.19 -19.31
CA THR A 65 0.27 39.88 -17.90
C THR A 65 0.53 41.15 -17.13
N PHE A 66 -0.43 41.53 -16.29
CA PHE A 66 -0.27 42.75 -15.50
C PHE A 66 -0.60 42.53 -14.04
N THR A 67 0.00 43.33 -13.18
CA THR A 67 -0.30 43.31 -11.75
C THR A 67 -0.80 44.69 -11.38
N ILE A 68 -2.02 44.78 -10.91
CA ILE A 68 -2.60 46.08 -10.60
C ILE A 68 -2.01 46.58 -9.29
N PRO A 69 -1.34 47.75 -9.35
CA PRO A 69 -0.74 48.28 -8.12
C PRO A 69 -1.84 48.70 -7.17
N ALA A 70 -1.57 48.63 -5.88
CA ALA A 70 -2.64 48.78 -4.91
C ALA A 70 -2.69 50.16 -4.30
N ASN A 71 -3.78 50.86 -4.59
CA ASN A 71 -4.17 52.08 -3.90
C ASN A 71 -4.69 51.75 -2.50
N ARG A 72 -4.76 50.44 -2.25
CA ARG A 72 -5.35 49.75 -1.10
C ARG A 72 -6.86 50.02 -0.90
N GLU A 73 -7.33 50.02 0.35
CA GLU A 73 -8.73 50.27 0.66
C GLU A 73 -8.81 51.40 1.67
N PHE A 74 -9.34 52.54 1.24
CA PHE A 74 -9.56 53.60 2.19
C PHE A 74 -10.86 53.37 2.98
N LYS A 75 -11.94 53.14 2.26
CA LYS A 75 -13.28 52.93 2.81
C LYS A 75 -14.09 52.09 1.82
N SER A 76 -15.02 51.26 2.28
CA SER A 76 -15.34 51.06 3.69
C SER A 76 -15.81 49.63 3.92
N GLU A 77 -16.21 49.33 5.15
CA GLU A 77 -16.75 48.01 5.50
C GLU A 77 -18.07 47.72 4.81
N LYS A 78 -18.95 48.71 4.74
CA LYS A 78 -20.25 48.57 4.09
C LYS A 78 -20.13 48.37 2.58
N GLY A 79 -18.98 48.75 2.03
CA GLY A 79 -18.83 48.80 0.59
C GLY A 79 -19.15 50.19 0.07
N ARG A 80 -19.62 50.27 -1.18
CA ARG A 80 -20.02 49.08 -1.93
C ARG A 80 -19.00 48.73 -2.99
N ASN A 81 -19.32 47.73 -3.80
CA ASN A 81 -18.39 47.15 -4.77
C ASN A 81 -17.70 48.17 -5.67
N LYS A 82 -16.39 48.01 -5.84
CA LYS A 82 -15.58 48.93 -6.65
C LYS A 82 -15.22 48.28 -7.98
N PHE A 83 -15.26 49.06 -9.04
CA PHE A 83 -15.05 48.55 -10.39
C PHE A 83 -13.91 49.24 -11.11
N VAL A 84 -13.33 48.56 -12.10
CA VAL A 84 -12.32 49.16 -12.96
C VAL A 84 -12.68 48.99 -14.43
N THR A 85 -12.15 49.87 -15.27
CA THR A 85 -12.41 49.80 -16.70
C THR A 85 -11.20 49.25 -17.43
N VAL A 86 -11.39 48.09 -18.07
CA VAL A 86 -10.33 47.47 -18.85
C VAL A 86 -10.55 47.80 -20.32
N GLN A 87 -9.58 48.48 -20.92
CA GLN A 87 -9.71 48.95 -22.28
C GLN A 87 -8.56 48.44 -23.12
N ALA A 88 -8.85 47.93 -24.31
CA ALA A 88 -7.81 47.44 -25.19
C ALA A 88 -8.03 47.91 -26.61
N THR A 89 -6.97 48.44 -27.21
CA THR A 89 -7.02 48.92 -28.58
C THR A 89 -6.18 48.03 -29.49
N PHE A 90 -6.80 47.48 -30.54
CA PHE A 90 -6.00 46.82 -31.55
C PHE A 90 -5.88 47.82 -32.67
N GLY A 91 -4.78 48.59 -32.63
CA GLY A 91 -4.26 49.40 -33.73
C GLY A 91 -5.18 50.54 -34.14
N THR A 92 -6.47 50.25 -34.09
CA THR A 92 -7.55 51.19 -34.33
C THR A 92 -8.67 50.87 -33.36
N GLN A 93 -9.23 49.68 -33.54
CA GLN A 93 -10.47 49.25 -32.90
C GLN A 93 -10.35 49.23 -31.38
N VAL A 94 -11.37 49.75 -30.70
CA VAL A 94 -11.37 49.78 -29.25
C VAL A 94 -12.42 48.84 -28.67
N VAL A 95 -11.98 47.93 -27.80
CA VAL A 95 -12.86 47.02 -27.11
C VAL A 95 -12.63 47.17 -25.62
N GLU A 96 -13.68 47.41 -24.86
CA GLU A 96 -13.54 47.61 -23.42
C GLU A 96 -14.63 46.95 -22.60
N LYS A 97 -14.27 46.54 -21.39
CA LYS A 97 -15.20 45.89 -20.47
C LYS A 97 -14.91 46.36 -19.06
N VAL A 98 -15.98 46.64 -18.30
CA VAL A 98 -15.82 47.03 -16.91
C VAL A 98 -15.89 45.80 -16.01
N VAL A 99 -14.89 45.64 -15.17
CA VAL A 99 -14.75 44.45 -14.34
C VAL A 99 -14.87 44.80 -12.85
N LEU A 100 -15.49 43.90 -12.10
CA LEU A 100 -15.61 44.03 -10.65
C LEU A 100 -14.26 43.76 -9.99
N VAL A 101 -14.03 44.38 -8.83
CA VAL A 101 -12.75 44.25 -8.14
C VAL A 101 -12.90 43.86 -6.67
N SER A 102 -12.21 42.80 -6.28
CA SER A 102 -12.07 42.44 -4.88
C SER A 102 -10.75 43.02 -4.39
N LEU A 103 -10.76 43.54 -3.17
CA LEU A 103 -9.59 44.22 -2.64
C LEU A 103 -8.56 43.26 -2.04
N GLN A 104 -8.86 41.96 -2.09
CA GLN A 104 -7.95 40.95 -1.56
C GLN A 104 -6.57 41.00 -2.20
N SER A 105 -5.54 41.12 -1.35
CA SER A 105 -4.16 41.07 -1.80
C SER A 105 -3.67 39.63 -1.97
N GLY A 106 -4.04 38.77 -1.03
CA GLY A 106 -3.53 37.41 -0.99
C GLY A 106 -4.11 36.60 0.16
N TYR A 107 -3.39 35.55 0.55
CA TYR A 107 -3.82 34.72 1.68
C TYR A 107 -2.90 34.86 2.88
N LEU A 108 -3.47 34.68 4.06
CA LEU A 108 -2.73 34.72 5.31
C LEU A 108 -3.10 33.49 6.15
N PHE A 109 -2.09 32.82 6.69
CA PHE A 109 -2.34 31.64 7.53
C PHE A 109 -1.65 31.80 8.88
N ILE A 110 -2.34 31.46 9.96
CA ILE A 110 -1.77 31.66 11.28
C ILE A 110 -1.55 30.33 12.02
N GLN A 111 -0.33 30.12 12.49
CA GLN A 111 -0.01 28.89 13.20
C GLN A 111 0.37 29.14 14.65
N THR A 112 -0.43 28.60 15.57
CA THR A 112 -0.13 28.67 16.99
C THR A 112 0.59 27.40 17.44
N ASP A 113 1.54 27.53 18.37
CA ASP A 113 2.32 26.39 18.83
C ASP A 113 1.46 25.33 19.47
N LYS A 114 0.53 25.75 20.33
CA LYS A 114 -0.38 24.80 20.95
C LYS A 114 -1.82 25.17 20.64
N THR A 115 -2.76 24.31 21.04
CA THR A 115 -4.18 24.60 20.86
C THR A 115 -4.81 25.11 22.15
N ILE A 116 -4.04 25.10 23.23
CA ILE A 116 -4.56 25.50 24.54
C ILE A 116 -3.42 26.06 25.39
N TYR A 117 -3.73 27.06 26.21
CA TYR A 117 -2.70 27.71 27.02
C TYR A 117 -3.10 27.91 28.48
N THR A 118 -2.12 28.26 29.30
CA THR A 118 -2.35 28.52 30.71
C THR A 118 -2.09 29.99 30.98
N PRO A 119 -2.81 30.56 31.97
CA PRO A 119 -2.59 31.96 32.35
C PRO A 119 -1.15 32.19 32.78
N GLY A 120 -0.52 33.23 32.22
CA GLY A 120 0.84 33.55 32.59
C GLY A 120 1.88 32.89 31.72
N SER A 121 1.46 32.40 30.56
CA SER A 121 2.36 31.74 29.64
C SER A 121 2.54 32.54 28.36
N THR A 122 3.40 32.05 27.47
CA THR A 122 3.69 32.77 26.23
C THR A 122 3.21 31.98 25.01
N VAL A 123 2.46 32.65 24.16
CA VAL A 123 1.98 32.06 22.92
C VAL A 123 2.93 32.43 21.77
N LEU A 124 3.53 31.41 21.17
CA LEU A 124 4.39 31.60 20.01
C LEU A 124 3.57 31.28 18.78
N TYR A 125 3.57 32.19 17.81
CA TYR A 125 2.78 31.97 16.60
C TYR A 125 3.41 32.59 15.35
N ARG A 126 3.24 31.92 14.22
CA ARG A 126 3.75 32.43 12.97
C ARG A 126 2.62 32.90 12.08
N ILE A 127 2.87 33.96 11.31
CA ILE A 127 1.92 34.39 10.30
C ILE A 127 2.54 34.24 8.91
N PHE A 128 1.97 33.33 8.13
CA PHE A 128 2.40 33.06 6.77
C PHE A 128 1.68 34.00 5.82
N THR A 129 2.47 34.80 5.11
CA THR A 129 1.93 35.78 4.17
C THR A 129 2.20 35.33 2.75
N VAL A 130 1.15 34.98 2.01
CA VAL A 130 1.32 34.56 0.63
C VAL A 130 0.38 35.31 -0.31
N ASN A 131 0.67 35.24 -1.60
CA ASN A 131 -0.22 35.81 -2.60
C ASN A 131 -1.29 34.80 -3.00
N HIS A 132 -2.03 35.09 -4.07
CA HIS A 132 -3.09 34.20 -4.51
C HIS A 132 -2.52 32.93 -5.14
N LYS A 133 -1.23 32.97 -5.46
CA LYS A 133 -0.52 31.81 -5.98
C LYS A 133 0.15 31.04 -4.84
N LEU A 134 -0.12 31.47 -3.61
CA LEU A 134 0.44 30.85 -2.40
C LEU A 134 1.96 30.94 -2.34
N LEU A 135 2.52 31.91 -3.06
CA LEU A 135 3.96 32.20 -3.01
C LEU A 135 4.26 33.23 -1.92
N PRO A 136 5.47 33.18 -1.33
CA PRO A 136 5.81 34.09 -0.23
C PRO A 136 5.93 35.53 -0.70
N VAL A 137 5.39 36.46 0.09
CA VAL A 137 5.50 37.88 -0.21
C VAL A 137 5.69 38.74 1.04
N GLY A 138 6.68 39.62 1.00
CA GLY A 138 6.81 40.63 2.03
C GLY A 138 5.72 41.68 1.89
N ARG A 139 4.94 41.87 2.95
CA ARG A 139 3.87 42.87 2.96
C ARG A 139 3.60 43.43 4.35
N THR A 140 2.87 44.54 4.40
CA THR A 140 2.42 45.11 5.65
C THR A 140 1.15 44.39 6.13
N VAL A 141 1.16 43.95 7.38
CA VAL A 141 0.07 43.16 7.92
C VAL A 141 -0.40 43.69 9.27
N MET A 142 -1.70 43.91 9.41
CA MET A 142 -2.28 44.34 10.67
C MET A 142 -2.68 43.12 11.49
N VAL A 143 -2.30 43.13 12.77
CA VAL A 143 -2.55 42.00 13.66
C VAL A 143 -3.29 42.43 14.92
N ASN A 144 -4.32 41.66 15.29
CA ASN A 144 -5.10 41.91 16.48
C ASN A 144 -5.29 40.65 17.33
N ILE A 145 -5.44 40.84 18.63
CA ILE A 145 -5.71 39.75 19.55
C ILE A 145 -6.99 40.05 20.34
N GLU A 146 -8.01 39.24 20.11
CA GLU A 146 -9.33 39.45 20.71
C GLU A 146 -9.63 38.46 21.82
N ASN A 147 -10.10 39.01 22.94
CA ASN A 147 -10.55 38.22 24.08
C ASN A 147 -11.89 37.55 23.77
N PRO A 148 -12.35 36.61 24.62
CA PRO A 148 -13.66 35.96 24.43
C PRO A 148 -14.81 36.93 24.18
N GLU A 149 -14.82 38.07 24.87
CA GLU A 149 -15.89 39.05 24.70
C GLU A 149 -15.80 39.82 23.38
N GLY A 150 -14.66 39.72 22.70
CA GLY A 150 -14.51 40.31 21.38
C GLY A 150 -13.65 41.56 21.33
N ILE A 151 -13.29 42.10 22.49
CA ILE A 151 -12.47 43.31 22.57
C ILE A 151 -11.02 43.03 22.23
N PRO A 152 -10.49 43.68 21.18
CA PRO A 152 -9.06 43.51 20.92
C PRO A 152 -8.24 44.07 22.08
N VAL A 153 -7.39 43.26 22.70
CA VAL A 153 -6.56 43.74 23.79
C VAL A 153 -5.17 44.17 23.33
N LYS A 154 -4.79 43.74 22.13
CA LYS A 154 -3.50 44.08 21.54
C LYS A 154 -3.63 44.22 20.04
N GLN A 155 -3.12 45.31 19.49
CA GLN A 155 -3.11 45.48 18.04
C GLN A 155 -1.83 46.14 17.54
N ASP A 156 -1.20 45.51 16.55
CA ASP A 156 0.00 46.08 15.94
C ASP A 156 -0.06 46.08 14.42
N SER A 157 0.97 46.66 13.82
CA SER A 157 1.11 46.76 12.38
C SER A 157 2.54 46.35 12.06
N LEU A 158 2.69 45.27 11.32
CA LEU A 158 3.99 44.64 11.16
C LEU A 158 4.40 44.48 9.70
N SER A 159 5.69 44.27 9.45
CA SER A 159 6.16 44.04 8.10
C SER A 159 6.81 42.67 7.96
N SER A 160 6.40 41.94 6.93
CA SER A 160 6.93 40.61 6.66
C SER A 160 8.12 40.69 5.72
N GLN A 161 8.56 41.91 5.45
CA GLN A 161 9.66 42.16 4.52
C GLN A 161 10.93 41.46 4.97
N ASN A 162 11.58 40.79 4.01
CA ASN A 162 12.79 40.00 4.25
C ASN A 162 12.60 38.89 5.29
N GLN A 163 11.36 38.50 5.51
CA GLN A 163 11.05 37.39 6.43
C GLN A 163 10.75 36.08 5.69
N LEU A 164 10.77 36.13 4.36
CA LEU A 164 10.41 35.00 3.52
C LEU A 164 9.01 34.47 3.84
N GLY A 165 8.03 35.37 3.82
CA GLY A 165 6.64 35.00 4.00
C GLY A 165 6.30 34.34 5.33
N VAL A 166 7.20 34.47 6.30
CA VAL A 166 6.99 33.91 7.63
C VAL A 166 7.27 34.95 8.71
N LEU A 167 6.25 35.30 9.48
CA LEU A 167 6.43 36.27 10.57
C LEU A 167 6.38 35.58 11.93
N PRO A 168 7.54 35.44 12.57
CA PRO A 168 7.62 34.94 13.95
C PRO A 168 7.04 35.97 14.90
N LEU A 169 6.17 35.54 15.80
CA LEU A 169 5.52 36.45 16.74
C LEU A 169 5.26 35.78 18.08
N SER A 170 5.04 36.61 19.10
CA SER A 170 4.80 36.12 20.45
C SER A 170 3.88 37.04 21.24
N TRP A 171 3.08 36.46 22.12
CA TRP A 171 2.25 37.25 23.01
C TRP A 171 2.23 36.65 24.41
N ASP A 172 2.44 37.49 25.42
CA ASP A 172 2.50 37.01 26.79
C ASP A 172 1.12 37.11 27.42
N ILE A 173 0.52 35.96 27.71
CA ILE A 173 -0.78 35.93 28.39
C ILE A 173 -0.63 36.37 29.85
N PRO A 174 -1.38 37.39 30.24
CA PRO A 174 -1.34 37.91 31.62
C PRO A 174 -1.84 36.88 32.63
N GLU A 175 -1.51 37.09 33.90
CA GLU A 175 -1.95 36.19 34.97
C GLU A 175 -3.43 36.38 35.29
N LEU A 176 -3.88 37.63 35.20
CA LEU A 176 -5.29 37.92 35.39
C LEU A 176 -5.93 38.06 34.02
N VAL A 177 -6.73 37.07 33.65
CA VAL A 177 -7.25 36.95 32.30
C VAL A 177 -8.63 36.30 32.31
N ASN A 178 -9.48 36.68 31.35
CA ASN A 178 -10.79 36.06 31.22
C ASN A 178 -10.64 34.71 30.55
N MET A 179 -11.20 33.67 31.18
CA MET A 179 -11.09 32.31 30.68
C MET A 179 -12.09 32.07 29.55
N GLY A 180 -11.66 31.37 28.51
CA GLY A 180 -12.52 31.13 27.37
C GLY A 180 -11.78 30.98 26.06
N GLN A 181 -12.49 31.17 24.95
CA GLN A 181 -11.90 31.04 23.63
C GLN A 181 -11.34 32.38 23.12
N TRP A 182 -10.02 32.44 22.99
CA TRP A 182 -9.33 33.63 22.51
C TRP A 182 -9.07 33.53 21.01
N LYS A 183 -9.12 34.66 20.32
CA LYS A 183 -9.00 34.64 18.87
C LYS A 183 -7.92 35.59 18.35
N ILE A 184 -7.04 35.07 17.49
CA ILE A 184 -6.05 35.89 16.81
C ILE A 184 -6.53 36.26 15.41
N ARG A 185 -6.75 37.55 15.20
CA ARG A 185 -7.22 38.06 13.91
C ARG A 185 -6.09 38.75 13.18
N ALA A 186 -6.06 38.63 11.87
CA ALA A 186 -5.02 39.30 11.08
C ALA A 186 -5.52 39.61 9.67
N TYR A 187 -5.03 40.70 9.08
CA TYR A 187 -5.42 41.03 7.72
C TYR A 187 -4.38 41.90 7.04
N TYR A 188 -4.38 41.92 5.71
CA TYR A 188 -3.45 42.77 4.98
C TYR A 188 -3.81 44.24 5.13
N GLU A 189 -2.80 45.10 5.04
CA GLU A 189 -3.01 46.54 5.16
C GLU A 189 -3.94 47.02 4.05
N ASN A 190 -3.84 46.37 2.90
CA ASN A 190 -4.60 46.79 1.73
C ASN A 190 -5.97 46.14 1.64
N SER A 191 -6.25 45.18 2.52
CA SER A 191 -7.51 44.46 2.45
C SER A 191 -8.12 44.18 3.82
N PRO A 192 -8.69 45.21 4.46
CA PRO A 192 -9.37 45.09 5.75
C PRO A 192 -10.67 44.29 5.63
N GLN A 193 -11.14 44.10 4.39
CA GLN A 193 -12.38 43.34 4.16
C GLN A 193 -12.18 41.85 4.41
N GLN A 194 -10.98 41.36 4.13
CA GLN A 194 -10.66 39.95 4.32
C GLN A 194 -9.84 39.72 5.59
N VAL A 195 -10.47 39.12 6.59
CA VAL A 195 -9.80 38.88 7.87
C VAL A 195 -9.64 37.38 8.13
N PHE A 196 -8.40 36.98 8.38
CA PHE A 196 -8.09 35.58 8.70
C PHE A 196 -7.95 35.41 10.21
N SER A 197 -8.42 34.29 10.73
CA SER A 197 -8.51 34.12 12.18
C SER A 197 -8.08 32.75 12.66
N THR A 198 -7.65 32.69 13.92
CA THR A 198 -7.34 31.42 14.58
C THR A 198 -7.87 31.47 15.99
N GLU A 199 -8.17 30.31 16.58
CA GLU A 199 -8.61 30.27 17.96
C GLU A 199 -7.62 29.51 18.83
N PHE A 200 -7.56 29.88 20.10
CA PHE A 200 -6.82 29.11 21.09
C PHE A 200 -7.49 29.27 22.44
N GLU A 201 -7.45 28.21 23.24
CA GLU A 201 -8.19 28.20 24.50
C GLU A 201 -7.27 28.52 25.68
N VAL A 202 -7.73 29.41 26.55
CA VAL A 202 -7.03 29.68 27.79
C VAL A 202 -7.81 29.04 28.93
N LYS A 203 -7.13 28.20 29.71
CA LYS A 203 -7.79 27.43 30.75
C LYS A 203 -6.77 26.99 31.79
N GLU A 204 -7.24 26.64 32.98
CA GLU A 204 -6.38 26.05 34.00
C GLU A 204 -6.42 24.54 33.87
N TYR A 205 -5.31 23.96 33.46
CA TYR A 205 -5.25 22.53 33.17
C TYR A 205 -3.90 21.91 33.55
N VAL A 206 -3.87 20.60 33.60
CA VAL A 206 -2.61 19.85 33.69
C VAL A 206 -2.59 18.75 32.64
N LEU A 207 -1.42 18.49 32.09
CA LEU A 207 -1.27 17.44 31.07
C LEU A 207 -1.55 16.08 31.69
N PRO A 208 -2.47 15.31 31.09
CA PRO A 208 -2.88 14.03 31.66
C PRO A 208 -1.80 12.96 31.47
N SER A 209 -2.03 11.78 32.05
CA SER A 209 -1.12 10.66 31.88
C SER A 209 -1.42 9.87 30.60
N PHE A 210 -2.69 9.80 30.24
CA PHE A 210 -3.11 9.00 29.09
C PHE A 210 -4.20 9.68 28.28
N GLU A 211 -4.63 9.03 27.20
CA GLU A 211 -5.70 9.55 26.36
C GLU A 211 -6.82 8.52 26.13
N VAL A 212 -8.04 9.04 26.03
CA VAL A 212 -9.22 8.21 25.79
C VAL A 212 -9.83 8.52 24.42
N ILE A 213 -10.18 7.45 23.70
CA ILE A 213 -10.82 7.56 22.40
C ILE A 213 -12.04 6.65 22.39
N VAL A 214 -13.22 7.24 22.18
CA VAL A 214 -14.44 6.47 22.11
C VAL A 214 -14.89 6.37 20.65
N GLU A 215 -15.30 5.17 20.22
CA GLU A 215 -15.72 5.00 18.83
C GLU A 215 -16.99 4.17 18.73
N PRO A 216 -17.92 4.59 17.86
CA PRO A 216 -19.09 3.78 17.53
C PRO A 216 -18.74 2.72 16.50
N THR A 217 -19.52 1.64 16.42
CA THR A 217 -19.32 0.63 15.39
C THR A 217 -19.51 1.26 14.01
N GLU A 218 -20.59 2.01 13.87
CA GLU A 218 -20.83 2.82 12.67
C GLU A 218 -21.09 4.26 13.07
N LYS A 219 -20.85 5.19 12.15
CA LYS A 219 -20.88 6.59 12.49
C LYS A 219 -22.29 7.18 12.46
N PHE A 220 -23.27 6.32 12.25
CA PHE A 220 -24.68 6.70 12.28
C PHE A 220 -25.47 5.71 13.11
N TYR A 221 -26.77 5.92 13.21
CA TYR A 221 -27.64 4.94 13.86
C TYR A 221 -28.95 4.75 13.08
N TYR A 222 -29.27 3.49 12.81
CA TYR A 222 -30.52 3.12 12.17
C TYR A 222 -31.60 2.90 13.22
N ILE A 223 -32.71 3.63 13.09
CA ILE A 223 -33.76 3.64 14.10
C ILE A 223 -34.31 2.27 14.48
N TYR A 224 -34.41 1.38 13.51
CA TYR A 224 -35.10 0.11 13.73
C TYR A 224 -34.18 -1.02 14.17
N ASN A 225 -32.91 -0.70 14.42
CA ASN A 225 -31.96 -1.69 14.90
C ASN A 225 -32.20 -1.97 16.38
N GLU A 226 -32.53 -3.22 16.69
CA GLU A 226 -32.85 -3.61 18.05
C GLU A 226 -31.61 -3.63 18.95
N LYS A 227 -30.45 -3.85 18.34
CA LYS A 227 -29.18 -3.86 19.06
C LYS A 227 -28.92 -2.54 19.77
N GLY A 228 -29.37 -1.44 19.18
CA GLY A 228 -29.10 -0.12 19.71
C GLY A 228 -27.71 0.34 19.28
N LEU A 229 -27.28 1.49 19.80
CA LEU A 229 -25.97 2.02 19.43
C LEU A 229 -24.85 1.35 20.22
N GLU A 230 -23.90 0.76 19.50
CA GLU A 230 -22.80 0.03 20.13
C GLU A 230 -21.51 0.87 20.12
N VAL A 231 -20.92 1.04 21.30
CA VAL A 231 -19.72 1.87 21.44
C VAL A 231 -18.55 1.12 22.10
N THR A 232 -17.38 1.21 21.46
CA THR A 232 -16.15 0.63 21.97
C THR A 232 -15.19 1.73 22.46
N ILE A 233 -14.74 1.58 23.71
CA ILE A 233 -13.84 2.54 24.34
C ILE A 233 -12.39 2.04 24.33
N THR A 234 -11.47 2.87 23.85
CA THR A 234 -10.05 2.53 23.84
C THR A 234 -9.28 3.59 24.62
N ALA A 235 -8.43 3.17 25.55
CA ALA A 235 -7.66 4.12 26.36
C ALA A 235 -6.19 3.75 26.41
N ARG A 236 -5.33 4.62 25.88
CA ARG A 236 -3.90 4.32 25.82
C ARG A 236 -3.03 5.41 26.45
N PHE A 237 -1.91 5.00 27.04
CA PHE A 237 -0.96 5.94 27.61
C PHE A 237 -0.33 6.81 26.53
N LEU A 238 0.23 7.94 26.94
CA LEU A 238 0.92 8.83 26.01
C LEU A 238 2.13 8.15 25.38
N TYR A 239 2.72 7.19 26.08
CA TYR A 239 3.86 6.46 25.56
C TYR A 239 3.46 5.21 24.77
N GLY A 240 2.16 5.01 24.58
CA GLY A 240 1.65 3.95 23.73
C GLY A 240 1.23 2.68 24.45
N LYS A 241 1.66 2.52 25.70
CA LYS A 241 1.28 1.36 26.49
C LYS A 241 -0.20 1.40 26.83
N LYS A 242 -0.84 0.23 26.89
CA LYS A 242 -2.27 0.17 27.16
C LYS A 242 -2.56 0.51 28.63
N VAL A 243 -3.84 0.54 28.98
CA VAL A 243 -4.24 0.99 30.32
C VAL A 243 -5.22 0.01 31.00
N GLU A 244 -5.19 -0.02 32.33
CA GLU A 244 -6.12 -0.82 33.10
C GLU A 244 -6.82 0.08 34.12
N GLY A 245 -8.15 0.19 34.01
CA GLY A 245 -8.91 1.08 34.85
C GLY A 245 -10.41 0.86 34.75
N THR A 246 -11.18 1.85 35.20
CA THR A 246 -12.64 1.75 35.17
C THR A 246 -13.26 3.00 34.52
N ALA A 247 -14.16 2.78 33.56
CA ALA A 247 -14.75 3.87 32.80
C ALA A 247 -16.26 4.03 33.03
N PHE A 248 -16.70 5.29 33.10
CA PHE A 248 -18.11 5.62 33.20
C PHE A 248 -18.60 6.20 31.88
N VAL A 249 -19.67 5.63 31.33
CA VAL A 249 -20.18 6.05 30.03
C VAL A 249 -21.68 6.37 30.07
N ILE A 250 -22.06 7.47 29.44
CA ILE A 250 -23.45 7.91 29.41
C ILE A 250 -23.75 8.51 28.03
N PHE A 251 -25.00 8.44 27.60
CA PHE A 251 -25.39 8.92 26.27
C PHE A 251 -26.31 10.14 26.34
N GLY A 252 -26.65 10.69 25.18
CA GLY A 252 -27.55 11.84 25.13
C GLY A 252 -28.02 12.19 23.73
N ILE A 253 -29.12 12.94 23.65
CA ILE A 253 -29.70 13.35 22.36
C ILE A 253 -29.59 14.86 22.16
N GLN A 254 -28.95 15.28 21.07
CA GLN A 254 -28.79 16.71 20.80
C GLN A 254 -29.63 17.19 19.62
N ASP A 255 -30.58 18.09 19.92
CA ASP A 255 -31.34 18.79 18.90
C ASP A 255 -31.64 20.26 19.24
N GLY A 256 -31.23 21.19 18.36
CA GLY A 256 -30.07 20.99 17.54
C GLY A 256 -28.88 21.50 18.31
N GLU A 257 -29.09 22.60 19.05
CA GLU A 257 -28.10 23.11 20.00
C GLU A 257 -28.45 22.70 21.43
N GLN A 258 -29.61 22.06 21.58
CA GLN A 258 -30.07 21.64 22.90
C GLN A 258 -29.72 20.18 23.15
N ARG A 259 -29.12 19.90 24.29
CA ARG A 259 -28.78 18.53 24.64
C ARG A 259 -29.71 18.00 25.72
N ILE A 260 -30.07 16.73 25.61
CA ILE A 260 -30.93 16.08 26.59
C ILE A 260 -30.25 14.80 27.06
N SER A 261 -29.95 14.75 28.35
CA SER A 261 -29.26 13.61 28.92
C SER A 261 -30.20 12.40 29.04
N LEU A 262 -29.61 11.21 28.98
CA LEU A 262 -30.38 9.99 29.21
C LEU A 262 -29.93 9.39 30.54
N PRO A 263 -30.77 9.52 31.57
CA PRO A 263 -30.43 9.11 32.94
C PRO A 263 -30.24 7.60 33.08
N GLU A 264 -31.10 6.84 32.40
CA GLU A 264 -31.09 5.38 32.52
C GLU A 264 -30.06 4.72 31.60
N SER A 265 -29.33 5.53 30.85
CA SER A 265 -28.32 5.01 29.93
C SER A 265 -26.93 4.95 30.58
N LEU A 266 -26.86 5.32 31.86
CA LEU A 266 -25.59 5.35 32.55
C LEU A 266 -25.05 3.95 32.81
N LYS A 267 -23.82 3.69 32.37
CA LYS A 267 -23.19 2.39 32.55
C LYS A 267 -21.77 2.54 33.07
N ARG A 268 -21.36 1.65 33.98
CA ARG A 268 -19.98 1.60 34.44
C ARG A 268 -19.31 0.32 33.98
N ILE A 269 -18.29 0.45 33.14
CA ILE A 269 -17.62 -0.71 32.58
C ILE A 269 -16.14 -0.76 32.98
N PRO A 270 -15.60 -1.97 33.15
CA PRO A 270 -14.17 -2.14 33.43
C PRO A 270 -13.34 -1.96 32.15
N ILE A 271 -12.12 -1.44 32.29
CA ILE A 271 -11.22 -1.31 31.15
C ILE A 271 -10.15 -2.40 31.20
N GLU A 272 -10.16 -3.26 30.19
CA GLU A 272 -9.26 -4.40 30.16
C GLU A 272 -8.39 -4.34 28.94
N ASP A 273 -7.07 -4.42 29.16
CA ASP A 273 -6.08 -4.36 28.09
C ASP A 273 -6.24 -3.08 27.27
N GLY A 274 -6.65 -2.00 27.93
CA GLY A 274 -6.87 -0.73 27.27
C GLY A 274 -8.05 -0.76 26.31
N SER A 275 -9.09 -1.50 26.67
CA SER A 275 -10.28 -1.60 25.84
C SER A 275 -11.52 -1.94 26.67
N GLY A 276 -12.69 -1.57 26.15
CA GLY A 276 -13.96 -1.85 26.80
C GLY A 276 -15.11 -1.70 25.83
N GLU A 277 -16.26 -2.29 26.17
CA GLU A 277 -17.44 -2.18 25.31
C GLU A 277 -18.69 -1.83 26.10
N VAL A 278 -19.55 -1.02 25.49
CA VAL A 278 -20.82 -0.65 26.09
C VAL A 278 -21.89 -0.45 25.01
N VAL A 279 -23.13 -0.78 25.32
CA VAL A 279 -24.21 -0.68 24.34
C VAL A 279 -25.42 0.09 24.88
N LEU A 280 -25.82 1.12 24.16
CA LEU A 280 -27.06 1.84 24.45
C LEU A 280 -28.22 1.17 23.74
N SER A 281 -29.17 0.65 24.52
CA SER A 281 -30.31 -0.08 23.96
C SER A 281 -31.37 0.85 23.39
N ARG A 282 -32.06 0.38 22.36
CA ARG A 282 -33.12 1.12 21.69
C ARG A 282 -34.26 1.44 22.66
N LYS A 283 -34.48 0.54 23.61
CA LYS A 283 -35.52 0.70 24.62
C LYS A 283 -35.33 1.98 25.41
N VAL A 284 -34.12 2.20 25.91
CA VAL A 284 -33.79 3.42 26.64
C VAL A 284 -33.98 4.66 25.77
N LEU A 285 -33.60 4.54 24.50
CA LEU A 285 -33.74 5.63 23.54
C LEU A 285 -35.20 6.07 23.37
N LEU A 286 -36.08 5.11 23.12
CA LEU A 286 -37.49 5.42 22.91
C LEU A 286 -38.25 5.72 24.21
N ASP A 287 -37.72 5.26 25.34
CA ASP A 287 -38.33 5.51 26.65
C ASP A 287 -37.99 6.90 27.19
N GLY A 288 -36.77 7.33 26.95
CA GLY A 288 -36.29 8.62 27.42
C GLY A 288 -37.17 9.77 26.98
N VAL A 289 -37.65 9.73 25.74
CA VAL A 289 -38.52 10.77 25.22
C VAL A 289 -39.98 10.28 25.10
N GLN A 290 -40.92 11.14 25.48
CA GLN A 290 -42.33 10.79 25.59
C GLN A 290 -43.14 10.96 24.31
N ASN A 291 -42.47 11.28 23.20
CA ASN A 291 -43.14 11.63 21.93
C ASN A 291 -44.29 10.68 21.53
N PRO A 292 -44.15 9.36 21.70
CA PRO A 292 -43.03 8.41 21.81
C PRO A 292 -42.41 8.09 20.44
N ARG A 293 -43.17 8.39 19.38
CA ARG A 293 -42.89 7.92 18.02
C ARG A 293 -41.47 8.18 17.52
N ALA A 294 -40.87 7.12 16.99
CA ALA A 294 -39.46 7.08 16.62
C ALA A 294 -39.07 7.87 15.38
N GLU A 295 -39.95 7.91 14.38
CA GLU A 295 -39.65 8.59 13.13
C GLU A 295 -39.43 10.09 13.32
N ASP A 296 -39.89 10.61 14.45
CA ASP A 296 -39.68 12.01 14.80
C ASP A 296 -38.21 12.30 15.10
N LEU A 297 -37.48 11.27 15.50
CA LEU A 297 -36.09 11.40 15.92
C LEU A 297 -35.10 11.57 14.76
N VAL A 298 -35.59 11.44 13.53
CA VAL A 298 -34.73 11.65 12.36
C VAL A 298 -34.32 13.11 12.29
N GLY A 299 -33.06 13.36 11.97
CA GLY A 299 -32.55 14.71 11.86
C GLY A 299 -32.01 15.24 13.18
N LYS A 300 -31.94 14.38 14.18
CA LYS A 300 -31.37 14.75 15.47
C LYS A 300 -30.01 14.08 15.58
N SER A 301 -29.26 14.40 16.63
CA SER A 301 -27.94 13.79 16.80
C SER A 301 -27.80 13.06 18.12
N LEU A 302 -26.81 12.19 18.21
CA LEU A 302 -26.51 11.51 19.46
C LEU A 302 -25.12 11.88 19.93
N TYR A 303 -24.90 11.79 21.23
CA TYR A 303 -23.57 12.01 21.79
C TYR A 303 -23.25 11.04 22.92
N VAL A 304 -21.99 10.62 22.97
CA VAL A 304 -21.51 9.69 23.98
C VAL A 304 -20.41 10.35 24.80
N SER A 305 -20.63 10.41 26.11
CA SER A 305 -19.62 10.94 27.02
C SER A 305 -19.11 9.82 27.92
N ALA A 306 -17.87 9.39 27.69
CA ALA A 306 -17.23 8.39 28.53
C ALA A 306 -16.20 9.04 29.44
N THR A 307 -16.16 8.60 30.70
CA THR A 307 -15.19 9.13 31.64
C THR A 307 -14.35 7.99 32.22
N VAL A 308 -13.07 7.99 31.88
CA VAL A 308 -12.15 6.94 32.31
C VAL A 308 -11.32 7.35 33.52
N ILE A 309 -11.37 6.52 34.55
CA ILE A 309 -10.62 6.76 35.78
C ILE A 309 -9.66 5.59 36.04
N LEU A 310 -8.41 5.92 36.34
CA LEU A 310 -7.36 4.93 36.58
C LEU A 310 -7.62 4.12 37.84
N HIS A 311 -6.96 2.97 37.94
CA HIS A 311 -7.07 2.10 39.10
C HIS A 311 -6.28 2.70 40.27
N SER A 312 -5.41 3.65 39.97
CA SER A 312 -4.69 4.39 41.01
C SER A 312 -5.54 5.49 41.61
N GLY A 313 -6.43 6.06 40.79
CA GLY A 313 -7.30 7.14 41.22
C GLY A 313 -6.65 8.50 41.11
N SER A 314 -5.41 8.52 40.64
CA SER A 314 -4.65 9.76 40.49
C SER A 314 -5.16 10.60 39.32
N ASP A 315 -5.32 9.97 38.17
CA ASP A 315 -5.71 10.68 36.97
C ASP A 315 -7.11 10.29 36.48
N MET A 316 -7.86 11.29 36.03
CA MET A 316 -9.21 11.08 35.53
C MET A 316 -9.37 11.85 34.22
N VAL A 317 -9.80 11.16 33.17
CA VAL A 317 -9.89 11.77 31.84
C VAL A 317 -11.26 11.57 31.20
N GLN A 318 -11.85 12.65 30.70
CA GLN A 318 -13.14 12.57 30.02
C GLN A 318 -12.99 12.80 28.52
N ALA A 319 -13.88 12.18 27.75
CA ALA A 319 -13.88 12.33 26.30
C ALA A 319 -15.30 12.22 25.77
N GLU A 320 -15.54 12.80 24.60
CA GLU A 320 -16.89 12.83 24.04
C GLU A 320 -16.90 12.67 22.53
N ARG A 321 -17.80 11.84 22.03
CA ARG A 321 -18.08 11.78 20.61
C ARG A 321 -19.48 12.31 20.37
N SER A 322 -19.58 13.43 19.67
CA SER A 322 -20.88 14.05 19.46
C SER A 322 -21.27 14.08 17.99
N GLY A 323 -22.57 14.21 17.73
CA GLY A 323 -23.06 14.32 16.37
C GLY A 323 -23.12 13.01 15.60
N ILE A 324 -23.71 12.00 16.22
CA ILE A 324 -23.98 10.73 15.55
C ILE A 324 -25.40 10.78 15.00
N PRO A 325 -25.54 10.91 13.68
CA PRO A 325 -26.83 11.12 13.02
C PRO A 325 -27.75 9.91 13.11
N ILE A 326 -29.03 10.17 13.28
CA ILE A 326 -30.05 9.12 13.31
C ILE A 326 -30.74 9.10 11.95
N VAL A 327 -30.50 8.04 11.18
CA VAL A 327 -30.92 8.03 9.78
C VAL A 327 -31.76 6.82 9.37
N THR A 328 -32.57 7.01 8.32
CA THR A 328 -33.30 5.92 7.69
C THR A 328 -32.38 5.19 6.72
N SER A 329 -31.39 5.91 6.20
CA SER A 329 -30.45 5.35 5.24
C SER A 329 -29.02 5.71 5.62
N PRO A 330 -28.10 4.76 5.45
CA PRO A 330 -26.66 4.93 5.73
C PRO A 330 -25.97 5.95 4.82
N TYR A 331 -26.62 6.35 3.73
CA TYR A 331 -25.99 7.20 2.73
C TYR A 331 -26.84 8.40 2.34
N GLN A 332 -26.22 9.35 1.63
CA GLN A 332 -26.97 10.43 1.00
C GLN A 332 -26.33 10.84 -0.32
N ILE A 333 -27.13 11.40 -1.23
CA ILE A 333 -26.69 11.69 -2.58
C ILE A 333 -26.65 13.18 -2.90
N HIS A 334 -25.53 13.64 -3.44
CA HIS A 334 -25.34 15.05 -3.76
C HIS A 334 -24.88 15.26 -5.19
N PHE A 335 -25.55 16.17 -5.89
CA PHE A 335 -25.27 16.47 -7.28
C PHE A 335 -24.35 17.67 -7.49
N THR A 336 -23.80 18.19 -6.39
CA THR A 336 -23.07 19.46 -6.42
C THR A 336 -21.85 19.45 -7.34
N LYS A 337 -21.42 18.27 -7.77
CA LYS A 337 -20.30 18.18 -8.70
C LYS A 337 -20.78 18.01 -10.14
N THR A 338 -22.10 17.94 -10.32
CA THR A 338 -22.70 17.74 -11.63
C THR A 338 -23.26 19.05 -12.20
N PRO A 339 -22.90 19.37 -13.46
CA PRO A 339 -23.41 20.54 -14.16
C PRO A 339 -24.94 20.54 -14.23
N LYS A 340 -25.53 21.74 -14.22
CA LYS A 340 -26.98 21.88 -14.23
C LYS A 340 -27.56 22.13 -15.63
N TYR A 341 -26.71 22.12 -16.63
CA TYR A 341 -27.14 22.35 -18.01
C TYR A 341 -26.61 21.27 -18.94
N PHE A 342 -27.38 20.91 -19.96
CA PHE A 342 -26.97 19.89 -20.91
C PHE A 342 -27.22 20.34 -22.34
N LYS A 343 -26.49 19.76 -23.27
CA LYS A 343 -26.70 20.02 -24.69
C LYS A 343 -27.48 18.88 -25.33
N PRO A 344 -28.71 19.15 -25.77
CA PRO A 344 -29.65 18.15 -26.28
C PRO A 344 -29.09 17.33 -27.45
N GLY A 345 -29.21 16.02 -27.33
CA GLY A 345 -28.69 15.12 -28.35
C GLY A 345 -27.26 14.68 -28.07
N MET A 346 -26.68 15.24 -27.01
CA MET A 346 -25.29 14.94 -26.66
C MET A 346 -25.24 14.31 -25.27
N PRO A 347 -24.30 13.39 -25.05
CA PRO A 347 -24.18 12.66 -23.78
C PRO A 347 -24.07 13.58 -22.59
N PHE A 348 -24.90 13.33 -21.58
CA PHE A 348 -24.88 14.11 -20.36
C PHE A 348 -24.17 13.34 -19.25
N ASP A 349 -23.04 13.88 -18.80
CA ASP A 349 -22.22 13.22 -17.79
C ASP A 349 -22.55 13.73 -16.39
N LEU A 350 -23.12 12.84 -15.58
CA LEU A 350 -23.39 13.14 -14.18
C LEU A 350 -22.27 12.63 -13.29
N MET A 351 -21.94 13.41 -12.27
CA MET A 351 -21.04 12.96 -11.22
C MET A 351 -21.85 12.94 -9.93
N VAL A 352 -22.12 11.73 -9.44
CA VAL A 352 -22.91 11.55 -8.24
C VAL A 352 -21.99 11.45 -7.03
N PHE A 353 -22.25 12.26 -6.01
CA PHE A 353 -21.40 12.24 -4.82
C PHE A 353 -22.17 11.62 -3.66
N VAL A 354 -21.81 10.40 -3.31
CA VAL A 354 -22.47 9.69 -2.24
C VAL A 354 -21.66 9.85 -0.96
N THR A 355 -22.33 10.28 0.11
CA THR A 355 -21.64 10.53 1.36
C THR A 355 -22.26 9.80 2.53
N ASN A 356 -21.44 9.64 3.57
CA ASN A 356 -21.87 9.09 4.84
C ASN A 356 -22.47 10.22 5.68
N PRO A 357 -23.30 9.89 6.68
CA PRO A 357 -23.98 10.91 7.47
C PRO A 357 -23.05 11.94 8.10
N ASP A 358 -21.79 11.57 8.31
CA ASP A 358 -20.80 12.49 8.88
C ASP A 358 -20.23 13.40 7.80
N GLY A 359 -20.42 13.01 6.54
CA GLY A 359 -19.93 13.79 5.42
C GLY A 359 -18.75 13.16 4.72
N SER A 360 -18.14 12.16 5.35
CA SER A 360 -17.03 11.44 4.75
C SER A 360 -17.49 10.69 3.51
N PRO A 361 -16.67 10.73 2.44
CA PRO A 361 -17.00 10.08 1.17
C PRO A 361 -17.14 8.55 1.31
N ALA A 362 -18.23 8.02 0.76
CA ALA A 362 -18.48 6.59 0.78
C ALA A 362 -17.58 5.85 -0.20
N TYR A 363 -17.28 4.59 0.10
CA TYR A 363 -16.38 3.79 -0.73
C TYR A 363 -17.09 2.57 -1.31
N ARG A 364 -17.01 2.42 -2.63
CA ARG A 364 -17.65 1.31 -3.34
C ARG A 364 -19.13 1.19 -3.06
N VAL A 365 -19.90 2.20 -3.45
CA VAL A 365 -21.34 2.19 -3.26
C VAL A 365 -22.07 2.20 -4.60
N PRO A 366 -22.81 1.12 -4.89
CA PRO A 366 -23.54 1.00 -6.17
C PRO A 366 -24.64 2.06 -6.29
N VAL A 367 -24.69 2.75 -7.42
CA VAL A 367 -25.75 3.72 -7.67
C VAL A 367 -26.26 3.61 -9.11
N ALA A 368 -27.49 4.03 -9.33
CA ALA A 368 -28.08 3.98 -10.66
C ALA A 368 -29.21 4.99 -10.82
N VAL A 369 -29.53 5.31 -12.06
CA VAL A 369 -30.57 6.29 -12.32
C VAL A 369 -31.81 5.59 -12.90
N GLN A 370 -32.93 5.71 -12.19
CA GLN A 370 -34.23 5.19 -12.64
C GLN A 370 -34.94 6.11 -13.65
N GLY A 371 -35.48 5.54 -14.74
CA GLY A 371 -35.51 4.09 -14.92
C GLY A 371 -34.19 3.51 -15.36
N GLU A 372 -33.87 2.35 -14.79
CA GLU A 372 -32.57 1.75 -15.02
C GLU A 372 -32.43 1.40 -16.52
N ASP A 373 -33.19 0.40 -16.98
CA ASP A 373 -32.98 -0.25 -18.29
C ASP A 373 -31.53 -0.71 -18.37
N THR A 374 -31.26 -1.57 -17.41
CA THR A 374 -29.98 -1.86 -16.80
C THR A 374 -29.22 -0.58 -16.50
N VAL A 375 -28.01 -0.78 -15.95
CA VAL A 375 -26.92 0.17 -15.75
C VAL A 375 -26.25 -0.37 -14.46
N GLN A 376 -25.13 0.24 -14.04
CA GLN A 376 -24.65 0.18 -12.65
C GLN A 376 -23.39 1.05 -12.57
N SER A 377 -23.05 1.51 -11.37
CA SER A 377 -21.77 2.19 -11.14
C SER A 377 -21.36 2.10 -9.68
N LEU A 378 -20.06 2.07 -9.42
CA LEU A 378 -19.54 2.04 -8.07
C LEU A 378 -18.84 3.35 -7.75
N THR A 379 -19.10 3.88 -6.56
CA THR A 379 -18.44 5.10 -6.11
C THR A 379 -16.95 4.85 -5.90
N GLN A 380 -16.15 5.84 -6.26
CA GLN A 380 -14.70 5.73 -6.16
C GLN A 380 -14.22 6.09 -4.75
N GLY A 381 -12.90 6.26 -4.61
CA GLY A 381 -12.32 6.62 -3.34
C GLY A 381 -12.81 7.96 -2.82
N ASP A 382 -12.85 8.95 -3.71
CA ASP A 382 -13.36 10.28 -3.35
C ASP A 382 -14.87 10.29 -3.08
N GLY A 383 -15.53 9.17 -3.35
CA GLY A 383 -16.95 9.03 -3.11
C GLY A 383 -17.80 9.47 -4.30
N VAL A 384 -17.15 9.70 -5.43
CA VAL A 384 -17.85 10.15 -6.63
C VAL A 384 -17.95 9.02 -7.66
N ALA A 385 -19.12 8.91 -8.29
CA ALA A 385 -19.35 7.91 -9.32
C ALA A 385 -19.78 8.61 -10.61
N LYS A 386 -19.37 8.05 -11.75
CA LYS A 386 -19.70 8.66 -13.03
C LYS A 386 -20.85 7.93 -13.72
N LEU A 387 -21.89 8.68 -14.10
CA LEU A 387 -23.01 8.12 -14.83
C LEU A 387 -23.30 8.94 -16.07
N SER A 388 -23.07 8.38 -17.25
CA SER A 388 -23.30 9.10 -18.50
C SER A 388 -24.59 8.62 -19.15
N ILE A 389 -25.52 9.55 -19.36
CA ILE A 389 -26.81 9.21 -19.94
C ILE A 389 -27.02 9.86 -21.30
N ASN A 390 -27.75 9.19 -22.18
CA ASN A 390 -28.03 9.73 -23.51
C ASN A 390 -29.12 10.79 -23.47
N THR A 391 -29.11 11.68 -24.45
CA THR A 391 -29.99 12.84 -24.42
C THR A 391 -30.89 12.95 -25.64
N HIS A 392 -32.17 13.22 -25.42
CA HIS A 392 -33.11 13.47 -26.50
C HIS A 392 -32.90 14.89 -27.03
N PRO A 393 -33.13 15.10 -28.33
CA PRO A 393 -33.02 16.42 -28.98
C PRO A 393 -34.03 17.43 -28.44
N SER A 394 -35.04 16.96 -27.71
CA SER A 394 -36.12 17.81 -27.23
C SER A 394 -35.63 18.88 -26.25
N GLN A 395 -36.40 19.96 -26.14
CA GLN A 395 -36.06 21.07 -25.26
C GLN A 395 -36.64 20.85 -23.88
N LYS A 396 -37.27 19.69 -23.69
CA LYS A 396 -37.88 19.34 -22.42
C LYS A 396 -36.80 19.06 -21.38
N PRO A 397 -36.91 19.71 -20.20
CA PRO A 397 -35.97 19.58 -19.08
C PRO A 397 -35.72 18.12 -18.67
N LEU A 398 -34.48 17.81 -18.29
CA LEU A 398 -34.16 16.44 -17.91
C LEU A 398 -34.33 16.25 -16.41
N SER A 399 -35.30 15.43 -16.02
CA SER A 399 -35.53 15.15 -14.61
C SER A 399 -34.85 13.83 -14.27
N ILE A 400 -33.81 13.90 -13.44
CA ILE A 400 -33.02 12.72 -13.16
C ILE A 400 -33.12 12.31 -11.69
N THR A 401 -33.47 11.04 -11.45
CA THR A 401 -33.54 10.50 -10.11
C THR A 401 -32.51 9.40 -9.92
N VAL A 402 -31.62 9.58 -8.96
CA VAL A 402 -30.56 8.61 -8.70
C VAL A 402 -30.77 7.95 -7.34
N ARG A 403 -30.63 6.63 -7.31
CA ARG A 403 -30.75 5.85 -6.08
C ARG A 403 -29.49 5.02 -5.91
N THR A 404 -29.21 4.59 -4.68
CA THR A 404 -28.13 3.63 -4.46
C THR A 404 -28.68 2.20 -4.52
N LYS A 405 -27.98 1.34 -5.25
CA LYS A 405 -28.45 -0.02 -5.54
C LYS A 405 -27.90 -1.14 -4.62
N LYS A 406 -27.17 -0.75 -3.59
CA LYS A 406 -26.52 -1.68 -2.67
C LYS A 406 -27.50 -2.73 -2.13
N GLN A 407 -27.06 -3.98 -2.09
CA GLN A 407 -27.89 -5.06 -1.52
C GLN A 407 -27.95 -4.92 0.00
N GLU A 408 -28.67 -5.83 0.64
CA GLU A 408 -28.71 -5.97 2.10
C GLU A 408 -29.26 -4.75 2.87
N LEU A 409 -29.54 -3.67 2.14
CA LEU A 409 -30.17 -2.49 2.72
C LEU A 409 -31.67 -2.44 2.43
N SER A 410 -32.14 -3.45 1.70
CA SER A 410 -33.46 -3.46 1.07
C SER A 410 -33.68 -2.21 0.23
N GLU A 411 -34.95 -1.78 0.11
CA GLU A 411 -35.26 -0.55 -0.62
C GLU A 411 -35.63 0.67 0.24
N ALA A 412 -35.91 0.43 1.52
CA ALA A 412 -36.29 1.49 2.44
C ALA A 412 -35.08 2.26 2.93
N GLU A 413 -33.96 1.56 3.04
CA GLU A 413 -32.72 2.12 3.55
C GLU A 413 -31.84 2.65 2.43
N GLN A 414 -32.39 2.66 1.21
CA GLN A 414 -31.64 3.18 0.06
C GLN A 414 -31.76 4.70 0.00
N ALA A 415 -30.64 5.36 -0.26
CA ALA A 415 -30.61 6.81 -0.41
C ALA A 415 -30.98 7.21 -1.83
N THR A 416 -31.74 8.29 -1.96
CA THR A 416 -32.19 8.76 -3.28
C THR A 416 -32.10 10.27 -3.36
N ARG A 417 -31.90 10.79 -4.56
CA ARG A 417 -31.96 12.23 -4.78
C ARG A 417 -32.36 12.54 -6.22
N THR A 418 -33.11 13.63 -6.41
CA THR A 418 -33.56 14.03 -7.72
C THR A 418 -33.09 15.43 -8.11
N MET A 419 -32.43 15.53 -9.27
CA MET A 419 -32.07 16.82 -9.81
C MET A 419 -32.82 17.06 -11.11
N GLN A 420 -32.63 18.25 -11.67
CA GLN A 420 -33.18 18.57 -12.99
C GLN A 420 -32.21 19.48 -13.74
N ALA A 421 -31.99 19.18 -15.01
CA ALA A 421 -31.13 20.00 -15.85
C ALA A 421 -31.92 20.64 -16.98
N LEU A 422 -31.40 21.75 -17.50
CA LEU A 422 -32.06 22.52 -18.54
C LEU A 422 -31.23 22.52 -19.81
N PRO A 423 -31.89 22.51 -20.98
CA PRO A 423 -31.20 22.52 -22.28
C PRO A 423 -30.46 23.83 -22.53
N TYR A 424 -29.21 23.72 -22.96
CA TYR A 424 -28.40 24.84 -23.39
C TYR A 424 -29.08 25.57 -24.55
N SER A 425 -29.19 26.89 -24.45
CA SER A 425 -29.83 27.69 -25.48
C SER A 425 -28.80 28.22 -26.48
N THR A 426 -29.06 28.02 -27.76
CA THR A 426 -28.14 28.44 -28.81
C THR A 426 -28.54 29.77 -29.42
N VAL A 427 -27.73 30.27 -30.35
CA VAL A 427 -27.98 31.55 -30.99
C VAL A 427 -29.02 31.42 -32.10
N GLY A 428 -30.15 32.10 -31.92
CA GLY A 428 -31.23 32.06 -32.90
C GLY A 428 -31.74 30.65 -33.15
N ASN A 429 -31.64 29.80 -32.14
CA ASN A 429 -32.04 28.39 -32.24
C ASN A 429 -31.34 27.67 -33.38
N SER A 430 -30.07 27.97 -33.59
CA SER A 430 -29.28 27.37 -34.66
C SER A 430 -28.92 25.92 -34.37
N ASN A 431 -29.06 25.52 -33.11
CA ASN A 431 -28.75 24.16 -32.66
C ASN A 431 -27.31 23.72 -32.94
N ASN A 432 -26.39 24.69 -32.89
CA ASN A 432 -24.96 24.39 -33.03
C ASN A 432 -24.29 24.37 -31.67
N TYR A 433 -23.87 23.18 -31.24
CA TYR A 433 -23.30 23.02 -29.91
C TYR A 433 -21.83 22.62 -29.94
N LEU A 434 -21.25 22.56 -28.74
CA LEU A 434 -19.90 22.05 -28.55
C LEU A 434 -19.85 21.23 -27.26
N HIS A 435 -19.37 20.00 -27.35
CA HIS A 435 -19.32 19.11 -26.19
C HIS A 435 -17.91 18.74 -25.78
N LEU A 436 -17.50 19.22 -24.61
CA LEU A 436 -16.22 18.85 -24.04
C LEU A 436 -16.38 17.64 -23.14
N SER A 437 -15.68 16.57 -23.46
CA SER A 437 -15.72 15.37 -22.63
C SER A 437 -14.34 14.99 -22.07
N VAL A 438 -14.26 14.94 -20.74
CA VAL A 438 -13.09 14.44 -20.05
C VAL A 438 -13.54 13.17 -19.32
N LEU A 439 -12.97 12.04 -19.72
CA LEU A 439 -13.48 10.74 -19.28
C LEU A 439 -12.77 10.05 -18.13
N ARG A 440 -11.72 10.64 -17.58
CA ARG A 440 -10.91 9.90 -16.61
C ARG A 440 -10.80 10.50 -15.20
N THR A 441 -10.98 9.63 -14.21
CA THR A 441 -10.79 9.95 -12.80
C THR A 441 -10.03 8.76 -12.19
N GLU A 442 -9.35 8.94 -11.05
CA GLU A 442 -9.10 10.23 -10.43
C GLU A 442 -7.77 10.81 -10.93
N LEU A 443 -7.76 12.11 -11.16
CA LEU A 443 -6.59 12.77 -11.71
C LEU A 443 -5.52 13.06 -10.65
N ARG A 444 -4.26 12.89 -11.03
CA ARG A 444 -3.13 13.20 -10.17
C ARG A 444 -2.08 13.96 -10.97
N PRO A 445 -1.28 14.80 -10.29
CA PRO A 445 -0.20 15.55 -10.97
C PRO A 445 0.78 14.62 -11.68
N GLY A 446 1.19 15.01 -12.88
CA GLY A 446 2.14 14.22 -13.66
C GLY A 446 1.45 13.40 -14.74
N GLU A 447 0.17 13.10 -14.52
CA GLU A 447 -0.62 12.39 -15.51
C GLU A 447 -0.97 13.29 -16.69
N THR A 448 -1.35 12.67 -17.81
CA THR A 448 -1.83 13.43 -18.96
C THR A 448 -3.35 13.22 -19.07
N LEU A 449 -4.05 14.24 -19.54
CA LEU A 449 -5.51 14.22 -19.57
C LEU A 449 -6.04 14.50 -20.97
N ASN A 450 -6.74 13.53 -21.55
CA ASN A 450 -7.33 13.73 -22.87
C ASN A 450 -8.63 14.53 -22.79
N VAL A 451 -8.67 15.65 -23.52
CA VAL A 451 -9.88 16.47 -23.60
C VAL A 451 -10.52 16.32 -24.96
N ASN A 452 -11.76 15.85 -24.99
CA ASN A 452 -12.44 15.62 -26.27
C ASN A 452 -13.38 16.74 -26.71
N PHE A 453 -13.04 17.38 -27.82
CA PHE A 453 -13.86 18.42 -28.42
C PHE A 453 -14.78 17.79 -29.46
N LEU A 454 -16.08 17.82 -29.17
CA LEU A 454 -17.09 17.29 -30.09
C LEU A 454 -17.91 18.44 -30.68
N LEU A 455 -17.78 18.64 -32.00
CA LEU A 455 -18.45 19.74 -32.67
C LEU A 455 -19.82 19.32 -33.18
N ARG A 456 -20.84 20.13 -32.89
CA ARG A 456 -22.18 19.85 -33.43
C ARG A 456 -22.71 21.00 -34.27
N MET A 457 -22.98 20.72 -35.55
CA MET A 457 -23.54 21.70 -36.48
C MET A 457 -23.78 21.06 -37.85
N ASP A 458 -24.47 21.80 -38.72
CA ASP A 458 -24.70 21.37 -40.09
C ASP A 458 -23.39 21.30 -40.88
N ARG A 459 -23.33 20.40 -41.85
CA ARG A 459 -22.11 20.16 -42.61
C ARG A 459 -21.75 21.34 -43.52
N ALA A 460 -22.66 22.30 -43.65
CA ALA A 460 -22.41 23.44 -44.51
C ALA A 460 -21.33 24.35 -43.94
N HIS A 461 -21.39 24.57 -42.62
CA HIS A 461 -20.44 25.46 -41.94
C HIS A 461 -19.28 24.75 -41.25
N GLU A 462 -19.25 23.43 -41.31
CA GLU A 462 -18.23 22.65 -40.59
C GLU A 462 -16.81 23.00 -41.03
N ALA A 463 -16.65 23.40 -42.29
CA ALA A 463 -15.34 23.71 -42.83
C ALA A 463 -14.85 25.06 -42.35
N LYS A 464 -15.75 25.84 -41.77
CA LYS A 464 -15.43 27.18 -41.30
C LYS A 464 -14.76 27.21 -39.93
N ILE A 465 -14.84 26.10 -39.20
CA ILE A 465 -14.17 26.02 -37.91
C ILE A 465 -12.80 25.38 -38.08
N ARG A 466 -11.75 26.19 -37.98
CA ARG A 466 -10.40 25.65 -38.07
C ARG A 466 -9.71 25.50 -36.72
N TYR A 467 -10.35 25.98 -35.66
CA TYR A 467 -9.76 25.89 -34.32
C TYR A 467 -10.78 26.00 -33.20
N TYR A 468 -10.37 25.58 -32.00
CA TYR A 468 -11.12 25.83 -30.79
C TYR A 468 -10.20 26.66 -29.89
N THR A 469 -10.75 27.63 -29.19
CA THR A 469 -9.94 28.39 -28.24
C THR A 469 -10.25 27.94 -26.82
N TYR A 470 -9.21 27.50 -26.11
CA TYR A 470 -9.41 26.96 -24.76
C TYR A 470 -8.68 27.74 -23.67
N LEU A 471 -9.32 27.82 -22.51
CA LEU A 471 -8.75 28.49 -21.36
C LEU A 471 -8.78 27.59 -20.13
N ILE A 472 -7.61 27.46 -19.49
CA ILE A 472 -7.45 26.72 -18.26
C ILE A 472 -7.42 27.72 -17.11
N MET A 473 -8.50 27.74 -16.33
CA MET A 473 -8.64 28.60 -15.16
C MET A 473 -8.29 27.84 -13.89
N ASN A 474 -7.44 28.44 -13.07
CA ASN A 474 -7.08 27.82 -11.80
C ASN A 474 -6.82 28.84 -10.69
N LYS A 475 -7.32 28.54 -9.50
CA LYS A 475 -7.12 29.39 -8.32
C LYS A 475 -7.57 30.83 -8.50
N GLY A 476 -8.54 31.05 -9.38
CA GLY A 476 -9.09 32.38 -9.60
C GLY A 476 -8.34 33.21 -10.62
N ARG A 477 -7.25 32.66 -11.14
CA ARG A 477 -6.46 33.34 -12.16
C ARG A 477 -6.46 32.53 -13.45
N LEU A 478 -5.79 33.03 -14.48
CA LEU A 478 -5.67 32.30 -15.73
C LEU A 478 -4.40 31.47 -15.74
N LEU A 479 -4.56 30.15 -15.67
CA LEU A 479 -3.40 29.27 -15.67
C LEU A 479 -2.83 29.15 -17.07
N LYS A 480 -3.70 28.93 -18.06
CA LYS A 480 -3.24 28.85 -19.44
C LYS A 480 -4.30 29.26 -20.47
N ALA A 481 -3.85 29.68 -21.66
CA ALA A 481 -4.74 29.91 -22.79
C ALA A 481 -4.09 29.31 -24.03
N GLY A 482 -4.90 28.71 -24.90
CA GLY A 482 -4.35 28.07 -26.08
C GLY A 482 -5.33 27.80 -27.21
N ARG A 483 -4.81 27.24 -28.30
CA ARG A 483 -5.59 26.97 -29.50
C ARG A 483 -5.43 25.53 -29.94
N GLN A 484 -6.55 24.81 -30.01
CA GLN A 484 -6.53 23.45 -30.54
C GLN A 484 -7.01 23.44 -32.00
N VAL A 485 -6.10 23.09 -32.90
CA VAL A 485 -6.39 23.16 -34.33
C VAL A 485 -7.39 22.09 -34.76
N ARG A 486 -8.14 22.40 -35.81
CA ARG A 486 -9.13 21.47 -36.34
C ARG A 486 -9.15 21.47 -37.87
N GLU A 487 -9.00 20.28 -38.45
CA GLU A 487 -9.16 20.11 -39.89
C GLU A 487 -10.64 19.95 -40.23
N PRO A 488 -11.03 20.39 -41.43
CA PRO A 488 -12.43 20.27 -41.86
C PRO A 488 -12.88 18.81 -41.86
N GLY A 489 -14.04 18.54 -41.25
CA GLY A 489 -14.54 17.18 -41.21
C GLY A 489 -14.27 16.46 -39.91
N GLN A 490 -13.53 17.09 -39.00
CA GLN A 490 -13.23 16.45 -37.73
C GLN A 490 -14.29 16.84 -36.71
N ASP A 491 -15.15 15.89 -36.38
CA ASP A 491 -16.23 16.13 -35.42
C ASP A 491 -15.71 15.98 -34.00
N LEU A 492 -14.76 15.07 -33.81
CA LEU A 492 -14.15 14.86 -32.51
C LEU A 492 -12.63 14.98 -32.58
N VAL A 493 -12.08 15.96 -31.87
CA VAL A 493 -10.62 16.07 -31.77
C VAL A 493 -10.17 15.92 -30.33
N VAL A 494 -8.92 15.53 -30.12
CA VAL A 494 -8.42 15.32 -28.78
C VAL A 494 -7.26 16.24 -28.44
N LEU A 495 -7.34 16.89 -27.28
CA LEU A 495 -6.27 17.73 -26.78
C LEU A 495 -5.67 17.13 -25.51
N PRO A 496 -4.44 16.63 -25.61
CA PRO A 496 -3.68 16.14 -24.45
C PRO A 496 -3.31 17.31 -23.56
N LEU A 497 -3.55 17.17 -22.26
CA LEU A 497 -3.23 18.22 -21.31
C LEU A 497 -2.36 17.66 -20.19
N SER A 498 -1.12 18.10 -20.11
CA SER A 498 -0.23 17.65 -19.06
C SER A 498 -0.67 18.25 -17.72
N ILE A 499 -0.56 17.46 -16.66
CA ILE A 499 -1.00 17.91 -15.35
C ILE A 499 0.17 18.13 -14.40
N THR A 500 0.44 19.38 -14.09
CA THR A 500 1.49 19.76 -13.17
C THR A 500 0.90 19.99 -11.79
N THR A 501 1.74 20.47 -10.87
CA THR A 501 1.28 20.81 -9.54
C THR A 501 0.54 22.15 -9.53
N ASP A 502 0.53 22.82 -10.67
CA ASP A 502 -0.11 24.12 -10.78
C ASP A 502 -1.63 24.01 -10.99
N PHE A 503 -2.11 22.78 -11.14
CA PHE A 503 -3.54 22.54 -11.32
C PHE A 503 -4.25 22.25 -10.00
N ILE A 504 -3.46 22.05 -8.95
CA ILE A 504 -3.98 21.78 -7.61
C ILE A 504 -4.65 23.06 -7.09
N PRO A 505 -5.76 22.94 -6.33
CA PRO A 505 -6.54 21.76 -5.95
C PRO A 505 -7.39 21.21 -7.09
N SER A 506 -7.73 22.07 -8.03
CA SER A 506 -8.58 21.69 -9.15
C SER A 506 -8.50 22.79 -10.21
N PHE A 507 -9.20 22.60 -11.32
CA PHE A 507 -9.20 23.60 -12.38
C PHE A 507 -10.46 23.56 -13.23
N ARG A 508 -10.70 24.63 -13.96
CA ARG A 508 -11.81 24.69 -14.90
C ARG A 508 -11.28 24.80 -16.33
N LEU A 509 -11.97 24.13 -17.24
CA LEU A 509 -11.60 24.17 -18.65
C LEU A 509 -12.75 24.72 -19.47
N VAL A 510 -12.55 25.89 -20.06
CA VAL A 510 -13.57 26.44 -20.94
C VAL A 510 -13.05 26.45 -22.37
N ALA A 511 -13.97 26.36 -23.32
CA ALA A 511 -13.59 26.37 -24.73
C ALA A 511 -14.68 27.02 -25.56
N TYR A 512 -14.27 27.71 -26.61
CA TYR A 512 -15.23 28.35 -27.49
C TYR A 512 -14.74 28.42 -28.93
N TYR A 513 -15.69 28.27 -29.86
CA TYR A 513 -15.44 28.58 -31.26
C TYR A 513 -16.44 29.63 -31.70
N THR A 514 -16.05 30.45 -32.66
CA THR A 514 -16.94 31.46 -33.20
C THR A 514 -16.94 31.41 -34.72
N LEU A 515 -18.05 31.78 -35.33
CA LEU A 515 -18.18 31.74 -36.78
C LEU A 515 -19.25 32.69 -37.27
N ILE A 516 -19.24 33.00 -38.56
CA ILE A 516 -20.30 33.81 -39.16
C ILE A 516 -21.51 32.94 -39.45
N GLY A 517 -22.65 33.32 -38.88
CA GLY A 517 -23.83 32.47 -38.88
C GLY A 517 -24.71 32.58 -40.11
N ALA A 518 -26.01 32.40 -39.92
CA ALA A 518 -26.96 32.33 -41.03
C ALA A 518 -26.90 33.55 -41.95
N SER A 519 -27.38 34.70 -41.48
CA SER A 519 -27.26 35.90 -42.29
C SER A 519 -26.36 36.93 -41.63
N GLY A 520 -25.11 36.98 -42.07
CA GLY A 520 -24.14 37.97 -41.62
C GLY A 520 -24.07 38.17 -40.11
N GLN A 521 -24.37 37.12 -39.37
CA GLN A 521 -24.44 37.22 -37.92
C GLN A 521 -23.35 36.41 -37.21
N ARG A 522 -22.61 37.07 -36.34
CA ARG A 522 -21.56 36.39 -35.59
C ARG A 522 -22.12 35.54 -34.47
N GLU A 523 -21.78 34.26 -34.50
CA GLU A 523 -22.24 33.30 -33.50
C GLU A 523 -21.06 32.80 -32.68
N VAL A 524 -21.22 32.82 -31.36
CA VAL A 524 -20.20 32.35 -30.44
C VAL A 524 -20.72 31.16 -29.64
N VAL A 525 -20.14 29.99 -29.86
CA VAL A 525 -20.55 28.79 -29.15
C VAL A 525 -19.46 28.34 -28.19
N ALA A 526 -19.85 28.07 -26.94
CA ALA A 526 -18.89 27.73 -25.91
C ALA A 526 -19.39 26.62 -24.99
N ASP A 527 -18.45 26.00 -24.27
CA ASP A 527 -18.77 25.00 -23.27
C ASP A 527 -17.66 24.94 -22.24
N SER A 528 -17.99 24.51 -21.02
CA SER A 528 -17.00 24.40 -19.96
C SER A 528 -17.15 23.12 -19.16
N VAL A 529 -16.11 22.80 -18.38
CA VAL A 529 -16.15 21.63 -17.50
C VAL A 529 -15.21 21.85 -16.30
N TRP A 530 -15.51 21.19 -15.19
CA TRP A 530 -14.70 21.34 -13.99
C TRP A 530 -14.01 20.03 -13.62
N VAL A 531 -12.70 20.10 -13.39
CA VAL A 531 -11.91 18.92 -13.08
C VAL A 531 -11.22 19.01 -11.72
N ASP A 532 -11.52 18.02 -10.87
CA ASP A 532 -10.90 17.90 -9.56
C ASP A 532 -9.54 17.22 -9.67
N VAL A 533 -8.53 17.81 -9.03
CA VAL A 533 -7.20 17.22 -8.98
C VAL A 533 -6.94 16.72 -7.56
N LYS A 534 -6.21 15.62 -7.42
CA LYS A 534 -5.90 15.06 -6.12
C LYS A 534 -5.18 16.10 -5.25
N ASP A 535 -5.72 16.35 -4.07
CA ASP A 535 -5.18 17.36 -3.15
C ASP A 535 -3.86 16.92 -2.52
N SER A 536 -2.86 17.80 -2.61
CA SER A 536 -1.52 17.52 -2.10
C SER A 536 -0.70 18.80 -2.06
N CYS A 537 0.53 18.71 -1.58
CA CYS A 537 1.43 19.85 -1.58
C CYS A 537 1.97 20.07 -2.99
N VAL A 538 2.38 21.30 -3.28
CA VAL A 538 2.98 21.61 -4.57
C VAL A 538 4.36 20.99 -4.63
N GLY A 539 5.14 21.22 -3.59
CA GLY A 539 6.41 20.53 -3.42
C GLY A 539 6.19 19.32 -2.55
N SER A 540 7.18 18.96 -1.74
CA SER A 540 7.03 17.86 -0.80
C SER A 540 7.79 18.10 0.50
N LEU A 541 7.17 17.74 1.62
CA LEU A 541 7.85 17.82 2.91
C LEU A 541 7.55 16.59 3.76
N VAL A 542 8.60 15.85 4.10
CA VAL A 542 8.47 14.67 4.96
C VAL A 542 9.42 14.78 6.13
N VAL A 543 8.95 14.50 7.33
CA VAL A 543 9.83 14.45 8.48
C VAL A 543 9.80 13.07 9.12
N LYS A 544 10.91 12.34 9.00
CA LYS A 544 11.00 10.99 9.54
C LYS A 544 12.24 10.81 10.41
N SER A 545 12.42 9.60 10.93
CA SER A 545 13.56 9.31 11.80
C SER A 545 14.85 9.24 10.99
N GLY A 546 15.92 9.79 11.56
CA GLY A 546 17.21 9.84 10.89
C GLY A 546 18.13 8.72 11.33
N GLN A 547 17.63 7.89 12.24
CA GLN A 547 18.40 6.77 12.76
C GLN A 547 17.65 5.46 12.62
N SER A 548 18.39 4.35 12.72
CA SER A 548 17.81 3.01 12.59
C SER A 548 16.87 2.70 13.74
N GLU A 549 15.98 1.73 13.53
CA GLU A 549 15.09 1.31 14.59
C GLU A 549 15.78 0.19 15.34
N ASP A 550 16.21 0.52 16.55
CA ASP A 550 16.89 -0.42 17.43
C ASP A 550 15.98 -0.67 18.61
N ARG A 551 15.71 0.39 19.36
CA ARG A 551 14.77 0.35 20.46
C ARG A 551 14.30 1.77 20.72
N GLN A 552 13.43 1.94 21.71
CA GLN A 552 12.85 3.24 21.99
C GLN A 552 13.92 4.22 22.50
N PRO A 553 13.80 5.50 22.09
CA PRO A 553 14.75 6.52 22.54
C PRO A 553 14.54 6.89 24.01
N VAL A 554 15.65 7.11 24.72
CA VAL A 554 15.61 7.44 26.13
C VAL A 554 15.59 8.96 26.32
N PRO A 555 14.80 9.46 27.28
CA PRO A 555 14.79 10.89 27.61
C PRO A 555 16.19 11.41 27.89
N GLY A 556 16.57 12.50 27.22
CA GLY A 556 17.89 13.08 27.40
C GLY A 556 18.87 12.63 26.34
N GLN A 557 18.58 11.50 25.71
CA GLN A 557 19.43 11.01 24.62
C GLN A 557 19.09 11.79 23.35
N GLN A 558 20.08 11.93 22.47
CA GLN A 558 19.85 12.62 21.21
C GLN A 558 19.18 11.73 20.17
N MET A 559 18.41 12.35 19.29
CA MET A 559 17.78 11.67 18.17
C MET A 559 18.08 12.42 16.89
N THR A 560 18.61 11.70 15.90
CA THR A 560 18.86 12.30 14.60
C THR A 560 17.57 12.33 13.79
N LEU A 561 17.25 13.49 13.24
CA LEU A 561 15.97 13.68 12.56
C LEU A 561 16.17 13.98 11.07
N LYS A 562 15.44 13.26 10.23
CA LYS A 562 15.55 13.42 8.78
C LYS A 562 14.43 14.28 8.20
N ILE A 563 14.81 15.31 7.44
CA ILE A 563 13.85 16.18 6.78
C ILE A 563 14.05 16.15 5.27
N GLU A 564 12.98 15.85 4.53
CA GLU A 564 13.04 15.74 3.08
C GLU A 564 12.14 16.80 2.46
N GLY A 565 12.75 17.78 1.80
CA GLY A 565 12.02 18.89 1.25
C GLY A 565 12.71 19.49 0.04
N ASP A 566 12.16 20.58 -0.48
CA ASP A 566 12.67 21.21 -1.69
C ASP A 566 13.95 22.00 -1.46
N HIS A 567 14.81 22.01 -2.48
CA HIS A 567 16.08 22.72 -2.43
C HIS A 567 15.89 24.22 -2.25
N GLY A 568 16.58 24.80 -1.27
CA GLY A 568 16.55 26.23 -1.06
C GLY A 568 15.44 26.70 -0.15
N ALA A 569 14.46 25.81 0.08
CA ALA A 569 13.29 26.15 0.88
C ALA A 569 13.66 26.41 2.33
N ARG A 570 12.80 27.16 3.02
CA ARG A 570 12.96 27.38 4.45
C ARG A 570 11.93 26.55 5.22
N VAL A 571 12.39 25.85 6.25
CA VAL A 571 11.52 25.00 7.05
C VAL A 571 11.43 25.49 8.48
N VAL A 572 10.20 25.70 8.96
CA VAL A 572 9.99 26.08 10.35
C VAL A 572 9.42 24.89 11.13
N LEU A 573 9.93 24.68 12.34
CA LEU A 573 9.61 23.49 13.10
C LEU A 573 8.98 23.78 14.46
N VAL A 574 8.21 22.81 14.96
CA VAL A 574 7.62 22.88 16.28
C VAL A 574 7.44 21.48 16.86
N ALA A 575 7.64 21.34 18.17
CA ALA A 575 7.43 20.07 18.83
C ALA A 575 6.43 20.22 19.98
N VAL A 576 5.37 19.42 19.96
CA VAL A 576 4.32 19.53 20.95
C VAL A 576 4.04 18.19 21.62
N ASP A 577 3.90 18.22 22.96
CA ASP A 577 3.50 17.04 23.72
C ASP A 577 2.09 16.63 23.30
N LYS A 578 1.88 15.34 23.09
CA LYS A 578 0.58 14.86 22.64
C LYS A 578 -0.50 14.93 23.71
N GLY A 579 -0.09 15.26 24.94
CA GLY A 579 -1.05 15.44 26.01
C GLY A 579 -1.91 16.67 25.79
N VAL A 580 -1.35 17.64 25.07
CA VAL A 580 -2.06 18.86 24.73
C VAL A 580 -3.30 18.58 23.88
N PHE A 581 -3.11 17.78 22.83
CA PHE A 581 -4.18 17.50 21.87
C PHE A 581 -5.32 16.71 22.50
N VAL A 582 -5.06 16.08 23.65
CA VAL A 582 -6.10 15.38 24.39
C VAL A 582 -7.16 16.39 24.79
N LEU A 583 -6.71 17.58 25.18
CA LEU A 583 -7.59 18.65 25.61
C LEU A 583 -8.24 19.38 24.43
N ASN A 584 -7.43 19.77 23.46
CA ASN A 584 -7.93 20.44 22.27
C ASN A 584 -7.28 19.97 20.97
N LYS A 585 -8.07 19.39 20.07
CA LYS A 585 -7.56 19.04 18.74
C LYS A 585 -7.95 20.05 17.66
N LYS A 586 -8.73 21.05 18.05
CA LYS A 586 -9.27 22.04 17.11
C LYS A 586 -8.24 23.08 16.69
N ASN A 587 -8.52 23.74 15.56
CA ASN A 587 -7.72 24.88 15.10
C ASN A 587 -6.29 24.57 14.62
N LYS A 588 -5.92 23.30 14.61
CA LYS A 588 -4.60 22.90 14.13
C LYS A 588 -4.45 23.19 12.64
N LEU A 589 -3.25 23.62 12.24
CA LEU A 589 -2.97 23.95 10.86
C LEU A 589 -2.80 22.70 9.99
N THR A 590 -3.45 22.70 8.83
CA THR A 590 -3.45 21.54 7.95
C THR A 590 -3.54 22.00 6.49
N GLN A 591 -2.83 21.29 5.61
CA GLN A 591 -2.83 21.58 4.18
C GLN A 591 -4.24 21.55 3.61
N SER A 592 -5.05 20.62 4.11
CA SER A 592 -6.45 20.51 3.72
C SER A 592 -7.21 21.80 3.97
N LYS A 593 -6.96 22.41 5.14
CA LYS A 593 -7.60 23.67 5.49
C LYS A 593 -7.15 24.78 4.54
N ILE A 594 -5.88 24.74 4.15
CA ILE A 594 -5.35 25.70 3.18
C ILE A 594 -6.11 25.59 1.86
N TRP A 595 -6.19 24.38 1.32
CA TRP A 595 -6.89 24.19 0.06
C TRP A 595 -8.39 24.52 0.17
N ASP A 596 -8.95 24.34 1.36
CA ASP A 596 -10.34 24.71 1.60
C ASP A 596 -10.48 26.23 1.46
N VAL A 597 -9.56 26.94 2.11
CA VAL A 597 -9.52 28.40 2.03
C VAL A 597 -9.37 28.86 0.59
N VAL A 598 -8.58 28.13 -0.18
CA VAL A 598 -8.36 28.46 -1.58
C VAL A 598 -9.59 28.23 -2.47
N GLU A 599 -10.21 27.05 -2.34
CA GLU A 599 -11.37 26.72 -3.17
C GLU A 599 -12.62 27.49 -2.79
N LYS A 600 -12.67 27.97 -1.55
CA LYS A 600 -13.80 28.81 -1.14
C LYS A 600 -13.60 30.25 -1.62
N ALA A 601 -12.36 30.58 -1.95
CA ALA A 601 -12.02 31.91 -2.44
C ALA A 601 -12.12 31.97 -3.95
N ASP A 602 -12.56 30.88 -4.55
CA ASP A 602 -12.65 30.76 -6.01
C ASP A 602 -13.77 31.62 -6.58
N ILE A 603 -13.52 32.23 -7.74
CA ILE A 603 -14.53 33.06 -8.39
C ILE A 603 -15.47 32.26 -9.31
N GLY A 604 -15.07 31.06 -9.70
CA GLY A 604 -15.94 30.17 -10.46
C GLY A 604 -17.05 29.60 -9.58
N CYS A 605 -18.30 29.81 -9.97
CA CYS A 605 -19.43 29.35 -9.16
C CYS A 605 -20.18 28.08 -9.59
N THR A 606 -19.79 27.48 -10.72
CA THR A 606 -20.55 26.33 -11.24
C THR A 606 -19.69 25.16 -11.70
N PRO A 607 -20.25 23.94 -11.59
CA PRO A 607 -19.58 22.71 -12.04
C PRO A 607 -19.38 22.64 -13.54
N GLY A 608 -20.11 23.44 -14.31
CA GLY A 608 -19.94 23.44 -15.75
C GLY A 608 -21.11 23.95 -16.58
N SER A 609 -20.88 24.02 -17.88
CA SER A 609 -21.87 24.47 -18.87
C SER A 609 -22.46 25.85 -18.60
N GLY A 610 -23.76 25.98 -18.87
CA GLY A 610 -24.46 27.25 -18.69
C GLY A 610 -25.71 27.29 -19.56
N LYS A 611 -26.52 28.33 -19.39
CA LYS A 611 -27.73 28.50 -20.20
C LYS A 611 -27.40 29.01 -21.59
N ASP A 612 -26.27 29.68 -21.72
CA ASP A 612 -25.77 30.17 -23.00
C ASP A 612 -24.27 30.43 -22.89
N TYR A 613 -23.65 30.90 -23.98
CA TYR A 613 -22.21 31.13 -23.99
C TYR A 613 -21.78 32.15 -22.92
N ALA A 614 -22.54 33.24 -22.82
CA ALA A 614 -22.29 34.25 -21.81
C ALA A 614 -22.44 33.62 -20.42
N GLY A 615 -23.48 32.81 -20.27
CA GLY A 615 -23.70 32.08 -19.03
C GLY A 615 -22.56 31.15 -18.70
N VAL A 616 -22.02 30.49 -19.71
CA VAL A 616 -20.89 29.59 -19.51
C VAL A 616 -19.69 30.35 -18.97
N PHE A 617 -19.34 31.44 -19.67
CA PHE A 617 -18.20 32.26 -19.26
C PHE A 617 -18.37 32.83 -17.85
N SER A 618 -19.49 33.50 -17.61
CA SER A 618 -19.76 34.15 -16.33
C SER A 618 -19.80 33.15 -15.18
N ASP A 619 -20.45 32.00 -15.41
CA ASP A 619 -20.54 30.96 -14.39
C ASP A 619 -19.18 30.33 -14.10
N ALA A 620 -18.32 30.28 -15.12
CA ALA A 620 -16.99 29.74 -14.95
C ALA A 620 -16.03 30.80 -14.42
N GLY A 621 -16.57 31.99 -14.18
CA GLY A 621 -15.78 33.09 -13.67
C GLY A 621 -14.93 33.80 -14.71
N LEU A 622 -15.52 34.02 -15.89
CA LEU A 622 -14.82 34.73 -16.96
C LEU A 622 -15.68 35.83 -17.59
N THR A 623 -15.02 36.78 -18.23
CA THR A 623 -15.68 37.83 -18.99
C THR A 623 -15.14 37.84 -20.41
N PHE A 624 -16.06 37.86 -21.36
CA PHE A 624 -15.73 37.81 -22.78
C PHE A 624 -16.30 39.03 -23.49
N THR A 625 -15.46 39.74 -24.23
CA THR A 625 -15.93 40.92 -24.94
C THR A 625 -15.46 40.89 -26.40
N SER A 626 -16.33 41.32 -27.30
CA SER A 626 -16.02 41.31 -28.72
C SER A 626 -16.39 42.63 -29.39
N SER A 627 -15.67 42.97 -30.46
CA SER A 627 -15.94 44.20 -31.20
C SER A 627 -17.24 44.11 -32.01
N SER A 628 -17.79 42.92 -32.11
CA SER A 628 -19.05 42.71 -32.85
C SER A 628 -20.27 42.85 -31.95
N GLY A 629 -20.05 42.91 -30.64
CA GLY A 629 -21.15 43.13 -29.71
C GLY A 629 -21.52 41.94 -28.86
N GLN A 630 -20.96 40.77 -29.15
CA GLN A 630 -21.23 39.59 -28.33
C GLN A 630 -20.39 39.67 -27.06
N GLN A 631 -21.05 39.66 -25.92
CA GLN A 631 -20.36 39.81 -24.65
C GLN A 631 -21.09 39.17 -23.48
N THR A 632 -20.35 38.91 -22.41
CA THR A 632 -20.93 38.35 -21.19
C THR A 632 -21.79 39.39 -20.48
N ALA A 633 -22.67 38.93 -19.60
CA ALA A 633 -23.45 39.83 -18.77
C ALA A 633 -22.53 40.43 -17.72
N GLN A 634 -23.09 41.26 -16.82
CA GLN A 634 -22.27 41.90 -15.82
C GLN A 634 -22.58 41.41 -14.41
N ARG A 635 -21.56 40.89 -13.73
CA ARG A 635 -21.69 40.43 -12.35
C ARG A 635 -21.22 41.51 -11.38
N ALA A 636 -22.16 42.08 -10.63
CA ALA A 636 -21.85 43.07 -9.61
C ALA A 636 -21.66 42.43 -8.25
N GLU A 637 -21.96 41.14 -8.16
CA GLU A 637 -21.87 40.40 -6.91
C GLU A 637 -20.47 39.83 -6.68
N LEU A 638 -19.97 39.97 -5.46
CA LEU A 638 -18.66 39.43 -5.09
C LEU A 638 -18.73 37.94 -4.75
N GLN A 639 -19.81 37.53 -4.10
CA GLN A 639 -19.95 36.15 -3.64
C GLN A 639 -20.59 35.26 -4.70
N CYS A 640 -20.69 33.97 -4.40
CA CYS A 640 -21.35 33.02 -5.31
C CYS A 640 -22.83 32.87 -4.99
N PRO A 641 -23.68 32.98 -6.02
CA PRO A 641 -25.13 32.83 -5.89
C PRO A 641 -25.53 31.51 -5.26
N GLN A 642 -26.59 31.52 -4.46
CA GLN A 642 -27.06 30.33 -3.78
C GLN A 642 -28.44 30.56 -3.17
N ASP B 4 22.31 2.29 52.66
CA ASP B 4 21.74 0.96 52.50
C ASP B 4 22.63 0.07 51.62
N GLU B 5 22.04 -1.01 51.12
CA GLU B 5 22.79 -1.96 50.30
C GLU B 5 22.72 -1.68 48.80
N ASP B 6 23.86 -1.32 48.23
CA ASP B 6 24.03 -1.08 46.80
C ASP B 6 22.99 -0.12 46.21
N ILE B 7 23.11 1.17 46.54
CA ILE B 7 22.18 2.16 46.03
C ILE B 7 22.88 3.50 45.78
N ILE B 8 22.44 4.19 44.73
CA ILE B 8 22.97 5.50 44.37
C ILE B 8 22.51 6.57 45.36
N ALA B 9 23.44 7.42 45.77
CA ALA B 9 23.12 8.49 46.72
C ALA B 9 22.15 9.50 46.09
N GLU B 10 21.39 10.19 46.94
CA GLU B 10 20.41 11.16 46.47
C GLU B 10 21.06 12.33 45.75
N GLU B 11 22.17 12.83 46.29
CA GLU B 11 22.85 13.98 45.71
C GLU B 11 23.40 13.69 44.30
N ASN B 12 23.72 12.43 44.03
CA ASN B 12 24.25 12.05 42.72
C ASN B 12 23.19 11.94 41.64
N ILE B 13 21.92 12.00 42.04
CA ILE B 13 20.81 11.87 41.10
C ILE B 13 20.39 13.21 40.52
N VAL B 14 20.46 13.33 39.20
CA VAL B 14 19.95 14.49 38.51
C VAL B 14 18.52 14.24 38.05
N SER B 15 17.57 14.91 38.69
CA SER B 15 16.15 14.72 38.40
C SER B 15 15.76 15.32 37.06
N ARG B 16 14.68 14.79 36.49
CA ARG B 16 14.15 15.34 35.26
C ARG B 16 13.41 16.63 35.56
N SER B 17 13.87 17.71 34.94
CA SER B 17 13.40 19.07 35.22
C SER B 17 12.39 19.56 34.18
N GLU B 18 12.80 19.49 32.91
CA GLU B 18 12.04 20.09 31.83
C GLU B 18 10.86 19.26 31.38
N PHE B 19 9.67 19.84 31.49
CA PHE B 19 8.47 19.22 30.96
C PHE B 19 7.66 20.24 30.15
N PRO B 20 8.24 20.73 29.04
CA PRO B 20 7.56 21.74 28.25
C PRO B 20 6.41 21.14 27.45
N GLU B 21 5.35 21.91 27.26
CA GLU B 21 4.23 21.47 26.45
C GLU B 21 4.57 21.70 24.98
N SER B 22 5.52 22.60 24.74
CA SER B 22 5.97 22.91 23.39
C SER B 22 7.44 23.32 23.39
N TRP B 23 8.16 22.90 22.36
CA TRP B 23 9.57 23.24 22.19
C TRP B 23 9.98 23.00 20.74
N LEU B 24 11.29 23.07 20.49
CA LEU B 24 11.82 22.92 19.14
C LEU B 24 11.22 23.96 18.18
N TRP B 25 11.34 25.23 18.54
CA TRP B 25 10.89 26.28 17.65
C TRP B 25 12.12 26.59 16.81
N ASN B 26 12.09 26.21 15.54
CA ASN B 26 13.29 26.21 14.72
C ASN B 26 13.10 26.83 13.35
N VAL B 27 14.20 27.35 12.81
CA VAL B 27 14.23 27.83 11.44
C VAL B 27 15.40 27.15 10.74
N GLU B 28 15.11 26.48 9.63
CA GLU B 28 16.16 25.78 8.89
C GLU B 28 16.00 26.01 7.40
N ASP B 29 17.12 26.21 6.72
CA ASP B 29 17.12 26.30 5.26
C ASP B 29 17.80 25.04 4.75
N LEU B 30 17.31 24.48 3.65
CA LEU B 30 17.93 23.28 3.13
C LEU B 30 18.96 23.70 2.08
N LYS B 31 20.23 23.60 2.45
CA LYS B 31 21.31 23.95 1.54
C LYS B 31 21.91 22.74 0.83
N GLU B 32 21.52 21.55 1.26
CA GLU B 32 22.03 20.31 0.68
C GLU B 32 21.73 20.24 -0.81
N PRO B 33 22.77 20.06 -1.64
CA PRO B 33 22.59 19.90 -3.08
C PRO B 33 21.64 18.76 -3.39
N PRO B 34 20.64 19.01 -4.24
CA PRO B 34 19.55 18.05 -4.49
C PRO B 34 19.97 16.86 -5.33
N LYS B 35 19.50 15.67 -4.95
CA LYS B 35 19.58 14.52 -5.82
C LYS B 35 18.16 14.25 -6.30
N ASN B 36 17.94 14.51 -7.59
CA ASN B 36 16.60 14.48 -8.18
C ASN B 36 15.62 15.40 -7.46
N GLY B 37 16.02 16.65 -7.26
CA GLY B 37 15.13 17.68 -6.74
C GLY B 37 14.85 17.68 -5.25
N ILE B 38 15.32 16.66 -4.54
CA ILE B 38 15.02 16.55 -3.12
C ILE B 38 16.24 16.71 -2.22
N SER B 39 16.24 17.77 -1.42
CA SER B 39 17.28 18.00 -0.43
C SER B 39 16.96 17.25 0.85
N THR B 40 17.99 16.73 1.51
CA THR B 40 17.79 16.00 2.75
C THR B 40 18.70 16.56 3.85
N LYS B 41 18.09 17.14 4.87
CA LYS B 41 18.84 17.62 6.02
C LYS B 41 18.68 16.69 7.21
N LEU B 42 19.78 16.41 7.89
CA LEU B 42 19.76 15.58 9.08
C LEU B 42 19.85 16.47 10.31
N MET B 43 18.92 16.30 11.23
CA MET B 43 18.90 17.12 12.43
C MET B 43 19.21 16.28 13.66
N ASN B 44 20.37 16.52 14.24
CA ASN B 44 20.71 15.88 15.51
C ASN B 44 20.28 16.83 16.62
N ILE B 45 19.24 16.43 17.34
CA ILE B 45 18.63 17.29 18.35
C ILE B 45 18.63 16.64 19.72
N PHE B 46 18.13 17.36 20.71
CA PHE B 46 18.17 16.89 22.10
C PHE B 46 16.77 16.73 22.65
N LEU B 47 16.38 15.47 22.89
CA LEU B 47 15.08 15.18 23.47
C LEU B 47 15.05 15.67 24.90
N LYS B 48 13.93 16.26 25.30
CA LYS B 48 13.82 16.82 26.64
C LYS B 48 13.46 15.76 27.68
N ASP B 49 13.39 16.17 28.94
CA ASP B 49 13.23 15.24 30.06
C ASP B 49 11.89 14.52 30.10
N SER B 50 10.85 15.12 29.52
CA SER B 50 9.51 14.57 29.57
C SER B 50 9.37 13.19 28.89
N ILE B 51 8.58 12.31 29.51
CA ILE B 51 8.27 11.00 28.93
C ILE B 51 6.86 11.00 28.35
N THR B 52 6.79 10.93 27.02
CA THR B 52 5.54 11.10 26.28
C THR B 52 5.83 11.00 24.80
N THR B 53 4.77 11.07 23.98
CA THR B 53 4.95 11.12 22.54
C THR B 53 5.00 12.56 22.06
N TRP B 54 6.09 12.92 21.39
CA TRP B 54 6.24 14.25 20.82
C TRP B 54 5.81 14.28 19.35
N GLU B 55 4.95 15.23 18.99
CA GLU B 55 4.53 15.38 17.61
C GLU B 55 5.22 16.59 16.98
N ILE B 56 5.91 16.37 15.88
CA ILE B 56 6.68 17.44 15.25
C ILE B 56 6.07 17.85 13.90
N LEU B 57 5.59 19.08 13.83
CA LEU B 57 4.99 19.59 12.61
C LEU B 57 5.90 20.59 11.93
N ALA B 58 6.13 20.38 10.63
CA ALA B 58 7.01 21.26 9.87
C ALA B 58 6.23 21.98 8.76
N VAL B 59 6.63 23.22 8.48
CA VAL B 59 6.05 23.97 7.39
C VAL B 59 7.17 24.52 6.51
N SER B 60 7.04 24.32 5.20
CA SER B 60 8.07 24.74 4.27
C SER B 60 7.59 25.90 3.41
N MET B 61 8.46 26.87 3.22
CA MET B 61 8.14 28.03 2.41
C MET B 61 9.20 28.23 1.34
N SER B 62 8.80 28.07 0.08
CA SER B 62 9.72 28.27 -1.03
C SER B 62 9.21 29.37 -1.93
N ASP B 63 10.13 30.09 -2.59
CA ASP B 63 9.77 31.23 -3.43
C ASP B 63 9.31 30.78 -4.80
N LYS B 64 9.26 29.46 -4.99
CA LYS B 64 8.83 28.87 -6.24
C LYS B 64 7.65 27.93 -6.00
N LYS B 65 7.86 26.92 -5.16
CA LYS B 65 6.83 25.92 -4.90
C LYS B 65 5.78 26.41 -3.89
N GLY B 66 6.09 27.49 -3.18
CA GLY B 66 5.15 28.09 -2.24
C GLY B 66 5.11 27.47 -0.86
N ILE B 67 3.92 27.44 -0.27
CA ILE B 67 3.75 26.94 1.09
C ILE B 67 3.34 25.47 1.13
N CYS B 68 3.93 24.72 2.05
CA CYS B 68 3.55 23.34 2.26
C CYS B 68 3.51 22.96 3.74
N VAL B 69 2.40 22.36 4.15
CA VAL B 69 2.26 21.88 5.53
C VAL B 69 2.43 20.36 5.57
N ALA B 70 3.53 19.91 6.14
CA ALA B 70 3.85 18.49 6.21
C ALA B 70 2.91 17.74 7.16
N ASP B 71 2.87 16.43 7.00
CA ASP B 71 2.10 15.58 7.89
C ASP B 71 2.83 15.41 9.22
N PRO B 72 2.06 15.26 10.31
CA PRO B 72 2.65 15.13 11.65
C PRO B 72 3.61 13.96 11.76
N PHE B 73 4.53 14.02 12.71
CA PHE B 73 5.49 12.96 12.94
C PHE B 73 5.65 12.71 14.43
N GLU B 74 5.48 11.47 14.85
CA GLU B 74 5.48 11.13 16.27
C GLU B 74 6.76 10.44 16.71
N VAL B 75 7.24 10.82 17.89
CA VAL B 75 8.39 10.19 18.52
C VAL B 75 8.01 9.77 19.93
N THR B 76 8.04 8.48 20.21
CA THR B 76 7.63 8.00 21.52
C THR B 76 8.81 7.93 22.47
N VAL B 77 8.81 8.81 23.46
CA VAL B 77 9.88 8.88 24.44
C VAL B 77 9.44 8.19 25.73
N MET B 78 10.15 7.13 26.09
CA MET B 78 9.79 6.30 27.25
C MET B 78 11.03 5.60 27.83
N GLN B 79 10.92 5.18 29.10
CA GLN B 79 11.98 4.40 29.73
C GLN B 79 11.44 3.06 30.24
N ASP B 80 12.34 2.24 30.78
CA ASP B 80 11.96 0.95 31.36
C ASP B 80 11.44 1.11 32.77
N PHE B 81 12.01 2.09 33.49
CA PHE B 81 11.58 2.41 34.84
C PHE B 81 11.52 3.92 34.98
N PHE B 82 10.39 4.44 35.47
CA PHE B 82 10.27 5.89 35.59
C PHE B 82 9.26 6.34 36.64
N ILE B 83 9.38 7.59 37.07
CA ILE B 83 8.45 8.18 38.02
C ILE B 83 7.52 9.17 37.34
N ASP B 84 6.23 9.05 37.61
CA ASP B 84 5.25 10.04 37.13
C ASP B 84 4.67 10.77 38.32
N LEU B 85 5.07 12.02 38.51
CA LEU B 85 4.57 12.81 39.63
C LEU B 85 3.38 13.66 39.22
N ARG B 86 2.23 13.41 39.83
CA ARG B 86 1.01 14.10 39.42
C ARG B 86 0.66 15.28 40.34
N LEU B 87 0.79 16.49 39.81
CA LEU B 87 0.51 17.70 40.54
C LEU B 87 -0.64 18.47 39.90
N PRO B 88 -1.45 19.14 40.71
CA PRO B 88 -2.53 19.98 40.15
C PRO B 88 -1.94 21.25 39.54
N TYR B 89 -2.80 22.09 38.98
CA TYR B 89 -2.34 23.34 38.39
C TYR B 89 -1.98 24.34 39.48
N SER B 90 -2.84 24.44 40.48
CA SER B 90 -2.64 25.38 41.57
C SER B 90 -3.19 24.85 42.89
N VAL B 91 -2.51 25.17 43.98
CA VAL B 91 -2.96 24.77 45.31
C VAL B 91 -3.22 26.00 46.17
N VAL B 92 -4.07 25.84 47.18
CA VAL B 92 -4.40 26.96 48.04
C VAL B 92 -3.40 27.04 49.19
N ARG B 93 -2.92 28.24 49.47
CA ARG B 93 -1.95 28.47 50.52
C ARG B 93 -2.44 27.97 51.87
N ASN B 94 -1.56 27.25 52.58
CA ASN B 94 -1.83 26.72 53.93
C ASN B 94 -2.80 25.53 53.96
N GLU B 95 -3.34 25.16 52.81
CA GLU B 95 -4.26 24.03 52.74
C GLU B 95 -3.53 22.71 52.51
N GLN B 96 -3.83 21.73 53.36
CA GLN B 96 -3.19 20.42 53.28
C GLN B 96 -3.71 19.63 52.09
N VAL B 97 -2.79 19.14 51.26
CA VAL B 97 -3.16 18.34 50.10
C VAL B 97 -2.36 17.05 50.01
N GLU B 98 -2.86 16.09 49.23
CA GLU B 98 -2.13 14.86 48.99
C GLU B 98 -1.81 14.66 47.51
N ILE B 99 -0.55 14.83 47.16
CA ILE B 99 -0.04 14.55 45.83
C ILE B 99 0.31 13.08 45.70
N ARG B 100 0.43 12.59 44.46
CA ARG B 100 0.78 11.19 44.25
C ARG B 100 1.91 11.02 43.23
N ALA B 101 2.84 10.12 43.57
CA ALA B 101 3.93 9.77 42.67
C ALA B 101 3.83 8.32 42.24
N VAL B 102 3.51 8.10 40.97
CA VAL B 102 3.29 6.76 40.46
C VAL B 102 4.55 6.21 39.78
N LEU B 103 5.12 5.17 40.38
CA LEU B 103 6.32 4.53 39.84
C LEU B 103 5.95 3.42 38.87
N TYR B 104 6.54 3.48 37.68
CA TYR B 104 6.29 2.50 36.62
C TYR B 104 7.51 1.65 36.32
N ASN B 105 7.34 0.33 36.48
CA ASN B 105 8.34 -0.65 36.07
C ASN B 105 7.80 -1.50 34.94
N TYR B 106 8.30 -1.28 33.74
CA TYR B 106 7.82 -2.00 32.55
C TYR B 106 8.65 -3.20 32.14
N ARG B 107 9.66 -3.54 32.94
CA ARG B 107 10.53 -4.68 32.64
C ARG B 107 9.73 -5.97 32.63
N GLN B 108 9.98 -6.82 31.64
CA GLN B 108 9.12 -7.97 31.36
C GLN B 108 9.07 -9.04 32.46
N ASN B 109 10.21 -9.65 32.77
CA ASN B 109 10.26 -10.68 33.80
C ASN B 109 10.84 -10.29 35.17
N GLN B 110 11.28 -9.04 35.32
CA GLN B 110 12.06 -8.68 36.50
C GLN B 110 11.38 -7.69 37.45
N GLU B 111 11.32 -8.04 38.73
CA GLU B 111 10.80 -7.15 39.76
C GLU B 111 11.91 -6.28 40.34
N LEU B 112 11.57 -5.04 40.69
CA LEU B 112 12.58 -4.12 41.18
C LEU B 112 12.33 -3.68 42.63
N LYS B 113 13.36 -3.77 43.46
CA LYS B 113 13.28 -3.28 44.82
C LYS B 113 13.72 -1.82 44.85
N VAL B 114 12.79 -0.93 45.16
CA VAL B 114 13.02 0.50 45.01
C VAL B 114 12.94 1.26 46.33
N ARG B 115 13.87 2.18 46.52
CA ARG B 115 13.79 3.13 47.62
C ARG B 115 13.53 4.51 47.02
N VAL B 116 12.40 5.10 47.40
CA VAL B 116 11.97 6.40 46.90
C VAL B 116 11.94 7.46 48.00
N GLU B 117 12.44 8.65 47.69
CA GLU B 117 12.62 9.71 48.66
C GLU B 117 12.08 11.05 48.19
N LEU B 118 11.38 11.74 49.09
CA LEU B 118 10.93 13.11 48.85
C LEU B 118 11.93 14.09 49.43
N LEU B 119 12.31 15.08 48.64
CA LEU B 119 13.27 16.09 49.09
C LEU B 119 12.59 17.11 50.00
N HIS B 120 13.36 17.72 50.88
CA HIS B 120 12.82 18.74 51.78
C HIS B 120 12.84 20.12 51.13
N ASN B 121 11.66 20.73 51.02
CA ASN B 121 11.54 22.10 50.56
C ASN B 121 10.98 23.00 51.65
N PRO B 122 11.71 24.09 51.96
CA PRO B 122 11.28 25.06 52.98
C PRO B 122 9.94 25.72 52.64
N ALA B 123 9.57 25.70 51.36
CA ALA B 123 8.31 26.28 50.91
C ALA B 123 7.12 25.38 51.23
N PHE B 124 7.40 24.17 51.71
CA PHE B 124 6.35 23.22 52.07
C PHE B 124 6.57 22.64 53.45
N CYS B 125 5.49 22.21 54.09
CA CYS B 125 5.58 21.53 55.37
C CYS B 125 5.24 20.05 55.20
N SER B 126 6.26 19.20 55.34
CA SER B 126 6.08 17.76 55.14
C SER B 126 6.85 16.97 56.18
N LEU B 127 6.86 15.66 56.04
CA LEU B 127 7.58 14.79 56.97
C LEU B 127 9.07 14.77 56.67
N ALA B 128 9.47 15.35 55.55
CA ALA B 128 10.88 15.43 55.20
C ALA B 128 11.48 16.75 55.67
N THR B 129 12.35 16.68 56.67
CA THR B 129 13.03 17.86 57.20
C THR B 129 14.45 17.96 56.65
N THR B 130 15.22 18.92 57.18
CA THR B 130 16.60 19.08 56.75
C THR B 130 17.48 17.96 57.31
N LYS B 131 17.28 17.63 58.58
CA LYS B 131 18.06 16.61 59.25
C LYS B 131 17.39 15.23 59.29
N ARG B 132 16.24 15.13 58.64
CA ARG B 132 15.49 13.87 58.60
C ARG B 132 14.86 13.69 57.22
N ARG B 133 14.95 12.47 56.69
CA ARG B 133 14.41 12.19 55.37
C ARG B 133 13.09 11.42 55.43
N HIS B 134 12.28 11.58 54.38
CA HIS B 134 11.09 10.76 54.22
C HIS B 134 11.32 9.85 53.03
N GLN B 135 11.53 8.56 53.31
CA GLN B 135 11.81 7.58 52.27
C GLN B 135 11.05 6.27 52.48
N GLN B 136 10.58 5.69 51.39
CA GLN B 136 9.87 4.43 51.43
C GLN B 136 10.63 3.36 50.66
N THR B 137 10.40 2.11 51.01
CA THR B 137 10.99 0.98 50.30
C THR B 137 9.88 0.05 49.82
N VAL B 138 9.73 -0.05 48.51
CA VAL B 138 8.65 -0.86 47.94
C VAL B 138 9.16 -1.73 46.80
N THR B 139 8.53 -2.88 46.62
CA THR B 139 8.90 -3.79 45.54
C THR B 139 7.88 -3.71 44.42
N ILE B 140 8.35 -3.48 43.20
CA ILE B 140 7.47 -3.34 42.05
C ILE B 140 7.59 -4.55 41.12
N PRO B 141 6.49 -5.30 40.97
CA PRO B 141 6.40 -6.46 40.08
C PRO B 141 6.61 -6.06 38.62
N PRO B 142 7.02 -7.01 37.78
CA PRO B 142 7.25 -6.76 36.36
C PRO B 142 5.97 -6.34 35.64
N LYS B 143 6.09 -5.40 34.70
CA LYS B 143 4.94 -4.89 33.95
C LYS B 143 3.83 -4.40 34.89
N SER B 144 4.14 -3.39 35.69
CA SER B 144 3.17 -2.89 36.66
C SER B 144 3.48 -1.45 37.08
N SER B 145 2.75 -0.98 38.08
CA SER B 145 2.94 0.36 38.62
C SER B 145 2.48 0.44 40.07
N LEU B 146 3.03 1.39 40.83
CA LEU B 146 2.66 1.56 42.22
C LEU B 146 2.61 3.04 42.59
N SER B 147 1.52 3.45 43.22
CA SER B 147 1.32 4.86 43.56
C SER B 147 1.76 5.16 44.99
N VAL B 148 2.54 6.21 45.16
CA VAL B 148 3.02 6.63 46.47
C VAL B 148 2.45 7.97 46.88
N PRO B 149 1.59 7.97 47.91
CA PRO B 149 0.97 9.18 48.46
C PRO B 149 1.95 10.05 49.23
N TYR B 150 1.88 11.36 49.02
CA TYR B 150 2.63 12.32 49.81
C TYR B 150 1.72 13.45 50.27
N VAL B 151 1.80 13.80 51.55
CA VAL B 151 0.96 14.85 52.10
C VAL B 151 1.76 16.12 52.37
N ILE B 152 1.38 17.22 51.73
CA ILE B 152 2.12 18.47 51.89
C ILE B 152 1.23 19.69 52.14
N VAL B 153 1.79 20.68 52.84
CA VAL B 153 1.16 21.97 53.04
C VAL B 153 2.01 23.08 52.45
N PRO B 154 1.48 23.77 51.43
CA PRO B 154 2.17 24.94 50.85
C PRO B 154 2.31 26.06 51.88
N LEU B 155 3.39 26.83 51.77
CA LEU B 155 3.68 27.90 52.74
C LEU B 155 3.76 29.27 52.08
N LYS B 156 4.72 29.44 51.18
CA LYS B 156 4.91 30.71 50.48
C LYS B 156 4.30 30.70 49.08
N THR B 157 3.77 31.84 48.66
CA THR B 157 3.10 31.95 47.37
C THR B 157 4.08 31.94 46.20
N GLY B 158 3.54 32.08 44.99
CA GLY B 158 4.36 32.12 43.80
C GLY B 158 4.46 30.75 43.16
N LEU B 159 5.49 30.56 42.33
CA LEU B 159 5.69 29.27 41.68
C LEU B 159 6.76 28.50 42.44
N GLN B 160 6.34 27.46 43.15
CA GLN B 160 7.26 26.64 43.91
C GLN B 160 7.64 25.37 43.16
N GLU B 161 8.51 24.57 43.79
CA GLU B 161 9.07 23.40 43.16
C GLU B 161 8.96 22.16 44.03
N VAL B 162 8.57 21.04 43.42
CA VAL B 162 8.52 19.76 44.14
C VAL B 162 9.40 18.74 43.44
N GLU B 163 10.30 18.11 44.19
CA GLU B 163 11.26 17.18 43.61
C GLU B 163 11.31 15.86 44.36
N VAL B 164 11.16 14.76 43.64
CA VAL B 164 11.28 13.43 44.23
C VAL B 164 12.30 12.59 43.48
N LYS B 165 12.97 11.69 44.20
CA LYS B 165 13.99 10.82 43.58
C LYS B 165 13.73 9.36 43.95
N ALA B 166 14.22 8.44 43.13
CA ALA B 166 14.07 7.02 43.41
C ALA B 166 15.22 6.22 42.81
N ALA B 167 15.60 5.15 43.51
CA ALA B 167 16.68 4.29 43.04
C ALA B 167 16.48 2.85 43.48
N VAL B 168 16.94 1.90 42.68
CA VAL B 168 16.73 0.48 42.99
C VAL B 168 18.00 -0.19 43.53
N TYR B 169 17.80 -1.16 44.41
CA TYR B 169 18.91 -1.87 45.04
C TYR B 169 19.58 -2.86 44.09
N HIS B 170 20.90 -2.99 44.22
CA HIS B 170 21.68 -3.96 43.47
C HIS B 170 21.59 -3.78 41.96
N HIS B 171 21.24 -2.56 41.54
CA HIS B 171 21.22 -2.21 40.13
C HIS B 171 21.59 -0.75 39.96
N PHE B 172 22.00 -0.38 38.76
CA PHE B 172 22.49 0.97 38.50
C PHE B 172 21.36 1.96 38.24
N ILE B 173 20.12 1.47 38.25
CA ILE B 173 18.96 2.27 37.88
C ILE B 173 18.60 3.35 38.90
N SER B 174 18.30 4.55 38.39
CA SER B 174 17.88 5.67 39.23
C SER B 174 17.08 6.65 38.38
N ASP B 175 16.34 7.54 39.03
CA ASP B 175 15.57 8.56 38.32
C ASP B 175 14.97 9.58 39.28
N GLY B 176 14.56 10.74 38.75
CA GLY B 176 13.96 11.77 39.57
C GLY B 176 13.08 12.72 38.78
N VAL B 177 12.13 13.33 39.47
CA VAL B 177 11.20 14.28 38.84
C VAL B 177 11.12 15.57 39.65
N ARG B 178 11.43 16.68 38.99
CA ARG B 178 11.35 17.99 39.60
C ARG B 178 10.37 18.85 38.81
N LYS B 179 9.22 19.14 39.40
CA LYS B 179 8.20 19.93 38.72
C LYS B 179 7.90 21.23 39.45
N SER B 180 7.03 22.04 38.86
CA SER B 180 6.65 23.31 39.44
C SER B 180 5.16 23.31 39.75
N LEU B 181 4.78 24.15 40.71
CA LEU B 181 3.38 24.23 41.10
C LEU B 181 3.05 25.66 41.54
N LYS B 182 1.86 26.12 41.17
CA LYS B 182 1.43 27.46 41.55
C LYS B 182 0.76 27.44 42.91
N VAL B 183 1.26 28.29 43.82
CA VAL B 183 0.63 28.44 45.12
C VAL B 183 -0.19 29.73 45.12
N VAL B 184 -1.51 29.56 45.08
CA VAL B 184 -2.43 30.68 45.04
C VAL B 184 -2.89 31.00 46.47
N PRO B 185 -2.87 32.29 46.84
CA PRO B 185 -3.39 32.66 48.15
C PRO B 185 -4.91 32.55 48.18
N GLU B 186 -5.52 32.82 49.32
CA GLU B 186 -6.98 32.69 49.42
C GLU B 186 -7.65 33.88 48.77
N GLY B 187 -8.71 33.61 47.99
CA GLY B 187 -9.49 34.67 47.40
C GLY B 187 -10.12 34.35 46.06
N ILE B 188 -10.65 35.38 45.41
CA ILE B 188 -11.33 35.22 44.12
C ILE B 188 -11.17 36.48 43.28
N ARG B 189 -11.11 36.33 41.96
CA ARG B 189 -11.02 37.46 41.05
C ARG B 189 -12.28 38.32 41.07
N MET B 190 -12.09 39.62 41.22
CA MET B 190 -13.20 40.58 41.21
C MET B 190 -12.82 41.80 40.39
N ASN B 191 -13.71 42.22 39.50
CA ASN B 191 -13.45 43.40 38.68
C ASN B 191 -14.19 44.62 39.21
N LYS B 192 -13.44 45.56 39.78
CA LYS B 192 -14.01 46.81 40.25
C LYS B 192 -13.84 47.87 39.17
N THR B 193 -14.95 48.37 38.65
CA THR B 193 -14.91 49.37 37.59
C THR B 193 -14.54 50.71 38.18
N VAL B 194 -13.42 51.27 37.69
CA VAL B 194 -12.88 52.50 38.24
C VAL B 194 -13.60 53.73 37.70
N ALA B 195 -13.48 53.98 36.41
CA ALA B 195 -14.06 55.20 35.86
C ALA B 195 -14.56 55.13 34.42
N VAL B 196 -15.70 55.77 34.16
CA VAL B 196 -16.15 56.01 32.80
C VAL B 196 -16.24 57.52 32.55
N ARG B 197 -15.43 58.01 31.63
CA ARG B 197 -15.35 59.44 31.37
C ARG B 197 -15.55 59.78 29.89
N THR B 198 -16.45 60.70 29.60
CA THR B 198 -16.67 61.12 28.22
C THR B 198 -15.68 62.23 27.85
N LEU B 199 -15.00 62.07 26.73
CA LEU B 199 -13.95 63.00 26.31
C LEU B 199 -14.39 63.88 25.15
N ASP B 200 -14.44 65.18 25.38
CA ASP B 200 -14.74 66.14 24.32
C ASP B 200 -13.93 67.41 24.50
N PRO B 201 -12.66 67.39 24.08
CA PRO B 201 -11.72 68.51 24.27
C PRO B 201 -12.26 69.82 23.69
N GLU B 202 -13.12 69.73 22.69
CA GLU B 202 -13.73 70.91 22.11
C GLU B 202 -14.75 71.49 23.08
N ARG B 203 -15.70 70.65 23.47
CA ARG B 203 -16.80 71.07 24.32
C ARG B 203 -16.44 71.12 25.81
N LEU B 204 -15.74 70.10 26.29
CA LEU B 204 -15.44 70.03 27.72
C LEU B 204 -14.04 70.52 28.09
N GLY B 205 -13.25 70.87 27.09
CA GLY B 205 -11.89 71.32 27.34
C GLY B 205 -11.72 72.82 27.39
N ARG B 206 -10.69 73.27 28.11
CA ARG B 206 -10.27 74.67 28.05
C ARG B 206 -9.16 74.83 27.02
N GLU B 207 -9.31 75.84 26.16
CA GLU B 207 -8.35 76.10 25.08
C GLU B 207 -8.19 74.90 24.15
N GLY B 208 -9.25 74.11 24.04
CA GLY B 208 -9.23 72.93 23.19
C GLY B 208 -8.52 71.74 23.80
N VAL B 209 -8.20 71.83 25.09
CA VAL B 209 -7.50 70.75 25.77
C VAL B 209 -8.27 70.28 27.01
N GLN B 210 -8.55 68.98 27.07
CA GLN B 210 -9.26 68.39 28.20
C GLN B 210 -8.39 67.43 28.99
N LYS B 211 -8.02 67.82 30.21
CA LYS B 211 -7.29 66.92 31.10
C LYS B 211 -8.24 66.24 32.07
N GLU B 212 -7.97 64.97 32.36
CA GLU B 212 -8.83 64.17 33.23
C GLU B 212 -8.03 63.49 34.33
N ASP B 213 -8.61 63.44 35.53
CA ASP B 213 -7.95 62.86 36.69
C ASP B 213 -8.58 61.52 37.02
N ILE B 214 -7.78 60.46 36.95
CA ILE B 214 -8.27 59.13 37.28
C ILE B 214 -7.52 58.57 38.49
N PRO B 215 -8.22 58.39 39.61
CA PRO B 215 -7.67 57.87 40.86
C PRO B 215 -7.48 56.36 40.80
N PRO B 216 -6.64 55.82 41.70
CA PRO B 216 -6.52 54.36 41.83
C PRO B 216 -7.82 53.76 42.35
N ALA B 217 -7.99 52.45 42.17
CA ALA B 217 -9.18 51.75 42.63
C ALA B 217 -9.19 51.66 44.14
N ASP B 218 -10.39 51.43 44.70
CA ASP B 218 -10.56 51.29 46.14
C ASP B 218 -9.66 50.20 46.70
N LEU B 219 -9.94 48.95 46.31
CA LEU B 219 -9.14 47.80 46.71
C LEU B 219 -9.00 47.66 48.23
N SER B 220 -10.10 47.91 48.94
CA SER B 220 -10.12 47.79 50.39
C SER B 220 -9.98 46.33 50.80
N ASP B 221 -10.70 45.46 50.11
CA ASP B 221 -10.69 44.03 50.41
C ASP B 221 -9.63 43.26 49.63
N GLN B 222 -8.75 43.98 48.94
CA GLN B 222 -7.65 43.34 48.21
C GLN B 222 -6.78 42.51 49.15
N VAL B 223 -6.32 41.37 48.66
CA VAL B 223 -5.44 40.49 49.43
C VAL B 223 -3.99 40.92 49.27
N PRO B 224 -3.26 41.04 50.39
CA PRO B 224 -1.84 41.42 50.41
C PRO B 224 -0.98 40.55 49.49
N ASP B 225 0.03 41.17 48.86
CA ASP B 225 1.01 40.48 48.01
C ASP B 225 0.42 39.95 46.70
N THR B 226 -0.88 40.06 46.52
CA THR B 226 -1.52 39.65 45.26
C THR B 226 -1.30 40.71 44.19
N GLU B 227 -1.41 40.29 42.93
CA GLU B 227 -1.19 41.19 41.82
C GLU B 227 -2.44 42.04 41.56
N SER B 228 -2.34 42.96 40.61
CA SER B 228 -3.48 43.73 40.14
C SER B 228 -3.20 44.19 38.71
N GLU B 229 -4.25 44.30 37.90
CA GLU B 229 -4.08 44.78 36.54
C GLU B 229 -5.09 45.86 36.20
N THR B 230 -4.61 47.07 35.89
CA THR B 230 -5.47 48.17 35.49
C THR B 230 -5.53 48.27 33.98
N ARG B 231 -6.74 48.24 33.45
CA ARG B 231 -6.95 48.33 32.00
C ARG B 231 -7.65 49.62 31.60
N ILE B 232 -7.06 50.30 30.62
CA ILE B 232 -7.51 51.59 30.14
C ILE B 232 -7.91 51.49 28.66
N LEU B 233 -9.13 51.91 28.35
CA LEU B 233 -9.65 51.84 26.98
C LEU B 233 -10.08 53.20 26.45
N LEU B 234 -9.53 53.55 25.28
CA LEU B 234 -9.93 54.76 24.56
C LEU B 234 -10.73 54.37 23.34
N GLN B 235 -12.03 54.69 23.36
CA GLN B 235 -12.92 54.26 22.29
C GLN B 235 -13.52 55.48 21.59
N GLY B 236 -13.14 55.70 20.34
CA GLY B 236 -13.69 56.81 19.58
C GLY B 236 -15.09 56.51 19.11
N THR B 237 -15.96 57.52 19.19
CA THR B 237 -17.34 57.35 18.76
C THR B 237 -17.62 58.16 17.50
N PRO B 238 -17.93 57.45 16.39
CA PRO B 238 -18.25 58.11 15.13
C PRO B 238 -19.56 58.86 15.20
N VAL B 239 -19.56 60.09 14.72
CA VAL B 239 -20.78 60.88 14.66
C VAL B 239 -21.10 61.21 13.21
N ALA B 240 -22.18 60.62 12.71
CA ALA B 240 -22.57 60.83 11.32
C ALA B 240 -23.58 61.95 11.18
N GLN B 241 -23.41 62.77 10.15
CA GLN B 241 -24.33 63.84 9.85
C GLN B 241 -25.28 63.37 8.76
N MET B 242 -26.53 63.79 8.84
CA MET B 242 -27.53 63.35 7.87
C MET B 242 -27.24 63.95 6.50
N THR B 243 -27.07 63.07 5.52
CA THR B 243 -26.85 63.48 4.14
C THR B 243 -28.16 63.30 3.37
N GLU B 244 -28.59 64.36 2.69
CA GLU B 244 -29.87 64.34 1.98
C GLU B 244 -29.98 63.20 0.97
N ASP B 245 -31.17 62.61 0.92
CA ASP B 245 -31.44 61.46 0.04
C ASP B 245 -31.13 61.79 -1.41
N ALA B 246 -30.34 60.94 -2.05
CA ALA B 246 -30.08 61.09 -3.48
C ALA B 246 -31.34 60.75 -4.26
N VAL B 247 -31.46 61.31 -5.46
CA VAL B 247 -32.63 61.09 -6.29
C VAL B 247 -32.61 59.70 -6.92
N ASP B 248 -33.73 58.99 -6.81
CA ASP B 248 -33.85 57.64 -7.35
C ASP B 248 -33.57 57.61 -8.85
N ALA B 249 -32.67 56.72 -9.27
CA ALA B 249 -32.22 56.66 -10.65
C ALA B 249 -33.31 56.28 -11.65
N GLU B 250 -34.44 55.80 -11.15
CA GLU B 250 -35.56 55.42 -12.00
C GLU B 250 -36.19 56.67 -12.63
N ARG B 251 -35.94 57.82 -12.02
CA ARG B 251 -36.48 59.07 -12.52
C ARG B 251 -35.56 59.66 -13.60
N LEU B 252 -34.34 59.16 -13.68
CA LEU B 252 -33.33 59.73 -14.58
C LEU B 252 -33.18 59.06 -15.94
N LYS B 253 -33.99 58.05 -16.21
CA LYS B 253 -33.87 57.29 -17.46
C LYS B 253 -34.10 58.12 -18.72
N HIS B 254 -34.98 59.12 -18.63
CA HIS B 254 -35.37 59.90 -19.80
C HIS B 254 -34.30 60.92 -20.24
N LEU B 255 -33.24 61.06 -19.47
CA LEU B 255 -32.23 62.08 -19.73
C LEU B 255 -31.20 61.69 -20.80
N ILE B 256 -31.34 60.50 -21.36
CA ILE B 256 -30.45 60.08 -22.43
C ILE B 256 -31.11 60.43 -23.77
N VAL B 257 -30.54 61.41 -24.48
CA VAL B 257 -31.14 61.94 -25.69
C VAL B 257 -30.14 62.06 -26.83
N THR B 258 -30.51 61.54 -28.00
CA THR B 258 -29.68 61.63 -29.20
C THR B 258 -29.67 63.06 -29.76
N PRO B 259 -28.48 63.66 -29.85
CA PRO B 259 -28.32 65.02 -30.38
C PRO B 259 -28.63 65.09 -31.88
N SER B 260 -29.39 66.11 -32.29
CA SER B 260 -29.73 66.28 -33.69
C SER B 260 -30.00 67.76 -34.01
N GLY B 261 -30.31 68.04 -35.27
CA GLY B 261 -30.65 69.39 -35.67
C GLY B 261 -29.47 70.28 -35.92
N CYS B 262 -29.71 71.59 -36.00
CA CYS B 262 -28.66 72.57 -36.24
C CYS B 262 -27.92 72.93 -34.95
N GLY B 263 -27.11 73.99 -35.02
CA GLY B 263 -26.19 74.33 -33.95
C GLY B 263 -26.81 74.52 -32.58
N GLU B 264 -28.04 75.01 -32.54
CA GLU B 264 -28.73 75.18 -31.26
C GLU B 264 -29.37 73.89 -30.75
N GLU B 265 -30.13 73.21 -31.61
CA GLU B 265 -30.79 71.95 -31.24
C GLU B 265 -29.80 70.89 -30.78
N ASN B 266 -28.64 70.84 -31.44
CA ASN B 266 -27.59 69.90 -31.11
C ASN B 266 -27.18 70.02 -29.65
N MET B 267 -27.06 71.26 -29.18
CA MET B 267 -26.72 71.54 -27.80
C MET B 267 -27.85 71.17 -26.84
N ILE B 268 -29.09 71.43 -27.27
CA ILE B 268 -30.26 71.12 -26.47
C ILE B 268 -30.39 69.61 -26.25
N GLY B 269 -29.98 68.84 -27.25
CA GLY B 269 -30.02 67.39 -27.14
C GLY B 269 -28.78 66.87 -26.44
N MET B 270 -27.70 67.64 -26.51
CA MET B 270 -26.43 67.26 -25.91
C MET B 270 -26.41 67.47 -24.40
N THR B 271 -27.22 68.42 -23.92
CA THR B 271 -27.22 68.78 -22.50
C THR B 271 -27.67 67.67 -21.54
N PRO B 272 -28.87 67.08 -21.76
CA PRO B 272 -29.32 66.08 -20.79
C PRO B 272 -28.44 64.82 -20.81
N THR B 273 -27.81 64.56 -21.94
CA THR B 273 -26.98 63.37 -22.08
C THR B 273 -25.67 63.54 -21.32
N VAL B 274 -25.20 64.79 -21.23
CA VAL B 274 -23.95 65.10 -20.55
C VAL B 274 -24.10 65.07 -19.02
N ILE B 275 -25.16 65.70 -18.53
CA ILE B 275 -25.37 65.83 -17.09
C ILE B 275 -25.79 64.51 -16.43
N ALA B 276 -26.35 63.62 -17.23
CA ALA B 276 -26.79 62.31 -16.73
C ALA B 276 -25.59 61.51 -16.24
N VAL B 277 -24.49 61.59 -16.98
CA VAL B 277 -23.26 60.91 -16.61
C VAL B 277 -22.68 61.50 -15.33
N HIS B 278 -22.51 62.82 -15.32
CA HIS B 278 -21.92 63.54 -14.20
C HIS B 278 -22.58 63.23 -12.85
N TYR B 279 -23.91 63.21 -12.83
CA TYR B 279 -24.64 62.94 -11.59
C TYR B 279 -24.55 61.47 -11.18
N LEU B 280 -24.78 60.57 -12.14
CA LEU B 280 -24.75 59.14 -11.87
C LEU B 280 -23.35 58.64 -11.50
N ASP B 281 -22.33 59.37 -11.94
CA ASP B 281 -20.95 59.06 -11.57
C ASP B 281 -20.73 59.20 -10.07
N GLU B 282 -21.19 60.30 -9.51
CA GLU B 282 -20.99 60.61 -8.10
C GLU B 282 -21.92 59.85 -7.16
N THR B 283 -23.15 59.60 -7.62
CA THR B 283 -24.16 58.96 -6.76
C THR B 283 -24.06 57.43 -6.71
N GLU B 284 -23.18 56.87 -7.53
CA GLU B 284 -22.95 55.42 -7.57
C GLU B 284 -24.23 54.61 -7.79
N GLN B 285 -25.11 55.08 -8.65
CA GLN B 285 -26.34 54.38 -8.95
C GLN B 285 -26.20 53.48 -10.18
N TRP B 286 -24.97 53.43 -10.70
CA TRP B 286 -24.66 52.62 -11.88
C TRP B 286 -25.02 51.15 -11.72
N GLU B 287 -24.95 50.65 -10.48
CA GLU B 287 -25.22 49.25 -10.20
C GLU B 287 -26.65 48.85 -10.55
N LYS B 288 -27.59 49.71 -10.23
CA LYS B 288 -28.99 49.45 -10.57
C LYS B 288 -29.26 49.93 -12.01
N PHE B 289 -28.41 50.83 -12.49
CA PHE B 289 -28.55 51.41 -13.83
C PHE B 289 -27.96 50.52 -14.93
N GLY B 290 -26.81 49.92 -14.64
CA GLY B 290 -26.08 49.08 -15.58
C GLY B 290 -24.89 49.81 -16.19
N LEU B 291 -23.81 49.08 -16.38
CA LEU B 291 -22.52 49.69 -16.76
C LEU B 291 -22.23 49.81 -18.26
N GLU B 292 -22.97 49.06 -19.08
CA GLU B 292 -22.75 49.07 -20.53
C GLU B 292 -23.23 50.35 -21.20
N LYS B 293 -24.13 51.05 -20.54
CA LYS B 293 -24.75 52.25 -21.10
C LYS B 293 -23.79 53.43 -21.20
N ARG B 294 -22.88 53.52 -20.23
CA ARG B 294 -22.00 54.68 -20.09
C ARG B 294 -21.28 55.06 -21.39
N GLN B 295 -20.47 54.15 -21.91
CA GLN B 295 -19.72 54.40 -23.14
C GLN B 295 -20.66 54.82 -24.28
N GLY B 296 -21.86 54.25 -24.31
CA GLY B 296 -22.84 54.61 -25.32
C GLY B 296 -23.13 56.10 -25.23
N ALA B 297 -23.41 56.56 -24.02
CA ALA B 297 -23.63 57.98 -23.78
C ALA B 297 -22.37 58.76 -24.15
N LEU B 298 -21.21 58.19 -23.82
CA LEU B 298 -19.94 58.84 -24.13
C LEU B 298 -19.80 58.98 -25.63
N GLU B 299 -20.35 58.03 -26.38
CA GLU B 299 -20.36 58.14 -27.82
C GLU B 299 -21.32 59.25 -28.24
N LEU B 300 -22.50 59.27 -27.62
CA LEU B 300 -23.53 60.23 -27.96
C LEU B 300 -23.02 61.65 -27.75
N ILE B 301 -22.37 61.88 -26.62
CA ILE B 301 -21.78 63.17 -26.33
C ILE B 301 -20.74 63.46 -27.40
N LYS B 302 -19.89 62.46 -27.68
CA LYS B 302 -18.85 62.60 -28.69
C LYS B 302 -19.50 62.90 -30.04
N LYS B 303 -20.69 62.34 -30.26
CA LYS B 303 -21.45 62.66 -31.45
C LYS B 303 -21.88 64.12 -31.38
N GLY B 304 -22.57 64.45 -30.30
CA GLY B 304 -23.08 65.80 -30.07
C GLY B 304 -22.03 66.87 -30.24
N TYR B 305 -20.86 66.62 -29.65
CA TYR B 305 -19.73 67.51 -29.78
C TYR B 305 -19.26 67.62 -31.23
N THR B 306 -19.01 66.47 -31.86
CA THR B 306 -18.43 66.46 -33.21
C THR B 306 -19.28 67.25 -34.20
N GLN B 307 -20.58 66.99 -34.19
CA GLN B 307 -21.51 67.67 -35.06
C GLN B 307 -21.47 69.18 -34.84
N GLN B 308 -21.29 69.58 -33.58
CA GLN B 308 -21.26 70.99 -33.23
C GLN B 308 -20.08 71.69 -33.91
N LEU B 309 -19.03 70.92 -34.19
CA LEU B 309 -17.85 71.49 -34.84
C LEU B 309 -18.12 71.90 -36.28
N ALA B 310 -19.29 71.55 -36.80
CA ALA B 310 -19.66 71.95 -38.14
C ALA B 310 -20.15 73.40 -38.13
N PHE B 311 -20.47 73.89 -36.93
CA PHE B 311 -21.00 75.24 -36.76
C PHE B 311 -19.96 76.28 -36.36
N ARG B 312 -18.69 75.87 -36.29
CA ARG B 312 -17.64 76.77 -35.84
C ARG B 312 -17.21 77.73 -36.95
N GLN B 313 -17.40 79.03 -36.69
CA GLN B 313 -17.04 80.09 -37.63
C GLN B 313 -15.56 80.44 -37.50
N PRO B 314 -15.00 81.15 -38.50
CA PRO B 314 -13.60 81.60 -38.43
C PRO B 314 -13.28 82.39 -37.15
N SER B 315 -14.27 83.08 -36.60
CA SER B 315 -14.10 83.81 -35.35
C SER B 315 -14.06 82.88 -34.14
N SER B 316 -14.29 81.58 -34.39
CA SER B 316 -14.36 80.55 -33.36
C SER B 316 -15.62 80.64 -32.50
N ALA B 317 -16.41 81.69 -32.73
CA ALA B 317 -17.68 81.86 -32.04
C ALA B 317 -18.75 80.94 -32.62
N PHE B 318 -19.77 80.65 -31.82
CA PHE B 318 -20.84 79.76 -32.27
C PHE B 318 -22.19 80.45 -32.45
N ALA B 319 -22.88 80.05 -33.51
CA ALA B 319 -24.21 80.57 -33.81
C ALA B 319 -25.03 79.43 -34.42
N ALA B 320 -26.35 79.60 -34.40
CA ALA B 320 -27.28 78.61 -34.94
C ALA B 320 -26.90 78.11 -36.34
N PHE B 321 -26.87 79.03 -37.30
CA PHE B 321 -26.51 78.69 -38.67
C PHE B 321 -25.20 79.35 -39.06
N VAL B 322 -24.52 78.76 -40.05
CA VAL B 322 -23.20 79.22 -40.48
C VAL B 322 -23.21 80.62 -41.07
N LYS B 323 -24.34 81.04 -41.61
CA LYS B 323 -24.46 82.36 -42.20
C LYS B 323 -24.87 83.43 -41.19
N ARG B 324 -25.26 82.97 -39.99
CA ARG B 324 -25.79 83.86 -38.97
C ARG B 324 -24.69 84.49 -38.13
N ALA B 325 -24.92 85.73 -37.71
CA ALA B 325 -23.99 86.47 -36.86
C ALA B 325 -23.76 85.70 -35.56
N PRO B 326 -22.50 85.68 -35.09
CA PRO B 326 -22.11 84.93 -33.89
C PRO B 326 -22.96 85.28 -32.68
N SER B 327 -23.42 84.26 -31.97
CA SER B 327 -24.23 84.47 -30.78
C SER B 327 -23.37 84.34 -29.53
N THR B 328 -23.32 85.41 -28.75
CA THR B 328 -22.50 85.45 -27.54
C THR B 328 -22.88 84.39 -26.52
N TRP B 329 -24.15 84.34 -26.15
CA TRP B 329 -24.62 83.41 -25.14
C TRP B 329 -24.45 81.96 -25.57
N LEU B 330 -24.69 81.69 -26.84
CA LEU B 330 -24.56 80.33 -27.36
C LEU B 330 -23.11 79.88 -27.28
N THR B 331 -22.19 80.75 -27.67
CA THR B 331 -20.76 80.46 -27.59
C THR B 331 -20.34 80.22 -26.15
N ALA B 332 -20.88 81.03 -25.24
CA ALA B 332 -20.55 80.91 -23.82
C ALA B 332 -21.09 79.61 -23.23
N TYR B 333 -22.24 79.17 -23.71
CA TYR B 333 -22.84 77.92 -23.25
C TYR B 333 -22.09 76.72 -23.83
N VAL B 334 -21.59 76.88 -25.06
CA VAL B 334 -20.75 75.87 -25.68
C VAL B 334 -19.49 75.70 -24.84
N VAL B 335 -18.94 76.81 -24.39
CA VAL B 335 -17.80 76.80 -23.49
C VAL B 335 -18.14 76.10 -22.17
N LYS B 336 -19.30 76.45 -21.60
CA LYS B 336 -19.76 75.90 -20.33
C LYS B 336 -19.93 74.38 -20.37
N VAL B 337 -20.41 73.87 -21.51
CA VAL B 337 -20.61 72.44 -21.68
C VAL B 337 -19.28 71.73 -21.94
N PHE B 338 -18.50 72.27 -22.86
CA PHE B 338 -17.22 71.66 -23.24
C PHE B 338 -16.23 71.65 -22.08
N SER B 339 -16.41 72.58 -21.15
CA SER B 339 -15.54 72.66 -19.96
C SER B 339 -15.76 71.43 -19.07
N LEU B 340 -17.02 71.04 -18.93
CA LEU B 340 -17.37 69.87 -18.11
C LEU B 340 -17.16 68.59 -18.90
N ALA B 341 -17.10 68.72 -20.23
CA ALA B 341 -16.98 67.55 -21.10
C ALA B 341 -15.56 66.98 -21.16
N VAL B 342 -14.62 67.67 -20.52
CA VAL B 342 -13.21 67.25 -20.52
C VAL B 342 -13.01 65.88 -19.88
N ASN B 343 -13.82 65.59 -18.86
CA ASN B 343 -13.73 64.32 -18.15
C ASN B 343 -14.26 63.14 -18.96
N LEU B 344 -14.83 63.44 -20.12
CA LEU B 344 -15.54 62.43 -20.90
C LEU B 344 -14.88 62.10 -22.23
N ILE B 345 -14.84 63.08 -23.13
CA ILE B 345 -14.36 62.86 -24.49
C ILE B 345 -13.16 63.73 -24.86
N ALA B 346 -12.45 63.33 -25.92
CA ALA B 346 -11.32 64.11 -26.41
C ALA B 346 -11.80 65.43 -26.98
N ILE B 347 -11.16 66.52 -26.54
CA ILE B 347 -11.56 67.87 -26.94
C ILE B 347 -10.35 68.72 -27.30
N ASP B 348 -10.44 69.44 -28.41
CA ASP B 348 -9.36 70.31 -28.85
C ASP B 348 -9.44 71.64 -28.11
N SER B 349 -8.37 71.97 -27.39
CA SER B 349 -8.32 73.20 -26.59
C SER B 349 -8.36 74.47 -27.44
N GLN B 350 -7.91 74.36 -28.68
CA GLN B 350 -7.87 75.50 -29.60
C GLN B 350 -9.27 76.04 -29.89
N VAL B 351 -10.21 75.12 -30.12
CA VAL B 351 -11.60 75.47 -30.44
C VAL B 351 -12.26 76.19 -29.25
N LEU B 352 -11.95 75.72 -28.04
CA LEU B 352 -12.55 76.27 -26.84
C LEU B 352 -11.94 77.62 -26.50
N CYS B 353 -10.64 77.61 -26.19
CA CYS B 353 -9.93 78.81 -25.79
C CYS B 353 -9.90 79.91 -26.85
N GLY B 354 -10.02 79.53 -28.12
CA GLY B 354 -10.10 80.51 -29.19
C GLY B 354 -11.40 81.29 -29.09
N ALA B 355 -12.50 80.56 -28.87
CA ALA B 355 -13.81 81.17 -28.68
C ALA B 355 -13.82 82.02 -27.42
N VAL B 356 -13.20 81.51 -26.36
CA VAL B 356 -13.07 82.22 -25.09
C VAL B 356 -12.40 83.57 -25.29
N LYS B 357 -11.27 83.56 -26.00
CA LYS B 357 -10.53 84.76 -26.33
C LYS B 357 -11.40 85.72 -27.15
N TRP B 358 -12.11 85.16 -28.12
CA TRP B 358 -12.98 85.95 -28.99
C TRP B 358 -14.05 86.68 -28.18
N LEU B 359 -14.62 86.00 -27.19
CA LEU B 359 -15.64 86.59 -26.34
C LEU B 359 -15.18 87.90 -25.70
N ILE B 360 -14.00 87.86 -25.09
CA ILE B 360 -13.44 89.04 -24.44
C ILE B 360 -13.08 90.11 -25.46
N LEU B 361 -12.45 89.71 -26.56
CA LEU B 361 -11.95 90.69 -27.51
C LEU B 361 -12.98 91.22 -28.51
N GLU B 362 -14.23 90.74 -28.44
CA GLU B 362 -15.25 91.21 -29.38
C GLU B 362 -16.53 91.78 -28.76
N LYS B 363 -17.28 90.96 -28.04
CA LYS B 363 -18.62 91.33 -27.58
C LYS B 363 -18.66 92.02 -26.21
N GLN B 364 -17.49 92.27 -25.64
CA GLN B 364 -17.39 92.88 -24.32
C GLN B 364 -17.17 94.39 -24.36
N LYS B 365 -17.98 95.12 -23.59
CA LYS B 365 -17.85 96.57 -23.49
C LYS B 365 -16.60 96.94 -22.69
N PRO B 366 -16.05 98.14 -22.92
CA PRO B 366 -14.84 98.62 -22.25
C PRO B 366 -14.91 98.62 -20.73
N ASP B 367 -16.11 98.67 -20.16
CA ASP B 367 -16.27 98.68 -18.70
C ASP B 367 -16.30 97.27 -18.11
N GLY B 368 -16.14 96.27 -18.97
CA GLY B 368 -16.11 94.89 -18.53
C GLY B 368 -17.46 94.19 -18.64
N VAL B 369 -18.43 94.87 -19.24
CA VAL B 369 -19.77 94.34 -19.40
C VAL B 369 -19.94 93.60 -20.73
N PHE B 370 -20.52 92.40 -20.66
CA PHE B 370 -20.87 91.67 -21.88
C PHE B 370 -22.30 91.98 -22.31
N GLN B 371 -22.49 92.16 -23.61
CA GLN B 371 -23.79 92.53 -24.17
C GLN B 371 -24.13 91.60 -25.32
N GLU B 372 -25.41 91.25 -25.46
CA GLU B 372 -25.83 90.34 -26.51
C GLU B 372 -26.18 91.10 -27.79
N ASP B 373 -25.33 90.94 -28.80
CA ASP B 373 -25.57 91.55 -30.11
C ASP B 373 -26.49 90.70 -31.00
N ALA B 374 -26.30 89.39 -30.96
CA ALA B 374 -27.04 88.47 -31.79
C ALA B 374 -27.71 87.38 -30.96
N PRO B 375 -28.96 87.63 -30.55
CA PRO B 375 -29.72 86.74 -29.66
C PRO B 375 -29.83 85.31 -30.21
N VAL B 376 -29.83 84.33 -29.32
CA VAL B 376 -30.08 82.95 -29.71
C VAL B 376 -31.52 82.84 -30.16
N ILE B 377 -31.80 81.88 -31.05
CA ILE B 377 -33.16 81.76 -31.58
C ILE B 377 -34.12 81.18 -30.56
N HIS B 378 -33.61 80.28 -29.71
CA HIS B 378 -34.44 79.69 -28.66
C HIS B 378 -34.28 80.50 -27.38
N GLN B 379 -35.32 81.23 -27.01
CA GLN B 379 -35.28 82.04 -25.79
C GLN B 379 -35.69 81.23 -24.57
N GLU B 380 -36.11 79.98 -24.79
CA GLU B 380 -36.49 79.10 -23.68
C GLU B 380 -35.29 78.30 -23.17
N MET B 381 -34.19 78.35 -23.92
CA MET B 381 -33.00 77.60 -23.55
C MET B 381 -32.00 78.44 -22.74
N ILE B 382 -32.29 79.72 -22.58
CA ILE B 382 -31.41 80.62 -21.80
C ILE B 382 -31.80 80.78 -20.33
N GLY B 383 -32.96 80.24 -19.96
CA GLY B 383 -33.44 80.34 -18.59
C GLY B 383 -33.95 81.71 -18.21
N GLY B 384 -33.53 82.19 -17.04
CA GLY B 384 -34.05 83.43 -16.47
C GLY B 384 -33.37 84.70 -16.92
N LEU B 385 -32.68 84.64 -18.06
CA LEU B 385 -32.02 85.81 -18.65
C LEU B 385 -33.02 86.82 -19.21
N ARG B 386 -34.27 86.43 -19.24
CA ARG B 386 -35.36 87.25 -19.78
C ARG B 386 -35.78 88.37 -18.81
N ASN B 387 -36.92 88.99 -19.10
CA ASN B 387 -37.45 90.12 -18.33
C ASN B 387 -36.64 91.42 -18.47
N ASN B 388 -36.13 91.94 -17.37
CA ASN B 388 -35.66 93.33 -17.35
C ASN B 388 -34.40 93.64 -18.18
N ASN B 389 -34.02 94.91 -18.15
CA ASN B 389 -32.94 95.48 -18.96
C ASN B 389 -31.56 95.30 -18.33
N GLU B 390 -31.54 94.59 -17.20
CA GLU B 390 -30.33 94.40 -16.43
C GLU B 390 -29.50 93.24 -17.01
N LYS B 391 -30.00 92.67 -18.11
CA LYS B 391 -29.41 91.50 -18.74
C LYS B 391 -27.91 91.66 -18.99
N ASP B 392 -27.48 92.92 -19.14
CA ASP B 392 -26.08 93.26 -19.34
C ASP B 392 -25.20 92.60 -18.29
N MET B 393 -25.55 92.75 -17.02
CA MET B 393 -24.81 92.08 -15.96
C MET B 393 -24.98 90.56 -16.07
N ALA B 394 -26.21 90.12 -16.30
CA ALA B 394 -26.53 88.70 -16.31
C ALA B 394 -25.64 87.95 -17.30
N LEU B 395 -25.64 88.41 -18.54
CA LEU B 395 -24.80 87.80 -19.57
C LEU B 395 -23.35 87.91 -19.14
N THR B 396 -22.98 89.10 -18.64
CA THR B 396 -21.63 89.34 -18.16
C THR B 396 -21.29 88.32 -17.09
N ALA B 397 -22.27 87.99 -16.25
CA ALA B 397 -22.08 86.97 -15.24
C ALA B 397 -21.96 85.61 -15.91
N PHE B 398 -22.91 85.30 -16.79
CA PHE B 398 -22.98 84.00 -17.44
C PHE B 398 -21.66 83.68 -18.13
N VAL B 399 -21.26 84.56 -19.03
CA VAL B 399 -20.00 84.41 -19.74
C VAL B 399 -18.86 84.24 -18.76
N LEU B 400 -18.87 85.06 -17.70
CA LEU B 400 -17.82 85.01 -16.70
C LEU B 400 -17.74 83.63 -16.07
N ILE B 401 -18.90 83.05 -15.80
CA ILE B 401 -18.94 81.70 -15.24
C ILE B 401 -18.33 80.74 -16.24
N SER B 402 -18.73 80.88 -17.50
CA SER B 402 -18.18 80.08 -18.58
C SER B 402 -16.67 80.31 -18.69
N LEU B 403 -16.24 81.51 -18.33
CA LEU B 403 -14.82 81.85 -18.36
C LEU B 403 -14.09 81.16 -17.22
N GLN B 404 -14.74 81.02 -16.07
CA GLN B 404 -14.09 80.44 -14.90
C GLN B 404 -14.02 78.92 -14.92
N GLU B 405 -14.94 78.29 -15.63
CA GLU B 405 -14.91 76.83 -15.78
C GLU B 405 -13.81 76.38 -16.72
N ALA B 406 -13.58 77.17 -17.77
CA ALA B 406 -12.57 76.86 -18.75
C ALA B 406 -11.25 77.59 -18.48
N LYS B 407 -11.20 78.33 -17.37
CA LYS B 407 -10.04 79.15 -17.05
C LYS B 407 -8.76 78.35 -16.91
N ASP B 408 -8.75 77.40 -15.98
CA ASP B 408 -7.55 76.63 -15.66
C ASP B 408 -6.92 75.97 -16.89
N ILE B 409 -7.77 75.67 -17.88
CA ILE B 409 -7.29 75.16 -19.15
C ILE B 409 -6.80 76.32 -20.02
N CYS B 410 -7.55 77.41 -20.03
CA CYS B 410 -7.24 78.54 -20.91
C CYS B 410 -6.47 79.69 -20.24
N GLU B 411 -6.24 79.60 -18.93
CA GLU B 411 -5.52 80.64 -18.21
C GLU B 411 -4.10 80.77 -18.73
N GLU B 412 -3.48 79.62 -18.96
CA GLU B 412 -2.11 79.56 -19.40
C GLU B 412 -2.03 79.62 -20.92
N GLN B 413 -3.16 79.88 -21.55
CA GLN B 413 -3.24 80.06 -22.99
C GLN B 413 -3.58 81.51 -23.34
N VAL B 414 -4.74 81.98 -22.90
CA VAL B 414 -5.16 83.36 -23.14
C VAL B 414 -4.67 84.28 -22.02
N ASN B 415 -3.91 85.31 -22.39
CA ASN B 415 -3.30 86.23 -21.44
C ASN B 415 -4.22 87.30 -20.87
N SER B 416 -5.24 87.68 -21.64
CA SER B 416 -6.13 88.76 -21.24
C SER B 416 -7.28 88.23 -20.40
N LEU B 417 -7.23 86.93 -20.11
CA LEU B 417 -8.28 86.27 -19.34
C LEU B 417 -8.39 86.72 -17.88
N PRO B 418 -7.28 86.68 -17.11
CA PRO B 418 -7.43 87.07 -15.70
C PRO B 418 -7.79 88.53 -15.55
N GLY B 419 -7.25 89.37 -16.44
CA GLY B 419 -7.57 90.79 -16.45
C GLY B 419 -9.05 91.05 -16.61
N SER B 420 -9.63 90.50 -17.68
CA SER B 420 -11.06 90.65 -17.95
C SER B 420 -11.91 90.05 -16.84
N ILE B 421 -11.45 88.93 -16.29
CA ILE B 421 -12.14 88.28 -15.18
C ILE B 421 -12.24 89.20 -13.97
N THR B 422 -11.11 89.76 -13.56
CA THR B 422 -11.09 90.68 -12.42
C THR B 422 -11.82 91.98 -12.73
N LYS B 423 -11.82 92.41 -13.98
CA LYS B 423 -12.53 93.60 -14.41
C LYS B 423 -14.05 93.44 -14.25
N ALA B 424 -14.58 92.33 -14.77
CA ALA B 424 -15.99 92.05 -14.67
C ALA B 424 -16.36 91.79 -13.21
N GLY B 425 -15.40 91.23 -12.48
CA GLY B 425 -15.59 90.99 -11.06
C GLY B 425 -15.71 92.32 -10.31
N ASP B 426 -14.95 93.30 -10.76
CA ASP B 426 -15.01 94.65 -10.20
C ASP B 426 -16.34 95.32 -10.51
N PHE B 427 -16.77 95.19 -11.77
CA PHE B 427 -18.05 95.77 -12.19
C PHE B 427 -19.21 95.19 -11.40
N LEU B 428 -19.21 93.86 -11.23
CA LEU B 428 -20.24 93.21 -10.44
C LEU B 428 -20.14 93.57 -8.96
N GLU B 429 -18.92 93.71 -8.46
CA GLU B 429 -18.69 94.00 -7.05
C GLU B 429 -19.17 95.40 -6.65
N ALA B 430 -18.82 96.41 -7.45
CA ALA B 430 -19.14 97.78 -7.11
C ALA B 430 -20.63 98.08 -7.28
N ASN B 431 -21.25 97.44 -8.26
CA ASN B 431 -22.65 97.68 -8.60
C ASN B 431 -23.62 96.70 -7.95
N TYR B 432 -23.09 95.83 -7.09
CA TYR B 432 -23.84 94.69 -6.56
C TYR B 432 -25.04 95.07 -5.70
N MET B 433 -24.85 96.05 -4.82
CA MET B 433 -25.87 96.39 -3.82
C MET B 433 -27.16 96.95 -4.42
N ASN B 434 -27.09 97.41 -5.65
CA ASN B 434 -28.26 98.00 -6.32
C ASN B 434 -29.09 96.98 -7.10
N LEU B 435 -28.69 95.70 -7.00
CA LEU B 435 -29.36 94.65 -7.76
C LEU B 435 -30.80 94.45 -7.33
N GLN B 436 -31.71 94.54 -8.30
CA GLN B 436 -33.14 94.38 -8.05
C GLN B 436 -33.66 92.98 -8.35
N ARG B 437 -32.81 92.11 -8.88
CA ARG B 437 -33.24 90.78 -9.31
C ARG B 437 -32.53 89.65 -8.57
N SER B 438 -33.32 88.77 -7.95
CA SER B 438 -32.78 87.64 -7.19
C SER B 438 -31.93 86.72 -8.06
N TYR B 439 -32.40 86.47 -9.28
CA TYR B 439 -31.68 85.65 -10.24
C TYR B 439 -30.27 86.17 -10.45
N THR B 440 -30.15 87.48 -10.62
CA THR B 440 -28.85 88.11 -10.81
C THR B 440 -27.98 87.95 -9.57
N VAL B 441 -28.59 88.11 -8.40
CA VAL B 441 -27.90 87.91 -7.15
C VAL B 441 -27.32 86.50 -7.08
N ALA B 442 -28.07 85.54 -7.60
CA ALA B 442 -27.63 84.15 -7.61
C ALA B 442 -26.51 83.87 -8.61
N ILE B 443 -26.71 84.28 -9.87
CA ILE B 443 -25.73 84.01 -10.92
C ILE B 443 -24.41 84.78 -10.74
N ALA B 444 -24.52 86.08 -10.45
CA ALA B 444 -23.36 86.90 -10.17
C ALA B 444 -22.80 86.55 -8.80
N GLY B 445 -23.66 86.03 -7.94
CA GLY B 445 -23.25 85.53 -6.64
C GLY B 445 -22.29 84.37 -6.77
N TYR B 446 -22.67 83.36 -7.55
CA TYR B 446 -21.81 82.22 -7.82
C TYR B 446 -20.58 82.64 -8.62
N ALA B 447 -20.77 83.57 -9.56
CA ALA B 447 -19.67 84.09 -10.35
C ALA B 447 -18.58 84.72 -9.47
N LEU B 448 -19.01 85.51 -8.50
CA LEU B 448 -18.09 86.21 -7.59
C LEU B 448 -17.56 85.32 -6.48
N ALA B 449 -18.34 84.31 -6.11
CA ALA B 449 -17.96 83.40 -5.04
C ALA B 449 -16.75 82.56 -5.44
N GLN B 450 -16.62 82.32 -6.74
CA GLN B 450 -15.49 81.56 -7.26
C GLN B 450 -14.22 82.39 -7.15
N MET B 451 -14.38 83.71 -7.01
CA MET B 451 -13.28 84.61 -6.76
C MET B 451 -13.09 84.80 -5.26
N GLY B 452 -14.08 84.34 -4.49
CA GLY B 452 -14.10 84.57 -3.05
C GLY B 452 -14.45 86.01 -2.75
N ARG B 453 -14.93 86.72 -3.76
CA ARG B 453 -15.20 88.15 -3.67
C ARG B 453 -16.63 88.50 -3.27
N LEU B 454 -17.43 87.49 -2.94
CA LEU B 454 -18.75 87.76 -2.37
C LEU B 454 -18.59 87.78 -0.86
N LYS B 455 -18.66 88.98 -0.29
CA LYS B 455 -18.38 89.20 1.12
C LYS B 455 -19.13 90.43 1.64
N GLY B 456 -19.36 90.45 2.95
CA GLY B 456 -19.95 91.60 3.61
C GLY B 456 -21.36 91.92 3.15
N PRO B 457 -21.58 93.16 2.71
CA PRO B 457 -22.90 93.63 2.26
C PRO B 457 -23.38 92.84 1.05
N LEU B 458 -22.46 92.49 0.16
CA LEU B 458 -22.79 91.70 -1.03
C LEU B 458 -23.27 90.32 -0.63
N LEU B 459 -22.48 89.64 0.19
CA LEU B 459 -22.82 88.30 0.67
C LEU B 459 -24.09 88.29 1.51
N ASN B 460 -24.24 89.30 2.36
CA ASN B 460 -25.42 89.42 3.20
C ASN B 460 -26.68 89.64 2.35
N LYS B 461 -26.56 90.49 1.33
CA LYS B 461 -27.66 90.73 0.40
C LYS B 461 -28.00 89.43 -0.33
N PHE B 462 -26.97 88.65 -0.64
CA PHE B 462 -27.14 87.38 -1.33
C PHE B 462 -27.88 86.34 -0.48
N LEU B 463 -27.48 86.19 0.78
CA LEU B 463 -28.06 85.19 1.67
C LEU B 463 -29.48 85.55 2.12
N THR B 464 -29.70 86.83 2.40
CA THR B 464 -30.99 87.30 2.90
C THR B 464 -32.04 87.38 1.80
N THR B 465 -31.61 87.17 0.56
CA THR B 465 -32.53 87.16 -0.57
C THR B 465 -33.44 85.94 -0.47
N ALA B 466 -32.96 84.90 0.20
CA ALA B 466 -33.72 83.67 0.36
C ALA B 466 -34.84 83.80 1.40
N LYS B 467 -36.06 83.55 0.97
CA LYS B 467 -37.21 83.53 1.88
C LYS B 467 -37.21 82.23 2.66
N ASP B 468 -37.31 82.34 3.98
CA ASP B 468 -37.19 81.22 4.92
C ASP B 468 -35.79 80.60 4.77
N LYS B 469 -34.88 81.40 4.22
CA LYS B 469 -33.49 81.06 4.00
C LYS B 469 -33.27 79.79 3.18
N ASN B 470 -34.30 79.33 2.46
CA ASN B 470 -34.12 78.16 1.61
C ASN B 470 -34.18 78.34 0.08
N ARG B 471 -34.69 79.47 -0.38
CA ARG B 471 -34.94 79.62 -1.82
C ARG B 471 -34.58 80.99 -2.39
N TRP B 472 -33.84 80.99 -3.50
CA TRP B 472 -33.60 82.22 -4.24
C TRP B 472 -34.61 82.30 -5.39
N GLU B 473 -35.52 83.26 -5.32
CA GLU B 473 -36.60 83.32 -6.31
C GLU B 473 -37.01 84.74 -6.70
N ASP B 474 -37.51 84.86 -7.92
CA ASP B 474 -38.10 86.08 -8.43
C ASP B 474 -39.54 85.76 -8.85
N PRO B 475 -40.41 86.78 -8.88
CA PRO B 475 -41.75 86.54 -9.43
C PRO B 475 -41.68 86.11 -10.89
N GLY B 476 -42.32 85.00 -11.23
CA GLY B 476 -42.24 84.46 -12.58
C GLY B 476 -42.33 82.94 -12.59
N LYS B 477 -41.93 82.34 -13.70
CA LYS B 477 -41.95 80.88 -13.84
C LYS B 477 -40.97 80.19 -12.89
N GLN B 478 -41.27 78.95 -12.54
CA GLN B 478 -40.53 78.22 -11.52
C GLN B 478 -39.10 77.88 -11.95
N LEU B 479 -38.93 77.49 -13.22
CA LEU B 479 -37.63 77.07 -13.74
C LEU B 479 -36.52 78.09 -13.48
N TYR B 480 -36.88 79.37 -13.55
CA TYR B 480 -35.94 80.45 -13.30
C TYR B 480 -35.43 80.33 -11.87
N ASN B 481 -36.37 80.13 -10.96
CA ASN B 481 -36.08 80.02 -9.53
C ASN B 481 -35.28 78.77 -9.21
N VAL B 482 -35.57 77.67 -9.90
CA VAL B 482 -34.84 76.42 -9.70
C VAL B 482 -33.39 76.57 -10.16
N GLU B 483 -33.22 77.09 -11.37
CA GLU B 483 -31.89 77.33 -11.91
C GLU B 483 -31.07 78.26 -11.01
N ALA B 484 -31.72 79.35 -10.59
CA ALA B 484 -31.06 80.33 -9.73
C ALA B 484 -30.69 79.72 -8.39
N THR B 485 -31.57 78.91 -7.83
CA THR B 485 -31.32 78.22 -6.57
C THR B 485 -30.14 77.26 -6.72
N SER B 486 -30.03 76.64 -7.89
CA SER B 486 -28.92 75.74 -8.17
C SER B 486 -27.61 76.52 -8.20
N TYR B 487 -27.63 77.67 -8.87
CA TYR B 487 -26.47 78.56 -8.89
C TYR B 487 -26.08 78.97 -7.48
N ALA B 488 -27.08 79.29 -6.65
CA ALA B 488 -26.86 79.69 -5.28
C ALA B 488 -26.27 78.56 -4.45
N LEU B 489 -26.68 77.33 -4.75
CA LEU B 489 -26.14 76.15 -4.08
C LEU B 489 -24.68 75.96 -4.43
N LEU B 490 -24.35 76.14 -5.71
CA LEU B 490 -22.97 76.08 -6.16
C LEU B 490 -22.14 77.17 -5.49
N ALA B 491 -22.76 78.33 -5.27
CA ALA B 491 -22.12 79.45 -4.59
C ALA B 491 -21.82 79.09 -3.13
N LEU B 492 -22.81 78.52 -2.46
CA LEU B 492 -22.67 78.08 -1.08
C LEU B 492 -21.56 77.04 -0.93
N LEU B 493 -21.54 76.07 -1.84
CA LEU B 493 -20.50 75.04 -1.82
C LEU B 493 -19.15 75.62 -2.16
N GLN B 494 -19.15 76.72 -2.91
CA GLN B 494 -17.92 77.44 -3.23
C GLN B 494 -17.40 78.20 -2.01
N LEU B 495 -18.31 78.70 -1.19
CA LEU B 495 -17.95 79.44 0.01
C LEU B 495 -17.89 78.53 1.24
N LYS B 496 -18.21 77.26 1.01
CA LYS B 496 -18.09 76.22 2.03
C LYS B 496 -18.84 76.54 3.33
N ASP B 497 -20.03 77.10 3.21
CA ASP B 497 -20.84 77.34 4.40
C ASP B 497 -21.91 76.25 4.48
N PHE B 498 -21.72 75.31 5.40
CA PHE B 498 -22.60 74.17 5.54
C PHE B 498 -23.73 74.41 6.54
N ASP B 499 -23.65 75.54 7.24
CA ASP B 499 -24.71 75.92 8.16
C ASP B 499 -25.94 76.30 7.34
N PHE B 500 -25.69 76.98 6.21
CA PHE B 500 -26.76 77.47 5.34
C PHE B 500 -27.30 76.43 4.36
N VAL B 501 -26.46 75.50 3.95
CA VAL B 501 -26.78 74.57 2.85
C VAL B 501 -28.03 73.66 2.99
N PRO B 502 -28.12 72.86 4.07
CA PRO B 502 -29.18 71.85 4.15
C PRO B 502 -30.64 72.31 3.92
N PRO B 503 -31.03 73.52 4.38
CA PRO B 503 -32.41 73.93 4.06
C PRO B 503 -32.64 74.13 2.56
N VAL B 504 -31.58 74.47 1.82
CA VAL B 504 -31.69 74.70 0.38
C VAL B 504 -31.94 73.41 -0.40
N VAL B 505 -31.10 72.41 -0.17
CA VAL B 505 -31.19 71.13 -0.87
C VAL B 505 -32.51 70.43 -0.55
N ARG B 506 -32.97 70.60 0.68
CA ARG B 506 -34.25 70.05 1.10
C ARG B 506 -35.39 70.68 0.29
N TRP B 507 -35.21 71.94 -0.10
CA TRP B 507 -36.20 72.65 -0.90
C TRP B 507 -36.16 72.24 -2.37
N LEU B 508 -34.95 72.07 -2.90
CA LEU B 508 -34.77 71.63 -4.29
C LEU B 508 -35.47 70.30 -4.51
N ASN B 509 -35.15 69.31 -3.68
CA ASN B 509 -35.80 68.01 -3.77
C ASN B 509 -37.30 68.11 -3.50
N GLU B 510 -37.70 69.13 -2.75
CA GLU B 510 -39.11 69.34 -2.44
C GLU B 510 -39.88 69.75 -3.68
N GLN B 511 -39.18 70.34 -4.64
CA GLN B 511 -39.81 70.78 -5.89
C GLN B 511 -40.12 69.61 -6.79
N ARG B 512 -39.51 68.47 -6.50
CA ARG B 512 -39.70 67.23 -7.27
C ARG B 512 -39.45 67.46 -8.75
N TYR B 513 -38.38 68.20 -9.08
CA TYR B 513 -38.07 68.51 -10.46
C TYR B 513 -36.89 67.68 -10.97
N TYR B 514 -37.19 66.74 -11.86
CA TYR B 514 -36.19 65.85 -12.42
C TYR B 514 -35.74 66.26 -13.83
N GLY B 515 -36.34 67.32 -14.36
CA GLY B 515 -35.95 67.87 -15.65
C GLY B 515 -36.30 67.01 -16.85
N GLY B 516 -35.82 67.43 -18.02
CA GLY B 516 -35.99 66.67 -19.24
C GLY B 516 -37.18 67.07 -20.11
N GLY B 517 -37.72 68.25 -19.86
CA GLY B 517 -38.87 68.75 -20.61
C GLY B 517 -38.53 69.83 -21.61
N TYR B 518 -39.55 70.42 -22.22
CA TYR B 518 -39.39 71.56 -23.11
C TYR B 518 -38.75 72.76 -22.40
N GLY B 519 -37.65 73.26 -22.97
CA GLY B 519 -36.92 74.38 -22.40
C GLY B 519 -36.43 74.12 -20.99
N SER B 520 -36.14 72.86 -20.70
CA SER B 520 -35.68 72.44 -19.38
C SER B 520 -34.16 72.37 -19.29
N THR B 521 -33.49 72.79 -20.37
CA THR B 521 -32.05 72.68 -20.51
C THR B 521 -31.27 73.26 -19.32
N GLN B 522 -31.50 74.54 -19.05
CA GLN B 522 -30.76 75.25 -18.00
C GLN B 522 -31.07 74.66 -16.63
N ALA B 523 -32.36 74.44 -16.39
CA ALA B 523 -32.83 73.89 -15.13
C ALA B 523 -32.19 72.54 -14.84
N THR B 524 -32.33 71.59 -15.76
CA THR B 524 -31.77 70.26 -15.59
C THR B 524 -30.25 70.33 -15.38
N PHE B 525 -29.57 71.03 -16.29
CA PHE B 525 -28.10 71.12 -16.24
C PHE B 525 -27.61 71.66 -14.90
N MET B 526 -28.14 72.80 -14.49
CA MET B 526 -27.68 73.43 -13.26
C MET B 526 -28.10 72.69 -12.00
N VAL B 527 -29.31 72.12 -12.01
CA VAL B 527 -29.78 71.42 -10.82
C VAL B 527 -29.00 70.13 -10.60
N PHE B 528 -28.62 69.45 -11.68
CA PHE B 528 -27.83 68.23 -11.54
C PHE B 528 -26.34 68.50 -11.32
N GLN B 529 -25.85 69.62 -11.83
CA GLN B 529 -24.48 70.04 -11.54
C GLN B 529 -24.38 70.34 -10.06
N ALA B 530 -25.36 71.07 -9.55
CA ALA B 530 -25.40 71.45 -8.14
C ALA B 530 -25.58 70.24 -7.24
N LEU B 531 -26.49 69.34 -7.62
CA LEU B 531 -26.74 68.16 -6.81
C LEU B 531 -25.59 67.15 -6.90
N ALA B 532 -24.76 67.29 -7.93
CA ALA B 532 -23.55 66.48 -8.02
C ALA B 532 -22.45 67.04 -7.12
N GLN B 533 -22.28 68.36 -7.16
CA GLN B 533 -21.28 69.02 -6.34
C GLN B 533 -21.63 68.86 -4.86
N TYR B 534 -22.91 68.80 -4.56
CA TYR B 534 -23.38 68.60 -3.20
C TYR B 534 -22.88 67.25 -2.66
N GLN B 535 -23.22 66.17 -3.36
CA GLN B 535 -22.78 64.84 -2.97
C GLN B 535 -21.25 64.75 -2.95
N LYS B 536 -20.61 65.55 -3.80
CA LYS B 536 -19.15 65.60 -3.84
C LYS B 536 -18.56 66.19 -2.56
N ASP B 537 -19.12 67.31 -2.09
CA ASP B 537 -18.59 68.00 -0.92
C ASP B 537 -19.31 67.74 0.41
N ALA B 538 -20.38 66.94 0.38
CA ALA B 538 -21.17 66.70 1.60
C ALA B 538 -20.48 65.75 2.57
N PRO B 539 -20.23 66.23 3.80
CA PRO B 539 -19.67 65.38 4.86
C PRO B 539 -20.67 64.32 5.32
N ASP B 540 -20.21 63.08 5.43
CA ASP B 540 -21.06 61.99 5.89
C ASP B 540 -20.85 61.73 7.38
N HIS B 541 -19.97 62.51 7.99
CA HIS B 541 -19.58 62.32 9.38
C HIS B 541 -19.15 63.65 9.99
N GLN B 542 -19.08 63.69 11.32
CA GLN B 542 -18.50 64.85 12.00
C GLN B 542 -17.02 64.63 12.24
N GLU B 543 -16.23 65.68 12.03
CA GLU B 543 -14.78 65.59 12.08
C GLU B 543 -14.26 64.96 13.36
N LEU B 544 -13.42 63.95 13.20
CA LEU B 544 -12.78 63.34 14.35
C LEU B 544 -11.26 63.26 14.16
N ASN B 545 -10.54 64.07 14.92
CA ASN B 545 -9.11 63.90 15.10
C ASN B 545 -8.84 64.04 16.58
N LEU B 546 -8.42 62.95 17.21
CA LEU B 546 -8.20 62.96 18.64
C LEU B 546 -6.76 62.63 18.98
N ASP B 547 -6.17 63.46 19.82
CA ASP B 547 -4.82 63.20 20.31
C ASP B 547 -4.93 62.97 21.80
N VAL B 548 -4.72 61.73 22.23
CA VAL B 548 -4.80 61.40 23.64
C VAL B 548 -3.45 60.94 24.17
N SER B 549 -3.05 61.49 25.30
CA SER B 549 -1.76 61.13 25.90
C SER B 549 -1.91 60.74 27.37
N LEU B 550 -1.05 59.82 27.80
CA LEU B 550 -1.13 59.28 29.15
C LEU B 550 0.20 59.37 29.87
N GLN B 551 0.18 59.90 31.09
CA GLN B 551 1.36 59.93 31.93
C GLN B 551 1.18 59.06 33.17
N LEU B 552 1.90 57.94 33.21
CA LEU B 552 1.88 57.04 34.35
C LEU B 552 3.11 57.26 35.20
N PRO B 553 2.93 57.41 36.52
CA PRO B 553 4.10 57.58 37.40
C PRO B 553 5.08 56.40 37.33
N SER B 554 4.63 55.26 36.82
CA SER B 554 5.52 54.11 36.68
C SER B 554 6.18 54.07 35.31
N ARG B 555 5.72 54.92 34.39
CA ARG B 555 6.34 55.02 33.07
C ARG B 555 6.60 56.49 32.74
N SER B 556 7.87 56.88 32.68
CA SER B 556 8.22 58.27 32.40
C SER B 556 7.84 58.70 30.98
N SER B 557 7.68 57.71 30.10
CA SER B 557 7.30 57.98 28.72
C SER B 557 5.85 58.40 28.60
N LYS B 558 5.59 59.41 27.77
CA LYS B 558 4.22 59.86 27.55
C LYS B 558 3.60 59.01 26.46
N ILE B 559 2.54 58.28 26.81
CA ILE B 559 1.92 57.35 25.88
C ILE B 559 0.93 58.08 25.00
N THR B 560 1.19 58.07 23.70
CA THR B 560 0.38 58.84 22.75
C THR B 560 -0.41 57.95 21.81
N HIS B 561 -1.69 58.27 21.65
CA HIS B 561 -2.57 57.55 20.74
C HIS B 561 -3.43 58.55 19.96
N ARG B 562 -3.36 58.47 18.64
CA ARG B 562 -4.14 59.34 17.78
C ARG B 562 -5.27 58.56 17.13
N ILE B 563 -6.50 58.97 17.42
CA ILE B 563 -7.68 58.31 16.89
C ILE B 563 -8.34 59.17 15.81
N HIS B 564 -8.49 58.61 14.62
CA HIS B 564 -9.15 59.33 13.54
C HIS B 564 -10.40 58.60 13.08
N TRP B 565 -11.06 59.13 12.06
CA TRP B 565 -12.22 58.48 11.48
C TRP B 565 -11.72 57.42 10.49
N GLU B 566 -10.48 57.62 10.03
CA GLU B 566 -9.81 56.72 9.09
C GLU B 566 -8.95 55.63 9.73
N SER B 567 -8.73 55.69 11.04
CA SER B 567 -7.77 54.78 11.65
C SER B 567 -8.30 53.36 11.85
N ALA B 568 -9.62 53.23 11.96
CA ALA B 568 -10.28 51.95 12.13
C ALA B 568 -9.61 51.02 13.14
N SER B 569 -9.11 51.59 14.24
CA SER B 569 -8.46 50.76 15.26
C SER B 569 -9.38 49.78 16.00
N LEU B 570 -10.64 50.14 16.33
CA LEU B 570 -11.12 51.50 16.52
C LEU B 570 -10.86 51.86 17.98
N LEU B 571 -10.47 50.84 18.74
CA LEU B 571 -10.27 50.97 20.18
C LEU B 571 -8.81 50.86 20.58
N ARG B 572 -8.35 51.82 21.38
CA ARG B 572 -7.01 51.78 21.94
C ARG B 572 -7.02 51.14 23.32
N SER B 573 -6.08 50.24 23.57
CA SER B 573 -6.00 49.57 24.87
C SER B 573 -4.61 49.73 25.48
N GLU B 574 -4.58 50.05 26.77
CA GLU B 574 -3.32 50.15 27.50
C GLU B 574 -3.45 49.52 28.89
N GLU B 575 -2.38 48.88 29.35
CA GLU B 575 -2.43 48.14 30.61
C GLU B 575 -1.31 48.58 31.55
N THR B 576 -1.60 48.57 32.85
CA THR B 576 -0.55 48.81 33.84
C THR B 576 -0.67 47.87 35.04
N LYS B 577 0.46 47.31 35.47
CA LYS B 577 0.49 46.37 36.58
C LYS B 577 0.49 47.07 37.94
N GLU B 578 0.92 48.33 37.96
CA GLU B 578 0.93 49.12 39.18
C GLU B 578 -0.36 49.91 39.29
N ASN B 579 -1.02 49.81 40.45
CA ASN B 579 -2.21 50.61 40.66
C ASN B 579 -1.78 52.02 41.03
N GLU B 580 -2.12 52.98 40.16
CA GLU B 580 -1.66 54.35 40.33
C GLU B 580 -2.62 55.34 39.70
N GLY B 581 -2.74 56.51 40.31
CA GLY B 581 -3.50 57.60 39.72
C GLY B 581 -2.75 58.17 38.54
N PHE B 582 -3.45 58.44 37.45
CA PHE B 582 -2.82 58.99 36.26
C PHE B 582 -3.66 60.08 35.62
N THR B 583 -3.04 60.83 34.72
CA THR B 583 -3.71 61.96 34.07
C THR B 583 -3.89 61.68 32.58
N VAL B 584 -5.09 61.97 32.07
CA VAL B 584 -5.39 61.77 30.66
C VAL B 584 -5.49 63.10 29.93
N THR B 585 -4.61 63.34 28.97
CA THR B 585 -4.65 64.59 28.22
C THR B 585 -5.23 64.39 26.83
N ALA B 586 -6.44 64.89 26.62
CA ALA B 586 -7.12 64.75 25.35
C ALA B 586 -7.14 66.08 24.61
N GLU B 587 -7.06 66.02 23.29
CA GLU B 587 -7.01 67.23 22.48
C GLU B 587 -7.57 66.97 21.08
N GLY B 588 -8.03 68.02 20.42
CA GLY B 588 -8.52 67.88 19.06
C GLY B 588 -10.02 67.71 18.96
N LYS B 589 -10.51 67.60 17.72
CA LYS B 589 -11.95 67.44 17.45
C LYS B 589 -12.43 66.00 17.69
N GLY B 590 -13.72 65.85 17.93
CA GLY B 590 -14.31 64.53 18.07
C GLY B 590 -14.74 64.17 19.48
N GLN B 591 -15.52 63.09 19.58
CA GLN B 591 -16.06 62.65 20.87
C GLN B 591 -15.60 61.23 21.21
N GLY B 592 -14.76 61.12 22.25
CA GLY B 592 -14.28 59.83 22.70
C GLY B 592 -14.92 59.35 24.00
N THR B 593 -14.66 58.09 24.33
CA THR B 593 -15.13 57.49 25.57
C THR B 593 -13.97 56.76 26.25
N LEU B 594 -13.76 57.02 27.52
CA LEU B 594 -12.65 56.44 28.25
C LEU B 594 -13.12 55.55 29.38
N SER B 595 -12.64 54.31 29.40
CA SER B 595 -13.04 53.37 30.46
C SER B 595 -11.85 52.76 31.18
N VAL B 596 -11.86 52.83 32.51
CA VAL B 596 -10.79 52.29 33.33
C VAL B 596 -11.34 51.27 34.32
N VAL B 597 -10.82 50.04 34.20
CA VAL B 597 -11.29 48.91 35.01
C VAL B 597 -10.11 48.06 35.52
N THR B 598 -10.08 47.79 36.83
CA THR B 598 -9.01 46.99 37.42
C THR B 598 -9.46 45.59 37.81
N MET B 599 -8.55 44.63 37.72
CA MET B 599 -8.78 43.27 38.20
C MET B 599 -7.81 42.93 39.32
N TYR B 600 -8.32 42.35 40.40
CA TYR B 600 -7.51 42.04 41.57
C TYR B 600 -8.03 40.79 42.27
N HIS B 601 -7.47 40.48 43.44
CA HIS B 601 -7.94 39.36 44.24
C HIS B 601 -8.67 39.82 45.51
N ALA B 602 -9.84 39.24 45.76
CA ALA B 602 -10.70 39.64 46.87
C ALA B 602 -10.51 38.79 48.12
N LYS B 603 -10.66 39.42 49.28
CA LYS B 603 -10.46 38.76 50.57
C LYS B 603 -11.65 37.89 50.97
N ALA B 604 -12.67 37.83 50.12
CA ALA B 604 -13.91 37.11 50.43
C ALA B 604 -13.67 35.68 50.91
N LYS B 605 -14.36 35.31 51.99
CA LYS B 605 -14.18 34.03 52.67
C LYS B 605 -15.53 33.34 52.80
N ASP B 606 -15.55 32.01 53.02
CA ASP B 606 -14.37 31.16 53.10
C ASP B 606 -13.81 30.72 51.75
N GLN B 607 -14.70 30.40 50.82
CA GLN B 607 -14.33 29.89 49.49
C GLN B 607 -13.73 28.48 49.52
N LEU B 608 -13.58 27.91 50.71
CA LEU B 608 -13.05 26.56 50.85
C LEU B 608 -13.96 25.72 51.72
N THR B 609 -14.45 24.62 51.17
CA THR B 609 -15.42 23.74 51.83
C THR B 609 -15.63 22.55 50.89
N CYS B 610 -16.29 21.51 51.38
CA CYS B 610 -16.73 20.41 50.53
C CYS B 610 -18.14 20.75 50.05
N ASN B 611 -18.25 21.00 48.75
CA ASN B 611 -19.48 21.55 48.17
C ASN B 611 -20.73 20.71 48.39
N LYS B 612 -20.79 19.56 47.71
CA LYS B 612 -21.98 18.71 47.74
C LYS B 612 -21.88 17.54 48.71
N PHE B 613 -20.72 17.37 49.33
CA PHE B 613 -20.48 16.17 50.14
C PHE B 613 -20.15 16.43 51.62
N ASP B 614 -20.83 15.69 52.48
CA ASP B 614 -20.49 15.62 53.90
C ASP B 614 -19.70 14.33 54.12
N LEU B 615 -18.54 14.44 54.77
CA LEU B 615 -17.65 13.30 54.93
C LEU B 615 -17.09 13.17 56.35
N LYS B 616 -17.32 12.01 56.96
CA LYS B 616 -16.79 11.70 58.29
C LYS B 616 -15.86 10.50 58.20
N VAL B 617 -14.61 10.69 58.62
CA VAL B 617 -13.62 9.61 58.61
C VAL B 617 -13.18 9.27 60.04
N THR B 618 -13.32 8.00 60.41
CA THR B 618 -12.96 7.57 61.76
C THR B 618 -12.07 6.34 61.77
N ILE B 619 -10.86 6.47 62.27
CA ILE B 619 -9.95 5.34 62.38
C ILE B 619 -9.70 4.96 63.84
N LYS B 620 -10.14 3.76 64.23
CA LYS B 620 -10.01 3.35 65.63
C LYS B 620 -9.43 1.95 65.79
N PRO B 621 -8.57 1.75 66.79
CA PRO B 621 -7.89 0.46 67.00
C PRO B 621 -8.84 -0.71 67.22
N ALA B 622 -8.61 -1.79 66.48
CA ALA B 622 -9.39 -3.02 66.61
C ALA B 622 -8.77 -3.91 67.69
N PRO B 623 -9.63 -4.56 68.50
CA PRO B 623 -9.14 -5.44 69.57
C PRO B 623 -8.48 -6.70 69.01
N LYS B 633 0.49 -7.67 64.79
CA LYS B 633 1.01 -6.32 64.97
C LYS B 633 -0.13 -5.35 65.26
N ASN B 634 -0.09 -4.18 64.62
CA ASN B 634 -1.12 -3.18 64.80
C ASN B 634 -2.27 -3.38 63.82
N THR B 635 -3.49 -3.45 64.35
CA THR B 635 -4.68 -3.59 63.51
C THR B 635 -5.70 -2.53 63.90
N MET B 636 -6.21 -1.79 62.92
CA MET B 636 -7.22 -0.78 63.18
C MET B 636 -8.43 -0.94 62.27
N ILE B 637 -9.41 -0.06 62.44
CA ILE B 637 -10.62 -0.07 61.64
C ILE B 637 -10.89 1.32 61.07
N LEU B 638 -10.94 1.39 59.75
CA LEU B 638 -11.21 2.64 59.05
C LEU B 638 -12.68 2.71 58.63
N GLU B 639 -13.34 3.79 59.02
CA GLU B 639 -14.76 3.97 58.77
C GLU B 639 -15.04 5.27 58.00
N ILE B 640 -15.79 5.14 56.91
CA ILE B 640 -16.14 6.27 56.07
C ILE B 640 -17.65 6.46 56.00
N CYS B 641 -18.11 7.65 56.37
CA CYS B 641 -19.52 8.00 56.29
C CYS B 641 -19.70 9.20 55.38
N THR B 642 -20.67 9.13 54.48
CA THR B 642 -20.86 10.22 53.53
C THR B 642 -22.33 10.54 53.27
N ARG B 643 -22.62 11.81 52.99
CA ARG B 643 -23.97 12.23 52.65
C ARG B 643 -23.96 13.34 51.60
N TYR B 644 -24.79 13.21 50.58
CA TYR B 644 -24.87 14.20 49.51
C TYR B 644 -25.75 15.36 49.93
N ARG B 645 -25.33 16.58 49.60
CA ARG B 645 -26.14 17.76 49.90
C ARG B 645 -27.04 18.09 48.71
N GLY B 646 -28.34 17.88 48.86
CA GLY B 646 -29.28 18.18 47.80
C GLY B 646 -30.69 17.66 48.05
N ASP B 647 -31.55 17.85 47.06
CA ASP B 647 -32.92 17.36 47.11
C ASP B 647 -33.05 15.96 46.50
N GLN B 648 -31.96 15.50 45.87
CA GLN B 648 -31.94 14.18 45.25
C GLN B 648 -30.70 13.40 45.68
N ASP B 649 -30.78 12.08 45.58
CA ASP B 649 -29.62 11.22 45.82
C ASP B 649 -28.63 11.34 44.66
N ALA B 650 -27.35 11.31 44.96
CA ALA B 650 -26.32 11.41 43.92
C ALA B 650 -26.23 10.14 43.09
N THR B 651 -25.69 10.27 41.89
CA THR B 651 -25.45 9.13 41.00
C THR B 651 -24.15 8.45 41.40
N MET B 652 -23.65 7.58 40.51
CA MET B 652 -22.44 6.81 40.79
C MET B 652 -21.31 7.72 41.27
N SER B 653 -20.72 7.36 42.41
CA SER B 653 -19.68 8.18 43.00
C SER B 653 -18.40 7.37 43.22
N ILE B 654 -17.30 8.08 43.43
CA ILE B 654 -16.00 7.46 43.59
C ILE B 654 -15.38 7.82 44.94
N LEU B 655 -14.93 6.79 45.65
CA LEU B 655 -14.17 6.95 46.89
C LEU B 655 -12.71 6.57 46.67
N ASP B 656 -11.83 7.56 46.67
CA ASP B 656 -10.39 7.34 46.51
C ASP B 656 -9.73 7.34 47.87
N ILE B 657 -9.19 6.20 48.27
CA ILE B 657 -8.61 6.04 49.59
C ILE B 657 -7.12 5.73 49.51
N SER B 658 -6.31 6.52 50.20
CA SER B 658 -4.90 6.23 50.31
C SER B 658 -4.62 5.57 51.65
N MET B 659 -3.37 5.16 51.88
CA MET B 659 -3.04 4.43 53.09
C MET B 659 -1.96 5.13 53.92
N MET B 660 -2.07 4.99 55.23
CA MET B 660 -1.03 5.39 56.16
C MET B 660 0.19 4.50 55.92
N THR B 661 1.38 5.09 55.95
CA THR B 661 2.60 4.35 55.60
C THR B 661 2.78 3.08 56.44
N GLY B 662 2.92 1.95 55.75
CA GLY B 662 3.09 0.68 56.42
C GLY B 662 1.77 -0.03 56.72
N PHE B 663 0.71 0.36 56.04
CA PHE B 663 -0.61 -0.23 56.26
C PHE B 663 -1.22 -0.82 54.99
N ALA B 664 -2.12 -1.79 55.19
CA ALA B 664 -2.87 -2.38 54.09
C ALA B 664 -4.27 -2.76 54.57
N PRO B 665 -5.27 -2.67 53.68
CA PRO B 665 -6.63 -3.06 54.03
C PRO B 665 -6.74 -4.56 54.31
N ASP B 666 -7.77 -4.97 55.04
CA ASP B 666 -7.99 -6.39 55.27
C ASP B 666 -8.54 -7.00 53.99
N THR B 667 -7.81 -7.97 53.44
CA THR B 667 -8.19 -8.59 52.18
C THR B 667 -9.54 -9.27 52.24
N ASP B 668 -9.87 -9.84 53.40
CA ASP B 668 -11.14 -10.53 53.58
C ASP B 668 -12.32 -9.57 53.61
N ASP B 669 -12.18 -8.49 54.37
CA ASP B 669 -13.26 -7.51 54.55
C ASP B 669 -13.74 -6.86 53.26
N LEU B 670 -12.87 -6.80 52.25
CA LEU B 670 -13.21 -6.15 50.99
C LEU B 670 -14.34 -6.87 50.28
N LYS B 671 -14.33 -8.19 50.34
CA LYS B 671 -15.35 -9.01 49.69
C LYS B 671 -16.75 -8.74 50.26
N GLN B 672 -16.80 -8.43 51.55
CA GLN B 672 -18.05 -8.11 52.22
C GLN B 672 -18.70 -6.86 51.60
N LEU B 673 -17.87 -5.87 51.27
CA LEU B 673 -18.34 -4.65 50.62
C LEU B 673 -18.64 -4.86 49.13
N ALA B 674 -17.62 -5.25 48.38
CA ALA B 674 -17.70 -5.38 46.93
C ALA B 674 -18.84 -6.27 46.43
N ASN B 675 -19.01 -7.43 47.05
CA ASN B 675 -20.07 -8.35 46.65
C ASN B 675 -21.45 -7.89 47.15
N GLY B 676 -21.45 -6.92 48.04
CA GLY B 676 -22.68 -6.34 48.55
C GLY B 676 -23.37 -5.48 47.51
N VAL B 677 -24.66 -5.21 47.73
CA VAL B 677 -25.45 -4.41 46.79
C VAL B 677 -24.99 -2.95 46.81
N ASP B 678 -25.12 -2.28 45.66
CA ASP B 678 -24.83 -0.85 45.50
C ASP B 678 -23.33 -0.51 45.56
N ARG B 679 -22.50 -1.51 45.80
CA ARG B 679 -21.07 -1.30 45.94
C ARG B 679 -20.31 -2.07 44.86
N TYR B 680 -19.25 -1.47 44.33
CA TYR B 680 -18.43 -2.14 43.31
C TYR B 680 -16.94 -1.89 43.50
N ILE B 681 -16.17 -2.97 43.51
CA ILE B 681 -14.72 -2.91 43.50
C ILE B 681 -14.18 -3.79 42.38
N SER B 682 -13.33 -3.23 41.53
CA SER B 682 -12.77 -3.97 40.40
C SER B 682 -11.98 -5.17 40.89
N LYS B 683 -11.98 -6.24 40.10
CA LYS B 683 -11.29 -7.47 40.45
C LYS B 683 -9.77 -7.25 40.50
N TYR B 684 -9.32 -6.20 39.83
CA TYR B 684 -7.92 -5.81 39.83
C TYR B 684 -7.37 -5.66 41.25
N GLU B 685 -8.13 -4.97 42.10
CA GLU B 685 -7.71 -4.75 43.49
C GLU B 685 -8.11 -5.89 44.42
N LEU B 686 -9.04 -6.74 43.97
CA LEU B 686 -9.55 -7.82 44.80
C LEU B 686 -8.61 -9.03 44.84
N ASP B 687 -8.00 -9.36 43.71
CA ASP B 687 -7.03 -10.45 43.66
C ASP B 687 -5.62 -9.91 43.86
N LYS B 688 -5.52 -8.61 44.15
CA LYS B 688 -4.25 -7.96 44.41
C LYS B 688 -3.61 -8.51 45.69
N ALA B 689 -2.29 -8.43 45.75
CA ALA B 689 -1.54 -8.91 46.91
C ALA B 689 -1.84 -8.07 48.14
N PHE B 690 -1.69 -8.66 49.31
CA PHE B 690 -1.88 -7.95 50.57
C PHE B 690 -0.92 -6.77 50.65
N SER B 691 0.33 -7.01 50.28
CA SER B 691 1.34 -5.96 50.27
C SER B 691 1.15 -5.01 49.10
N ASP B 692 1.67 -3.81 49.25
CA ASP B 692 1.67 -2.80 48.19
C ASP B 692 0.29 -2.38 47.69
N ARG B 693 -0.70 -2.38 48.59
CA ARG B 693 -1.92 -1.68 48.28
C ARG B 693 -1.99 -0.49 49.20
N ASN B 694 -1.55 0.66 48.69
CA ASN B 694 -1.70 1.92 49.37
C ASN B 694 -2.81 2.80 48.75
N THR B 695 -3.38 2.30 47.66
CA THR B 695 -4.43 3.02 46.95
C THR B 695 -5.60 2.10 46.62
N LEU B 696 -6.76 2.41 47.18
CA LEU B 696 -7.95 1.62 46.97
C LEU B 696 -9.12 2.50 46.57
N ILE B 697 -9.83 2.12 45.51
CA ILE B 697 -10.98 2.89 45.04
C ILE B 697 -12.27 2.11 45.17
N ILE B 698 -13.19 2.65 45.96
CA ILE B 698 -14.50 2.04 46.10
C ILE B 698 -15.54 2.83 45.30
N TYR B 699 -16.10 2.19 44.28
CA TYR B 699 -17.12 2.81 43.45
C TYR B 699 -18.51 2.63 44.06
N LEU B 700 -19.16 3.73 44.40
CA LEU B 700 -20.51 3.70 44.94
C LEU B 700 -21.51 3.90 43.82
N ASP B 701 -22.63 3.19 43.89
CA ASP B 701 -23.70 3.37 42.91
C ASP B 701 -24.48 4.64 43.19
N LYS B 702 -24.66 4.96 44.46
CA LYS B 702 -25.37 6.18 44.85
C LYS B 702 -25.02 6.62 46.27
N VAL B 703 -25.31 7.88 46.58
CA VAL B 703 -25.15 8.40 47.93
C VAL B 703 -26.41 9.16 48.35
N SER B 704 -26.99 8.75 49.48
CA SER B 704 -28.26 9.31 49.92
C SER B 704 -28.15 10.79 50.31
N HIS B 705 -29.21 11.55 50.02
CA HIS B 705 -29.23 12.96 50.37
C HIS B 705 -29.93 13.21 51.69
N SER B 706 -30.49 12.16 52.28
CA SER B 706 -31.23 12.30 53.53
C SER B 706 -30.35 12.00 54.73
N GLU B 707 -29.95 10.73 54.87
CA GLU B 707 -29.10 10.32 55.97
C GLU B 707 -27.78 9.75 55.47
N ASP B 708 -26.78 9.76 56.33
CA ASP B 708 -25.43 9.32 55.97
C ASP B 708 -25.37 7.83 55.64
N ASP B 709 -24.76 7.51 54.51
CA ASP B 709 -24.48 6.13 54.16
C ASP B 709 -23.05 5.80 54.55
N CYS B 710 -22.89 4.91 55.52
CA CYS B 710 -21.58 4.65 56.10
C CYS B 710 -21.12 3.21 55.90
N LEU B 711 -19.80 3.02 55.95
CA LEU B 711 -19.20 1.70 55.79
C LEU B 711 -17.88 1.66 56.55
N ALA B 712 -17.37 0.46 56.82
CA ALA B 712 -16.11 0.33 57.53
C ALA B 712 -15.37 -0.95 57.15
N PHE B 713 -14.03 -0.90 57.23
CA PHE B 713 -13.22 -2.09 57.02
C PHE B 713 -11.91 -2.03 57.78
N LYS B 714 -11.33 -3.19 58.07
CA LYS B 714 -10.12 -3.29 58.87
C LYS B 714 -8.85 -3.05 58.06
N VAL B 715 -7.85 -2.45 58.71
CA VAL B 715 -6.54 -2.24 58.10
C VAL B 715 -5.43 -2.77 59.02
N HIS B 716 -4.55 -3.58 58.44
CA HIS B 716 -3.44 -4.18 59.17
C HIS B 716 -2.13 -3.49 58.84
N GLN B 717 -1.22 -3.46 59.80
CA GLN B 717 0.09 -2.86 59.58
C GLN B 717 1.09 -3.97 59.28
N TYR B 718 1.50 -4.07 58.02
CA TYR B 718 2.44 -5.11 57.60
C TYR B 718 3.88 -4.67 57.80
N PHE B 719 4.08 -3.37 57.98
CA PHE B 719 5.39 -2.82 58.26
C PHE B 719 5.32 -1.79 59.37
N ASN B 720 6.00 -2.05 60.48
CA ASN B 720 6.04 -1.09 61.58
C ASN B 720 7.17 -0.09 61.37
N VAL B 721 6.85 1.20 61.50
CA VAL B 721 7.84 2.24 61.24
C VAL B 721 7.50 3.53 61.99
N GLU B 722 8.51 4.36 62.19
CA GLU B 722 8.33 5.67 62.83
C GLU B 722 7.79 6.68 61.84
N LEU B 723 6.96 7.60 62.34
CA LEU B 723 6.42 8.69 61.53
C LEU B 723 5.62 8.23 60.32
N ILE B 724 4.44 7.65 60.58
CA ILE B 724 3.54 7.27 59.50
C ILE B 724 2.79 8.50 58.97
N GLN B 725 2.55 8.53 57.66
CA GLN B 725 1.89 9.66 57.03
C GLN B 725 0.38 9.49 57.05
N PRO B 726 -0.37 10.57 57.36
CA PRO B 726 -1.83 10.49 57.44
C PRO B 726 -2.45 10.01 56.12
N GLY B 727 -3.51 9.21 56.23
CA GLY B 727 -4.19 8.72 55.05
C GLY B 727 -5.25 9.69 54.57
N ALA B 728 -5.65 9.55 53.31
CA ALA B 728 -6.64 10.45 52.72
C ALA B 728 -7.85 9.72 52.16
N VAL B 729 -9.00 10.36 52.24
CA VAL B 729 -10.24 9.85 51.66
C VAL B 729 -10.90 10.95 50.84
N LYS B 730 -11.11 10.68 49.55
CA LYS B 730 -11.68 11.68 48.66
C LYS B 730 -12.92 11.16 47.96
N VAL B 731 -14.06 11.77 48.24
CA VAL B 731 -15.31 11.37 47.60
C VAL B 731 -15.73 12.38 46.53
N TYR B 732 -16.12 11.88 45.36
CA TYR B 732 -16.59 12.77 44.29
C TYR B 732 -17.56 12.13 43.29
N ALA B 733 -18.38 12.95 42.66
CA ALA B 733 -19.26 12.51 41.58
C ALA B 733 -18.48 12.40 40.28
N TYR B 734 -18.75 11.37 39.49
CA TYR B 734 -17.94 11.06 38.31
C TYR B 734 -17.96 12.15 37.23
N TYR B 735 -19.07 12.88 37.13
CA TYR B 735 -19.20 13.89 36.07
C TYR B 735 -18.47 15.19 36.40
N ASN B 736 -18.28 15.48 37.67
CA ASN B 736 -17.56 16.68 38.09
C ASN B 736 -16.53 16.37 39.17
N LEU B 737 -15.25 16.49 38.82
CA LEU B 737 -14.17 16.27 39.77
C LEU B 737 -13.88 17.51 40.61
N GLU B 738 -14.25 18.67 40.09
CA GLU B 738 -13.98 19.94 40.76
C GLU B 738 -14.74 20.02 42.09
N GLU B 739 -15.94 19.46 42.11
CA GLU B 739 -16.71 19.38 43.34
C GLU B 739 -16.51 18.02 44.02
N SER B 740 -15.84 18.04 45.16
CA SER B 740 -15.50 16.81 45.89
C SER B 740 -15.27 17.10 47.36
N CYS B 741 -14.85 16.08 48.11
CA CYS B 741 -14.49 16.29 49.51
C CYS B 741 -13.30 15.41 49.90
N THR B 742 -12.32 16.01 50.56
CA THR B 742 -11.11 15.31 50.95
C THR B 742 -10.87 15.40 52.46
N ARG B 743 -10.64 14.25 53.09
CA ARG B 743 -10.48 14.21 54.54
C ARG B 743 -9.23 13.40 54.90
N PHE B 744 -8.56 13.76 55.99
CA PHE B 744 -7.34 13.04 56.40
C PHE B 744 -7.51 12.32 57.75
N TYR B 745 -6.72 11.28 57.96
CA TYR B 745 -6.75 10.54 59.23
C TYR B 745 -5.38 10.07 59.72
N HIS B 746 -5.11 10.25 61.01
CA HIS B 746 -3.87 9.78 61.63
C HIS B 746 -4.20 9.27 63.05
N PRO B 747 -3.57 8.15 63.46
CA PRO B 747 -3.58 7.48 64.76
C PRO B 747 -2.47 7.87 65.76
N GLU B 748 -2.57 8.96 66.51
CA GLU B 748 -3.63 9.96 66.39
C GLU B 748 -3.15 11.40 66.17
N LYS B 749 -3.52 11.99 65.05
CA LYS B 749 -3.42 13.45 64.88
C LYS B 749 -4.85 13.85 64.61
N GLU B 750 -5.33 14.87 65.32
CA GLU B 750 -6.75 15.21 65.25
C GLU B 750 -7.13 15.70 63.86
N ASP B 751 -8.16 15.08 63.31
CA ASP B 751 -8.70 15.40 61.99
C ASP B 751 -7.71 15.04 60.87
N GLY B 752 -6.58 14.45 61.25
CA GLY B 752 -5.57 14.05 60.29
C GLY B 752 -4.69 15.20 59.85
N LYS B 753 -4.95 16.38 60.42
CA LYS B 753 -4.20 17.58 60.08
C LYS B 753 -2.76 17.46 60.54
N LEU B 754 -1.84 17.99 59.73
CA LEU B 754 -0.44 18.03 60.11
C LEU B 754 -0.22 19.15 61.12
N ASN B 755 0.77 18.98 61.98
CA ASN B 755 1.10 20.02 62.95
C ASN B 755 1.78 21.22 62.27
N LYS B 756 1.19 22.39 62.45
CA LYS B 756 1.77 23.64 61.93
C LYS B 756 1.31 24.81 62.79
N LEU B 757 2.18 25.81 62.95
CA LEU B 757 1.84 26.95 63.79
C LEU B 757 1.52 28.15 62.91
N CYS B 758 0.26 28.58 62.95
CA CYS B 758 -0.21 29.63 62.05
C CYS B 758 -0.95 30.74 62.77
N ARG B 759 -0.60 31.98 62.44
CA ARG B 759 -1.35 33.15 62.88
C ARG B 759 -1.56 34.05 61.67
N ASP B 760 -2.67 34.76 61.65
CA ASP B 760 -3.11 35.50 60.47
C ASP B 760 -3.15 34.58 59.26
N GLU B 761 -2.57 35.02 58.15
CA GLU B 761 -2.54 34.22 56.94
C GLU B 761 -1.22 33.45 56.72
N LEU B 762 -0.32 33.53 57.70
CA LEU B 762 1.00 32.90 57.57
C LEU B 762 1.17 31.70 58.50
N CYS B 763 1.82 30.65 58.01
CA CYS B 763 2.02 29.42 58.77
C CYS B 763 3.45 28.88 58.70
N ARG B 764 3.89 28.24 59.78
CA ARG B 764 5.20 27.61 59.83
C ARG B 764 5.10 26.11 60.16
N CYS B 765 6.05 25.32 59.66
CA CYS B 765 6.01 23.87 59.81
C CYS B 765 6.43 23.39 61.21
N ALA B 766 5.57 22.60 61.83
CA ALA B 766 5.81 22.06 63.18
C ALA B 766 6.38 20.63 63.20
N GLU B 767 6.70 20.09 62.03
CA GLU B 767 7.05 18.67 61.92
C GLU B 767 8.48 18.38 62.34
N GLU B 768 9.20 19.42 62.75
CA GLU B 768 10.56 19.28 63.24
C GLU B 768 10.53 18.90 64.72
N ASN B 769 11.72 18.73 65.31
CA ASN B 769 11.82 18.51 66.75
C ASN B 769 11.30 19.69 67.55
N CYS B 770 10.72 19.42 68.71
CA CYS B 770 10.17 20.47 69.56
C CYS B 770 11.27 21.39 70.07
N PHE B 771 12.43 20.81 70.35
CA PHE B 771 13.61 21.58 70.76
C PHE B 771 14.90 20.81 70.47
N ILE B 772 16.01 21.32 70.98
CA ILE B 772 17.34 20.77 70.73
C ILE B 772 17.48 19.28 71.09
N GLN B 773 16.64 18.80 72.00
CA GLN B 773 16.70 17.42 72.46
C GLN B 773 18.06 17.17 73.13
N LYS B 774 18.48 18.18 73.90
CA LYS B 774 19.75 18.23 74.64
C LYS B 774 21.00 17.83 73.84
N SER B 775 21.95 17.21 74.52
CA SER B 775 23.12 16.60 73.90
C SER B 775 23.51 15.39 74.74
N ASP B 776 23.76 14.26 74.09
CA ASP B 776 24.11 13.04 74.81
C ASP B 776 25.60 12.95 75.19
N ASP B 777 25.85 12.34 76.35
CA ASP B 777 27.18 11.87 76.74
C ASP B 777 28.34 12.89 76.64
N LYS B 778 28.26 14.06 77.29
CA LYS B 778 27.14 14.55 78.09
C LYS B 778 27.28 16.07 78.10
N VAL B 779 26.50 16.76 78.91
CA VAL B 779 26.56 18.23 78.92
C VAL B 779 27.74 18.78 79.74
N THR B 780 28.57 19.59 79.10
CA THR B 780 29.68 20.26 79.78
C THR B 780 29.54 21.77 79.67
N LEU B 781 30.56 22.48 80.14
CA LEU B 781 30.56 23.95 80.08
C LEU B 781 30.94 24.41 78.68
N GLU B 782 31.87 23.69 78.05
CA GLU B 782 32.31 24.01 76.70
C GLU B 782 31.16 23.87 75.71
N GLU B 783 30.27 22.92 75.97
CA GLU B 783 29.09 22.75 75.14
C GLU B 783 28.30 24.04 75.11
N ARG B 784 27.91 24.51 76.28
CA ARG B 784 27.12 25.73 76.39
C ARG B 784 27.84 26.97 75.86
N LEU B 785 29.09 27.15 76.24
CA LEU B 785 29.84 28.32 75.79
C LEU B 785 30.04 28.36 74.27
N ASP B 786 30.52 27.26 73.70
CA ASP B 786 30.74 27.20 72.25
C ASP B 786 29.44 27.28 71.45
N LYS B 787 28.41 26.58 71.92
CA LYS B 787 27.12 26.59 71.22
C LYS B 787 26.42 27.94 71.29
N ALA B 788 26.50 28.61 72.45
CA ALA B 788 25.85 29.90 72.62
C ALA B 788 26.66 31.06 72.04
N CYS B 789 27.93 30.82 71.75
CA CYS B 789 28.80 31.84 71.16
C CYS B 789 28.79 31.74 69.64
N GLU B 790 27.99 30.83 69.11
CA GLU B 790 27.79 30.72 67.67
C GLU B 790 27.17 32.01 67.15
N PRO B 791 27.74 32.56 66.07
CA PRO B 791 27.34 33.85 65.49
C PRO B 791 25.84 33.93 65.20
N GLY B 792 25.24 32.79 64.87
CA GLY B 792 23.81 32.74 64.61
C GLY B 792 22.99 33.02 65.86
N VAL B 793 23.45 32.51 67.00
CA VAL B 793 22.75 32.68 68.27
C VAL B 793 22.59 34.16 68.62
N ASP B 794 21.36 34.58 68.87
CA ASP B 794 21.04 35.99 69.09
C ASP B 794 20.88 36.35 70.56
N TYR B 795 19.87 35.78 71.20
CA TYR B 795 19.49 36.18 72.56
C TYR B 795 19.67 35.06 73.59
N VAL B 796 19.95 35.46 74.83
CA VAL B 796 19.94 34.53 75.96
C VAL B 796 19.26 35.17 77.16
N TYR B 797 18.17 34.56 77.63
CA TYR B 797 17.45 35.08 78.80
C TYR B 797 17.38 34.06 79.93
N LYS B 798 17.40 34.55 81.17
CA LYS B 798 17.00 33.74 82.31
C LYS B 798 15.59 34.16 82.70
N THR B 799 14.67 33.19 82.69
CA THR B 799 13.25 33.46 82.75
C THR B 799 12.50 32.68 83.82
N ARG B 800 11.28 33.12 84.10
CA ARG B 800 10.37 32.42 85.00
C ARG B 800 9.00 32.34 84.35
N LEU B 801 8.39 31.15 84.37
CA LEU B 801 7.09 30.98 83.72
C LEU B 801 5.98 31.56 84.59
N VAL B 802 5.29 32.55 84.04
CA VAL B 802 4.19 33.21 84.76
C VAL B 802 2.89 32.46 84.56
N LYS B 803 2.40 32.42 83.34
CA LYS B 803 1.07 31.83 83.10
C LYS B 803 0.97 31.03 81.82
N VAL B 804 0.35 29.84 81.91
CA VAL B 804 0.16 29.02 80.72
C VAL B 804 -1.22 29.26 80.12
N GLN B 805 -1.25 29.78 78.90
CA GLN B 805 -2.52 29.94 78.20
C GLN B 805 -2.68 28.83 77.19
N LEU B 806 -3.54 27.87 77.52
CA LEU B 806 -3.84 26.76 76.62
C LEU B 806 -4.90 27.12 75.60
N SER B 807 -4.86 26.45 74.45
CA SER B 807 -5.90 26.58 73.45
C SER B 807 -6.23 25.19 72.90
N ASN B 808 -7.15 25.14 71.94
CA ASN B 808 -7.52 23.88 71.30
C ASN B 808 -6.37 23.31 70.49
N ASP B 809 -5.48 24.20 70.05
CA ASP B 809 -4.37 23.83 69.18
C ASP B 809 -3.00 24.27 69.72
N PHE B 810 -2.83 25.59 69.87
CA PHE B 810 -1.52 26.14 70.16
C PHE B 810 -1.38 26.58 71.62
N ASP B 811 -0.28 26.18 72.26
CA ASP B 811 -0.02 26.54 73.65
C ASP B 811 0.82 27.82 73.78
N GLU B 812 0.39 28.70 74.68
CA GLU B 812 1.10 29.95 74.92
C GLU B 812 1.64 30.04 76.35
N TYR B 813 2.96 30.07 76.49
CA TYR B 813 3.61 30.20 77.78
C TYR B 813 4.04 31.64 78.03
N ILE B 814 3.52 32.24 79.10
CA ILE B 814 3.90 33.58 79.50
C ILE B 814 5.03 33.49 80.52
N MET B 815 6.21 33.92 80.07
CA MET B 815 7.45 33.85 80.84
C MET B 815 7.95 35.24 81.22
N ALA B 816 8.16 35.49 82.51
CA ALA B 816 8.77 36.73 82.94
C ALA B 816 10.28 36.58 82.92
N ILE B 817 10.96 37.46 82.17
CA ILE B 817 12.41 37.37 82.07
C ILE B 817 13.04 37.96 83.32
N GLU B 818 13.78 37.14 84.05
CA GLU B 818 14.41 37.60 85.29
C GLU B 818 15.72 38.34 85.04
N GLN B 819 16.46 37.91 84.02
CA GLN B 819 17.63 38.69 83.61
C GLN B 819 17.96 38.46 82.15
N THR B 820 18.58 39.47 81.52
CA THR B 820 19.01 39.31 80.14
C THR B 820 20.51 39.16 80.09
N ILE B 821 20.96 37.93 79.87
CA ILE B 821 22.38 37.66 79.68
C ILE B 821 22.92 38.37 78.44
N LYS B 822 22.47 37.93 77.28
CA LYS B 822 22.81 38.56 76.00
C LYS B 822 21.54 38.98 75.27
N SER B 823 21.55 40.19 74.72
CA SER B 823 20.37 40.72 74.02
C SER B 823 20.57 40.77 72.51
N GLY B 824 19.49 40.51 71.78
CA GLY B 824 19.53 40.50 70.33
C GLY B 824 18.85 41.71 69.71
N SER B 825 18.33 41.54 68.50
CA SER B 825 17.67 42.62 67.78
C SER B 825 16.39 43.07 68.47
N ASP B 826 15.92 42.26 69.43
CA ASP B 826 14.77 42.63 70.25
C ASP B 826 15.24 43.47 71.43
N GLU B 827 14.51 44.52 71.73
CA GLU B 827 14.81 45.34 72.90
C GLU B 827 13.87 44.94 74.03
N VAL B 828 14.41 44.26 75.02
CA VAL B 828 13.62 43.78 76.14
C VAL B 828 14.29 44.06 77.48
N GLN B 829 13.56 44.72 78.37
CA GLN B 829 14.08 45.09 79.67
C GLN B 829 13.58 44.14 80.75
N VAL B 830 14.41 43.91 81.76
CA VAL B 830 14.12 43.00 82.85
C VAL B 830 12.77 43.28 83.51
N GLY B 831 11.96 42.23 83.67
CA GLY B 831 10.65 42.35 84.27
C GLY B 831 9.51 42.26 83.28
N GLN B 832 9.83 42.40 82.00
CA GLN B 832 8.82 42.31 80.95
C GLN B 832 8.46 40.85 80.64
N GLN B 833 7.16 40.60 80.48
CA GLN B 833 6.69 39.26 80.12
C GLN B 833 6.82 39.00 78.62
N ARG B 834 6.95 37.73 78.26
CA ARG B 834 7.01 37.34 76.86
C ARG B 834 6.21 36.05 76.63
N THR B 835 5.85 35.80 75.37
CA THR B 835 5.04 34.62 75.04
C THR B 835 5.78 33.63 74.14
N PHE B 836 5.75 32.37 74.53
CA PHE B 836 6.35 31.30 73.75
C PHE B 836 5.25 30.35 73.26
N ILE B 837 5.32 29.94 71.99
CA ILE B 837 4.26 29.11 71.43
C ILE B 837 4.72 27.70 71.09
N SER B 838 3.99 26.71 71.59
CA SER B 838 4.31 25.31 71.32
C SER B 838 3.12 24.48 70.83
N PRO B 839 3.35 23.57 69.87
CA PRO B 839 2.38 22.59 69.41
C PRO B 839 1.98 21.63 70.52
N ILE B 840 0.77 21.09 70.47
CA ILE B 840 0.28 20.20 71.53
C ILE B 840 1.05 18.88 71.59
N LYS B 841 1.58 18.44 70.46
CA LYS B 841 2.41 17.23 70.42
C LYS B 841 3.80 17.53 70.96
N CYS B 842 4.15 18.81 70.91
CA CYS B 842 5.44 19.31 71.38
C CYS B 842 5.31 19.80 72.83
N ARG B 843 4.17 19.48 73.45
CA ARG B 843 3.89 19.88 74.82
C ARG B 843 3.86 18.65 75.70
N GLU B 844 4.11 18.85 77.00
CA GLU B 844 4.04 17.83 78.04
C GLU B 844 5.24 16.90 77.99
N ALA B 845 5.94 16.89 76.87
CA ALA B 845 7.24 16.25 76.79
C ALA B 845 8.19 17.23 77.46
N LEU B 846 7.89 18.52 77.28
CA LEU B 846 8.56 19.61 77.97
C LEU B 846 8.21 19.60 79.44
N LYS B 847 6.98 19.18 79.74
CA LYS B 847 6.41 19.18 81.09
C LYS B 847 6.67 20.50 81.85
N LEU B 848 6.52 21.60 81.15
CA LEU B 848 6.75 22.93 81.70
C LEU B 848 5.60 23.33 82.61
N GLU B 849 5.94 23.86 83.79
CA GLU B 849 4.93 24.33 84.72
C GLU B 849 5.25 25.72 85.26
N GLU B 850 4.22 26.42 85.74
CA GLU B 850 4.36 27.79 86.21
C GLU B 850 5.19 27.85 87.49
N LYS B 851 5.71 29.04 87.79
CA LYS B 851 6.49 29.33 89.00
C LYS B 851 7.91 28.77 88.94
N LYS B 852 8.15 27.87 88.00
CA LYS B 852 9.47 27.31 87.77
C LYS B 852 10.35 28.25 86.95
N HIS B 853 11.66 28.08 87.08
CA HIS B 853 12.60 28.94 86.38
C HIS B 853 13.24 28.18 85.21
N TYR B 854 13.53 28.88 84.13
CA TYR B 854 14.11 28.25 82.95
C TYR B 854 15.20 29.10 82.27
N LEU B 855 16.03 28.41 81.50
CA LEU B 855 17.04 29.05 80.67
C LEU B 855 16.69 28.76 79.22
N MET B 856 16.52 29.83 78.44
CA MET B 856 16.06 29.69 77.06
C MET B 856 16.93 30.46 76.08
N TRP B 857 17.17 29.88 74.91
CA TRP B 857 17.81 30.63 73.82
C TRP B 857 17.31 30.16 72.44
N GLY B 858 17.42 31.03 71.44
CA GLY B 858 16.90 30.73 70.12
C GLY B 858 17.52 31.53 68.99
N LEU B 859 16.95 31.39 67.79
CA LEU B 859 17.50 32.04 66.61
C LEU B 859 16.79 33.36 66.33
N SER B 860 17.26 34.06 65.29
CA SER B 860 16.66 35.33 64.89
C SER B 860 15.55 35.15 63.85
N SER B 861 15.40 33.92 63.37
CA SER B 861 14.40 33.61 62.35
C SER B 861 13.10 33.07 62.96
N ASP B 862 13.10 32.92 64.29
CA ASP B 862 11.99 32.28 64.98
C ASP B 862 10.92 33.25 65.50
N PHE B 863 11.05 34.53 65.16
CA PHE B 863 10.14 35.55 65.69
C PHE B 863 8.76 35.57 65.05
N TRP B 864 7.76 35.83 65.88
CA TRP B 864 6.36 35.82 65.47
C TRP B 864 5.77 37.23 65.54
N GLY B 865 5.43 37.79 64.38
CA GLY B 865 4.89 39.14 64.31
C GLY B 865 5.95 40.23 64.24
N GLU B 866 5.52 41.48 64.32
CA GLU B 866 6.43 42.62 64.24
C GLU B 866 6.45 43.46 65.51
N LYS B 867 7.58 44.12 65.74
CA LYS B 867 7.79 44.96 66.93
C LYS B 867 6.84 46.16 66.99
N PRO B 868 6.61 46.71 68.19
CA PRO B 868 7.00 46.12 69.48
C PRO B 868 5.90 45.25 70.08
N ASN B 869 5.33 44.37 69.28
CA ASN B 869 4.50 43.29 69.80
C ASN B 869 5.11 41.97 69.35
N LEU B 870 5.73 41.24 70.26
CA LEU B 870 6.49 40.07 69.87
C LEU B 870 6.11 38.80 70.62
N SER B 871 6.19 37.67 69.93
CA SER B 871 6.05 36.37 70.54
C SER B 871 7.21 35.50 70.11
N TYR B 872 7.66 34.63 71.01
CA TYR B 872 8.80 33.77 70.74
C TYR B 872 8.32 32.38 70.38
N ILE B 873 9.04 31.71 69.50
CA ILE B 873 8.66 30.37 69.08
C ILE B 873 9.73 29.36 69.46
N ILE B 874 9.31 28.23 70.01
CA ILE B 874 10.27 27.19 70.38
C ILE B 874 10.41 26.23 69.20
N GLY B 875 11.57 26.29 68.55
CA GLY B 875 11.84 25.50 67.37
C GLY B 875 12.84 24.40 67.60
N LYS B 876 13.34 23.83 66.50
CA LYS B 876 14.33 22.76 66.55
C LYS B 876 15.65 23.26 67.12
N ASP B 877 15.92 24.55 66.93
CA ASP B 877 17.16 25.16 67.39
C ASP B 877 17.01 25.86 68.74
N THR B 878 15.82 25.77 69.32
CA THR B 878 15.54 26.44 70.58
C THR B 878 16.00 25.60 71.78
N TRP B 879 16.80 26.21 72.63
CA TRP B 879 17.31 25.56 73.83
C TRP B 879 16.46 25.91 75.03
N VAL B 880 15.93 24.89 75.68
CA VAL B 880 15.15 25.03 76.90
C VAL B 880 15.71 24.13 77.99
N GLU B 881 16.15 24.72 79.09
CA GLU B 881 16.71 23.94 80.19
C GLU B 881 16.12 24.38 81.53
N HIS B 882 15.54 23.43 82.26
CA HIS B 882 14.93 23.72 83.54
C HIS B 882 15.99 24.15 84.56
N TRP B 883 15.78 25.30 85.17
CA TRP B 883 16.69 25.82 86.19
C TRP B 883 16.19 25.41 87.56
N PRO B 884 16.93 24.53 88.25
CA PRO B 884 16.56 24.05 89.58
C PRO B 884 16.46 25.21 90.56
N GLU B 885 15.56 25.11 91.53
CA GLU B 885 15.40 26.17 92.52
C GLU B 885 16.64 26.26 93.40
N GLU B 886 16.92 27.46 93.89
CA GLU B 886 18.13 27.71 94.67
C GLU B 886 18.19 26.89 95.96
N ASP B 887 17.07 26.78 96.66
CA ASP B 887 17.02 26.02 97.91
C ASP B 887 17.06 24.51 97.67
N GLU B 888 16.59 24.08 96.51
CA GLU B 888 16.62 22.66 96.15
C GLU B 888 17.94 22.30 95.48
N CYS B 889 18.78 23.31 95.25
CA CYS B 889 20.09 23.12 94.64
C CYS B 889 21.02 22.37 95.58
N GLN B 890 20.67 22.37 96.86
CA GLN B 890 21.46 21.68 97.88
C GLN B 890 21.42 20.17 97.72
N ASP B 891 20.42 19.67 97.01
CA ASP B 891 20.31 18.23 96.74
C ASP B 891 21.53 17.75 95.97
N GLU B 892 21.96 16.52 96.25
CA GLU B 892 23.24 16.04 95.75
C GLU B 892 23.19 15.54 94.31
N GLU B 893 22.00 15.39 93.74
CA GLU B 893 21.88 14.95 92.36
C GLU B 893 21.71 16.11 91.40
N ASN B 894 21.59 17.32 91.93
CA ASN B 894 21.45 18.53 91.12
C ASN B 894 22.75 19.30 90.94
N GLN B 895 23.83 18.77 91.50
CA GLN B 895 25.11 19.48 91.58
C GLN B 895 25.68 19.96 90.25
N LYS B 896 25.92 19.02 89.34
CA LYS B 896 26.54 19.33 88.06
C LYS B 896 25.75 20.36 87.28
N GLN B 897 24.43 20.20 87.27
CA GLN B 897 23.56 21.11 86.54
C GLN B 897 23.68 22.53 87.08
N CYS B 898 23.55 22.68 88.40
CA CYS B 898 23.62 23.99 89.03
C CYS B 898 24.98 24.65 88.83
N GLN B 899 26.05 23.87 88.97
CA GLN B 899 27.40 24.40 88.76
C GLN B 899 27.58 24.88 87.32
N ASP B 900 27.13 24.06 86.37
CA ASP B 900 27.23 24.41 84.96
C ASP B 900 26.43 25.67 84.65
N LEU B 901 25.24 25.77 85.23
CA LEU B 901 24.38 26.94 85.04
C LEU B 901 25.01 28.21 85.58
N GLY B 902 25.44 28.18 86.83
CA GLY B 902 26.10 29.33 87.44
C GLY B 902 27.34 29.76 86.66
N ALA B 903 28.19 28.79 86.35
CA ALA B 903 29.40 29.04 85.55
C ALA B 903 29.05 29.70 84.23
N PHE B 904 28.31 29.00 83.38
CA PHE B 904 27.90 29.53 82.08
C PHE B 904 27.32 30.94 82.20
N THR B 905 26.42 31.13 83.15
CA THR B 905 25.80 32.43 83.38
C THR B 905 26.83 33.53 83.65
N GLU B 906 27.72 33.31 84.62
CA GLU B 906 28.70 34.34 84.96
C GLU B 906 29.75 34.59 83.88
N SER B 907 30.13 33.53 83.17
CA SER B 907 31.08 33.66 82.08
C SER B 907 30.46 34.44 80.93
N MET B 908 29.15 34.25 80.72
CA MET B 908 28.43 34.90 79.64
C MET B 908 28.07 36.35 79.94
N VAL B 909 27.69 36.62 81.19
CA VAL B 909 27.28 37.96 81.58
C VAL B 909 28.45 38.93 81.65
N VAL B 910 29.47 38.58 82.43
CA VAL B 910 30.60 39.48 82.63
C VAL B 910 31.54 39.50 81.42
N PHE B 911 32.02 38.32 81.03
CA PHE B 911 32.98 38.22 79.93
C PHE B 911 32.37 38.17 78.54
N GLY B 912 31.15 37.62 78.44
CA GLY B 912 30.56 37.39 77.14
C GLY B 912 31.41 36.42 76.33
N CYS B 913 31.32 36.52 75.01
CA CYS B 913 32.18 35.74 74.14
C CYS B 913 33.51 36.48 74.00
N PRO B 914 34.60 35.75 73.74
CA PRO B 914 35.92 36.39 73.68
C PRO B 914 36.05 37.40 72.55
N ASN B 915 35.23 37.26 71.50
CA ASN B 915 35.27 38.20 70.40
C ASN B 915 34.32 39.38 70.63
N GLY C 1 52.13 -14.60 40.12
CA GLY C 1 53.40 -14.09 40.59
C GLY C 1 54.35 -13.72 39.46
N HIS C 2 54.49 -12.42 39.20
CA HIS C 2 53.74 -11.38 39.91
C HIS C 2 53.21 -10.34 38.93
N CYS C 3 51.92 -10.04 39.02
CA CYS C 3 51.27 -9.15 38.06
C CYS C 3 51.92 -7.76 37.94
N GLN C 4 52.05 -7.32 36.69
CA GLN C 4 52.75 -6.08 36.35
C GLN C 4 51.97 -4.84 36.75
N ALA C 5 52.49 -3.67 36.38
CA ALA C 5 51.83 -2.40 36.64
C ALA C 5 50.39 -2.40 36.13
N PRO C 6 49.46 -1.90 36.96
CA PRO C 6 48.03 -1.96 36.67
C PRO C 6 47.58 -1.04 35.54
N ASP C 7 46.46 -1.39 34.93
CA ASP C 7 45.90 -0.65 33.80
C ASP C 7 45.46 0.74 34.22
N HIS C 8 45.35 1.65 33.25
CA HIS C 8 44.94 3.01 33.54
C HIS C 8 43.42 3.10 33.56
N PHE C 9 42.86 3.38 34.72
CA PHE C 9 41.41 3.49 34.88
C PHE C 9 40.93 4.86 34.44
N LEU C 10 41.66 5.88 34.89
CA LEU C 10 41.46 7.29 34.54
C LEU C 10 40.22 7.91 35.18
N PHE C 11 39.28 7.07 35.59
CA PHE C 11 38.15 7.53 36.41
C PHE C 11 38.35 7.17 37.87
N ALA C 12 39.46 6.49 38.16
CA ALA C 12 39.74 6.05 39.51
C ALA C 12 41.21 6.16 39.90
N LYS C 13 41.45 6.32 41.21
CA LYS C 13 42.81 6.43 41.74
C LYS C 13 43.04 5.45 42.88
N LEU C 14 44.25 4.91 42.97
CA LEU C 14 44.61 4.02 44.06
C LEU C 14 45.27 4.80 45.19
N LYS C 15 44.61 4.80 46.35
CA LYS C 15 45.15 5.38 47.56
C LYS C 15 45.28 4.30 48.63
N THR C 16 46.51 3.90 48.92
CA THR C 16 46.82 2.83 49.88
C THR C 16 48.35 2.71 49.90
N GLN C 17 48.88 1.99 50.89
CA GLN C 17 50.31 1.78 50.99
C GLN C 17 50.80 1.01 49.77
N THR C 18 51.82 1.54 49.10
CA THR C 18 52.52 0.72 48.12
C THR C 18 53.93 0.41 48.57
N ASN C 19 54.14 -0.82 49.03
CA ASN C 19 55.47 -1.31 49.35
C ASN C 19 55.99 -2.20 48.23
N ALA C 20 55.17 -2.40 47.20
CA ALA C 20 55.46 -3.37 46.17
C ALA C 20 55.18 -2.84 44.76
N SER C 21 55.89 -3.40 43.79
CA SER C 21 55.71 -3.04 42.39
C SER C 21 54.98 -4.18 41.68
N ASP C 22 55.61 -5.35 41.68
CA ASP C 22 55.02 -6.54 41.08
C ASP C 22 54.12 -7.16 42.15
N PHE C 23 52.83 -7.19 41.90
CA PHE C 23 51.87 -7.63 42.90
C PHE C 23 51.63 -9.14 42.84
N PRO C 24 51.35 -9.76 44.00
CA PRO C 24 51.06 -11.19 44.07
C PRO C 24 49.56 -11.49 43.93
N ILE C 25 49.23 -12.76 43.96
CA ILE C 25 47.83 -13.20 43.85
C ILE C 25 47.12 -12.95 45.17
N GLY C 26 45.89 -12.41 45.09
CA GLY C 26 45.11 -12.14 46.28
C GLY C 26 45.61 -10.94 47.08
N THR C 27 45.78 -9.82 46.39
CA THR C 27 46.19 -8.58 47.03
C THR C 27 45.21 -7.47 46.65
N SER C 28 44.49 -6.95 47.65
CA SER C 28 43.46 -5.95 47.40
C SER C 28 44.02 -4.57 47.13
N LEU C 29 43.66 -4.00 45.98
CA LEU C 29 44.01 -2.62 45.67
C LEU C 29 42.72 -1.80 45.60
N LYS C 30 42.73 -0.63 46.21
CA LYS C 30 41.52 0.19 46.27
C LYS C 30 41.54 1.34 45.28
N TYR C 31 40.71 1.24 44.25
CA TYR C 31 40.57 2.33 43.29
C TYR C 31 39.26 3.06 43.54
N GLU C 32 39.38 4.30 43.99
CA GLU C 32 38.20 5.12 44.27
C GLU C 32 37.91 6.02 43.08
N CYS C 33 36.63 6.13 42.74
CA CYS C 33 36.20 6.92 41.59
C CYS C 33 36.61 8.39 41.70
N ARG C 34 37.15 8.91 40.60
CA ARG C 34 37.59 10.29 40.51
C ARG C 34 36.36 11.20 40.67
N PRO C 35 36.55 12.38 41.28
CA PRO C 35 35.48 13.36 41.48
C PRO C 35 34.70 13.70 40.20
N GLU C 36 35.29 13.43 39.04
CA GLU C 36 34.62 13.63 37.77
C GLU C 36 33.53 12.58 37.55
N TYR C 37 33.54 11.55 38.39
CA TYR C 37 32.60 10.43 38.27
C TYR C 37 31.95 10.15 39.62
N TYR C 38 31.07 9.16 39.66
CA TYR C 38 30.55 8.70 40.95
C TYR C 38 30.41 7.18 41.01
N GLY C 39 30.91 6.61 42.11
CA GLY C 39 30.75 5.20 42.38
C GLY C 39 31.12 4.94 43.83
N ARG C 40 30.63 3.85 44.40
CA ARG C 40 31.03 3.47 45.75
C ARG C 40 32.50 3.09 45.78
N PRO C 41 33.20 3.43 46.88
CA PRO C 41 34.60 3.02 47.00
C PRO C 41 34.71 1.51 47.01
N PHE C 42 35.57 0.98 46.15
CA PHE C 42 35.70 -0.47 46.00
C PHE C 42 37.15 -0.92 45.98
N SER C 43 37.35 -2.23 45.87
CA SER C 43 38.69 -2.81 45.87
C SER C 43 38.81 -3.92 44.84
N ILE C 44 39.86 -3.85 44.02
CA ILE C 44 40.11 -4.85 42.99
C ILE C 44 41.26 -5.79 43.37
N THR C 45 41.16 -7.03 42.92
CA THR C 45 42.15 -8.06 43.28
C THR C 45 42.70 -8.72 42.02
N CYS C 46 43.93 -9.23 42.11
CA CYS C 46 44.55 -9.95 41.00
C CYS C 46 43.73 -11.19 40.65
N LEU C 47 43.58 -11.45 39.36
CA LEU C 47 42.73 -12.54 38.84
C LEU C 47 43.19 -13.94 39.21
N ASP C 48 44.45 -14.06 39.64
CA ASP C 48 45.21 -15.31 39.77
C ASP C 48 45.77 -15.66 38.38
N ASN C 49 45.26 -14.95 37.38
CA ASN C 49 45.78 -14.98 36.01
C ASN C 49 46.73 -13.81 35.72
N LEU C 50 47.10 -13.08 36.78
CA LEU C 50 47.93 -11.87 36.71
C LEU C 50 47.22 -10.64 36.13
N VAL C 51 45.89 -10.64 36.18
CA VAL C 51 45.09 -9.51 35.71
C VAL C 51 44.22 -8.95 36.85
N TRP C 52 44.00 -7.65 36.87
CA TRP C 52 43.13 -7.04 37.88
C TRP C 52 41.66 -7.34 37.59
N SER C 53 40.78 -7.15 38.58
CA SER C 53 39.42 -7.66 38.47
C SER C 53 38.58 -6.95 37.42
N SER C 54 37.37 -7.46 37.19
CA SER C 54 36.54 -6.98 36.10
C SER C 54 35.66 -5.79 36.49
N PRO C 55 35.76 -4.71 35.71
CA PRO C 55 34.87 -3.57 35.94
C PRO C 55 33.46 -3.84 35.44
N LYS C 56 32.47 -3.51 36.26
CA LYS C 56 31.09 -3.39 35.81
C LYS C 56 30.90 -1.95 35.36
N ASP C 57 29.63 -1.57 35.15
CA ASP C 57 29.29 -0.18 34.87
C ASP C 57 29.13 0.57 36.19
N VAL C 58 29.56 -0.09 37.28
CA VAL C 58 29.47 0.42 38.65
C VAL C 58 29.77 1.91 38.78
N CYS C 59 30.74 2.42 38.02
CA CYS C 59 31.06 3.83 38.13
C CYS C 59 30.69 4.56 36.84
N LYS C 60 30.13 5.75 36.98
CA LYS C 60 29.69 6.54 35.84
C LYS C 60 29.93 8.02 36.10
N ARG C 61 29.90 8.83 35.05
CA ARG C 61 30.10 10.26 35.18
C ARG C 61 28.86 10.96 35.72
N LYS C 62 28.89 12.29 35.71
CA LYS C 62 27.82 13.11 36.25
C LYS C 62 27.28 14.02 35.15
N SER C 63 26.33 14.89 35.52
CA SER C 63 25.71 15.75 34.53
C SER C 63 25.30 17.13 35.04
N CYS C 64 25.21 18.06 34.09
CA CYS C 64 24.85 19.46 34.28
C CYS C 64 23.35 19.67 34.04
N LYS C 65 22.61 18.58 34.10
CA LYS C 65 21.17 18.48 33.82
C LYS C 65 20.77 18.92 32.41
N THR C 66 19.59 19.51 32.24
CA THR C 66 19.09 19.78 30.88
C THR C 66 18.89 21.27 30.62
N PRO C 67 19.61 21.81 29.63
CA PRO C 67 19.44 23.22 29.27
C PRO C 67 18.04 23.45 28.72
N PRO C 68 17.31 24.42 29.29
CA PRO C 68 15.96 24.69 28.78
C PRO C 68 16.00 25.48 27.48
N ASP C 69 15.13 25.13 26.55
CA ASP C 69 14.90 25.95 25.38
C ASP C 69 14.08 27.15 25.83
N PRO C 70 14.68 28.35 25.78
CA PRO C 70 14.01 29.55 26.31
C PRO C 70 12.90 30.03 25.40
N VAL C 71 12.14 31.03 25.87
CA VAL C 71 11.05 31.59 25.06
C VAL C 71 11.63 32.31 23.87
N ASN C 72 11.14 31.94 22.68
CA ASN C 72 11.63 32.49 21.41
C ASN C 72 13.07 32.13 21.13
N GLY C 73 13.69 31.36 22.01
CA GLY C 73 15.09 31.04 21.87
C GLY C 73 15.32 29.59 21.51
N MET C 74 16.54 29.32 21.04
CA MET C 74 16.95 27.98 20.67
C MET C 74 18.21 27.54 21.40
N VAL C 75 18.18 26.33 21.97
CA VAL C 75 19.38 25.78 22.60
C VAL C 75 20.03 24.72 21.71
N HIS C 76 21.21 25.04 21.18
CA HIS C 76 21.96 24.10 20.39
C HIS C 76 22.93 23.32 21.27
N VAL C 77 22.68 22.03 21.40
CA VAL C 77 23.52 21.16 22.21
C VAL C 77 24.34 20.22 21.34
N ILE C 78 25.66 20.32 21.45
CA ILE C 78 26.56 19.43 20.76
C ILE C 78 26.98 18.36 21.77
N THR C 79 27.10 17.12 21.30
CA THR C 79 27.36 15.97 22.17
C THR C 79 26.27 15.86 23.24
N ASP C 80 26.69 15.61 24.48
CA ASP C 80 25.74 15.40 25.57
C ASP C 80 25.91 16.40 26.71
N ILE C 81 25.13 16.20 27.77
CA ILE C 81 25.13 17.08 28.94
C ILE C 81 26.17 16.66 29.98
N GLN C 82 26.99 15.68 29.65
CA GLN C 82 27.99 15.15 30.58
C GLN C 82 29.01 16.21 30.98
N VAL C 83 29.64 16.00 32.13
CA VAL C 83 30.55 16.99 32.71
C VAL C 83 31.66 17.42 31.74
N GLY C 84 31.86 18.73 31.64
CA GLY C 84 32.87 19.29 30.77
C GLY C 84 32.39 19.56 29.36
N SER C 85 31.13 19.24 29.09
CA SER C 85 30.56 19.46 27.76
C SER C 85 30.03 20.88 27.58
N ARG C 86 30.12 21.38 26.35
CA ARG C 86 29.71 22.75 26.06
C ARG C 86 28.39 22.80 25.28
N ILE C 87 27.55 23.78 25.63
CA ILE C 87 26.32 24.04 24.90
C ILE C 87 26.27 25.49 24.44
N ASN C 88 25.45 25.75 23.43
CA ASN C 88 25.30 27.10 22.89
C ASN C 88 23.85 27.56 22.87
N TYR C 89 23.65 28.87 22.98
CA TYR C 89 22.31 29.45 22.91
C TYR C 89 22.23 30.42 21.72
N SER C 90 21.13 30.35 20.97
CA SER C 90 20.89 31.29 19.88
C SER C 90 19.48 31.83 19.95
N CYS C 91 19.37 33.16 20.03
CA CYS C 91 18.08 33.82 19.99
C CYS C 91 17.55 33.94 18.56
N THR C 92 16.27 33.64 18.39
CA THR C 92 15.64 33.62 17.07
C THR C 92 15.71 35.02 16.47
N THR C 93 15.75 35.09 15.14
CA THR C 93 15.95 36.35 14.42
C THR C 93 14.98 37.42 14.90
N GLY C 94 15.48 38.66 14.96
CA GLY C 94 14.69 39.77 15.41
C GLY C 94 14.56 39.81 16.92
N HIS C 95 15.42 39.05 17.59
CA HIS C 95 15.49 39.05 19.05
C HIS C 95 16.94 39.07 19.52
N ARG C 96 17.18 39.74 20.64
CA ARG C 96 18.52 39.81 21.22
C ARG C 96 18.67 38.87 22.42
N LEU C 97 19.87 38.32 22.54
CA LEU C 97 20.24 37.43 23.62
C LEU C 97 20.81 38.23 24.78
N ILE C 98 20.25 38.04 25.97
CA ILE C 98 20.81 38.64 27.17
C ILE C 98 21.35 37.55 28.08
N GLY C 99 22.66 37.42 28.15
CA GLY C 99 23.30 36.34 28.87
C GLY C 99 24.59 35.96 28.20
N HIS C 100 25.04 34.73 28.46
CA HIS C 100 26.22 34.19 27.79
C HIS C 100 25.79 33.08 26.83
N SER C 101 26.19 33.21 25.57
CA SER C 101 25.80 32.25 24.55
C SER C 101 26.37 30.86 24.85
N SER C 102 27.69 30.80 25.02
CA SER C 102 28.34 29.55 25.35
C SER C 102 28.24 29.25 26.85
N ALA C 103 27.77 28.05 27.17
CA ALA C 103 27.68 27.61 28.55
C ALA C 103 28.44 26.29 28.72
N GLU C 104 29.10 26.13 29.85
CA GLU C 104 29.92 24.95 30.10
C GLU C 104 29.48 24.24 31.36
N CYS C 105 29.48 22.91 31.31
CA CYS C 105 29.20 22.14 32.52
C CYS C 105 30.44 22.16 33.39
N ILE C 106 30.31 22.72 34.59
CA ILE C 106 31.48 22.87 35.45
C ILE C 106 31.25 22.11 36.74
N LEU C 107 32.29 22.05 37.57
CA LEU C 107 32.21 21.33 38.83
C LEU C 107 32.72 22.15 40.01
N SER C 108 31.81 22.42 40.96
CA SER C 108 32.17 23.04 42.23
C SER C 108 32.76 21.98 43.15
N GLY C 109 32.69 20.74 42.68
CA GLY C 109 33.35 19.60 43.31
C GLY C 109 32.46 18.64 44.07
N ASN C 110 31.32 19.10 44.56
CA ASN C 110 30.28 18.18 45.03
C ASN C 110 29.35 17.68 43.93
N THR C 111 28.91 18.59 43.07
CA THR C 111 27.96 18.29 42.01
C THR C 111 28.19 19.26 40.86
N ALA C 112 27.80 18.87 39.65
CA ALA C 112 28.05 19.68 38.45
C ALA C 112 26.95 20.69 38.19
N HIS C 113 27.37 21.91 37.85
CA HIS C 113 26.45 23.00 37.53
C HIS C 113 26.93 23.81 36.33
N TRP C 114 25.99 24.24 35.49
CA TRP C 114 26.33 25.04 34.32
C TRP C 114 27.07 26.30 34.76
N SER C 115 28.08 26.70 33.99
CA SER C 115 28.87 27.88 34.32
C SER C 115 27.96 29.11 34.33
N THR C 116 27.11 29.22 33.32
CA THR C 116 26.17 30.31 33.21
C THR C 116 24.72 29.83 33.34
N LYS C 117 23.79 30.77 33.41
CA LYS C 117 22.37 30.44 33.51
C LYS C 117 21.70 30.76 32.17
N PRO C 118 20.60 30.06 31.83
CA PRO C 118 19.99 30.31 30.51
C PRO C 118 19.49 31.75 30.31
N PRO C 119 19.85 32.36 29.17
CA PRO C 119 19.54 33.74 28.77
C PRO C 119 18.06 33.95 28.46
N ILE C 120 17.68 35.22 28.38
CA ILE C 120 16.35 35.62 27.95
C ILE C 120 16.45 36.31 26.59
N CYS C 121 15.52 36.00 25.69
CA CYS C 121 15.52 36.58 24.35
C CYS C 121 14.47 37.67 24.24
N GLN C 122 14.91 38.91 24.04
CA GLN C 122 13.97 40.03 23.99
C GLN C 122 13.86 40.66 22.62
N ARG C 123 12.64 41.07 22.27
CA ARG C 123 12.38 41.70 20.97
C ARG C 123 13.24 42.94 20.75
N ILE C 124 13.88 43.01 19.60
CA ILE C 124 14.76 44.12 19.26
C ILE C 124 14.00 45.43 19.20
N PRO C 125 14.31 46.37 20.11
CA PRO C 125 13.67 47.68 20.14
C PRO C 125 14.24 48.67 19.13
N CYS C 126 13.43 49.64 18.72
CA CYS C 126 13.85 50.67 17.76
C CYS C 126 13.53 52.05 18.33
N GLY C 127 14.34 53.04 18.00
CA GLY C 127 14.09 54.40 18.43
C GLY C 127 12.95 55.04 17.65
N LEU C 128 12.73 56.33 17.86
CA LEU C 128 11.67 57.05 17.17
C LEU C 128 11.98 57.20 15.68
N PRO C 129 10.95 57.02 14.84
CA PRO C 129 11.08 57.18 13.38
C PRO C 129 11.56 58.59 13.01
N PRO C 130 12.33 58.71 11.93
CA PRO C 130 12.87 59.98 11.45
C PRO C 130 11.77 61.01 11.22
N THR C 131 11.98 62.22 11.72
CA THR C 131 10.98 63.27 11.61
C THR C 131 11.22 64.10 10.36
N ILE C 132 10.17 64.28 9.57
CA ILE C 132 10.27 65.05 8.34
C ILE C 132 9.38 66.29 8.41
N ALA C 133 9.75 67.32 7.66
CA ALA C 133 9.00 68.58 7.68
C ALA C 133 7.65 68.43 6.99
N ASN C 134 6.67 69.18 7.50
CA ASN C 134 5.36 69.29 6.86
C ASN C 134 4.50 68.03 6.89
N GLY C 135 5.01 66.96 7.47
CA GLY C 135 4.27 65.71 7.52
C GLY C 135 4.53 64.86 8.76
N ASP C 136 3.60 63.96 9.04
CA ASP C 136 3.66 63.11 10.22
C ASP C 136 3.49 61.65 9.83
N PHE C 137 3.79 60.75 10.76
CA PHE C 137 3.61 59.33 10.53
C PHE C 137 2.37 58.80 11.25
N ILE C 138 1.71 57.80 10.65
CA ILE C 138 0.53 57.21 11.27
C ILE C 138 0.73 55.74 11.64
N SER C 139 0.34 55.38 12.86
CA SER C 139 0.39 54.01 13.35
C SER C 139 -0.50 53.88 14.57
N THR C 140 -0.84 52.65 14.93
CA THR C 140 -1.62 52.42 16.15
C THR C 140 -0.70 52.55 17.36
N ASN C 141 0.57 52.25 17.16
CA ASN C 141 1.59 52.45 18.17
C ASN C 141 2.54 53.58 17.79
N ARG C 142 2.80 54.48 18.72
CA ARG C 142 3.69 55.61 18.48
C ARG C 142 4.90 55.59 19.43
N GLU C 143 4.62 55.65 20.73
CA GLU C 143 5.67 55.77 21.73
C GLU C 143 6.64 54.58 21.79
N ASN C 144 6.12 53.36 21.81
CA ASN C 144 6.96 52.18 21.98
C ASN C 144 7.03 51.30 20.75
N PHE C 145 8.25 51.09 20.24
CA PHE C 145 8.46 50.33 19.02
C PHE C 145 9.32 49.08 19.23
N HIS C 146 8.97 48.00 18.54
CA HIS C 146 9.76 46.78 18.57
C HIS C 146 10.06 46.29 17.14
N TYR C 147 10.85 45.22 17.05
CA TYR C 147 11.27 44.66 15.77
C TYR C 147 10.08 44.29 14.89
N GLY C 148 10.12 44.69 13.63
CA GLY C 148 9.09 44.35 12.67
C GLY C 148 7.95 45.36 12.59
N SER C 149 7.97 46.36 13.45
CA SER C 149 6.94 47.39 13.43
C SER C 149 7.06 48.27 12.19
N VAL C 150 5.95 48.46 11.49
CA VAL C 150 5.94 49.26 10.26
C VAL C 150 5.14 50.56 10.43
N VAL C 151 5.74 51.65 9.97
CA VAL C 151 5.12 52.97 10.03
C VAL C 151 5.02 53.60 8.62
N THR C 152 3.95 54.36 8.41
CA THR C 152 3.68 54.98 7.11
C THR C 152 3.53 56.49 7.25
N TYR C 153 4.14 57.23 6.32
CA TYR C 153 4.13 58.70 6.38
C TYR C 153 2.93 59.32 5.68
N ARG C 154 2.85 60.65 5.74
CA ARG C 154 1.74 61.39 5.15
C ARG C 154 2.14 62.86 5.02
N CYS C 155 1.27 63.68 4.42
CA CYS C 155 1.49 65.11 4.30
C CYS C 155 0.33 65.93 4.85
N ASN C 156 0.65 67.06 5.47
CA ASN C 156 -0.36 67.90 6.12
C ASN C 156 -1.39 68.51 5.17
N LEU C 157 -2.66 68.39 5.55
CA LEU C 157 -3.77 68.87 4.72
C LEU C 157 -4.32 70.23 5.12
N GLY C 158 -3.71 70.87 6.11
CA GLY C 158 -4.28 72.10 6.65
C GLY C 158 -5.57 71.82 7.41
N SER C 159 -6.66 72.48 7.02
CA SER C 159 -7.92 72.34 7.76
C SER C 159 -9.04 71.67 6.95
N ARG C 160 -9.61 72.40 6.00
CA ARG C 160 -10.64 71.85 5.10
C ARG C 160 -10.01 70.76 4.25
N GLY C 161 -8.73 70.99 3.94
CA GLY C 161 -7.90 70.10 3.17
C GLY C 161 -7.71 70.49 1.72
N ARG C 162 -6.47 70.31 1.28
CA ARG C 162 -6.02 70.62 -0.06
C ARG C 162 -4.69 69.88 -0.20
N LYS C 163 -4.17 69.74 -1.41
CA LYS C 163 -2.84 69.17 -1.55
C LYS C 163 -1.84 70.32 -1.51
N VAL C 164 -1.12 70.42 -0.40
CA VAL C 164 -0.10 71.46 -0.21
C VAL C 164 1.26 71.05 -0.75
N PHE C 165 1.63 69.80 -0.48
CA PHE C 165 2.90 69.25 -0.93
C PHE C 165 2.68 67.84 -1.48
N GLU C 166 3.76 67.11 -1.68
CA GLU C 166 3.66 65.74 -2.17
C GLU C 166 4.69 64.82 -1.53
N LEU C 167 4.24 63.64 -1.11
CA LEU C 167 5.11 62.62 -0.54
C LEU C 167 5.89 61.90 -1.63
N VAL C 168 7.20 61.77 -1.43
CA VAL C 168 8.08 61.18 -2.43
C VAL C 168 9.06 60.21 -1.75
N GLY C 169 9.52 59.21 -2.49
CA GLY C 169 10.53 58.29 -1.98
C GLY C 169 10.16 57.27 -0.91
N GLU C 170 9.23 56.37 -1.22
CA GLU C 170 8.98 55.19 -0.38
C GLU C 170 8.56 55.53 1.05
N PRO C 171 7.31 55.99 1.22
CA PRO C 171 6.76 56.47 2.49
C PRO C 171 6.78 55.47 3.65
N SER C 172 6.52 54.20 3.38
CA SER C 172 6.46 53.20 4.44
C SER C 172 7.83 52.62 4.78
N ILE C 173 8.11 52.52 6.08
CA ILE C 173 9.40 52.02 6.56
C ILE C 173 9.20 51.22 7.85
N TYR C 174 10.14 50.35 8.18
CA TYR C 174 9.95 49.44 9.31
C TYR C 174 11.22 49.25 10.13
N CYS C 175 11.05 48.73 11.36
CA CYS C 175 12.18 48.37 12.20
C CYS C 175 12.78 47.03 11.78
N THR C 176 14.10 47.00 11.66
CA THR C 176 14.81 45.80 11.24
C THR C 176 16.23 45.85 11.79
N SER C 177 16.93 44.73 11.77
CA SER C 177 18.30 44.72 12.25
C SER C 177 19.21 43.91 11.33
N ASN C 178 20.31 44.52 10.92
CA ASN C 178 21.28 43.86 10.06
C ASN C 178 22.31 43.16 10.93
N ASP C 179 22.07 43.21 12.23
CA ASP C 179 22.85 42.49 13.22
C ASP C 179 21.88 41.98 14.27
N ASP C 180 22.33 41.10 15.17
CA ASP C 180 21.43 40.58 16.19
C ASP C 180 21.31 41.53 17.37
N GLN C 181 22.00 42.65 17.29
CA GLN C 181 21.92 43.69 18.32
C GLN C 181 20.84 44.70 17.94
N VAL C 182 20.81 45.84 18.62
CA VAL C 182 19.76 46.85 18.44
C VAL C 182 19.51 47.25 16.98
N GLY C 183 18.23 47.31 16.64
CA GLY C 183 17.73 47.44 15.28
C GLY C 183 17.76 48.83 14.68
N ILE C 184 17.91 48.88 13.36
CA ILE C 184 17.91 50.13 12.62
C ILE C 184 16.74 50.23 11.64
N TRP C 185 16.25 51.44 11.40
CA TRP C 185 15.15 51.66 10.47
C TRP C 185 15.52 51.30 9.04
N SER C 186 14.56 50.78 8.28
CA SER C 186 14.78 50.37 6.90
C SER C 186 15.37 51.51 6.06
N GLY C 187 14.81 52.70 6.19
CA GLY C 187 15.43 53.89 5.66
C GLY C 187 14.77 55.17 6.14
N PRO C 188 15.55 56.26 6.22
CA PRO C 188 14.98 57.59 6.49
C PRO C 188 14.66 58.28 5.17
N ALA C 189 13.88 57.60 4.34
CA ALA C 189 13.58 58.08 2.99
C ALA C 189 12.66 59.30 2.80
N PRO C 190 11.51 59.34 3.49
CA PRO C 190 10.42 60.18 2.96
C PRO C 190 10.63 61.69 3.09
N GLN C 191 10.00 62.44 2.19
CA GLN C 191 10.03 63.89 2.20
C GLN C 191 8.70 64.44 1.69
N CYS C 192 8.24 65.54 2.27
CA CYS C 192 7.05 66.23 1.77
C CYS C 192 7.42 67.61 1.23
N ILE C 193 7.39 67.75 -0.09
CA ILE C 193 7.71 69.01 -0.74
C ILE C 193 6.81 69.25 -1.95
N ILE C 194 6.32 68.31 -2.57
N SER D 1 -36.27 -4.95 -48.27
CA SER D 1 -35.35 -6.09 -48.33
C SER D 1 -34.85 -6.48 -46.95
N PRO D 2 -35.63 -7.28 -46.22
CA PRO D 2 -35.24 -7.78 -44.89
C PRO D 2 -33.95 -8.58 -45.00
N MET D 3 -33.00 -8.33 -44.10
CA MET D 3 -31.70 -8.98 -44.17
C MET D 3 -31.42 -9.87 -42.98
N TYR D 4 -31.05 -11.12 -43.23
CA TYR D 4 -30.80 -12.06 -42.16
C TYR D 4 -29.30 -12.32 -41.99
N SER D 5 -28.81 -12.16 -40.77
CA SER D 5 -27.39 -12.31 -40.49
C SER D 5 -27.10 -13.25 -39.31
N ILE D 6 -25.99 -13.96 -39.43
CA ILE D 6 -25.55 -14.90 -38.41
C ILE D 6 -24.12 -14.56 -37.99
N ILE D 7 -23.88 -14.50 -36.69
CA ILE D 7 -22.53 -14.28 -36.18
C ILE D 7 -22.08 -15.46 -35.31
N THR D 8 -20.93 -16.03 -35.66
CA THR D 8 -20.41 -17.20 -34.94
C THR D 8 -18.96 -16.96 -34.53
N PRO D 9 -18.46 -17.75 -33.56
CA PRO D 9 -17.01 -17.73 -33.27
C PRO D 9 -16.22 -18.24 -34.48
N ASN D 10 -15.03 -17.66 -34.68
CA ASN D 10 -14.17 -17.98 -35.81
C ASN D 10 -13.89 -19.47 -35.93
N ILE D 11 -13.53 -20.08 -34.80
CA ILE D 11 -13.23 -21.49 -34.72
C ILE D 11 -14.19 -22.15 -33.72
N LEU D 12 -14.67 -23.34 -34.03
CA LEU D 12 -15.57 -24.06 -33.14
C LEU D 12 -14.84 -25.18 -32.40
N ARG D 13 -15.28 -25.47 -31.19
CA ARG D 13 -14.69 -26.53 -30.37
C ARG D 13 -15.72 -27.62 -30.08
N LEU D 14 -15.23 -28.82 -29.78
CA LEU D 14 -16.10 -29.95 -29.47
C LEU D 14 -16.32 -30.08 -27.97
N GLU D 15 -17.52 -30.52 -27.60
CA GLU D 15 -17.90 -30.70 -26.19
C GLU D 15 -17.72 -29.42 -25.38
N SER D 16 -18.10 -28.30 -25.99
CA SER D 16 -18.03 -27.00 -25.33
C SER D 16 -19.24 -26.19 -25.78
N GLU D 17 -19.82 -25.42 -24.86
CA GLU D 17 -21.02 -24.69 -25.19
C GLU D 17 -20.67 -23.46 -26.02
N GLU D 18 -21.19 -23.44 -27.23
CA GLU D 18 -21.00 -22.32 -28.15
C GLU D 18 -22.31 -21.57 -28.38
N THR D 19 -22.21 -20.27 -28.59
CA THR D 19 -23.37 -19.42 -28.80
C THR D 19 -23.34 -18.88 -30.23
N MET D 20 -24.51 -18.63 -30.79
CA MET D 20 -24.61 -18.08 -32.13
C MET D 20 -25.61 -16.94 -32.17
N VAL D 21 -25.26 -15.87 -32.88
CA VAL D 21 -26.08 -14.66 -32.91
C VAL D 21 -26.96 -14.61 -34.16
N LEU D 22 -28.27 -14.54 -33.93
CA LEU D 22 -29.24 -14.48 -35.02
C LEU D 22 -29.85 -13.08 -35.12
N GLU D 23 -29.83 -12.51 -36.32
CA GLU D 23 -30.35 -11.17 -36.52
C GLU D 23 -31.24 -11.05 -37.76
N ALA D 24 -32.38 -10.38 -37.58
CA ALA D 24 -33.24 -10.04 -38.69
C ALA D 24 -33.38 -8.52 -38.76
N HIS D 25 -32.77 -7.92 -39.78
CA HIS D 25 -32.80 -6.47 -39.96
C HIS D 25 -33.91 -6.03 -40.90
N ASP D 26 -34.61 -4.98 -40.50
CA ASP D 26 -35.67 -4.35 -41.31
C ASP D 26 -36.79 -5.33 -41.62
N ALA D 27 -37.19 -6.14 -40.65
CA ALA D 27 -38.21 -7.15 -40.88
C ALA D 27 -39.55 -6.78 -40.24
N GLN D 28 -40.54 -7.63 -40.44
CA GLN D 28 -41.88 -7.40 -39.91
C GLN D 28 -42.44 -8.66 -39.27
N GLY D 29 -43.00 -8.52 -38.08
CA GLY D 29 -43.63 -9.63 -37.40
C GLY D 29 -42.64 -10.52 -36.69
N ASP D 30 -43.11 -11.66 -36.20
CA ASP D 30 -42.27 -12.60 -35.50
C ASP D 30 -41.70 -13.61 -36.49
N VAL D 31 -40.38 -13.66 -36.61
CA VAL D 31 -39.72 -14.58 -37.53
C VAL D 31 -39.12 -15.79 -36.81
N PRO D 32 -39.59 -17.00 -37.15
CA PRO D 32 -39.05 -18.25 -36.59
C PRO D 32 -37.71 -18.62 -37.23
N VAL D 33 -36.82 -19.21 -36.43
CA VAL D 33 -35.49 -19.59 -36.90
C VAL D 33 -35.10 -20.99 -36.43
N THR D 34 -34.62 -21.80 -37.36
CA THR D 34 -34.10 -23.12 -37.03
C THR D 34 -32.60 -23.21 -37.37
N VAL D 35 -31.83 -23.73 -36.42
CA VAL D 35 -30.38 -23.84 -36.58
C VAL D 35 -29.93 -25.30 -36.64
N THR D 36 -29.17 -25.63 -37.67
CA THR D 36 -28.67 -27.00 -37.86
C THR D 36 -27.17 -27.00 -38.10
N VAL D 37 -26.49 -28.01 -37.55
CA VAL D 37 -25.06 -28.17 -37.74
C VAL D 37 -24.78 -29.54 -38.38
N HIS D 38 -24.02 -29.54 -39.47
CA HIS D 38 -23.71 -30.76 -40.19
C HIS D 38 -22.21 -30.94 -40.37
N ASP D 39 -21.80 -32.14 -40.76
CA ASP D 39 -20.40 -32.38 -41.09
C ASP D 39 -20.12 -31.82 -42.48
N PHE D 40 -18.88 -31.45 -42.74
CA PHE D 40 -18.50 -30.92 -44.05
C PHE D 40 -17.52 -31.81 -44.82
N PRO D 41 -17.91 -32.27 -46.02
CA PRO D 41 -19.24 -32.08 -46.62
C PRO D 41 -20.16 -33.27 -46.33
N GLY D 42 -21.40 -33.20 -46.83
CA GLY D 42 -22.37 -34.25 -46.61
C GLY D 42 -23.30 -33.91 -45.47
N LYS D 43 -24.09 -34.87 -45.02
CA LYS D 43 -24.98 -34.62 -43.90
C LYS D 43 -24.86 -35.70 -42.82
N LYS D 44 -24.26 -35.35 -41.68
CA LYS D 44 -24.26 -36.21 -40.52
C LYS D 44 -25.26 -35.77 -39.46
N LEU D 45 -25.88 -34.61 -39.68
CA LEU D 45 -26.78 -33.98 -38.71
C LEU D 45 -26.17 -33.90 -37.30
N VAL D 46 -25.09 -33.13 -37.16
CA VAL D 46 -24.41 -33.07 -35.87
C VAL D 46 -25.31 -32.49 -34.77
N LEU D 47 -25.75 -31.25 -34.92
CA LEU D 47 -26.78 -30.73 -34.03
C LEU D 47 -27.85 -29.92 -34.76
N SER D 48 -29.06 -30.46 -34.83
CA SER D 48 -30.22 -29.77 -35.38
C SER D 48 -31.00 -29.13 -34.22
N SER D 49 -30.59 -29.52 -33.02
CA SER D 49 -31.36 -29.35 -31.80
C SER D 49 -31.69 -27.94 -31.31
N GLU D 50 -31.23 -26.90 -32.00
CA GLU D 50 -31.54 -25.56 -31.51
C GLU D 50 -32.48 -24.75 -32.40
N LYS D 51 -33.65 -24.48 -31.82
CA LYS D 51 -34.73 -23.77 -32.46
C LYS D 51 -35.12 -22.53 -31.65
N THR D 52 -35.32 -21.38 -32.30
CA THR D 52 -35.71 -20.18 -31.56
C THR D 52 -36.58 -19.22 -32.38
N VAL D 53 -37.23 -18.28 -31.70
CA VAL D 53 -38.10 -17.31 -32.37
C VAL D 53 -37.65 -15.86 -32.17
N LEU D 54 -37.26 -15.21 -33.26
CA LEU D 54 -36.92 -13.78 -33.21
C LEU D 54 -38.20 -12.93 -33.25
N THR D 55 -38.31 -11.98 -32.32
CA THR D 55 -39.50 -11.15 -32.22
C THR D 55 -39.18 -9.66 -32.06
N PRO D 56 -40.13 -8.79 -32.45
CA PRO D 56 -40.06 -7.38 -32.07
C PRO D 56 -40.20 -7.24 -30.55
N ALA D 57 -39.77 -6.10 -30.02
CA ALA D 57 -39.60 -5.87 -28.59
C ALA D 57 -38.42 -6.67 -28.02
N THR D 58 -37.95 -7.65 -28.79
CA THR D 58 -36.65 -8.27 -28.57
C THR D 58 -35.69 -7.60 -29.56
N ASN D 59 -36.25 -6.69 -30.35
CA ASN D 59 -35.53 -5.97 -31.40
C ASN D 59 -34.89 -6.88 -32.44
N HIS D 60 -35.55 -8.02 -32.70
CA HIS D 60 -35.13 -8.96 -33.73
C HIS D 60 -33.68 -9.45 -33.60
N MET D 61 -33.32 -9.91 -32.41
CA MET D 61 -32.00 -10.50 -32.19
C MET D 61 -32.13 -11.64 -31.18
N GLY D 62 -31.45 -12.76 -31.44
CA GLY D 62 -31.56 -13.88 -30.53
C GLY D 62 -30.37 -14.81 -30.44
N ASN D 63 -30.28 -15.45 -29.27
CA ASN D 63 -29.22 -16.39 -28.94
C ASN D 63 -29.52 -17.78 -29.47
N VAL D 64 -28.49 -18.54 -29.82
CA VAL D 64 -28.61 -19.98 -29.96
C VAL D 64 -27.46 -20.69 -29.25
N THR D 65 -27.78 -21.46 -28.22
CA THR D 65 -26.77 -22.12 -27.42
C THR D 65 -26.72 -23.62 -27.70
N PHE D 66 -25.63 -24.08 -28.31
CA PHE D 66 -25.50 -25.50 -28.61
C PHE D 66 -24.13 -26.07 -28.23
N THR D 67 -24.09 -27.36 -27.96
CA THR D 67 -22.84 -28.05 -27.67
C THR D 67 -22.63 -29.18 -28.68
N ILE D 68 -21.59 -29.05 -29.48
CA ILE D 68 -21.32 -30.00 -30.55
C ILE D 68 -20.65 -31.28 -30.03
N PRO D 69 -21.30 -32.44 -30.25
CA PRO D 69 -20.81 -33.76 -29.84
C PRO D 69 -19.56 -34.20 -30.62
N ALA D 70 -18.72 -35.03 -30.01
CA ALA D 70 -17.40 -35.35 -30.57
C ALA D 70 -17.29 -36.74 -31.21
N ASN D 71 -16.88 -36.77 -32.47
CA ASN D 71 -16.44 -38.01 -33.15
C ASN D 71 -15.15 -38.54 -32.56
N ARG D 72 -14.62 -37.79 -31.60
CA ARG D 72 -13.28 -37.99 -31.04
C ARG D 72 -12.25 -37.81 -32.15
N GLU D 73 -11.19 -38.59 -32.14
CA GLU D 73 -10.20 -38.46 -33.19
C GLU D 73 -9.72 -39.80 -33.76
N PHE D 74 -10.10 -40.07 -35.01
CA PHE D 74 -9.60 -41.22 -35.75
C PHE D 74 -8.24 -40.93 -36.38
N LYS D 75 -8.17 -39.79 -37.07
CA LYS D 75 -6.97 -39.36 -37.79
C LYS D 75 -6.94 -37.84 -37.87
N SER D 76 -5.75 -37.23 -37.83
CA SER D 76 -4.46 -37.91 -37.64
C SER D 76 -3.50 -36.96 -36.94
N GLU D 77 -2.26 -37.41 -36.75
CA GLU D 77 -1.22 -36.54 -36.22
C GLU D 77 -0.95 -35.44 -37.24
N LYS D 78 -0.92 -35.83 -38.51
CA LYS D 78 -0.76 -34.91 -39.64
C LYS D 78 -1.97 -34.02 -39.86
N GLY D 79 -3.11 -34.38 -39.29
CA GLY D 79 -4.36 -33.72 -39.64
C GLY D 79 -5.10 -34.50 -40.71
N ARG D 80 -5.85 -33.80 -41.56
CA ARG D 80 -5.81 -32.35 -41.61
C ARG D 80 -7.11 -31.70 -41.12
N ASN D 81 -7.16 -30.38 -41.23
CA ASN D 81 -8.25 -29.57 -40.66
C ASN D 81 -9.65 -30.02 -41.03
N LYS D 82 -10.51 -30.09 -40.02
CA LYS D 82 -11.90 -30.51 -40.20
C LYS D 82 -12.83 -29.31 -40.06
N PHE D 83 -13.85 -29.26 -40.91
CA PHE D 83 -14.80 -28.15 -40.91
C PHE D 83 -16.21 -28.67 -40.72
N VAL D 84 -17.11 -27.81 -40.24
CA VAL D 84 -18.51 -28.17 -40.14
C VAL D 84 -19.37 -27.11 -40.83
N THR D 85 -20.57 -27.48 -41.24
CA THR D 85 -21.45 -26.54 -41.90
C THR D 85 -22.57 -26.09 -40.97
N VAL D 86 -22.59 -24.79 -40.68
CA VAL D 86 -23.64 -24.20 -39.86
C VAL D 86 -24.67 -23.54 -40.76
N GLN D 87 -25.91 -24.01 -40.65
CA GLN D 87 -26.98 -23.55 -41.53
C GLN D 87 -28.15 -23.06 -40.69
N ALA D 88 -28.72 -21.93 -41.07
CA ALA D 88 -29.87 -21.38 -40.34
C ALA D 88 -30.96 -20.92 -41.28
N THR D 89 -32.18 -21.36 -40.99
CA THR D 89 -33.34 -20.99 -41.80
C THR D 89 -34.27 -20.08 -41.01
N PHE D 90 -34.55 -18.89 -41.56
CA PHE D 90 -35.59 -18.06 -40.99
C PHE D 90 -36.81 -18.26 -41.89
N GLY D 91 -37.66 -19.19 -41.47
CA GLY D 91 -39.03 -19.37 -41.93
C GLY D 91 -39.11 -19.81 -43.39
N THR D 92 -38.21 -19.23 -44.18
CA THR D 92 -38.00 -19.54 -45.58
C THR D 92 -36.51 -19.50 -45.85
N GLN D 93 -35.98 -18.28 -45.69
CA GLN D 93 -34.64 -17.90 -46.13
C GLN D 93 -33.53 -18.72 -45.46
N VAL D 94 -32.56 -19.15 -46.27
CA VAL D 94 -31.45 -19.94 -45.76
C VAL D 94 -30.13 -19.20 -45.80
N VAL D 95 -29.46 -19.13 -44.65
CA VAL D 95 -28.14 -18.52 -44.54
C VAL D 95 -27.19 -19.54 -43.93
N GLU D 96 -26.07 -19.82 -44.60
CA GLU D 96 -25.13 -20.82 -44.10
C GLU D 96 -23.66 -20.46 -44.26
N LYS D 97 -22.85 -20.92 -43.31
CA LYS D 97 -21.42 -20.67 -43.28
C LYS D 97 -20.70 -21.91 -42.80
N VAL D 98 -19.58 -22.24 -43.44
CA VAL D 98 -18.75 -23.36 -43.01
C VAL D 98 -17.65 -22.85 -42.08
N VAL D 99 -17.54 -23.47 -40.91
CA VAL D 99 -16.61 -23.03 -39.87
C VAL D 99 -15.52 -24.06 -39.60
N LEU D 100 -14.32 -23.57 -39.32
CA LEU D 100 -13.19 -24.43 -38.94
C LEU D 100 -13.38 -24.97 -37.53
N VAL D 101 -12.82 -26.15 -37.27
CA VAL D 101 -12.99 -26.80 -35.98
C VAL D 101 -11.64 -27.18 -35.37
N SER D 102 -11.42 -26.73 -34.13
CA SER D 102 -10.28 -27.18 -33.36
C SER D 102 -10.74 -28.31 -32.44
N LEU D 103 -9.89 -29.32 -32.29
CA LEU D 103 -10.27 -30.51 -31.54
C LEU D 103 -10.10 -30.36 -30.03
N GLN D 104 -9.63 -29.20 -29.58
CA GLN D 104 -9.43 -28.97 -28.15
C GLN D 104 -10.73 -29.10 -27.36
N SER D 105 -10.72 -29.98 -26.36
CA SER D 105 -11.85 -30.16 -25.46
C SER D 105 -11.87 -29.10 -24.36
N GLY D 106 -10.69 -28.83 -23.82
CA GLY D 106 -10.56 -27.95 -22.66
C GLY D 106 -9.12 -27.78 -22.25
N TYR D 107 -8.89 -27.41 -20.99
CA TYR D 107 -7.53 -27.26 -20.48
C TYR D 107 -7.20 -28.33 -19.43
N LEU D 108 -5.93 -28.68 -19.37
CA LEU D 108 -5.42 -29.63 -18.39
C LEU D 108 -4.20 -29.03 -17.68
N PHE D 109 -4.18 -29.12 -16.35
CA PHE D 109 -3.04 -28.63 -15.60
C PHE D 109 -2.46 -29.68 -14.67
N ILE D 110 -1.14 -29.76 -14.59
CA ILE D 110 -0.49 -30.78 -13.78
C ILE D 110 0.33 -30.16 -12.65
N GLN D 111 0.06 -30.58 -11.41
CA GLN D 111 0.79 -30.07 -10.26
C GLN D 111 1.61 -31.15 -9.57
N THR D 112 2.93 -30.98 -9.57
CA THR D 112 3.82 -31.91 -8.86
C THR D 112 4.16 -31.37 -7.46
N ASP D 113 4.29 -32.27 -6.49
CA ASP D 113 4.55 -31.86 -5.10
C ASP D 113 5.86 -31.11 -4.93
N LYS D 114 6.93 -31.62 -5.54
CA LYS D 114 8.23 -30.93 -5.46
C LYS D 114 8.74 -30.58 -6.85
N THR D 115 9.85 -29.85 -6.89
CA THR D 115 10.48 -29.50 -8.15
C THR D 115 11.66 -30.42 -8.46
N ILE D 116 12.01 -31.25 -7.50
CA ILE D 116 13.16 -32.15 -7.65
C ILE D 116 12.97 -33.40 -6.81
N TYR D 117 13.42 -34.54 -7.31
CA TYR D 117 13.24 -35.80 -6.60
C TYR D 117 14.51 -36.62 -6.53
N THR D 118 14.51 -37.64 -5.68
CA THR D 118 15.65 -38.53 -5.52
C THR D 118 15.29 -39.92 -6.03
N PRO D 119 16.29 -40.66 -6.54
CA PRO D 119 16.05 -42.03 -6.98
C PRO D 119 15.52 -42.89 -5.83
N GLY D 120 14.42 -43.60 -6.08
CA GLY D 120 13.82 -44.44 -5.07
C GLY D 120 12.78 -43.70 -4.26
N SER D 121 12.33 -42.56 -4.79
CA SER D 121 11.30 -41.78 -4.11
C SER D 121 10.01 -41.73 -4.93
N THR D 122 9.00 -41.09 -4.38
CA THR D 122 7.69 -41.02 -5.03
C THR D 122 7.32 -39.59 -5.44
N VAL D 123 6.91 -39.45 -6.70
CA VAL D 123 6.43 -38.17 -7.21
C VAL D 123 4.91 -38.12 -7.11
N LEU D 124 4.40 -37.18 -6.33
CA LEU D 124 2.96 -36.99 -6.19
C LEU D 124 2.50 -35.87 -7.10
N TYR D 125 1.47 -36.12 -7.90
CA TYR D 125 0.99 -35.10 -8.81
C TYR D 125 -0.51 -35.17 -9.05
N ARG D 126 -1.14 -33.99 -9.17
CA ARG D 126 -2.57 -33.91 -9.42
C ARG D 126 -2.80 -33.43 -10.85
N ILE D 127 -3.88 -33.91 -11.46
CA ILE D 127 -4.28 -33.42 -12.77
C ILE D 127 -5.65 -32.75 -12.73
N PHE D 128 -5.66 -31.44 -13.00
CA PHE D 128 -6.89 -30.67 -13.07
C PHE D 128 -7.42 -30.69 -14.50
N THR D 129 -8.64 -31.21 -14.63
CA THR D 129 -9.31 -31.35 -15.92
C THR D 129 -10.46 -30.36 -16.03
N VAL D 130 -10.34 -29.36 -16.90
CA VAL D 130 -11.39 -28.37 -17.06
C VAL D 130 -11.76 -28.15 -18.53
N ASN D 131 -12.90 -27.52 -18.76
CA ASN D 131 -13.30 -27.12 -20.10
C ASN D 131 -12.76 -25.73 -20.44
N HIS D 132 -13.24 -25.16 -21.55
CA HIS D 132 -12.78 -23.85 -21.99
C HIS D 132 -13.26 -22.73 -21.08
N LYS D 133 -14.25 -23.03 -20.25
CA LYS D 133 -14.76 -22.08 -19.27
C LYS D 133 -14.05 -22.26 -17.94
N LEU D 134 -13.06 -23.15 -17.94
CA LEU D 134 -12.25 -23.47 -16.76
C LEU D 134 -13.10 -24.04 -15.63
N LEU D 135 -14.25 -24.59 -15.98
CA LEU D 135 -15.12 -25.26 -15.02
C LEU D 135 -14.71 -26.73 -14.93
N PRO D 136 -14.92 -27.35 -13.76
CA PRO D 136 -14.50 -28.75 -13.60
C PRO D 136 -15.35 -29.69 -14.45
N VAL D 137 -14.70 -30.65 -15.10
CA VAL D 137 -15.40 -31.64 -15.89
C VAL D 137 -14.76 -33.02 -15.78
N GLY D 138 -15.58 -34.04 -15.50
CA GLY D 138 -15.12 -35.41 -15.58
C GLY D 138 -14.93 -35.83 -17.03
N ARG D 139 -13.72 -36.26 -17.37
CA ARG D 139 -13.39 -36.71 -18.72
C ARG D 139 -12.30 -37.77 -18.73
N THR D 140 -12.16 -38.46 -19.86
CA THR D 140 -11.07 -39.41 -20.05
C THR D 140 -9.77 -38.73 -20.48
N VAL D 141 -8.69 -39.03 -19.77
CA VAL D 141 -7.39 -38.40 -20.01
C VAL D 141 -6.26 -39.42 -20.10
N MET D 142 -5.46 -39.30 -21.14
CA MET D 142 -4.28 -40.14 -21.34
C MET D 142 -3.06 -39.50 -20.68
N VAL D 143 -2.29 -40.32 -19.96
CA VAL D 143 -1.12 -39.85 -19.22
C VAL D 143 0.14 -40.63 -19.60
N ASN D 144 1.23 -39.90 -19.85
CA ASN D 144 2.52 -40.48 -20.18
C ASN D 144 3.66 -39.88 -19.34
N ILE D 145 4.70 -40.67 -19.11
CA ILE D 145 5.89 -40.20 -18.40
C ILE D 145 7.14 -40.43 -19.24
N GLU D 146 7.78 -39.34 -19.66
CA GLU D 146 8.94 -39.40 -20.53
C GLU D 146 10.26 -39.15 -19.79
N ASN D 147 11.21 -40.05 -20.02
CA ASN D 147 12.57 -39.91 -19.52
C ASN D 147 13.30 -38.82 -20.31
N PRO D 148 14.50 -38.39 -19.83
CA PRO D 148 15.28 -37.38 -20.56
C PRO D 148 15.48 -37.66 -22.04
N GLU D 149 15.66 -38.92 -22.42
CA GLU D 149 15.87 -39.26 -23.83
C GLU D 149 14.57 -39.16 -24.64
N GLY D 150 13.43 -39.07 -23.95
CA GLY D 150 12.16 -38.86 -24.61
C GLY D 150 11.24 -40.08 -24.66
N ILE D 151 11.78 -41.24 -24.28
CA ILE D 151 11.02 -42.48 -24.31
C ILE D 151 9.98 -42.52 -23.19
N PRO D 152 8.68 -42.58 -23.54
CA PRO D 152 7.71 -42.74 -22.47
C PRO D 152 7.91 -44.09 -21.78
N VAL D 153 8.14 -44.10 -20.48
CA VAL D 153 8.33 -45.37 -19.77
C VAL D 153 7.05 -45.89 -19.12
N LYS D 154 6.08 -45.01 -18.95
CA LYS D 154 4.81 -45.38 -18.33
C LYS D 154 3.65 -44.61 -18.96
N GLN D 155 2.60 -45.33 -19.35
CA GLN D 155 1.42 -44.68 -19.89
C GLN D 155 0.11 -45.33 -19.44
N ASP D 156 -0.81 -44.52 -18.94
CA ASP D 156 -2.13 -45.02 -18.57
C ASP D 156 -3.24 -44.16 -19.14
N SER D 157 -4.47 -44.61 -18.91
CA SER D 157 -5.66 -43.90 -19.37
C SER D 157 -6.65 -43.85 -18.21
N LEU D 158 -6.98 -42.65 -17.76
CA LEU D 158 -7.75 -42.51 -16.53
C LEU D 158 -9.02 -41.68 -16.73
N SER D 159 -9.97 -41.82 -15.81
CA SER D 159 -11.19 -41.03 -15.85
C SER D 159 -11.32 -40.15 -14.62
N SER D 160 -11.61 -38.88 -14.85
CA SER D 160 -11.74 -37.91 -13.77
C SER D 160 -13.18 -37.81 -13.28
N GLN D 161 -14.03 -38.71 -13.77
CA GLN D 161 -15.45 -38.69 -13.42
C GLN D 161 -15.67 -38.82 -11.92
N ASN D 162 -16.54 -37.96 -11.39
CA ASN D 162 -16.84 -37.87 -9.97
C ASN D 162 -15.62 -37.56 -9.10
N GLN D 163 -14.57 -37.02 -9.71
CA GLN D 163 -13.38 -36.60 -8.97
C GLN D 163 -13.38 -35.09 -8.73
N LEU D 164 -14.41 -34.42 -9.24
CA LEU D 164 -14.50 -32.96 -9.19
C LEU D 164 -13.27 -32.29 -9.83
N GLY D 165 -12.98 -32.69 -11.06
CA GLY D 165 -11.91 -32.09 -11.83
C GLY D 165 -10.51 -32.20 -11.24
N VAL D 166 -10.33 -33.12 -10.31
CA VAL D 166 -9.02 -33.32 -9.69
C VAL D 166 -8.64 -34.80 -9.64
N LEU D 167 -7.56 -35.16 -10.32
CA LEU D 167 -7.06 -36.53 -10.28
C LEU D 167 -5.77 -36.65 -9.48
N PRO D 168 -5.86 -37.19 -8.26
CA PRO D 168 -4.66 -37.51 -7.47
C PRO D 168 -3.90 -38.68 -8.08
N LEU D 169 -2.58 -38.53 -8.23
CA LEU D 169 -1.74 -39.55 -8.85
C LEU D 169 -0.35 -39.62 -8.23
N SER D 170 0.35 -40.72 -8.46
CA SER D 170 1.70 -40.92 -7.92
C SER D 170 2.53 -41.84 -8.81
N TRP D 171 3.84 -41.60 -8.84
CA TRP D 171 4.75 -42.49 -9.56
C TRP D 171 6.06 -42.73 -8.81
N ASP D 172 6.46 -43.99 -8.71
CA ASP D 172 7.65 -44.36 -7.96
C ASP D 172 8.89 -44.39 -8.85
N ILE D 173 9.80 -43.46 -8.62
CA ILE D 173 11.06 -43.42 -9.36
C ILE D 173 11.95 -44.59 -8.95
N PRO D 174 12.38 -45.39 -9.94
CA PRO D 174 13.21 -46.58 -9.68
C PRO D 174 14.55 -46.23 -9.06
N GLU D 175 15.21 -47.21 -8.45
CA GLU D 175 16.51 -46.99 -7.83
C GLU D 175 17.61 -46.93 -8.89
N LEU D 176 17.46 -47.72 -9.95
CA LEU D 176 18.36 -47.62 -11.08
C LEU D 176 17.62 -46.78 -12.11
N VAL D 177 18.08 -45.56 -12.28
CA VAL D 177 17.33 -44.57 -13.05
C VAL D 177 18.25 -43.59 -13.76
N ASN D 178 17.82 -43.10 -14.90
CA ASN D 178 18.59 -42.11 -15.65
C ASN D 178 18.44 -40.72 -15.05
N MET D 179 19.56 -40.06 -14.77
CA MET D 179 19.54 -38.73 -14.18
C MET D 179 19.29 -37.68 -15.26
N GLY D 180 18.48 -36.68 -14.94
CA GLY D 180 18.17 -35.63 -15.89
C GLY D 180 16.80 -35.00 -15.70
N GLN D 181 16.31 -34.34 -16.74
CA GLN D 181 15.00 -33.69 -16.67
C GLN D 181 13.88 -34.62 -17.16
N TRP D 182 13.01 -35.01 -16.23
CA TRP D 182 11.91 -35.90 -16.51
C TRP D 182 10.63 -35.13 -16.79
N LYS D 183 9.79 -35.66 -17.68
CA LYS D 183 8.59 -34.91 -18.09
C LYS D 183 7.29 -35.68 -17.95
N ILE D 184 6.28 -35.05 -17.35
CA ILE D 184 4.95 -35.61 -17.27
C ILE D 184 4.05 -35.01 -18.35
N ARG D 185 3.62 -35.85 -19.29
CA ARG D 185 2.77 -35.42 -20.40
C ARG D 185 1.35 -35.93 -20.21
N ALA D 186 0.37 -35.14 -20.63
CA ALA D 186 -1.03 -35.55 -20.52
C ALA D 186 -1.88 -34.91 -21.60
N TYR D 187 -2.92 -35.60 -22.04
CA TYR D 187 -3.82 -35.03 -23.05
C TYR D 187 -5.20 -35.69 -23.00
N TYR D 188 -6.21 -35.01 -23.54
CA TYR D 188 -7.55 -35.57 -23.57
C TYR D 188 -7.66 -36.72 -24.58
N GLU D 189 -8.54 -37.67 -24.31
CA GLU D 189 -8.73 -38.83 -25.18
C GLU D 189 -9.19 -38.42 -26.57
N ASN D 190 -9.99 -37.36 -26.64
CA ASN D 190 -10.56 -36.94 -27.91
C ASN D 190 -9.66 -35.96 -28.66
N SER D 191 -8.59 -35.54 -28.01
CA SER D 191 -7.70 -34.54 -28.60
C SER D 191 -6.23 -34.83 -28.31
N PRO D 192 -5.65 -35.81 -29.01
CA PRO D 192 -4.22 -36.14 -28.87
C PRO D 192 -3.28 -35.04 -29.39
N GLN D 193 -3.81 -34.11 -30.19
CA GLN D 193 -2.99 -33.03 -30.73
C GLN D 193 -2.60 -32.00 -29.68
N GLN D 194 -3.44 -31.82 -28.66
CA GLN D 194 -3.15 -30.83 -27.62
C GLN D 194 -2.59 -31.52 -26.38
N VAL D 195 -1.30 -31.34 -26.14
CA VAL D 195 -0.63 -31.99 -25.02
C VAL D 195 -0.11 -31.00 -23.98
N PHE D 196 -0.51 -31.20 -22.74
CA PHE D 196 -0.06 -30.36 -21.63
C PHE D 196 1.05 -31.10 -20.87
N SER D 197 2.07 -30.37 -20.43
CA SER D 197 3.25 -31.01 -19.86
C SER D 197 3.82 -30.29 -18.64
N THR D 198 4.55 -31.03 -17.81
CA THR D 198 5.27 -30.45 -16.69
C THR D 198 6.64 -31.12 -16.59
N GLU D 199 7.61 -30.44 -15.99
CA GLU D 199 8.94 -31.01 -15.80
C GLU D 199 9.29 -31.18 -14.32
N PHE D 200 10.12 -32.17 -14.03
CA PHE D 200 10.70 -32.33 -12.70
C PHE D 200 12.09 -32.98 -12.82
N GLU D 201 12.99 -32.61 -11.91
CA GLU D 201 14.39 -33.05 -12.00
C GLU D 201 14.70 -34.21 -11.07
N VAL D 202 15.40 -35.21 -11.58
CA VAL D 202 15.92 -36.30 -10.76
C VAL D 202 17.42 -36.11 -10.59
N LYS D 203 17.88 -36.10 -9.35
CA LYS D 203 19.26 -35.79 -9.05
C LYS D 203 19.65 -36.37 -7.69
N GLU D 204 20.95 -36.53 -7.46
CA GLU D 204 21.45 -36.95 -6.15
C GLU D 204 21.76 -35.70 -5.33
N TYR D 205 20.97 -35.45 -4.30
CA TYR D 205 21.10 -34.21 -3.55
C TYR D 205 20.80 -34.38 -2.06
N VAL D 206 21.18 -33.36 -1.29
CA VAL D 206 20.75 -33.23 0.10
C VAL D 206 20.24 -31.82 0.34
N LEU D 207 19.22 -31.68 1.17
CA LEU D 207 18.67 -30.36 1.48
C LEU D 207 19.69 -29.53 2.25
N PRO D 208 19.99 -28.32 1.77
CA PRO D 208 21.04 -27.52 2.42
C PRO D 208 20.59 -26.94 3.76
N SER D 209 21.53 -26.32 4.47
CA SER D 209 21.23 -25.65 5.73
C SER D 209 20.71 -24.24 5.53
N PHE D 210 21.20 -23.57 4.49
CA PHE D 210 20.85 -22.18 4.23
C PHE D 210 20.63 -21.89 2.76
N GLU D 211 20.27 -20.64 2.44
CA GLU D 211 20.08 -20.25 1.05
C GLU D 211 20.87 -18.98 0.71
N VAL D 212 21.33 -18.93 -0.53
CA VAL D 212 22.05 -17.78 -1.04
C VAL D 212 21.24 -17.08 -2.13
N ILE D 213 21.16 -15.77 -2.02
CA ILE D 213 20.47 -14.93 -3.00
C ILE D 213 21.40 -13.78 -3.36
N VAL D 214 21.75 -13.70 -4.65
CA VAL D 214 22.61 -12.61 -5.11
C VAL D 214 21.78 -11.61 -5.93
N GLU D 215 22.01 -10.32 -5.70
CA GLU D 215 21.27 -9.30 -6.44
C GLU D 215 22.20 -8.19 -6.90
N PRO D 216 22.00 -7.72 -8.14
CA PRO D 216 22.70 -6.54 -8.63
C PRO D 216 22.02 -5.28 -8.11
N THR D 217 22.74 -4.16 -8.06
CA THR D 217 22.14 -2.89 -7.66
C THR D 217 20.99 -2.54 -8.60
N GLU D 218 21.22 -2.69 -9.89
CA GLU D 218 20.18 -2.55 -10.90
C GLU D 218 20.18 -3.79 -11.79
N LYS D 219 19.05 -4.08 -12.43
CA LYS D 219 18.87 -5.35 -13.13
C LYS D 219 19.47 -5.38 -14.53
N PHE D 220 20.17 -4.32 -14.90
CA PHE D 220 20.89 -4.26 -16.16
C PHE D 220 22.29 -3.76 -15.88
N TYR D 221 23.07 -3.58 -16.94
CA TYR D 221 24.38 -2.95 -16.82
C TYR D 221 24.57 -1.90 -17.90
N TYR D 222 24.94 -0.69 -17.49
CA TYR D 222 25.22 0.38 -18.43
C TYR D 222 26.69 0.27 -18.84
N ILE D 223 26.90 0.16 -20.14
CA ILE D 223 28.21 -0.10 -20.72
C ILE D 223 29.28 0.92 -20.30
N TYR D 224 28.88 2.19 -20.16
CA TYR D 224 29.83 3.26 -19.90
C TYR D 224 30.01 3.57 -18.42
N ASN D 225 29.41 2.77 -17.56
CA ASN D 225 29.55 2.96 -16.12
C ASN D 225 30.93 2.49 -15.65
N GLU D 226 31.70 3.43 -15.10
CA GLU D 226 33.06 3.15 -14.66
C GLU D 226 33.07 2.31 -13.39
N LYS D 227 32.03 2.44 -12.58
CA LYS D 227 31.89 1.67 -11.36
C LYS D 227 31.93 0.17 -11.63
N GLY D 228 31.44 -0.22 -12.80
CA GLY D 228 31.36 -1.62 -13.16
C GLY D 228 30.11 -2.23 -12.55
N LEU D 229 29.95 -3.54 -12.71
CA LEU D 229 28.77 -4.21 -12.18
C LEU D 229 28.89 -4.45 -10.68
N GLU D 230 27.94 -3.91 -9.93
CA GLU D 230 27.96 -4.03 -8.48
C GLU D 230 26.98 -5.11 -8.01
N VAL D 231 27.49 -6.06 -7.24
CA VAL D 231 26.68 -7.20 -6.79
C VAL D 231 26.70 -7.34 -5.27
N THR D 232 25.51 -7.45 -4.70
CA THR D 232 25.35 -7.68 -3.27
C THR D 232 24.92 -9.13 -3.02
N ILE D 233 25.69 -9.80 -2.17
CA ILE D 233 25.45 -11.19 -1.82
C ILE D 233 24.72 -11.26 -0.49
N THR D 234 23.61 -11.99 -0.47
CA THR D 234 22.84 -12.18 0.75
C THR D 234 22.74 -13.66 1.02
N ALA D 235 23.08 -14.09 2.23
CA ALA D 235 22.99 -15.50 2.59
C ALA D 235 22.29 -15.66 3.92
N ARG D 236 21.14 -16.32 3.90
CA ARG D 236 20.36 -16.46 5.12
C ARG D 236 20.01 -17.92 5.43
N PHE D 237 19.95 -18.25 6.71
CA PHE D 237 19.53 -19.57 7.12
C PHE D 237 18.07 -19.80 6.77
N LEU D 238 17.67 -21.06 6.71
CA LEU D 238 16.30 -21.42 6.42
C LEU D 238 15.32 -20.91 7.47
N TYR D 239 15.81 -20.76 8.70
CA TYR D 239 14.99 -20.24 9.78
C TYR D 239 15.04 -18.72 9.91
N GLY D 240 15.70 -18.07 8.96
CA GLY D 240 15.70 -16.62 8.89
C GLY D 240 16.92 -15.94 9.48
N LYS D 241 17.69 -16.68 10.27
CA LYS D 241 18.91 -16.13 10.86
C LYS D 241 19.97 -15.87 9.79
N LYS D 242 20.73 -14.79 9.95
CA LYS D 242 21.76 -14.44 8.99
C LYS D 242 22.94 -15.40 9.11
N VAL D 243 23.95 -15.23 8.28
CA VAL D 243 25.06 -16.17 8.26
C VAL D 243 26.43 -15.48 8.32
N GLU D 244 27.42 -16.21 8.84
CA GLU D 244 28.79 -15.74 8.89
C GLU D 244 29.68 -16.78 8.22
N GLY D 245 30.35 -16.37 7.15
CA GLY D 245 31.15 -17.30 6.37
C GLY D 245 32.04 -16.63 5.33
N THR D 246 32.50 -17.41 4.37
CA THR D 246 33.37 -16.88 3.31
C THR D 246 32.82 -17.25 1.95
N ALA D 247 32.72 -16.27 1.07
CA ALA D 247 32.12 -16.48 -0.25
C ALA D 247 33.11 -16.31 -1.40
N PHE D 248 33.00 -17.19 -2.38
CA PHE D 248 33.78 -17.10 -3.61
C PHE D 248 32.87 -16.67 -4.74
N VAL D 249 33.25 -15.59 -5.43
CA VAL D 249 32.41 -15.01 -6.47
C VAL D 249 33.19 -14.79 -7.77
N ILE D 250 32.56 -15.13 -8.90
CA ILE D 250 33.20 -14.98 -10.20
C ILE D 250 32.15 -14.55 -11.23
N PHE D 251 32.59 -13.84 -12.28
CA PHE D 251 31.66 -13.33 -13.28
C PHE D 251 31.85 -13.99 -14.64
N GLY D 252 30.98 -13.65 -15.58
CA GLY D 252 31.04 -14.20 -16.92
C GLY D 252 30.14 -13.50 -17.91
N ILE D 253 30.44 -13.67 -19.20
CA ILE D 253 29.68 -13.03 -20.27
C ILE D 253 28.94 -14.07 -21.11
N GLN D 254 27.63 -13.90 -21.26
CA GLN D 254 26.84 -14.84 -22.04
C GLN D 254 26.43 -14.24 -23.39
N ASP D 255 26.79 -14.93 -24.45
CA ASP D 255 26.43 -14.53 -25.80
C ASP D 255 25.85 -15.74 -26.53
N GLY D 256 24.65 -15.57 -27.04
CA GLY D 256 23.87 -16.68 -27.57
C GLY D 256 23.57 -17.63 -26.42
N GLU D 257 23.83 -18.91 -26.65
CA GLU D 257 23.76 -19.89 -25.58
C GLU D 257 25.16 -20.20 -25.03
N GLN D 258 26.17 -19.54 -25.58
CA GLN D 258 27.55 -19.78 -25.17
C GLN D 258 27.99 -18.83 -24.07
N ARG D 259 28.57 -19.39 -23.00
CA ARG D 259 29.07 -18.61 -21.87
C ARG D 259 30.60 -18.55 -21.87
N ILE D 260 31.14 -17.42 -21.46
CA ILE D 260 32.59 -17.24 -21.35
C ILE D 260 32.94 -16.71 -19.96
N SER D 261 33.72 -17.48 -19.21
CA SER D 261 34.08 -17.09 -17.85
C SER D 261 35.14 -15.98 -17.85
N LEU D 262 35.14 -15.19 -16.78
CA LEU D 262 36.15 -14.16 -16.58
C LEU D 262 37.05 -14.55 -15.41
N PRO D 263 38.29 -14.97 -15.72
CA PRO D 263 39.24 -15.50 -14.73
C PRO D 263 39.68 -14.45 -13.70
N GLU D 264 39.89 -13.21 -14.14
CA GLU D 264 40.40 -12.17 -13.25
C GLU D 264 39.29 -11.51 -12.44
N SER D 265 38.06 -11.98 -12.63
CA SER D 265 36.94 -11.44 -11.88
C SER D 265 36.73 -12.23 -10.59
N LEU D 266 37.59 -13.22 -10.36
CA LEU D 266 37.46 -14.06 -9.17
C LEU D 266 37.82 -13.29 -7.90
N LYS D 267 36.90 -13.28 -6.95
CA LYS D 267 37.10 -12.60 -5.67
C LYS D 267 36.66 -13.48 -4.50
N ARG D 268 37.40 -13.40 -3.41
CA ARG D 268 37.04 -14.07 -2.17
C ARG D 268 36.69 -13.01 -1.14
N ILE D 269 35.42 -12.97 -0.72
CA ILE D 269 34.96 -11.94 0.20
C ILE D 269 34.42 -12.54 1.50
N PRO D 270 34.58 -11.83 2.62
CA PRO D 270 34.00 -12.28 3.88
C PRO D 270 32.49 -12.01 3.95
N ILE D 271 31.75 -12.90 4.61
CA ILE D 271 30.32 -12.68 4.83
C ILE D 271 30.04 -12.32 6.29
N GLU D 272 29.55 -11.10 6.51
CA GLU D 272 29.30 -10.59 7.85
C GLU D 272 27.84 -10.16 7.96
N ASP D 273 27.14 -10.66 8.99
CA ASP D 273 25.70 -10.40 9.16
C ASP D 273 24.87 -10.83 7.96
N GLY D 274 25.27 -11.91 7.32
CA GLY D 274 24.52 -12.44 6.19
C GLY D 274 24.53 -11.51 4.98
N SER D 275 25.65 -10.84 4.75
CA SER D 275 25.78 -9.94 3.62
C SER D 275 27.21 -9.79 3.14
N GLY D 276 27.36 -9.40 1.88
CA GLY D 276 28.67 -9.18 1.30
C GLY D 276 28.54 -8.37 0.02
N GLU D 277 29.65 -7.79 -0.44
CA GLU D 277 29.64 -7.02 -1.67
C GLU D 277 30.82 -7.36 -2.57
N VAL D 278 30.58 -7.33 -3.87
CA VAL D 278 31.64 -7.57 -4.84
C VAL D 278 31.39 -6.74 -6.09
N VAL D 279 32.46 -6.27 -6.72
CA VAL D 279 32.33 -5.43 -7.89
C VAL D 279 33.18 -5.94 -9.05
N LEU D 280 32.54 -6.12 -10.20
CA LEU D 280 33.24 -6.43 -11.43
C LEU D 280 33.61 -5.13 -12.10
N SER D 281 34.91 -4.88 -12.23
CA SER D 281 35.40 -3.63 -12.82
C SER D 281 35.30 -3.69 -14.34
N ARG D 282 35.06 -2.53 -14.94
CA ARG D 282 34.93 -2.42 -16.39
C ARG D 282 36.25 -2.80 -17.06
N LYS D 283 37.36 -2.54 -16.38
CA LYS D 283 38.68 -2.91 -16.89
C LYS D 283 38.81 -4.41 -17.10
N VAL D 284 38.49 -5.19 -16.07
CA VAL D 284 38.54 -6.64 -16.17
C VAL D 284 37.59 -7.16 -17.24
N LEU D 285 36.40 -6.57 -17.31
CA LEU D 285 35.39 -6.96 -18.29
C LEU D 285 35.90 -6.78 -19.71
N LEU D 286 36.43 -5.60 -20.00
CA LEU D 286 36.89 -5.29 -21.35
C LEU D 286 38.23 -5.95 -21.68
N ASP D 287 38.97 -6.34 -20.66
CA ASP D 287 40.23 -7.05 -20.86
C ASP D 287 40.01 -8.53 -21.15
N GLY D 288 39.03 -9.12 -20.47
CA GLY D 288 38.71 -10.53 -20.64
C GLY D 288 38.43 -10.90 -22.08
N VAL D 289 37.73 -10.02 -22.79
CA VAL D 289 37.44 -10.21 -24.20
C VAL D 289 38.30 -9.26 -25.02
N GLN D 290 38.86 -9.75 -26.12
CA GLN D 290 39.83 -8.94 -26.85
C GLN D 290 39.14 -8.03 -27.87
N ASN D 291 37.84 -8.23 -28.08
CA ASN D 291 37.09 -7.38 -28.99
C ASN D 291 37.20 -5.93 -28.53
N PRO D 292 37.85 -5.08 -29.33
CA PRO D 292 38.20 -3.79 -28.75
C PRO D 292 37.03 -2.84 -28.57
N ARG D 293 36.02 -2.94 -29.43
CA ARG D 293 34.92 -1.99 -29.35
C ARG D 293 33.99 -2.39 -28.21
N ALA D 294 33.67 -1.45 -27.34
CA ALA D 294 32.84 -1.76 -26.17
C ALA D 294 31.40 -1.99 -26.59
N GLU D 295 30.94 -1.21 -27.58
CA GLU D 295 29.56 -1.26 -28.04
C GLU D 295 29.14 -2.63 -28.59
N ASP D 296 30.13 -3.46 -28.93
CA ASP D 296 29.86 -4.79 -29.41
C ASP D 296 29.27 -5.67 -28.32
N LEU D 297 29.54 -5.32 -27.07
CA LEU D 297 29.08 -6.13 -25.95
C LEU D 297 27.60 -5.90 -25.63
N VAL D 298 27.01 -4.91 -26.28
CA VAL D 298 25.58 -4.64 -26.10
C VAL D 298 24.78 -5.77 -26.71
N GLY D 299 23.71 -6.19 -26.05
CA GLY D 299 22.91 -7.30 -26.52
C GLY D 299 23.41 -8.61 -25.97
N LYS D 300 24.35 -8.51 -25.03
CA LYS D 300 24.89 -9.67 -24.35
C LYS D 300 24.49 -9.59 -22.88
N SER D 301 24.60 -10.70 -22.17
CA SER D 301 24.24 -10.73 -20.76
C SER D 301 25.43 -11.12 -19.90
N LEU D 302 25.34 -10.81 -18.61
CA LEU D 302 26.38 -11.17 -17.65
C LEU D 302 25.81 -12.16 -16.65
N TYR D 303 26.69 -12.96 -16.06
CA TYR D 303 26.26 -13.88 -15.01
C TYR D 303 27.25 -13.93 -13.85
N VAL D 304 26.71 -14.05 -12.65
CA VAL D 304 27.48 -14.09 -11.43
C VAL D 304 27.24 -15.43 -10.73
N SER D 305 28.32 -16.15 -10.45
CA SER D 305 28.20 -17.40 -9.70
C SER D 305 28.89 -17.22 -8.36
N ALA D 306 28.10 -17.15 -7.29
CA ALA D 306 28.63 -17.03 -5.95
C ALA D 306 28.56 -18.36 -5.20
N THR D 307 29.63 -18.69 -4.50
CA THR D 307 29.66 -19.91 -3.70
C THR D 307 29.98 -19.57 -2.24
N VAL D 308 29.01 -19.77 -1.36
CA VAL D 308 29.16 -19.45 0.04
C VAL D 308 29.51 -20.69 0.86
N ILE D 309 30.59 -20.58 1.62
CA ILE D 309 31.06 -21.68 2.45
C ILE D 309 31.06 -21.24 3.92
N LEU D 310 30.49 -22.10 4.77
CA LEU D 310 30.37 -21.82 6.19
C LEU D 310 31.73 -21.79 6.87
N HIS D 311 31.80 -21.17 8.04
CA HIS D 311 33.05 -21.12 8.80
C HIS D 311 33.35 -22.46 9.47
N SER D 312 32.36 -23.33 9.52
CA SER D 312 32.58 -24.69 9.98
C SER D 312 33.17 -25.53 8.85
N GLY D 313 32.81 -25.17 7.61
CA GLY D 313 33.29 -25.86 6.43
C GLY D 313 32.46 -27.08 6.09
N SER D 314 31.44 -27.35 6.89
CA SER D 314 30.58 -28.51 6.70
C SER D 314 29.66 -28.34 5.50
N ASP D 315 28.97 -27.21 5.42
CA ASP D 315 28.00 -26.99 4.36
C ASP D 315 28.44 -25.89 3.40
N MET D 316 28.23 -26.13 2.11
CA MET D 316 28.61 -25.21 1.06
C MET D 316 27.47 -25.06 0.06
N VAL D 317 27.07 -23.83 -0.23
CA VAL D 317 25.92 -23.57 -1.10
C VAL D 317 26.25 -22.60 -2.23
N GLN D 318 25.90 -22.97 -3.45
CA GLN D 318 26.14 -22.11 -4.60
C GLN D 318 24.84 -21.54 -5.17
N ALA D 319 24.95 -20.35 -5.76
CA ALA D 319 23.81 -19.68 -6.36
C ALA D 319 24.28 -18.87 -7.56
N GLU D 320 23.36 -18.58 -8.47
CA GLU D 320 23.69 -17.88 -9.71
C GLU D 320 22.61 -16.92 -10.17
N ARG D 321 23.03 -15.72 -10.56
CA ARG D 321 22.15 -14.78 -11.25
C ARG D 321 22.58 -14.67 -12.70
N SER D 322 21.70 -15.09 -13.60
CA SER D 322 22.01 -15.09 -15.03
C SER D 322 21.09 -14.14 -15.76
N GLY D 323 21.53 -13.71 -16.94
CA GLY D 323 20.73 -12.84 -17.78
C GLY D 323 20.69 -11.42 -17.28
N ILE D 324 21.86 -10.88 -16.96
CA ILE D 324 21.98 -9.47 -16.63
C ILE D 324 22.42 -8.74 -17.90
N PRO D 325 21.50 -8.02 -18.54
CA PRO D 325 21.72 -7.41 -19.85
C PRO D 325 22.72 -6.26 -19.84
N ILE D 326 23.54 -6.19 -20.87
CA ILE D 326 24.45 -5.06 -21.03
C ILE D 326 23.83 -4.14 -22.08
N VAL D 327 23.35 -2.99 -21.65
CA VAL D 327 22.52 -2.14 -22.50
C VAL D 327 23.00 -0.70 -22.59
N THR D 328 22.66 -0.06 -23.70
CA THR D 328 22.87 1.38 -23.86
C THR D 328 21.73 2.14 -23.20
N SER D 329 20.56 1.51 -23.13
CA SER D 329 19.38 2.14 -22.56
C SER D 329 18.65 1.26 -21.57
N PRO D 330 18.16 1.85 -20.48
CA PRO D 330 17.38 1.17 -19.43
C PRO D 330 16.01 0.69 -19.90
N TYR D 331 15.54 1.16 -21.06
CA TYR D 331 14.18 0.86 -21.51
C TYR D 331 14.08 0.37 -22.95
N GLN D 332 12.89 -0.15 -23.29
CA GLN D 332 12.56 -0.52 -24.66
C GLN D 332 11.06 -0.34 -24.94
N ILE D 333 10.72 -0.14 -26.21
CA ILE D 333 9.36 0.22 -26.61
C ILE D 333 8.67 -0.87 -27.44
N HIS D 334 7.45 -1.23 -27.04
CA HIS D 334 6.70 -2.30 -27.71
C HIS D 334 5.27 -1.90 -28.07
N PHE D 335 4.88 -2.19 -29.31
CA PHE D 335 3.56 -1.84 -29.84
C PHE D 335 2.50 -2.94 -29.81
N THR D 336 2.80 -4.08 -29.20
CA THR D 336 1.94 -5.26 -29.30
C THR D 336 0.51 -5.08 -28.79
N LYS D 337 0.26 -4.00 -28.05
CA LYS D 337 -1.08 -3.72 -27.54
C LYS D 337 -1.87 -2.71 -28.38
N THR D 338 -1.25 -2.19 -29.43
CA THR D 338 -1.86 -1.17 -30.28
C THR D 338 -2.41 -1.73 -31.60
N PRO D 339 -3.66 -1.40 -31.93
CA PRO D 339 -4.27 -1.78 -33.21
C PRO D 339 -3.47 -1.23 -34.38
N LYS D 340 -3.46 -1.98 -35.50
CA LYS D 340 -2.67 -1.60 -36.67
C LYS D 340 -3.47 -0.85 -37.74
N TYR D 341 -4.73 -0.56 -37.45
CA TYR D 341 -5.57 0.15 -38.42
C TYR D 341 -6.25 1.35 -37.76
N PHE D 342 -6.49 2.40 -38.55
CA PHE D 342 -7.11 3.61 -38.02
C PHE D 342 -8.25 4.11 -38.89
N LYS D 343 -9.13 4.92 -38.30
CA LYS D 343 -10.23 5.53 -39.02
C LYS D 343 -9.84 6.95 -39.38
N PRO D 344 -9.62 7.22 -40.69
CA PRO D 344 -9.14 8.53 -41.13
C PRO D 344 -10.07 9.65 -40.68
N GLY D 345 -9.50 10.68 -40.03
CA GLY D 345 -10.29 11.78 -39.53
C GLY D 345 -10.75 11.55 -38.10
N MET D 346 -10.47 10.37 -37.57
CA MET D 346 -10.90 10.01 -36.22
C MET D 346 -9.69 9.75 -35.32
N PRO D 347 -9.81 10.08 -34.03
CA PRO D 347 -8.71 9.93 -33.08
C PRO D 347 -8.15 8.50 -33.04
N PHE D 348 -6.84 8.37 -33.17
CA PHE D 348 -6.17 7.09 -33.10
C PHE D 348 -5.46 6.90 -31.77
N ASP D 349 -5.91 5.90 -31.02
CA ASP D 349 -5.39 5.63 -29.68
C ASP D 349 -4.27 4.60 -29.72
N LEU D 350 -3.05 5.04 -29.39
CA LEU D 350 -1.90 4.16 -29.29
C LEU D 350 -1.70 3.72 -27.84
N MET D 351 -1.29 2.47 -27.67
CA MET D 351 -0.86 2.01 -26.35
C MET D 351 0.59 1.57 -26.45
N VAL D 352 1.48 2.34 -25.84
CA VAL D 352 2.91 2.04 -25.86
C VAL D 352 3.31 1.27 -24.62
N PHE D 353 4.02 0.16 -24.81
CA PHE D 353 4.42 -0.68 -23.69
C PHE D 353 5.92 -0.57 -23.48
N VAL D 354 6.33 0.14 -22.44
CA VAL D 354 7.74 0.36 -22.15
C VAL D 354 8.21 -0.64 -21.11
N THR D 355 9.30 -1.36 -21.42
CA THR D 355 9.80 -2.37 -20.50
C THR D 355 11.29 -2.22 -20.19
N ASN D 356 11.69 -2.83 -19.08
CA ASN D 356 13.09 -2.92 -18.71
C ASN D 356 13.71 -4.14 -19.40
N PRO D 357 15.06 -4.16 -19.52
CA PRO D 357 15.73 -5.25 -20.26
C PRO D 357 15.36 -6.66 -19.78
N ASP D 358 14.90 -6.78 -18.54
CA ASP D 358 14.51 -8.07 -17.99
C ASP D 358 13.09 -8.46 -18.40
N GLY D 359 12.33 -7.49 -18.88
CA GLY D 359 10.97 -7.75 -19.32
C GLY D 359 9.94 -7.16 -18.37
N SER D 360 10.38 -6.79 -17.18
CA SER D 360 9.51 -6.14 -16.20
C SER D 360 9.04 -4.79 -16.72
N PRO D 361 7.75 -4.48 -16.53
CA PRO D 361 7.17 -3.22 -16.98
C PRO D 361 7.77 -2.03 -16.25
N ALA D 362 8.16 -0.99 -17.01
CA ALA D 362 8.72 0.22 -16.42
C ALA D 362 7.59 1.01 -15.76
N TYR D 363 7.94 1.79 -14.73
CA TYR D 363 6.94 2.54 -13.98
C TYR D 363 7.19 4.05 -14.05
N ARG D 364 6.14 4.78 -14.43
CA ARG D 364 6.21 6.24 -14.57
C ARG D 364 7.33 6.69 -15.52
N VAL D 365 7.21 6.31 -16.78
CA VAL D 365 8.21 6.67 -17.80
C VAL D 365 7.62 7.55 -18.89
N PRO D 366 8.16 8.78 -19.03
CA PRO D 366 7.67 9.73 -20.03
C PRO D 366 7.91 9.22 -21.45
N VAL D 367 6.88 9.28 -22.29
CA VAL D 367 7.01 8.88 -23.69
C VAL D 367 6.27 9.87 -24.59
N ALA D 368 6.71 9.98 -25.83
CA ALA D 368 6.08 10.87 -26.78
C ALA D 368 6.34 10.44 -28.21
N VAL D 369 5.50 10.94 -29.12
CA VAL D 369 5.62 10.64 -30.54
C VAL D 369 6.08 11.88 -31.27
N GLN D 370 7.17 11.79 -32.01
CA GLN D 370 7.59 12.95 -32.78
C GLN D 370 6.65 13.12 -33.98
N GLY D 371 6.08 14.31 -34.11
CA GLY D 371 6.34 15.40 -33.17
C GLY D 371 5.24 16.43 -32.98
N GLU D 372 5.29 17.15 -31.85
CA GLU D 372 6.07 16.78 -30.67
C GLU D 372 5.41 17.08 -29.31
N ASP D 373 5.26 18.38 -29.07
CA ASP D 373 5.02 18.95 -27.73
C ASP D 373 3.72 18.57 -27.03
N THR D 374 2.61 18.53 -27.77
CA THR D 374 1.31 18.46 -27.13
C THR D 374 1.10 17.07 -26.54
N VAL D 375 1.57 16.05 -27.24
CA VAL D 375 1.47 14.69 -26.73
C VAL D 375 2.62 14.38 -25.77
N GLN D 376 2.27 13.83 -24.61
CA GLN D 376 3.21 13.25 -23.66
C GLN D 376 2.42 12.29 -22.78
N SER D 377 3.06 11.27 -22.24
CA SER D 377 2.38 10.36 -21.32
C SER D 377 3.32 9.62 -20.37
N LEU D 378 2.79 9.23 -19.21
CA LEU D 378 3.56 8.46 -18.25
C LEU D 378 3.04 7.03 -18.20
N THR D 379 3.96 6.06 -18.17
CA THR D 379 3.57 4.66 -18.09
C THR D 379 2.87 4.34 -16.78
N GLN D 380 1.83 3.51 -16.86
CA GLN D 380 1.06 3.13 -15.68
C GLN D 380 1.67 1.92 -14.99
N GLY D 381 0.91 1.34 -14.05
CA GLY D 381 1.34 0.17 -13.31
C GLY D 381 1.62 -1.02 -14.21
N ASP D 382 0.72 -1.27 -15.16
CA ASP D 382 0.90 -2.36 -16.12
C ASP D 382 2.05 -2.09 -17.09
N GLY D 383 2.60 -0.88 -17.05
CA GLY D 383 3.71 -0.50 -17.89
C GLY D 383 3.28 0.05 -19.23
N VAL D 384 1.98 0.28 -19.39
CA VAL D 384 1.43 0.77 -20.64
C VAL D 384 1.02 2.24 -20.52
N ALA D 385 1.32 3.01 -21.55
CA ALA D 385 0.95 4.43 -21.59
C ALA D 385 0.10 4.69 -22.82
N LYS D 386 -0.87 5.60 -22.68
CA LYS D 386 -1.78 5.91 -23.78
C LYS D 386 -1.42 7.20 -24.49
N LEU D 387 -1.32 7.14 -25.81
CA LEU D 387 -1.06 8.34 -26.61
C LEU D 387 -2.08 8.44 -27.72
N SER D 388 -2.96 9.43 -27.67
CA SER D 388 -4.00 9.57 -28.69
C SER D 388 -3.69 10.70 -29.67
N ILE D 389 -3.60 10.38 -30.95
CA ILE D 389 -3.28 11.38 -31.96
C ILE D 389 -4.41 11.62 -32.96
N ASN D 390 -4.52 12.85 -33.45
CA ASN D 390 -5.54 13.19 -34.43
C ASN D 390 -5.15 12.66 -35.81
N THR D 391 -6.15 12.44 -36.67
CA THR D 391 -5.90 11.76 -37.94
C THR D 391 -6.32 12.56 -39.17
N HIS D 392 -5.43 12.59 -40.16
CA HIS D 392 -5.74 13.20 -41.45
C HIS D 392 -6.60 12.27 -42.30
N PRO D 393 -7.47 12.84 -43.14
CA PRO D 393 -8.33 12.10 -44.07
C PRO D 393 -7.55 11.35 -45.16
N SER D 394 -6.27 11.65 -45.32
CA SER D 394 -5.48 11.10 -46.42
C SER D 394 -5.36 9.58 -46.37
N GLN D 395 -5.09 8.99 -47.54
CA GLN D 395 -4.98 7.55 -47.65
C GLN D 395 -3.56 7.06 -47.44
N LYS D 396 -2.66 7.99 -47.13
CA LYS D 396 -1.28 7.64 -46.87
C LYS D 396 -1.17 6.93 -45.52
N PRO D 397 -0.49 5.77 -45.49
CA PRO D 397 -0.28 5.00 -44.26
C PRO D 397 0.31 5.88 -43.17
N LEU D 398 -0.11 5.65 -41.93
CA LEU D 398 0.32 6.50 -40.82
C LEU D 398 1.59 5.95 -40.20
N SER D 399 2.69 6.68 -40.34
CA SER D 399 3.98 6.27 -39.79
C SER D 399 4.24 6.97 -38.47
N ILE D 400 4.26 6.22 -37.38
CA ILE D 400 4.39 6.81 -36.06
C ILE D 400 5.69 6.41 -35.38
N THR D 401 6.47 7.39 -34.93
CA THR D 401 7.71 7.08 -34.22
C THR D 401 7.59 7.54 -32.77
N VAL D 402 7.77 6.59 -31.85
CA VAL D 402 7.63 6.89 -30.43
C VAL D 402 8.98 6.79 -29.72
N ARG D 403 9.25 7.80 -28.90
CA ARG D 403 10.49 7.87 -28.13
C ARG D 403 10.19 8.05 -26.65
N THR D 404 11.14 7.72 -25.80
CA THR D 404 11.03 7.99 -24.36
C THR D 404 11.58 9.38 -24.03
N LYS D 405 10.81 10.14 -23.25
CA LYS D 405 11.16 11.53 -22.93
C LYS D 405 11.86 11.76 -21.60
N LYS D 406 12.22 10.67 -20.91
CA LYS D 406 12.85 10.75 -19.59
C LYS D 406 14.05 11.71 -19.58
N GLN D 407 14.13 12.51 -18.53
CA GLN D 407 15.24 13.43 -18.33
C GLN D 407 16.51 12.68 -17.96
N GLU D 408 17.61 13.42 -17.76
CA GLU D 408 18.89 12.89 -17.27
C GLU D 408 19.58 11.89 -18.22
N LEU D 409 18.90 11.52 -19.30
CA LEU D 409 19.48 10.68 -20.34
C LEU D 409 19.86 11.52 -21.56
N SER D 410 20.91 11.08 -22.25
CA SER D 410 21.58 11.90 -23.26
C SER D 410 21.01 11.77 -24.67
N GLU D 411 19.86 11.09 -24.78
CA GLU D 411 19.16 10.83 -26.05
C GLU D 411 19.83 9.66 -26.77
N ALA D 412 21.04 9.34 -26.34
CA ALA D 412 21.73 8.14 -26.81
C ALA D 412 21.12 6.98 -26.03
N GLU D 413 20.70 7.29 -24.81
CA GLU D 413 20.13 6.30 -23.90
C GLU D 413 18.60 6.25 -23.98
N GLN D 414 18.01 7.00 -24.91
CA GLN D 414 16.56 6.97 -25.08
C GLN D 414 16.12 5.85 -26.01
N ALA D 415 15.07 5.14 -25.61
CA ALA D 415 14.51 4.07 -26.43
C ALA D 415 13.51 4.60 -27.45
N THR D 416 13.55 4.06 -28.67
CA THR D 416 12.67 4.50 -29.74
C THR D 416 12.15 3.31 -30.52
N ARG D 417 10.96 3.44 -31.09
CA ARG D 417 10.43 2.42 -31.99
C ARG D 417 9.48 3.04 -33.02
N THR D 418 9.43 2.47 -34.21
CA THR D 418 8.59 3.00 -35.27
C THR D 418 7.54 1.99 -35.73
N MET D 419 6.28 2.42 -35.72
CA MET D 419 5.19 1.60 -36.21
C MET D 419 4.57 2.22 -37.46
N GLN D 420 3.65 1.48 -38.08
CA GLN D 420 2.87 1.96 -39.20
C GLN D 420 1.45 1.40 -39.11
N ALA D 421 0.46 2.27 -39.31
CA ALA D 421 -0.93 1.84 -39.33
C ALA D 421 -1.53 2.08 -40.71
N LEU D 422 -2.56 1.29 -41.05
CA LEU D 422 -3.17 1.38 -42.36
C LEU D 422 -4.62 1.83 -42.25
N PRO D 423 -5.08 2.63 -43.24
CA PRO D 423 -6.46 3.12 -43.24
C PRO D 423 -7.49 2.01 -43.42
N TYR D 424 -8.50 2.02 -42.57
CA TYR D 424 -9.67 1.15 -42.72
C TYR D 424 -10.35 1.46 -44.04
N SER D 425 -10.60 0.42 -44.85
CA SER D 425 -11.24 0.60 -46.14
C SER D 425 -12.74 0.39 -46.05
N THR D 426 -13.50 1.34 -46.57
CA THR D 426 -14.95 1.30 -46.48
C THR D 426 -15.60 0.75 -47.76
N VAL D 427 -16.91 0.60 -47.73
CA VAL D 427 -17.63 0.02 -48.86
C VAL D 427 -17.89 1.04 -49.96
N GLY D 428 -17.33 0.77 -51.15
CA GLY D 428 -17.51 1.65 -52.29
C GLY D 428 -17.03 3.07 -52.04
N ASN D 429 -16.04 3.20 -51.17
CA ASN D 429 -15.51 4.49 -50.76
C ASN D 429 -16.60 5.41 -50.20
N SER D 430 -17.52 4.84 -49.44
CA SER D 430 -18.64 5.60 -48.89
C SER D 430 -18.20 6.50 -47.75
N ASN D 431 -17.00 6.26 -47.24
CA ASN D 431 -16.42 7.05 -46.15
C ASN D 431 -17.28 7.04 -44.89
N ASN D 432 -17.98 5.93 -44.66
CA ASN D 432 -18.75 5.76 -43.43
C ASN D 432 -18.03 4.86 -42.44
N TYR D 433 -17.57 5.45 -41.34
CA TYR D 433 -16.79 4.71 -40.35
C TYR D 433 -17.53 4.61 -39.02
N LEU D 434 -16.93 3.84 -38.11
CA LEU D 434 -17.40 3.69 -36.74
C LEU D 434 -16.21 3.66 -35.79
N HIS D 435 -16.24 4.50 -34.77
CA HIS D 435 -15.13 4.57 -33.82
C HIS D 435 -15.58 4.17 -32.42
N LEU D 436 -15.03 3.05 -31.95
CA LEU D 436 -15.25 2.61 -30.58
C LEU D 436 -14.15 3.16 -29.69
N SER D 437 -14.52 3.98 -28.70
CA SER D 437 -13.52 4.48 -27.74
C SER D 437 -13.81 4.05 -26.31
N VAL D 438 -12.86 3.29 -25.76
CA VAL D 438 -12.84 2.92 -24.35
C VAL D 438 -11.58 3.47 -23.72
N LEU D 439 -11.74 4.29 -22.68
CA LEU D 439 -10.60 5.01 -22.12
C LEU D 439 -10.02 4.37 -20.86
N ARG D 440 -10.83 4.22 -19.83
CA ARG D 440 -10.39 3.75 -18.51
C ARG D 440 -9.53 2.49 -18.57
N THR D 441 -8.49 2.47 -17.73
CA THR D 441 -7.56 1.35 -17.64
C THR D 441 -7.40 0.94 -16.17
N GLU D 442 -6.79 -0.23 -15.95
CA GLU D 442 -6.75 -0.88 -14.64
C GLU D 442 -8.19 -1.23 -14.23
N LEU D 443 -8.88 -1.90 -15.14
CA LEU D 443 -10.26 -2.29 -14.93
C LEU D 443 -10.34 -3.54 -14.05
N ARG D 444 -11.35 -3.58 -13.18
CA ARG D 444 -11.56 -4.71 -12.30
C ARG D 444 -13.03 -5.14 -12.31
N PRO D 445 -13.30 -6.42 -12.03
CA PRO D 445 -14.68 -6.91 -11.97
C PRO D 445 -15.52 -6.13 -10.97
N GLY D 446 -16.77 -5.86 -11.34
CA GLY D 446 -17.68 -5.11 -10.49
C GLY D 446 -17.76 -3.67 -10.92
N GLU D 447 -16.72 -3.19 -11.60
CA GLU D 447 -16.72 -1.85 -12.15
C GLU D 447 -17.63 -1.77 -13.38
N THR D 448 -18.03 -0.56 -13.74
CA THR D 448 -18.76 -0.34 -14.98
C THR D 448 -17.86 0.39 -15.97
N LEU D 449 -18.04 0.10 -17.25
CA LEU D 449 -17.19 0.69 -18.27
C LEU D 449 -18.02 1.39 -19.35
N ASN D 450 -17.82 2.69 -19.49
CA ASN D 450 -18.52 3.44 -20.51
C ASN D 450 -17.85 3.25 -21.87
N VAL D 451 -18.64 2.75 -22.83
CA VAL D 451 -18.13 2.54 -24.18
C VAL D 451 -18.69 3.62 -25.10
N ASN D 452 -17.81 4.38 -25.74
CA ASN D 452 -18.25 5.48 -26.59
C ASN D 452 -18.32 5.12 -28.08
N PHE D 453 -19.54 5.12 -28.60
CA PHE D 453 -19.79 4.86 -30.01
C PHE D 453 -19.83 6.18 -30.76
N LEU D 454 -18.84 6.39 -31.63
CA LEU D 454 -18.78 7.59 -32.46
C LEU D 454 -19.04 7.26 -33.92
N LEU D 455 -20.15 7.77 -34.46
CA LEU D 455 -20.57 7.45 -35.81
C LEU D 455 -20.04 8.45 -36.84
N ARG D 456 -19.48 7.94 -37.93
CA ARG D 456 -19.08 8.83 -39.02
C ARG D 456 -19.78 8.45 -40.32
N MET D 457 -20.54 9.41 -40.87
CA MET D 457 -21.25 9.22 -42.14
C MET D 457 -21.98 10.49 -42.52
N ASP D 458 -22.48 10.54 -43.76
CA ASP D 458 -23.26 11.66 -44.21
C ASP D 458 -24.59 11.70 -43.46
N ARG D 459 -25.08 12.91 -43.18
CA ARG D 459 -26.33 13.06 -42.41
C ARG D 459 -27.57 12.69 -43.22
N ALA D 460 -27.39 12.40 -44.51
CA ALA D 460 -28.51 12.05 -45.36
C ALA D 460 -29.09 10.70 -44.92
N HIS D 461 -28.21 9.75 -44.63
CA HIS D 461 -28.61 8.42 -44.21
C HIS D 461 -28.55 8.20 -42.69
N GLU D 462 -28.14 9.21 -41.94
CA GLU D 462 -27.91 9.06 -40.51
C GLU D 462 -29.15 8.62 -39.73
N ALA D 463 -30.33 8.98 -40.21
CA ALA D 463 -31.56 8.68 -39.50
C ALA D 463 -31.95 7.21 -39.62
N LYS D 464 -31.30 6.51 -40.53
CA LYS D 464 -31.59 5.09 -40.77
C LYS D 464 -30.88 4.17 -39.78
N ILE D 465 -29.94 4.72 -39.01
CA ILE D 465 -29.28 3.91 -38.00
C ILE D 465 -30.01 4.12 -36.69
N ARG D 466 -30.78 3.12 -36.28
CA ARG D 466 -31.47 3.17 -34.99
C ARG D 466 -30.78 2.36 -33.90
N TYR D 467 -29.74 1.62 -34.28
CA TYR D 467 -29.03 0.77 -33.33
C TYR D 467 -27.61 0.38 -33.76
N TYR D 468 -26.82 -0.06 -32.79
CA TYR D 468 -25.54 -0.70 -33.04
C TYR D 468 -25.62 -2.09 -32.44
N THR D 469 -25.04 -3.08 -33.11
CA THR D 469 -25.00 -4.42 -32.56
C THR D 469 -23.62 -4.70 -31.96
N TYR D 470 -23.59 -5.04 -30.68
CA TYR D 470 -22.30 -5.27 -30.02
C TYR D 470 -22.14 -6.70 -29.52
N LEU D 471 -20.90 -7.18 -29.61
CA LEU D 471 -20.56 -8.52 -29.14
C LEU D 471 -19.33 -8.48 -28.23
N ILE D 472 -19.48 -9.12 -27.07
CA ILE D 472 -18.41 -9.29 -26.11
C ILE D 472 -17.86 -10.69 -26.25
N MET D 473 -16.64 -10.79 -26.77
CA MET D 473 -15.92 -12.05 -26.93
C MET D 473 -14.97 -12.26 -25.76
N ASN D 474 -15.01 -13.45 -25.16
CA ASN D 474 -14.10 -13.77 -24.06
C ASN D 474 -13.68 -15.24 -24.05
N LYS D 475 -12.40 -15.48 -23.83
CA LYS D 475 -11.84 -16.83 -23.74
C LYS D 475 -12.13 -17.68 -24.98
N GLY D 476 -12.27 -17.02 -26.13
CA GLY D 476 -12.48 -17.70 -27.39
C GLY D 476 -13.93 -17.99 -27.72
N ARG D 477 -14.83 -17.63 -26.81
CA ARG D 477 -16.26 -17.82 -27.05
C ARG D 477 -16.97 -16.47 -27.08
N LEU D 478 -18.29 -16.50 -27.30
CA LEU D 478 -19.09 -15.29 -27.26
C LEU D 478 -19.65 -15.10 -25.86
N LEU D 479 -19.15 -14.10 -25.15
CA LEU D 479 -19.60 -13.85 -23.79
C LEU D 479 -20.96 -13.18 -23.77
N LYS D 480 -21.16 -12.18 -24.62
CA LYS D 480 -22.47 -11.51 -24.66
C LYS D 480 -22.78 -10.91 -26.04
N ALA D 481 -24.07 -10.72 -26.31
CA ALA D 481 -24.51 -10.01 -27.50
C ALA D 481 -25.63 -9.05 -27.13
N GLY D 482 -25.63 -7.87 -27.75
CA GLY D 482 -26.62 -6.87 -27.42
C GLY D 482 -26.83 -5.77 -28.44
N ARG D 483 -27.75 -4.87 -28.12
CA ARG D 483 -28.13 -3.76 -29.00
C ARG D 483 -28.04 -2.43 -28.26
N GLN D 484 -27.22 -1.53 -28.75
CA GLN D 484 -27.17 -0.17 -28.21
C GLN D 484 -27.97 0.78 -29.10
N VAL D 485 -29.07 1.30 -28.56
CA VAL D 485 -29.98 2.12 -29.35
C VAL D 485 -29.40 3.48 -29.71
N ARG D 486 -29.84 4.02 -30.84
CA ARG D 486 -29.42 5.34 -31.28
C ARG D 486 -30.59 6.11 -31.86
N GLU D 487 -30.84 7.30 -31.32
CA GLU D 487 -31.85 8.19 -31.87
C GLU D 487 -31.25 8.97 -33.04
N PRO D 488 -32.09 9.36 -34.02
CA PRO D 488 -31.58 10.12 -35.15
C PRO D 488 -30.92 11.41 -34.70
N GLY D 489 -29.70 11.67 -35.18
CA GLY D 489 -28.99 12.88 -34.82
C GLY D 489 -27.96 12.67 -33.73
N GLN D 490 -27.92 11.48 -33.14
CA GLN D 490 -26.96 11.22 -32.07
C GLN D 490 -25.71 10.64 -32.69
N ASP D 491 -24.65 11.44 -32.75
CA ASP D 491 -23.39 11.02 -33.35
C ASP D 491 -22.52 10.22 -32.40
N LEU D 492 -22.59 10.56 -31.11
CA LEU D 492 -21.84 9.85 -30.09
C LEU D 492 -22.78 9.37 -28.99
N VAL D 493 -22.88 8.05 -28.83
CA VAL D 493 -23.70 7.50 -27.77
C VAL D 493 -22.85 6.70 -26.79
N VAL D 494 -23.35 6.51 -25.57
CA VAL D 494 -22.59 5.81 -24.56
C VAL D 494 -23.31 4.54 -24.10
N LEU D 495 -22.55 3.45 -24.02
CA LEU D 495 -23.08 2.19 -23.52
C LEU D 495 -22.40 1.79 -22.22
N PRO D 496 -23.17 1.78 -21.13
CA PRO D 496 -22.66 1.28 -19.84
C PRO D 496 -22.45 -0.23 -19.95
N LEU D 497 -21.29 -0.71 -19.52
CA LEU D 497 -21.01 -2.14 -19.58
C LEU D 497 -20.60 -2.68 -18.22
N SER D 498 -21.45 -3.53 -17.65
CA SER D 498 -21.14 -4.14 -16.36
C SER D 498 -20.03 -5.16 -16.51
N ILE D 499 -19.11 -5.18 -15.55
CA ILE D 499 -17.97 -6.09 -15.61
C ILE D 499 -18.02 -7.12 -14.49
N THR D 500 -18.26 -8.37 -14.88
CA THR D 500 -18.28 -9.46 -13.91
C THR D 500 -16.93 -10.16 -13.89
N THR D 501 -16.86 -11.27 -13.15
CA THR D 501 -15.65 -12.07 -13.10
C THR D 501 -15.49 -12.91 -14.36
N ASP D 502 -16.50 -12.87 -15.23
CA ASP D 502 -16.49 -13.66 -16.46
C ASP D 502 -15.71 -13.00 -17.58
N PHE D 503 -15.21 -11.79 -17.32
CA PHE D 503 -14.42 -11.07 -18.32
C PHE D 503 -12.92 -11.32 -18.19
N ILE D 504 -12.53 -11.96 -17.09
CA ILE D 504 -11.13 -12.29 -16.82
C ILE D 504 -10.67 -13.38 -17.79
N PRO D 505 -9.41 -13.30 -18.28
CA PRO D 505 -8.37 -12.28 -18.09
C PRO D 505 -8.62 -10.98 -18.83
N SER D 506 -9.36 -11.05 -19.93
CA SER D 506 -9.61 -9.88 -20.76
C SER D 506 -10.74 -10.18 -21.72
N PHE D 507 -11.12 -9.19 -22.52
CA PHE D 507 -12.19 -9.41 -23.49
C PHE D 507 -12.08 -8.50 -24.71
N ARG D 508 -12.82 -8.87 -25.75
CA ARG D 508 -12.90 -8.07 -26.95
C ARG D 508 -14.32 -7.54 -27.15
N LEU D 509 -14.42 -6.31 -27.63
CA LEU D 509 -15.71 -5.70 -27.91
C LEU D 509 -15.78 -5.33 -29.38
N VAL D 510 -16.67 -5.99 -30.11
CA VAL D 510 -16.88 -5.63 -31.50
C VAL D 510 -18.26 -5.01 -31.65
N ALA D 511 -18.40 -4.12 -32.63
CA ALA D 511 -19.70 -3.48 -32.86
C ALA D 511 -19.87 -3.19 -34.33
N TYR D 512 -21.09 -3.30 -34.82
CA TYR D 512 -21.38 -3.01 -36.21
C TYR D 512 -22.77 -2.45 -36.42
N TYR D 513 -22.87 -1.54 -37.38
CA TYR D 513 -24.16 -1.07 -37.87
C TYR D 513 -24.23 -1.36 -39.35
N THR D 514 -25.45 -1.59 -39.85
CA THR D 514 -25.65 -1.81 -41.28
C THR D 514 -26.79 -0.94 -41.78
N LEU D 515 -26.70 -0.56 -43.06
CA LEU D 515 -27.72 0.30 -43.65
C LEU D 515 -27.70 0.15 -45.16
N ILE D 516 -28.78 0.55 -45.82
CA ILE D 516 -28.77 0.56 -47.27
C ILE D 516 -28.14 1.86 -47.76
N GLY D 517 -27.02 1.73 -48.46
CA GLY D 517 -26.22 2.89 -48.85
C GLY D 517 -26.63 3.49 -50.18
N ALA D 518 -25.66 4.09 -50.86
CA ALA D 518 -25.90 4.73 -52.14
C ALA D 518 -26.45 3.77 -53.17
N SER D 519 -27.60 4.12 -53.75
CA SER D 519 -28.26 3.33 -54.79
C SER D 519 -28.42 1.86 -54.43
N GLY D 520 -29.37 1.57 -53.56
CA GLY D 520 -29.72 0.20 -53.20
C GLY D 520 -28.59 -0.73 -52.80
N GLN D 521 -27.55 -0.20 -52.19
CA GLN D 521 -26.38 -1.01 -51.86
C GLN D 521 -26.26 -1.22 -50.35
N ARG D 522 -26.23 -2.48 -49.94
CA ARG D 522 -26.13 -2.83 -48.52
C ARG D 522 -24.72 -2.63 -48.00
N GLU D 523 -24.59 -1.77 -46.98
CA GLU D 523 -23.29 -1.50 -46.37
C GLU D 523 -23.27 -1.95 -44.93
N VAL D 524 -22.22 -2.69 -44.56
CA VAL D 524 -22.01 -3.14 -43.19
C VAL D 524 -20.71 -2.57 -42.65
N VAL D 525 -20.82 -1.67 -41.67
CA VAL D 525 -19.64 -1.04 -41.09
C VAL D 525 -19.42 -1.53 -39.66
N ALA D 526 -18.18 -1.91 -39.35
CA ALA D 526 -17.85 -2.49 -38.06
C ALA D 526 -16.52 -1.98 -37.51
N ASP D 527 -16.33 -2.16 -36.22
CA ASP D 527 -15.07 -1.84 -35.56
C ASP D 527 -14.93 -2.67 -34.29
N SER D 528 -13.70 -2.90 -33.85
CA SER D 528 -13.47 -3.68 -32.65
C SER D 528 -12.42 -3.05 -31.73
N VAL D 529 -12.37 -3.51 -30.49
CA VAL D 529 -11.37 -3.03 -29.53
C VAL D 529 -11.08 -4.12 -28.48
N TRP D 530 -9.88 -4.10 -27.93
CA TRP D 530 -9.52 -5.09 -26.92
C TRP D 530 -9.29 -4.45 -25.56
N VAL D 531 -9.91 -5.02 -24.54
CA VAL D 531 -9.84 -4.49 -23.19
C VAL D 531 -9.22 -5.50 -22.24
N ASP D 532 -8.11 -5.11 -21.60
CA ASP D 532 -7.44 -5.92 -20.60
C ASP D 532 -8.12 -5.74 -19.25
N VAL D 533 -8.42 -6.86 -18.60
CA VAL D 533 -8.98 -6.84 -17.26
C VAL D 533 -7.92 -7.33 -16.28
N LYS D 534 -7.93 -6.80 -15.06
CA LYS D 534 -6.95 -7.17 -14.05
C LYS D 534 -6.96 -8.69 -13.83
N ASP D 535 -5.79 -9.31 -13.98
CA ASP D 535 -5.67 -10.76 -13.83
C ASP D 535 -5.79 -11.19 -12.37
N SER D 536 -6.68 -12.13 -12.12
CA SER D 536 -6.95 -12.59 -10.76
C SER D 536 -7.76 -13.87 -10.79
N CYS D 537 -8.04 -14.42 -9.61
CA CYS D 537 -8.91 -15.58 -9.50
C CYS D 537 -10.36 -15.13 -9.63
N VAL D 538 -11.24 -16.04 -10.03
CA VAL D 538 -12.66 -15.73 -10.10
C VAL D 538 -13.21 -15.63 -8.69
N GLY D 539 -12.88 -16.64 -7.87
CA GLY D 539 -13.19 -16.62 -6.46
C GLY D 539 -12.02 -16.09 -5.65
N SER D 540 -11.85 -16.63 -4.45
CA SER D 540 -10.73 -16.25 -3.60
C SER D 540 -10.25 -17.44 -2.78
N LEU D 541 -8.93 -17.56 -2.66
CA LEU D 541 -8.35 -18.60 -1.82
C LEU D 541 -7.21 -18.02 -0.98
N VAL D 542 -7.37 -18.06 0.33
CA VAL D 542 -6.36 -17.54 1.25
C VAL D 542 -5.98 -18.58 2.29
N VAL D 543 -4.68 -18.72 2.54
CA VAL D 543 -4.20 -19.55 3.63
C VAL D 543 -3.38 -18.73 4.61
N LYS D 544 -3.90 -18.52 5.82
CA LYS D 544 -3.20 -17.72 6.82
C LYS D 544 -3.09 -18.39 8.19
N SER D 545 -2.45 -17.67 9.11
CA SER D 545 -2.23 -18.15 10.48
C SER D 545 -3.51 -18.14 11.31
N GLY D 546 -3.69 -19.17 12.12
CA GLY D 546 -4.89 -19.29 12.94
C GLY D 546 -4.74 -18.86 14.39
N GLN D 547 -3.53 -18.44 14.76
CA GLN D 547 -3.28 -17.98 16.13
C GLN D 547 -2.61 -16.61 16.15
N SER D 548 -2.62 -15.98 17.32
CA SER D 548 -2.02 -14.66 17.49
C SER D 548 -0.52 -14.74 17.26
N GLU D 549 0.10 -13.62 16.95
CA GLU D 549 1.53 -13.60 16.75
C GLU D 549 2.24 -13.32 18.07
N ASP D 550 2.88 -14.36 18.60
CA ASP D 550 3.62 -14.28 19.85
C ASP D 550 5.09 -14.51 19.52
N ARG D 551 5.38 -15.71 19.04
CA ARG D 551 6.71 -16.08 18.59
C ARG D 551 6.61 -17.26 17.63
N GLN D 552 7.75 -17.71 17.12
CA GLN D 552 7.79 -18.80 16.16
C GLN D 552 7.41 -20.14 16.79
N PRO D 553 6.71 -20.99 16.02
CA PRO D 553 6.33 -22.33 16.47
C PRO D 553 7.52 -23.29 16.54
N VAL D 554 7.52 -24.15 17.54
CA VAL D 554 8.58 -25.12 17.78
C VAL D 554 8.26 -26.42 17.05
N PRO D 555 9.29 -27.09 16.49
CA PRO D 555 9.08 -28.39 15.84
C PRO D 555 8.34 -29.36 16.74
N GLY D 556 7.29 -29.98 16.21
CA GLY D 556 6.49 -30.90 17.00
C GLY D 556 5.22 -30.27 17.53
N GLN D 557 5.18 -28.94 17.58
CA GLN D 557 3.99 -28.24 18.05
C GLN D 557 2.90 -28.26 16.99
N GLN D 558 1.65 -28.23 17.43
CA GLN D 558 0.51 -28.17 16.51
C GLN D 558 0.27 -26.75 16.01
N MET D 559 -0.21 -26.63 14.78
CA MET D 559 -0.54 -25.33 14.21
C MET D 559 -1.93 -25.30 13.58
N THR D 560 -2.74 -24.35 14.03
CA THR D 560 -4.06 -24.14 13.44
C THR D 560 -3.96 -23.29 12.19
N LEU D 561 -4.56 -23.75 11.10
CA LEU D 561 -4.42 -23.09 9.81
C LEU D 561 -5.77 -22.58 9.30
N LYS D 562 -5.82 -21.32 8.87
CA LYS D 562 -7.06 -20.73 8.38
C LYS D 562 -7.13 -20.73 6.86
N ILE D 563 -8.23 -21.25 6.33
CA ILE D 563 -8.47 -21.25 4.88
C ILE D 563 -9.74 -20.49 4.52
N GLU D 564 -9.60 -19.54 3.61
CA GLU D 564 -10.72 -18.70 3.19
C GLU D 564 -11.00 -18.92 1.71
N GLY D 565 -12.15 -19.52 1.40
CA GLY D 565 -12.48 -19.86 0.03
C GLY D 565 -13.98 -19.89 -0.24
N ASP D 566 -14.33 -20.27 -1.48
CA ASP D 566 -15.71 -20.28 -1.92
C ASP D 566 -16.51 -21.48 -1.40
N HIS D 567 -17.81 -21.25 -1.19
CA HIS D 567 -18.71 -22.29 -0.73
C HIS D 567 -18.81 -23.45 -1.71
N GLY D 568 -18.61 -24.67 -1.20
CA GLY D 568 -18.77 -25.87 -2.02
C GLY D 568 -17.53 -26.33 -2.74
N ALA D 569 -16.53 -25.46 -2.85
CA ALA D 569 -15.32 -25.78 -3.57
C ALA D 569 -14.48 -26.85 -2.88
N ARG D 570 -13.63 -27.51 -3.66
CA ARG D 570 -12.68 -28.48 -3.12
C ARG D 570 -11.27 -27.92 -3.13
N VAL D 571 -10.56 -28.06 -2.02
CA VAL D 571 -9.22 -27.51 -1.87
C VAL D 571 -8.17 -28.60 -1.71
N VAL D 572 -7.15 -28.57 -2.55
CA VAL D 572 -6.02 -29.49 -2.43
C VAL D 572 -4.79 -28.76 -1.90
N LEU D 573 -4.06 -29.40 -0.99
CA LEU D 573 -2.96 -28.74 -0.31
C LEU D 573 -1.62 -29.45 -0.50
N VAL D 574 -0.54 -28.68 -0.34
CA VAL D 574 0.81 -29.22 -0.36
C VAL D 574 1.73 -28.37 0.53
N ALA D 575 2.67 -29.04 1.22
CA ALA D 575 3.64 -28.33 2.03
C ALA D 575 5.06 -28.77 1.63
N VAL D 576 5.90 -27.78 1.31
CA VAL D 576 7.25 -28.08 0.84
C VAL D 576 8.30 -27.34 1.65
N ASP D 577 9.37 -28.06 2.01
CA ASP D 577 10.53 -27.47 2.65
C ASP D 577 11.18 -26.51 1.65
N LYS D 578 11.52 -25.31 2.11
CA LYS D 578 12.10 -24.29 1.23
C LYS D 578 13.55 -24.59 0.82
N GLY D 579 14.15 -25.59 1.44
CA GLY D 579 15.48 -26.01 1.07
C GLY D 579 15.43 -26.64 -0.32
N VAL D 580 14.28 -27.21 -0.65
CA VAL D 580 14.05 -27.82 -1.95
C VAL D 580 14.16 -26.78 -3.05
N PHE D 581 13.46 -25.65 -2.86
CA PHE D 581 13.39 -24.61 -3.89
C PHE D 581 14.73 -23.92 -4.11
N VAL D 582 15.64 -24.09 -3.15
CA VAL D 582 17.00 -23.58 -3.31
C VAL D 582 17.65 -24.30 -4.48
N LEU D 583 17.36 -25.59 -4.57
CA LEU D 583 17.90 -26.41 -5.65
C LEU D 583 17.15 -26.22 -6.96
N ASN D 584 15.82 -26.30 -6.90
CA ASN D 584 15.00 -26.05 -8.09
C ASN D 584 13.73 -25.25 -7.76
N LYS D 585 13.62 -24.05 -8.32
CA LYS D 585 12.40 -23.26 -8.20
C LYS D 585 11.52 -23.31 -9.46
N LYS D 586 11.99 -24.02 -10.48
CA LYS D 586 11.32 -24.03 -11.78
C LYS D 586 10.06 -24.91 -11.83
N ASN D 587 9.20 -24.60 -12.80
CA ASN D 587 8.00 -25.39 -13.11
C ASN D 587 6.94 -25.44 -12.01
N LYS D 588 7.00 -24.51 -11.06
CA LYS D 588 5.98 -24.42 -10.01
C LYS D 588 4.64 -23.91 -10.56
N LEU D 589 3.54 -24.44 -10.04
CA LEU D 589 2.20 -24.05 -10.50
C LEU D 589 1.79 -22.66 -10.03
N THR D 590 1.27 -21.85 -10.95
CA THR D 590 0.89 -20.47 -10.64
C THR D 590 -0.30 -20.03 -11.50
N GLN D 591 -1.21 -19.26 -10.90
CA GLN D 591 -2.37 -18.74 -11.61
C GLN D 591 -1.98 -17.92 -12.85
N SER D 592 -0.89 -17.17 -12.72
CA SER D 592 -0.37 -16.38 -13.82
C SER D 592 -0.10 -17.27 -15.03
N LYS D 593 0.47 -18.44 -14.78
CA LYS D 593 0.75 -19.39 -15.85
C LYS D 593 -0.54 -19.91 -16.47
N ILE D 594 -1.57 -20.09 -15.65
CA ILE D 594 -2.88 -20.50 -16.14
C ILE D 594 -3.45 -19.48 -17.12
N TRP D 595 -3.54 -18.24 -16.67
CA TRP D 595 -4.07 -17.17 -17.53
C TRP D 595 -3.19 -16.97 -18.76
N ASP D 596 -1.90 -17.26 -18.63
CA ASP D 596 -0.99 -17.19 -19.77
C ASP D 596 -1.35 -18.24 -20.81
N VAL D 597 -1.57 -19.47 -20.34
CA VAL D 597 -1.99 -20.57 -21.20
C VAL D 597 -3.31 -20.25 -21.89
N VAL D 598 -4.21 -19.61 -21.16
CA VAL D 598 -5.50 -19.22 -21.73
C VAL D 598 -5.34 -18.14 -22.79
N GLU D 599 -4.52 -17.13 -22.48
CA GLU D 599 -4.31 -16.01 -23.39
C GLU D 599 -3.54 -16.42 -24.64
N LYS D 600 -2.80 -17.52 -24.55
CA LYS D 600 -2.11 -18.07 -25.71
C LYS D 600 -3.08 -18.89 -26.58
N ALA D 601 -4.18 -19.32 -25.97
CA ALA D 601 -5.18 -20.13 -26.65
C ALA D 601 -6.26 -19.30 -27.32
N ASP D 602 -6.10 -17.97 -27.29
CA ASP D 602 -7.10 -17.08 -27.84
C ASP D 602 -7.10 -17.13 -29.37
N ILE D 603 -8.30 -17.09 -29.96
CA ILE D 603 -8.43 -17.12 -31.41
C ILE D 603 -8.33 -15.73 -32.04
N GLY D 604 -8.53 -14.69 -31.24
CA GLY D 604 -8.31 -13.33 -31.71
C GLY D 604 -6.83 -13.04 -31.87
N CYS D 605 -6.42 -12.64 -33.08
CA CYS D 605 -5.01 -12.41 -33.35
C CYS D 605 -4.53 -10.96 -33.36
N THR D 606 -5.45 -10.01 -33.16
CA THR D 606 -5.08 -8.58 -33.24
C THR D 606 -5.65 -7.76 -32.07
N PRO D 607 -4.95 -6.68 -31.70
CA PRO D 607 -5.38 -5.77 -30.63
C PRO D 607 -6.66 -5.00 -30.95
N GLY D 608 -7.07 -4.94 -32.21
CA GLY D 608 -8.30 -4.24 -32.55
C GLY D 608 -8.43 -3.79 -34.00
N SER D 609 -9.60 -3.26 -34.32
CA SER D 609 -9.94 -2.77 -35.66
C SER D 609 -9.78 -3.80 -36.79
N GLY D 610 -9.27 -3.34 -37.94
CA GLY D 610 -9.12 -4.20 -39.10
C GLY D 610 -9.05 -3.41 -40.40
N LYS D 611 -8.75 -4.10 -41.50
CA LYS D 611 -8.67 -3.44 -42.81
C LYS D 611 -10.04 -3.15 -43.41
N ASP D 612 -11.04 -3.94 -43.02
CA ASP D 612 -12.42 -3.72 -43.42
C ASP D 612 -13.31 -4.47 -42.43
N TYR D 613 -14.62 -4.43 -42.64
CA TYR D 613 -15.56 -5.06 -41.71
C TYR D 613 -15.27 -6.56 -41.57
N ALA D 614 -15.03 -7.21 -42.70
CA ALA D 614 -14.67 -8.62 -42.72
C ALA D 614 -13.39 -8.83 -41.94
N GLY D 615 -12.41 -7.96 -42.19
CA GLY D 615 -11.16 -7.99 -41.46
C GLY D 615 -11.35 -7.78 -39.97
N VAL D 616 -12.24 -6.85 -39.62
CA VAL D 616 -12.53 -6.57 -38.23
C VAL D 616 -13.09 -7.80 -37.52
N PHE D 617 -14.10 -8.42 -38.13
CA PHE D 617 -14.69 -9.62 -37.57
C PHE D 617 -13.69 -10.77 -37.44
N SER D 618 -13.03 -11.10 -38.55
CA SER D 618 -12.10 -12.23 -38.61
C SER D 618 -10.90 -12.08 -37.67
N ASP D 619 -10.33 -10.88 -37.62
CA ASP D 619 -9.18 -10.63 -36.75
C ASP D 619 -9.56 -10.72 -35.28
N ALA D 620 -10.82 -10.39 -34.98
CA ALA D 620 -11.32 -10.46 -33.61
C ALA D 620 -11.84 -11.86 -33.29
N GLY D 621 -11.69 -12.76 -34.27
CA GLY D 621 -12.11 -14.14 -34.10
C GLY D 621 -13.60 -14.37 -34.27
N LEU D 622 -14.19 -13.71 -35.26
CA LEU D 622 -15.62 -13.87 -35.52
C LEU D 622 -15.92 -14.12 -36.99
N THR D 623 -17.09 -14.70 -37.25
CA THR D 623 -17.57 -14.90 -38.61
C THR D 623 -18.95 -14.28 -38.75
N PHE D 624 -19.12 -13.50 -39.83
CA PHE D 624 -20.37 -12.82 -40.09
C PHE D 624 -20.89 -13.26 -41.45
N THR D 625 -22.14 -13.71 -41.49
CA THR D 625 -22.73 -14.17 -42.74
C THR D 625 -24.11 -13.56 -42.97
N SER D 626 -24.41 -13.19 -44.21
CA SER D 626 -25.69 -12.57 -44.51
C SER D 626 -26.36 -13.15 -45.75
N SER D 627 -27.68 -13.09 -45.78
CA SER D 627 -28.46 -13.56 -46.93
C SER D 627 -28.31 -12.62 -48.12
N SER D 628 -27.74 -11.44 -47.88
CA SER D 628 -27.55 -10.45 -48.94
C SER D 628 -26.18 -10.60 -49.60
N GLY D 629 -25.33 -11.45 -49.01
CA GLY D 629 -24.04 -11.76 -49.61
C GLY D 629 -22.84 -11.17 -48.90
N GLN D 630 -23.08 -10.29 -47.93
CA GLN D 630 -21.97 -9.72 -47.18
C GLN D 630 -21.50 -10.71 -46.12
N GLN D 631 -20.23 -11.11 -46.22
CA GLN D 631 -19.70 -12.11 -45.32
C GLN D 631 -18.20 -11.98 -45.13
N THR D 632 -17.71 -12.55 -44.03
CA THR D 632 -16.29 -12.57 -43.72
C THR D 632 -15.55 -13.52 -44.64
N ALA D 633 -14.23 -13.36 -44.72
CA ALA D 633 -13.40 -14.29 -45.47
C ALA D 633 -13.33 -15.61 -44.72
N GLN D 634 -12.58 -16.56 -45.26
CA GLN D 634 -12.49 -17.88 -44.63
C GLN D 634 -11.11 -18.13 -44.03
N ARG D 635 -11.09 -18.41 -42.73
CA ARG D 635 -9.85 -18.76 -42.05
C ARG D 635 -9.74 -20.28 -41.96
N ALA D 636 -8.79 -20.83 -42.70
CA ALA D 636 -8.55 -22.27 -42.66
C ALA D 636 -7.42 -22.61 -41.70
N GLU D 637 -6.76 -21.57 -41.19
CA GLU D 637 -5.64 -21.74 -40.28
C GLU D 637 -6.10 -21.87 -38.84
N LEU D 638 -5.52 -22.81 -38.10
CA LEU D 638 -5.87 -23.01 -36.71
C LEU D 638 -5.17 -22.02 -35.76
N GLN D 639 -3.91 -21.71 -36.05
CA GLN D 639 -3.13 -20.84 -35.19
C GLN D 639 -3.24 -19.38 -35.58
N CYS D 640 -2.61 -18.51 -34.80
CA CYS D 640 -2.57 -17.09 -35.11
C CYS D 640 -1.37 -16.76 -35.98
N PRO D 641 -1.59 -15.98 -37.06
CA PRO D 641 -0.53 -15.56 -37.98
C PRO D 641 0.62 -14.87 -37.24
N GLN D 642 1.84 -15.09 -37.71
CA GLN D 642 3.02 -14.55 -37.05
C GLN D 642 4.25 -14.66 -37.93
N ASP E 4 26.12 -37.96 34.40
CA ASP E 4 26.80 -36.76 34.88
C ASP E 4 26.01 -36.08 35.99
N GLU E 5 26.35 -34.83 36.28
CA GLU E 5 25.68 -34.09 37.34
C GLU E 5 24.49 -33.28 36.80
N ASP E 6 23.30 -33.66 37.24
CA ASP E 6 22.06 -32.96 36.86
C ASP E 6 21.88 -32.84 35.35
N ILE E 7 21.65 -33.96 34.69
CA ILE E 7 21.45 -33.96 33.24
C ILE E 7 20.48 -35.07 32.81
N ILE E 8 19.71 -34.81 31.77
CA ILE E 8 18.79 -35.81 31.24
C ILE E 8 19.57 -36.92 30.55
N ALA E 9 19.20 -38.16 30.86
CA ALA E 9 19.85 -39.34 30.29
C ALA E 9 19.61 -39.47 28.79
N GLU E 10 20.53 -40.15 28.12
CA GLU E 10 20.43 -40.38 26.68
C GLU E 10 19.21 -41.22 26.31
N GLU E 11 18.97 -42.27 27.08
CA GLU E 11 17.86 -43.18 26.82
C GLU E 11 16.51 -42.46 26.91
N ASN E 12 16.45 -41.41 27.73
CA ASN E 12 15.23 -40.65 27.93
C ASN E 12 14.95 -39.67 26.79
N ILE E 13 15.93 -39.51 25.90
CA ILE E 13 15.80 -38.59 24.78
C ILE E 13 15.25 -39.27 23.53
N VAL E 14 14.11 -38.78 23.05
CA VAL E 14 13.55 -39.25 21.79
C VAL E 14 13.99 -38.33 20.66
N SER E 15 14.84 -38.84 19.77
CA SER E 15 15.38 -38.03 18.68
C SER E 15 14.33 -37.71 17.64
N ARG E 16 14.52 -36.60 16.93
CA ARG E 16 13.62 -36.24 15.84
C ARG E 16 13.97 -37.05 14.60
N SER E 17 13.05 -37.90 14.16
CA SER E 17 13.33 -38.77 13.01
C SER E 17 12.78 -38.28 11.67
N GLU E 18 11.74 -37.44 11.72
CA GLU E 18 11.04 -37.06 10.49
C GLU E 18 11.62 -35.82 9.81
N PHE E 19 12.12 -36.01 8.60
CA PHE E 19 12.58 -34.90 7.78
C PHE E 19 12.08 -35.00 6.34
N PRO E 20 10.75 -34.91 6.15
CA PRO E 20 10.21 -35.03 4.80
C PRO E 20 10.45 -33.77 3.99
N GLU E 21 10.68 -33.92 2.69
CA GLU E 21 10.84 -32.77 1.81
C GLU E 21 9.47 -32.25 1.39
N SER E 22 8.46 -33.11 1.46
CA SER E 22 7.11 -32.73 1.09
C SER E 22 6.07 -33.50 1.90
N TRP E 23 5.00 -32.81 2.27
CA TRP E 23 3.90 -33.42 3.03
C TRP E 23 2.66 -32.54 2.92
N LEU E 24 1.65 -32.85 3.73
CA LEU E 24 0.37 -32.14 3.68
C LEU E 24 -0.24 -32.24 2.29
N TRP E 25 -0.43 -33.47 1.83
CA TRP E 25 -1.02 -33.78 0.53
C TRP E 25 -2.54 -33.82 0.67
N ASN E 26 -3.01 -33.32 1.81
CA ASN E 26 -4.40 -33.39 2.25
C ASN E 26 -5.40 -32.84 1.24
N VAL E 27 -6.62 -33.36 1.29
CA VAL E 27 -7.72 -32.87 0.46
C VAL E 27 -8.89 -32.46 1.36
N GLU E 28 -9.38 -31.24 1.18
CA GLU E 28 -10.46 -30.72 2.00
C GLU E 28 -11.52 -30.01 1.17
N ASP E 29 -12.78 -30.21 1.55
CA ASP E 29 -13.91 -29.54 0.92
C ASP E 29 -14.44 -28.50 1.89
N LEU E 30 -14.86 -27.35 1.37
CA LEU E 30 -15.38 -26.32 2.26
C LEU E 30 -16.89 -26.44 2.35
N LYS E 31 -17.37 -26.94 3.49
CA LYS E 31 -18.80 -27.08 3.72
C LYS E 31 -19.39 -25.94 4.55
N GLU E 32 -18.51 -25.10 5.09
CA GLU E 32 -18.94 -23.99 5.96
C GLU E 32 -19.86 -23.01 5.25
N PRO E 33 -21.04 -22.77 5.85
CA PRO E 33 -22.00 -21.79 5.34
C PRO E 33 -21.33 -20.42 5.22
N PRO E 34 -21.48 -19.76 4.07
CA PRO E 34 -20.72 -18.54 3.81
C PRO E 34 -21.21 -17.34 4.62
N LYS E 35 -20.26 -16.60 5.18
CA LYS E 35 -20.54 -15.30 5.75
C LYS E 35 -19.94 -14.25 4.83
N ASN E 36 -20.81 -13.51 4.14
CA ASN E 36 -20.41 -12.57 3.10
C ASN E 36 -19.59 -13.24 1.98
N GLY E 37 -20.11 -14.34 1.46
CA GLY E 37 -19.53 -15.00 0.31
C GLY E 37 -18.28 -15.83 0.56
N ILE E 38 -17.76 -15.76 1.78
CA ILE E 38 -16.52 -16.46 2.10
C ILE E 38 -16.69 -17.56 3.15
N SER E 39 -16.45 -18.81 2.75
CA SER E 39 -16.46 -19.92 3.70
C SER E 39 -15.10 -20.02 4.38
N THR E 40 -15.10 -20.34 5.67
CA THR E 40 -13.85 -20.45 6.42
C THR E 40 -13.72 -21.76 7.18
N LYS E 41 -12.76 -22.58 6.75
CA LYS E 41 -12.44 -23.82 7.46
C LYS E 41 -11.14 -23.65 8.26
N LEU E 42 -11.15 -24.14 9.49
CA LEU E 42 -9.95 -24.09 10.32
C LEU E 42 -9.29 -25.45 10.35
N MET E 43 -8.00 -25.50 10.03
CA MET E 43 -7.26 -26.75 9.97
C MET E 43 -6.23 -26.85 11.07
N ASN E 44 -6.44 -27.81 11.98
CA ASN E 44 -5.44 -28.10 13.00
C ASN E 44 -4.53 -29.20 12.49
N ILE E 45 -3.29 -28.84 12.21
CA ILE E 45 -2.33 -29.78 11.63
C ILE E 45 -1.10 -29.92 12.51
N PHE E 46 -0.19 -30.81 12.10
CA PHE E 46 0.96 -31.14 12.93
C PHE E 46 2.28 -30.87 12.22
N LEU E 47 3.04 -29.90 12.73
CA LEU E 47 4.35 -29.59 12.17
C LEU E 47 5.33 -30.73 12.39
N LYS E 48 6.13 -31.02 11.36
CA LYS E 48 7.09 -32.11 11.42
C LYS E 48 8.39 -31.69 12.12
N ASP E 49 9.31 -32.65 12.26
CA ASP E 49 10.52 -32.44 13.05
C ASP E 49 11.52 -31.43 12.48
N SER E 50 11.50 -31.23 11.17
CA SER E 50 12.47 -30.36 10.50
C SER E 50 12.43 -28.91 10.97
N ILE E 51 13.60 -28.30 11.06
CA ILE E 51 13.71 -26.88 11.39
C ILE E 51 14.00 -26.11 10.10
N THR E 52 13.01 -25.35 9.63
CA THR E 52 13.03 -24.71 8.32
C THR E 52 11.71 -23.97 8.14
N THR E 53 11.57 -23.22 7.05
CA THR E 53 10.30 -22.60 6.70
C THR E 53 9.52 -23.52 5.77
N TRP E 54 8.30 -23.86 6.16
CA TRP E 54 7.43 -24.68 5.33
C TRP E 54 6.55 -23.77 4.47
N GLU E 55 6.53 -24.05 3.17
CA GLU E 55 5.71 -23.27 2.23
C GLU E 55 4.47 -24.07 1.82
N ILE E 56 3.31 -23.46 1.99
CA ILE E 56 2.04 -24.14 1.75
C ILE E 56 1.30 -23.59 0.53
N LEU E 57 1.13 -24.41 -0.49
CA LEU E 57 0.42 -24.02 -1.71
C LEU E 57 -0.94 -24.68 -1.79
N ALA E 58 -1.99 -23.87 -2.00
CA ALA E 58 -3.35 -24.39 -2.07
C ALA E 58 -3.99 -24.11 -3.43
N VAL E 59 -4.81 -25.06 -3.89
CA VAL E 59 -5.57 -24.89 -5.12
C VAL E 59 -7.04 -25.23 -4.88
N SER E 60 -7.93 -24.34 -5.34
CA SER E 60 -9.37 -24.54 -5.12
C SER E 60 -10.10 -24.83 -6.44
N MET E 61 -11.03 -25.78 -6.37
CA MET E 61 -11.84 -26.15 -7.52
C MET E 61 -13.32 -26.07 -7.18
N SER E 62 -14.03 -25.16 -7.83
CA SER E 62 -15.45 -24.96 -7.58
C SER E 62 -16.26 -25.24 -8.85
N ASP E 63 -17.50 -25.69 -8.66
CA ASP E 63 -18.36 -26.07 -9.77
C ASP E 63 -18.98 -24.84 -10.42
N LYS E 64 -18.63 -23.68 -9.89
CA LYS E 64 -19.12 -22.40 -10.39
C LYS E 64 -17.96 -21.50 -10.79
N LYS E 65 -17.11 -21.18 -9.82
CA LYS E 65 -16.00 -20.25 -10.03
C LYS E 65 -14.79 -20.87 -10.73
N GLY E 66 -14.73 -22.20 -10.77
CA GLY E 66 -13.64 -22.89 -11.45
C GLY E 66 -12.37 -23.07 -10.63
N ILE E 67 -11.23 -22.98 -11.31
CA ILE E 67 -9.93 -23.24 -10.68
C ILE E 67 -9.25 -21.96 -10.19
N CYS E 68 -8.67 -22.02 -8.99
CA CYS E 68 -7.93 -20.90 -8.44
C CYS E 68 -6.65 -21.34 -7.73
N VAL E 69 -5.53 -20.73 -8.09
CA VAL E 69 -4.25 -21.05 -7.47
C VAL E 69 -3.85 -19.96 -6.48
N ALA E 70 -3.91 -20.28 -5.19
CA ALA E 70 -3.61 -19.32 -4.13
C ALA E 70 -2.13 -18.98 -4.06
N ASP E 71 -1.82 -17.86 -3.41
CA ASP E 71 -0.44 -17.46 -3.18
C ASP E 71 0.16 -18.29 -2.04
N PRO E 72 1.48 -18.54 -2.11
CA PRO E 72 2.18 -19.34 -1.10
C PRO E 72 2.08 -18.77 0.30
N PHE E 73 2.24 -19.64 1.29
CA PHE E 73 2.17 -19.23 2.70
C PHE E 73 3.29 -19.91 3.47
N GLU E 74 4.10 -19.11 4.16
CA GLU E 74 5.30 -19.62 4.83
C GLU E 74 5.15 -19.67 6.36
N VAL E 75 5.69 -20.73 6.95
CA VAL E 75 5.73 -20.89 8.40
C VAL E 75 7.16 -21.18 8.85
N THR E 76 7.72 -20.32 9.69
CA THR E 76 9.11 -20.47 10.09
C THR E 76 9.25 -21.33 11.36
N VAL E 77 9.82 -22.51 11.18
CA VAL E 77 10.01 -23.47 12.27
C VAL E 77 11.45 -23.45 12.77
N MET E 78 11.63 -23.11 14.05
CA MET E 78 12.95 -22.96 14.65
C MET E 78 12.92 -23.20 16.16
N GLN E 79 14.09 -23.54 16.73
CA GLN E 79 14.24 -23.64 18.18
C GLN E 79 15.36 -22.71 18.68
N ASP E 80 15.55 -22.67 19.99
CA ASP E 80 16.62 -21.87 20.59
C ASP E 80 17.97 -22.59 20.58
N PHE E 81 17.94 -23.90 20.75
CA PHE E 81 19.14 -24.73 20.69
C PHE E 81 18.82 -26.01 19.93
N PHE E 82 19.64 -26.34 18.94
CA PHE E 82 19.36 -27.53 18.13
C PHE E 82 20.59 -28.14 17.48
N ILE E 83 20.46 -29.40 17.05
CA ILE E 83 21.53 -30.08 16.35
C ILE E 83 21.25 -30.16 14.86
N ASP E 84 22.24 -29.82 14.05
CA ASP E 84 22.14 -29.97 12.61
C ASP E 84 23.15 -31.04 12.23
N LEU E 85 22.66 -32.22 11.88
CA LEU E 85 23.53 -33.32 11.50
C LEU E 85 23.68 -33.34 9.98
N ARG E 86 24.91 -33.14 9.51
CA ARG E 86 25.12 -33.03 8.07
C ARG E 86 25.66 -34.33 7.48
N LEU E 87 24.81 -35.00 6.72
CA LEU E 87 25.18 -36.27 6.10
C LEU E 87 25.11 -36.12 4.59
N PRO E 88 25.99 -36.84 3.87
CA PRO E 88 25.96 -36.83 2.41
C PRO E 88 24.76 -37.59 1.87
N TYR E 89 24.63 -37.66 0.54
CA TYR E 89 23.53 -38.41 -0.06
C TYR E 89 23.79 -39.90 0.03
N SER E 90 25.01 -40.32 -0.29
CA SER E 90 25.38 -41.72 -0.27
C SER E 90 26.86 -41.91 0.09
N VAL E 91 27.14 -42.97 0.83
CA VAL E 91 28.52 -43.28 1.18
C VAL E 91 28.91 -44.65 0.64
N VAL E 92 30.21 -44.85 0.40
CA VAL E 92 30.68 -46.11 -0.17
C VAL E 92 31.01 -47.11 0.93
N ARG E 93 30.58 -48.35 0.75
CA ARG E 93 30.82 -49.42 1.71
C ARG E 93 32.30 -49.61 2.01
N ASN E 94 32.61 -49.72 3.30
CA ASN E 94 33.96 -49.97 3.82
C ASN E 94 34.95 -48.81 3.75
N GLU E 95 34.55 -47.70 3.14
CA GLU E 95 35.45 -46.54 3.06
C GLU E 95 35.26 -45.60 4.24
N GLN E 96 36.37 -45.21 4.86
CA GLN E 96 36.35 -44.34 6.04
C GLN E 96 36.00 -42.91 5.69
N VAL E 97 34.98 -42.36 6.35
CA VAL E 97 34.55 -40.98 6.11
C VAL E 97 34.39 -40.20 7.41
N GLU E 98 34.36 -38.87 7.30
CA GLU E 98 34.10 -38.02 8.45
C GLU E 98 32.86 -37.16 8.27
N ILE E 99 31.80 -37.48 9.01
CA ILE E 99 30.61 -36.63 9.02
C ILE E 99 30.73 -35.57 10.10
N ARG E 100 29.79 -34.62 10.12
CA ARG E 100 29.81 -33.54 11.11
C ARG E 100 28.46 -33.24 11.74
N ALA E 101 28.49 -33.00 13.06
CA ALA E 101 27.30 -32.58 13.79
C ALA E 101 27.48 -31.15 14.32
N VAL E 102 26.74 -30.21 13.73
CA VAL E 102 26.87 -28.80 14.08
C VAL E 102 25.81 -28.38 15.08
N LEU E 103 26.24 -28.04 16.29
CA LEU E 103 25.32 -27.61 17.33
C LEU E 103 25.12 -26.09 17.28
N TYR E 104 23.86 -25.67 17.23
CA TYR E 104 23.51 -24.26 17.18
C TYR E 104 22.85 -23.79 18.46
N ASN E 105 23.47 -22.81 19.11
CA ASN E 105 22.88 -22.13 20.26
C ASN E 105 22.59 -20.68 19.90
N TYR E 106 21.31 -20.35 19.75
CA TYR E 106 20.90 -19.01 19.36
C TYR E 106 20.50 -18.10 20.52
N ARG E 107 20.67 -18.58 21.75
CA ARG E 107 20.31 -17.82 22.94
C ARG E 107 21.16 -16.56 23.07
N GLN E 108 20.50 -15.44 23.36
CA GLN E 108 21.15 -14.13 23.30
C GLN E 108 22.30 -13.93 24.29
N ASN E 109 21.99 -13.98 25.59
CA ASN E 109 23.00 -13.76 26.62
C ASN E 109 23.54 -15.01 27.33
N GLN E 110 23.03 -16.19 26.96
CA GLN E 110 23.31 -17.38 27.75
C GLN E 110 24.20 -18.39 27.03
N GLU E 111 25.30 -18.78 27.68
CA GLU E 111 26.18 -19.83 27.15
C GLU E 111 25.80 -21.18 27.74
N LEU E 112 25.94 -22.23 26.94
CA LEU E 112 25.53 -23.56 27.37
C LEU E 112 26.67 -24.57 27.44
N LYS E 113 26.74 -25.29 28.55
CA LYS E 113 27.70 -26.37 28.72
C LYS E 113 27.04 -27.64 28.20
N VAL E 114 27.60 -28.21 27.14
CA VAL E 114 26.92 -29.27 26.39
C VAL E 114 27.65 -30.62 26.42
N ARG E 115 26.86 -31.67 26.56
CA ARG E 115 27.32 -33.04 26.42
C ARG E 115 26.75 -33.63 25.14
N VAL E 116 27.64 -34.00 24.23
CA VAL E 116 27.21 -34.55 22.94
C VAL E 116 27.69 -36.00 22.76
N GLU E 117 26.80 -36.86 22.29
CA GLU E 117 27.10 -38.28 22.15
C GLU E 117 26.63 -38.85 20.82
N LEU E 118 27.49 -39.65 20.20
CA LEU E 118 27.13 -40.41 19.01
C LEU E 118 26.69 -41.81 19.41
N LEU E 119 25.57 -42.26 18.87
CA LEU E 119 25.05 -43.58 19.19
C LEU E 119 25.78 -44.68 18.42
N HIS E 120 25.81 -45.88 18.99
CA HIS E 120 26.45 -47.03 18.36
C HIS E 120 25.52 -47.76 17.42
N ASN E 121 25.97 -47.94 16.17
CA ASN E 121 25.22 -48.74 15.21
C ASN E 121 26.11 -49.88 14.71
N PRO E 122 25.54 -51.09 14.62
CA PRO E 122 26.28 -52.25 14.10
C PRO E 122 26.69 -52.06 12.66
N ALA E 123 25.99 -51.19 11.94
CA ALA E 123 26.28 -50.91 10.54
C ALA E 123 27.47 -49.97 10.35
N PHE E 124 27.98 -49.43 11.46
CA PHE E 124 29.09 -48.49 11.40
C PHE E 124 30.21 -48.85 12.36
N CYS E 125 31.42 -48.45 12.00
CA CYS E 125 32.58 -48.64 12.87
C CYS E 125 33.06 -47.30 13.42
N SER E 126 32.89 -47.10 14.72
CA SER E 126 33.25 -45.84 15.35
C SER E 126 33.92 -46.05 16.71
N LEU E 127 34.16 -44.94 17.41
CA LEU E 127 34.78 -44.99 18.73
C LEU E 127 33.74 -45.37 19.78
N ALA E 128 32.48 -45.43 19.36
CA ALA E 128 31.41 -45.85 20.24
C ALA E 128 31.19 -47.36 20.10
N THR E 129 31.48 -48.09 21.18
CA THR E 129 31.32 -49.54 21.16
C THR E 129 29.97 -49.92 21.76
N THR E 130 29.76 -51.22 21.95
CA THR E 130 28.50 -51.69 22.51
C THR E 130 28.40 -51.38 23.99
N LYS E 131 29.49 -51.59 24.72
CA LYS E 131 29.52 -51.35 26.16
C LYS E 131 30.13 -50.01 26.56
N ARG E 132 30.50 -49.20 25.58
CA ARG E 132 31.09 -47.89 25.83
C ARG E 132 30.59 -46.87 24.81
N ARG E 133 30.35 -45.64 25.26
CA ARG E 133 29.84 -44.61 24.37
C ARG E 133 30.98 -43.76 23.83
N HIS E 134 30.67 -42.93 22.85
CA HIS E 134 31.59 -41.90 22.40
C HIS E 134 30.95 -40.56 22.73
N GLN E 135 31.45 -39.88 23.75
CA GLN E 135 30.85 -38.62 24.18
C GLN E 135 31.87 -37.54 24.51
N GLN E 136 31.56 -36.31 24.10
CA GLN E 136 32.40 -35.16 24.40
C GLN E 136 31.63 -34.13 25.21
N THR E 137 32.38 -33.29 25.93
CA THR E 137 31.80 -32.20 26.67
C THR E 137 32.43 -30.89 26.19
N VAL E 138 31.61 -30.04 25.59
CA VAL E 138 32.09 -28.80 25.00
C VAL E 138 31.20 -27.62 25.39
N THR E 139 31.79 -26.44 25.46
CA THR E 139 31.06 -25.24 25.86
C THR E 139 30.73 -24.36 24.65
N ILE E 140 29.45 -24.02 24.51
CA ILE E 140 29.01 -23.18 23.40
C ILE E 140 28.57 -21.79 23.87
N PRO E 141 29.31 -20.75 23.42
CA PRO E 141 29.03 -19.34 23.72
C PRO E 141 27.69 -18.89 23.14
N PRO E 142 27.10 -17.82 23.71
CA PRO E 142 25.81 -17.31 23.26
C PRO E 142 25.84 -16.83 21.81
N LYS E 143 24.78 -17.08 21.07
CA LYS E 143 24.67 -16.68 19.66
C LYS E 143 25.85 -17.18 18.84
N SER E 144 25.99 -18.49 18.76
CA SER E 144 27.12 -19.11 18.06
C SER E 144 26.80 -20.53 17.64
N SER E 145 27.82 -21.25 17.17
CA SER E 145 27.67 -22.63 16.76
C SER E 145 29.00 -23.37 16.89
N LEU E 146 28.93 -24.68 17.03
CA LEU E 146 30.13 -25.50 17.20
C LEU E 146 30.04 -26.81 16.44
N SER E 147 31.07 -27.12 15.66
CA SER E 147 31.07 -28.33 14.84
C SER E 147 31.80 -29.49 15.51
N VAL E 148 31.14 -30.64 15.57
CA VAL E 148 31.72 -31.84 16.15
C VAL E 148 31.91 -32.92 15.08
N PRO E 149 33.17 -33.21 14.71
CA PRO E 149 33.53 -34.22 13.72
C PRO E 149 33.36 -35.64 14.24
N TYR E 150 32.86 -36.54 13.39
CA TYR E 150 32.82 -37.95 13.72
C TYR E 150 33.35 -38.77 12.57
N VAL E 151 34.24 -39.72 12.87
CA VAL E 151 34.82 -40.56 11.82
C VAL E 151 34.23 -41.97 11.87
N ILE E 152 33.57 -42.37 10.80
CA ILE E 152 32.91 -43.67 10.75
C ILE E 152 33.18 -44.42 9.44
N VAL E 153 33.10 -45.74 9.51
CA VAL E 153 33.18 -46.61 8.35
C VAL E 153 31.88 -47.41 8.19
N PRO E 154 31.15 -47.19 7.09
CA PRO E 154 29.95 -47.98 6.79
C PRO E 154 30.29 -49.46 6.63
N LEU E 155 29.36 -50.34 7.00
CA LEU E 155 29.63 -51.77 7.00
C LEU E 155 28.70 -52.55 6.07
N LYS E 156 27.40 -52.51 6.35
CA LYS E 156 26.42 -53.21 5.51
C LYS E 156 25.72 -52.24 4.56
N THR E 157 25.41 -52.72 3.36
CA THR E 157 24.81 -51.87 2.33
C THR E 157 23.35 -51.54 2.64
N GLY E 158 22.71 -50.82 1.73
CA GLY E 158 21.32 -50.46 1.90
C GLY E 158 21.18 -49.10 2.54
N LEU E 159 20.01 -48.84 3.11
CA LEU E 159 19.76 -47.58 3.79
C LEU E 159 19.93 -47.75 5.29
N GLN E 160 21.02 -47.23 5.82
CA GLN E 160 21.29 -47.32 7.24
C GLN E 160 20.90 -46.03 7.97
N GLU E 161 21.11 -46.00 9.28
CA GLU E 161 20.65 -44.89 10.09
C GLU E 161 21.76 -44.34 10.98
N VAL E 162 21.85 -43.02 11.06
CA VAL E 162 22.82 -42.36 11.92
C VAL E 162 22.09 -41.47 12.92
N GLU E 163 22.38 -41.67 14.20
CA GLU E 163 21.68 -40.94 15.25
C GLU E 163 22.64 -40.35 16.28
N VAL E 164 22.51 -39.05 16.53
CA VAL E 164 23.30 -38.40 17.58
C VAL E 164 22.39 -37.67 18.56
N LYS E 165 22.80 -37.61 19.82
CA LYS E 165 22.01 -36.94 20.84
C LYS E 165 22.87 -35.96 21.62
N ALA E 166 22.24 -34.93 22.18
CA ALA E 166 22.96 -33.95 22.98
C ALA E 166 22.08 -33.33 24.05
N ALA E 167 22.68 -33.01 25.18
CA ALA E 167 21.95 -32.38 26.28
C ALA E 167 22.89 -31.48 27.06
N VAL E 168 22.35 -30.38 27.60
CA VAL E 168 23.18 -29.40 28.28
C VAL E 168 23.07 -29.50 29.81
N TYR E 169 24.18 -29.18 30.48
CA TYR E 169 24.24 -29.28 31.94
C TYR E 169 23.47 -28.14 32.61
N HIS E 170 22.84 -28.46 33.73
CA HIS E 170 22.14 -27.48 34.57
C HIS E 170 21.02 -26.74 33.85
N HIS E 171 20.49 -27.35 32.79
CA HIS E 171 19.34 -26.81 32.07
C HIS E 171 18.46 -27.91 31.49
N PHE E 172 17.23 -27.55 31.15
CA PHE E 172 16.25 -28.49 30.61
C PHE E 172 16.45 -28.75 29.11
N ILE E 173 17.39 -28.03 28.51
CA ILE E 173 17.56 -28.09 27.07
C ILE E 173 18.18 -29.42 26.64
N SER E 174 17.60 -30.00 25.59
CA SER E 174 18.12 -31.24 25.00
C SER E 174 17.66 -31.34 23.55
N ASP E 175 18.34 -32.17 22.77
CA ASP E 175 17.93 -32.41 21.38
C ASP E 175 18.58 -33.68 20.83
N GLY E 176 18.03 -34.19 19.74
CA GLY E 176 18.60 -35.34 19.07
C GLY E 176 18.22 -35.40 17.60
N VAL E 177 19.07 -36.03 16.80
CA VAL E 177 18.84 -36.14 15.36
C VAL E 177 19.05 -37.57 14.86
N ARG E 178 18.03 -38.12 14.23
CA ARG E 178 18.12 -39.45 13.63
C ARG E 178 17.84 -39.36 12.13
N LYS E 179 18.86 -39.57 11.31
CA LYS E 179 18.70 -39.52 9.86
C LYS E 179 19.04 -40.84 9.21
N SER E 180 18.83 -40.91 7.89
CA SER E 180 19.13 -42.10 7.12
C SER E 180 20.17 -41.79 6.05
N LEU E 181 20.90 -42.81 5.62
CA LEU E 181 21.93 -42.63 4.62
C LEU E 181 22.04 -43.88 3.74
N LYS E 182 22.26 -43.68 2.45
CA LYS E 182 22.37 -44.81 1.53
C LYS E 182 23.81 -45.31 1.46
N VAL E 183 23.99 -46.62 1.68
CA VAL E 183 25.30 -47.22 1.55
C VAL E 183 25.40 -47.94 0.21
N VAL E 184 26.16 -47.34 -0.69
CA VAL E 184 26.36 -47.87 -2.03
C VAL E 184 27.63 -48.71 -2.06
N PRO E 185 27.55 -49.91 -2.66
CA PRO E 185 28.75 -50.73 -2.80
C PRO E 185 29.69 -50.16 -3.86
N GLU E 186 30.82 -50.83 -4.06
CA GLU E 186 31.79 -50.38 -5.04
C GLU E 186 31.29 -50.70 -6.44
N GLY E 187 31.36 -49.72 -7.34
CA GLY E 187 30.98 -49.91 -8.72
C GLY E 187 30.36 -48.70 -9.38
N ILE E 188 29.80 -48.91 -10.58
CA ILE E 188 29.18 -47.84 -11.36
C ILE E 188 28.03 -48.43 -12.17
N ARG E 189 26.99 -47.62 -12.41
CA ARG E 189 25.88 -48.05 -13.24
C ARG E 189 26.33 -48.26 -14.69
N MET E 190 25.97 -49.40 -15.25
CA MET E 190 26.32 -49.73 -16.62
C MET E 190 25.12 -50.34 -17.35
N ASN E 191 24.87 -49.88 -18.57
CA ASN E 191 23.75 -50.42 -19.35
C ASN E 191 24.22 -51.45 -20.38
N LYS E 192 23.90 -52.71 -20.11
CA LYS E 192 24.23 -53.81 -21.00
C LYS E 192 23.05 -54.16 -21.89
N THR E 193 23.22 -53.99 -23.21
CA THR E 193 22.15 -54.28 -24.15
C THR E 193 22.05 -55.79 -24.35
N VAL E 194 20.89 -56.35 -24.02
CA VAL E 194 20.71 -57.79 -24.09
C VAL E 194 20.41 -58.28 -25.50
N ALA E 195 19.25 -57.91 -26.03
CA ALA E 195 18.85 -58.44 -27.33
C ALA E 195 18.00 -57.51 -28.19
N VAL E 196 18.27 -57.51 -29.49
CA VAL E 196 17.40 -56.85 -30.45
C VAL E 196 16.81 -57.87 -31.42
N ARG E 197 15.49 -58.00 -31.42
CA ARG E 197 14.83 -59.01 -32.25
C ARG E 197 13.79 -58.36 -33.17
N THR E 198 13.91 -58.61 -34.47
CA THR E 198 12.95 -58.08 -35.43
C THR E 198 11.78 -59.04 -35.59
N LEU E 199 10.56 -58.52 -35.47
CA LEU E 199 9.38 -59.37 -35.50
C LEU E 199 8.58 -59.26 -36.81
N ASP E 200 8.50 -60.35 -37.54
CA ASP E 200 7.64 -60.41 -38.72
C ASP E 200 7.02 -61.80 -38.84
N PRO E 201 5.96 -62.06 -38.06
CA PRO E 201 5.32 -63.38 -37.99
C PRO E 201 4.86 -63.89 -39.35
N GLU E 202 4.55 -62.98 -40.27
CA GLU E 202 4.17 -63.38 -41.61
C GLU E 202 5.36 -63.92 -42.37
N ARG E 203 6.42 -63.10 -42.46
CA ARG E 203 7.60 -63.45 -43.24
C ARG E 203 8.57 -64.36 -42.48
N LEU E 204 8.83 -64.05 -41.22
CA LEU E 204 9.82 -64.78 -40.44
C LEU E 204 9.24 -65.86 -39.53
N GLY E 205 7.92 -65.94 -39.46
CA GLY E 205 7.27 -66.90 -38.59
C GLY E 205 6.89 -68.19 -39.27
N ARG E 206 6.79 -69.26 -38.48
CA ARG E 206 6.23 -70.52 -38.97
C ARG E 206 4.74 -70.58 -38.70
N GLU E 207 3.96 -70.97 -39.71
CA GLU E 207 2.50 -71.05 -39.62
C GLU E 207 1.89 -69.70 -39.26
N GLY E 208 2.58 -68.62 -39.63
CA GLY E 208 2.12 -67.27 -39.35
C GLY E 208 2.36 -66.87 -37.90
N VAL E 209 3.13 -67.69 -37.18
CA VAL E 209 3.43 -67.42 -35.79
C VAL E 209 4.93 -67.42 -35.53
N GLN E 210 5.45 -66.33 -34.96
CA GLN E 210 6.87 -66.24 -34.65
C GLN E 210 7.13 -66.20 -33.15
N LYS E 211 7.71 -67.27 -32.63
CA LYS E 211 8.12 -67.31 -31.23
C LYS E 211 9.60 -66.98 -31.10
N GLU E 212 9.96 -66.23 -30.07
CA GLU E 212 11.34 -65.82 -29.87
C GLU E 212 11.85 -66.11 -28.47
N ASP E 213 13.10 -66.57 -28.39
CA ASP E 213 13.72 -66.95 -27.13
C ASP E 213 14.77 -65.93 -26.70
N ILE E 214 14.57 -65.34 -25.52
CA ILE E 214 15.52 -64.37 -25.00
C ILE E 214 16.18 -64.88 -23.71
N PRO E 215 17.51 -65.09 -23.76
CA PRO E 215 18.31 -65.59 -22.65
C PRO E 215 18.53 -64.51 -21.58
N PRO E 216 18.93 -64.91 -20.37
CA PRO E 216 19.27 -63.93 -19.32
C PRO E 216 20.47 -63.09 -19.74
N ALA E 217 20.64 -61.94 -19.09
CA ALA E 217 21.77 -61.06 -19.39
C ALA E 217 23.07 -61.68 -18.91
N ASP E 218 24.18 -61.24 -19.48
CA ASP E 218 25.50 -61.74 -19.09
C ASP E 218 25.75 -61.51 -17.60
N LEU E 219 25.92 -60.24 -17.24
CA LEU E 219 26.11 -59.84 -15.85
C LEU E 219 27.27 -60.56 -15.17
N SER E 220 28.35 -60.77 -15.92
CA SER E 220 29.53 -61.43 -15.39
C SER E 220 30.24 -60.56 -14.36
N ASP E 221 30.36 -59.27 -14.67
CA ASP E 221 31.05 -58.33 -13.80
C ASP E 221 30.11 -57.66 -12.79
N GLN E 222 28.86 -58.13 -12.73
CA GLN E 222 27.91 -57.62 -11.74
C GLN E 222 28.41 -57.84 -10.32
N VAL E 223 28.11 -56.90 -9.43
CA VAL E 223 28.48 -57.02 -8.02
C VAL E 223 27.42 -57.85 -7.31
N PRO E 224 27.85 -58.84 -6.53
CA PRO E 224 26.94 -59.71 -5.77
C PRO E 224 25.94 -58.93 -4.92
N ASP E 225 24.72 -59.44 -4.83
CA ASP E 225 23.65 -58.88 -4.00
C ASP E 225 23.11 -57.52 -4.47
N THR E 226 23.74 -56.95 -5.50
CA THR E 226 23.25 -55.70 -6.08
C THR E 226 22.05 -55.96 -6.98
N GLU E 227 21.24 -54.93 -7.22
CA GLU E 227 20.04 -55.08 -8.03
C GLU E 227 20.36 -55.04 -9.52
N SER E 228 19.33 -55.29 -10.32
CA SER E 228 19.40 -55.13 -11.77
C SER E 228 17.99 -54.89 -12.28
N GLU E 229 17.87 -54.14 -13.38
CA GLU E 229 16.57 -53.92 -13.99
C GLU E 229 16.61 -54.19 -15.49
N THR E 230 15.84 -55.17 -15.92
CA THR E 230 15.72 -55.50 -17.33
C THR E 230 14.51 -54.80 -17.94
N ARG E 231 14.76 -54.03 -19.00
CA ARG E 231 13.68 -53.30 -19.69
C ARG E 231 13.45 -53.81 -21.10
N ILE E 232 12.18 -54.07 -21.40
CA ILE E 232 11.72 -54.62 -22.66
C ILE E 232 10.81 -53.64 -23.40
N LEU E 233 11.15 -53.35 -24.65
CA LEU E 233 10.40 -52.40 -25.47
C LEU E 233 9.89 -53.02 -26.77
N LEU E 234 8.59 -52.89 -26.99
CA LEU E 234 7.95 -53.31 -28.23
C LEU E 234 7.55 -52.10 -29.06
N GLN E 235 8.18 -51.96 -30.22
CA GLN E 235 7.98 -50.80 -31.09
C GLN E 235 7.39 -51.21 -32.45
N GLY E 236 6.16 -50.81 -32.70
CA GLY E 236 5.50 -51.11 -33.97
C GLY E 236 6.00 -50.23 -35.09
N THR E 237 6.17 -50.80 -36.27
CA THR E 237 6.65 -50.05 -37.43
C THR E 237 5.56 -49.87 -38.48
N PRO E 238 5.10 -48.63 -38.69
CA PRO E 238 4.10 -48.32 -39.71
C PRO E 238 4.66 -48.48 -41.12
N VAL E 239 3.92 -49.15 -42.00
CA VAL E 239 4.32 -49.23 -43.40
C VAL E 239 3.26 -48.61 -44.29
N ALA E 240 3.59 -47.46 -44.88
CA ALA E 240 2.67 -46.77 -45.77
C ALA E 240 2.95 -47.09 -47.22
N GLN E 241 1.89 -47.30 -48.00
CA GLN E 241 2.04 -47.53 -49.43
C GLN E 241 1.76 -46.22 -50.15
N MET E 242 2.52 -45.95 -51.20
CA MET E 242 2.36 -44.70 -51.93
C MET E 242 1.05 -44.70 -52.71
N THR E 243 0.21 -43.71 -52.43
CA THR E 243 -1.03 -43.54 -53.16
C THR E 243 -0.82 -42.43 -54.18
N GLU E 244 -1.14 -42.71 -55.44
CA GLU E 244 -0.89 -41.79 -56.52
C GLU E 244 -1.52 -40.42 -56.27
N ASP E 245 -0.81 -39.37 -56.67
CA ASP E 245 -1.25 -38.00 -56.44
C ASP E 245 -2.64 -37.72 -56.99
N ALA E 246 -3.51 -37.18 -56.15
CA ALA E 246 -4.84 -36.76 -56.57
C ALA E 246 -4.67 -35.56 -57.48
N VAL E 247 -5.68 -35.29 -58.31
CA VAL E 247 -5.58 -34.20 -59.26
C VAL E 247 -5.69 -32.87 -58.53
N ASP E 248 -4.73 -31.98 -58.79
CA ASP E 248 -4.70 -30.67 -58.16
C ASP E 248 -5.96 -29.86 -58.45
N ALA E 249 -6.58 -29.35 -57.39
CA ALA E 249 -7.86 -28.64 -57.51
C ALA E 249 -7.74 -27.35 -58.31
N GLU E 250 -6.51 -26.90 -58.54
CA GLU E 250 -6.27 -25.70 -59.33
C GLU E 250 -6.62 -25.93 -60.79
N ARG E 251 -6.59 -27.20 -61.21
CA ARG E 251 -6.94 -27.58 -62.57
C ARG E 251 -8.44 -27.83 -62.75
N LEU E 252 -9.14 -27.98 -61.63
CA LEU E 252 -10.56 -28.32 -61.67
C LEU E 252 -11.47 -27.10 -61.62
N LYS E 253 -10.85 -25.92 -61.57
CA LYS E 253 -11.60 -24.67 -61.40
C LYS E 253 -12.59 -24.39 -62.54
N HIS E 254 -12.22 -24.78 -63.75
CA HIS E 254 -13.02 -24.50 -64.94
C HIS E 254 -14.25 -25.42 -65.08
N LEU E 255 -14.34 -26.42 -64.21
CA LEU E 255 -15.39 -27.44 -64.32
C LEU E 255 -16.72 -27.02 -63.70
N ILE E 256 -16.78 -25.81 -63.15
CA ILE E 256 -18.03 -25.31 -62.62
C ILE E 256 -18.76 -24.54 -63.72
N VAL E 257 -19.87 -25.11 -64.19
CA VAL E 257 -20.55 -24.57 -65.36
C VAL E 257 -22.05 -24.46 -65.10
N THR E 258 -22.61 -23.29 -65.40
CA THR E 258 -24.05 -23.07 -65.26
C THR E 258 -24.82 -23.81 -66.35
N PRO E 259 -25.71 -24.72 -65.93
CA PRO E 259 -26.52 -25.51 -66.87
C PRO E 259 -27.53 -24.66 -67.63
N SER E 260 -27.63 -24.88 -68.93
CA SER E 260 -28.55 -24.12 -69.77
C SER E 260 -28.96 -24.91 -71.01
N GLY E 261 -29.81 -24.31 -71.82
CA GLY E 261 -30.23 -24.91 -73.08
C GLY E 261 -31.35 -25.92 -72.94
N CYS E 262 -31.60 -26.68 -74.01
CA CYS E 262 -32.65 -27.69 -74.02
C CYS E 262 -32.20 -29.02 -73.41
N GLY E 263 -33.00 -30.06 -73.59
CA GLY E 263 -32.82 -31.33 -72.89
C GLY E 263 -31.44 -31.97 -72.99
N GLU E 264 -30.74 -31.70 -74.08
CA GLU E 264 -29.38 -32.21 -74.26
C GLU E 264 -28.31 -31.31 -73.63
N GLU E 265 -28.28 -30.05 -74.05
CA GLU E 265 -27.31 -29.08 -73.53
C GLU E 265 -27.32 -28.96 -72.01
N ASN E 266 -28.53 -29.04 -71.43
CA ASN E 266 -28.69 -28.95 -69.99
C ASN E 266 -27.86 -30.00 -69.27
N MET E 267 -27.86 -31.22 -69.81
CA MET E 267 -27.07 -32.29 -69.25
C MET E 267 -25.58 -32.09 -69.48
N ILE E 268 -25.22 -31.54 -70.64
CA ILE E 268 -23.82 -31.28 -70.95
C ILE E 268 -23.24 -30.27 -69.97
N GLY E 269 -24.07 -29.32 -69.55
CA GLY E 269 -23.63 -28.32 -68.60
C GLY E 269 -23.74 -28.78 -67.15
N MET E 270 -24.65 -29.71 -66.90
CA MET E 270 -24.85 -30.23 -65.56
C MET E 270 -23.74 -31.21 -65.22
N THR E 271 -23.18 -31.81 -66.26
CA THR E 271 -22.18 -32.88 -66.08
C THR E 271 -20.91 -32.46 -65.34
N PRO E 272 -20.21 -31.41 -65.81
CA PRO E 272 -18.93 -31.12 -65.14
C PRO E 272 -19.11 -30.60 -63.71
N THR E 273 -20.24 -29.95 -63.44
CA THR E 273 -20.49 -29.38 -62.12
C THR E 273 -20.84 -30.47 -61.12
N VAL E 274 -21.45 -31.55 -61.63
CA VAL E 274 -21.85 -32.66 -60.78
C VAL E 274 -20.63 -33.49 -60.39
N ILE E 275 -19.79 -33.78 -61.36
CA ILE E 275 -18.63 -34.63 -61.12
C ILE E 275 -17.53 -33.91 -60.35
N ALA E 276 -17.48 -32.59 -60.47
CA ALA E 276 -16.47 -31.79 -59.77
C ALA E 276 -16.67 -31.87 -58.27
N VAL E 277 -17.92 -31.82 -57.85
CA VAL E 277 -18.27 -31.95 -56.43
C VAL E 277 -17.91 -33.34 -55.95
N HIS E 278 -18.36 -34.34 -56.70
CA HIS E 278 -18.14 -35.74 -56.38
C HIS E 278 -16.66 -36.04 -56.11
N TYR E 279 -15.80 -35.51 -56.98
CA TYR E 279 -14.36 -35.72 -56.86
C TYR E 279 -13.76 -34.92 -55.71
N LEU E 280 -14.11 -33.64 -55.63
CA LEU E 280 -13.58 -32.77 -54.59
C LEU E 280 -14.03 -33.20 -53.19
N ASP E 281 -15.21 -33.82 -53.12
CA ASP E 281 -15.71 -34.37 -51.86
C ASP E 281 -14.83 -35.52 -51.36
N GLU E 282 -14.46 -36.42 -52.27
CA GLU E 282 -13.66 -37.58 -51.89
C GLU E 282 -12.20 -37.21 -51.69
N THR E 283 -11.70 -36.29 -52.50
CA THR E 283 -10.30 -35.89 -52.41
C THR E 283 -10.08 -34.84 -51.33
N GLU E 284 -11.18 -34.33 -50.78
CA GLU E 284 -11.14 -33.35 -49.70
C GLU E 284 -10.26 -32.15 -50.03
N GLN E 285 -10.34 -31.69 -51.28
CA GLN E 285 -9.52 -30.59 -51.75
C GLN E 285 -10.20 -29.22 -51.66
N TRP E 286 -11.39 -29.20 -51.08
CA TRP E 286 -12.17 -27.95 -50.96
C TRP E 286 -11.41 -26.82 -50.28
N GLU E 287 -10.50 -27.16 -49.37
CA GLU E 287 -9.79 -26.14 -48.61
C GLU E 287 -8.94 -25.23 -49.50
N LYS E 288 -8.28 -25.82 -50.51
CA LYS E 288 -7.49 -25.03 -51.44
C LYS E 288 -8.39 -24.48 -52.54
N PHE E 289 -9.56 -25.10 -52.69
CA PHE E 289 -10.54 -24.68 -53.68
C PHE E 289 -11.34 -23.51 -53.12
N GLY E 290 -11.57 -23.57 -51.81
CA GLY E 290 -12.37 -22.60 -51.09
C GLY E 290 -13.72 -23.20 -50.79
N LEU E 291 -14.26 -22.89 -49.62
CA LEU E 291 -15.45 -23.56 -49.11
C LEU E 291 -16.76 -22.91 -49.54
N GLU E 292 -16.68 -21.66 -49.98
CA GLU E 292 -17.86 -20.92 -50.40
C GLU E 292 -18.37 -21.37 -51.77
N LYS E 293 -17.47 -22.00 -52.54
CA LYS E 293 -17.80 -22.40 -53.90
C LYS E 293 -18.76 -23.58 -53.94
N ARG E 294 -18.61 -24.50 -52.98
CA ARG E 294 -19.38 -25.73 -52.97
C ARG E 294 -20.89 -25.53 -53.04
N GLN E 295 -21.45 -24.80 -52.09
CA GLN E 295 -22.89 -24.55 -52.05
C GLN E 295 -23.40 -23.90 -53.33
N GLY E 296 -22.59 -23.00 -53.91
CA GLY E 296 -22.91 -22.40 -55.18
C GLY E 296 -23.05 -23.46 -56.26
N ALA E 297 -22.07 -24.37 -56.29
CA ALA E 297 -22.11 -25.48 -57.22
C ALA E 297 -23.35 -26.34 -57.00
N LEU E 298 -23.72 -26.54 -55.73
CA LEU E 298 -24.91 -27.31 -55.39
C LEU E 298 -26.17 -26.65 -55.91
N GLU E 299 -26.17 -25.32 -55.91
CA GLU E 299 -27.28 -24.56 -56.46
C GLU E 299 -27.33 -24.77 -57.96
N LEU E 300 -26.16 -24.76 -58.59
CA LEU E 300 -26.09 -25.02 -60.03
C LEU E 300 -26.62 -26.41 -60.38
N ILE E 301 -26.25 -27.41 -59.58
CA ILE E 301 -26.74 -28.77 -59.75
C ILE E 301 -28.26 -28.87 -59.62
N LYS E 302 -28.79 -28.24 -58.57
CA LYS E 302 -30.23 -28.20 -58.33
C LYS E 302 -30.94 -27.53 -59.50
N LYS E 303 -30.27 -26.53 -60.07
CA LYS E 303 -30.78 -25.80 -61.22
C LYS E 303 -30.85 -26.72 -62.42
N GLY E 304 -29.74 -27.37 -62.74
CA GLY E 304 -29.66 -28.31 -63.84
C GLY E 304 -30.72 -29.39 -63.77
N TYR E 305 -30.91 -29.97 -62.59
CA TYR E 305 -31.95 -30.97 -62.38
C TYR E 305 -33.34 -30.39 -62.62
N THR E 306 -33.64 -29.28 -61.95
CA THR E 306 -34.97 -28.66 -62.06
C THR E 306 -35.32 -28.33 -63.50
N GLN E 307 -34.37 -27.73 -64.21
CA GLN E 307 -34.55 -27.42 -65.63
C GLN E 307 -34.74 -28.69 -66.43
N GLN E 308 -34.00 -29.73 -66.05
CA GLN E 308 -34.09 -31.01 -66.74
C GLN E 308 -35.47 -31.63 -66.62
N LEU E 309 -36.17 -31.33 -65.52
CA LEU E 309 -37.51 -31.89 -65.31
C LEU E 309 -38.55 -31.32 -66.27
N ALA E 310 -38.18 -30.27 -67.01
CA ALA E 310 -39.09 -29.67 -67.99
C ALA E 310 -39.07 -30.47 -69.28
N PHE E 311 -38.04 -31.31 -69.44
CA PHE E 311 -37.90 -32.13 -70.63
C PHE E 311 -38.40 -33.55 -70.40
N ARG E 312 -38.93 -33.79 -69.20
CA ARG E 312 -39.43 -35.10 -68.83
C ARG E 312 -40.84 -35.26 -69.41
N GLN E 313 -41.00 -36.24 -70.28
CA GLN E 313 -42.27 -36.50 -70.94
C GLN E 313 -43.19 -37.32 -70.04
N PRO E 314 -44.51 -37.35 -70.35
CA PRO E 314 -45.45 -38.19 -69.60
C PRO E 314 -45.02 -39.65 -69.56
N SER E 315 -44.27 -40.07 -70.58
CA SER E 315 -43.70 -41.41 -70.67
C SER E 315 -42.54 -41.58 -69.70
N SER E 316 -42.16 -40.50 -69.02
CA SER E 316 -41.03 -40.45 -68.09
C SER E 316 -39.68 -40.51 -68.80
N ALA E 317 -39.72 -40.69 -70.11
CA ALA E 317 -38.52 -40.69 -70.94
C ALA E 317 -38.03 -39.28 -71.17
N PHE E 318 -36.75 -39.15 -71.52
CA PHE E 318 -36.15 -37.85 -71.79
C PHE E 318 -35.77 -37.70 -73.25
N ALA E 319 -36.01 -36.51 -73.80
CA ALA E 319 -35.62 -36.20 -75.17
C ALA E 319 -35.21 -34.75 -75.23
N ALA E 320 -34.46 -34.38 -76.26
CA ALA E 320 -34.01 -33.00 -76.48
C ALA E 320 -35.15 -32.00 -76.34
N PHE E 321 -36.13 -32.12 -77.23
CA PHE E 321 -37.30 -31.25 -77.22
C PHE E 321 -38.55 -32.05 -76.89
N VAL E 322 -39.58 -31.37 -76.37
CA VAL E 322 -40.82 -32.03 -76.00
C VAL E 322 -41.53 -32.61 -77.21
N LYS E 323 -41.22 -32.05 -78.38
CA LYS E 323 -41.85 -32.48 -79.64
C LYS E 323 -41.10 -33.65 -80.27
N ARG E 324 -39.90 -33.92 -79.77
CA ARG E 324 -39.02 -34.95 -80.34
C ARG E 324 -39.21 -36.31 -79.67
N ALA E 325 -39.08 -37.37 -80.46
CA ALA E 325 -39.19 -38.73 -79.96
C ALA E 325 -38.14 -39.02 -78.88
N PRO E 326 -38.54 -39.75 -77.82
CA PRO E 326 -37.69 -40.08 -76.67
C PRO E 326 -36.38 -40.76 -77.06
N SER E 327 -35.29 -40.32 -76.45
CA SER E 327 -33.97 -40.92 -76.69
C SER E 327 -33.55 -41.90 -75.59
N THR E 328 -33.30 -43.14 -75.99
CA THR E 328 -32.87 -44.18 -75.07
C THR E 328 -31.58 -43.79 -74.35
N TRP E 329 -30.57 -43.42 -75.13
CA TRP E 329 -29.26 -43.09 -74.57
C TRP E 329 -29.32 -41.86 -73.67
N LEU E 330 -30.11 -40.87 -74.08
CA LEU E 330 -30.23 -39.65 -73.29
C LEU E 330 -30.88 -39.95 -71.95
N THR E 331 -31.96 -40.72 -71.97
CA THR E 331 -32.66 -41.11 -70.75
C THR E 331 -31.74 -41.91 -69.85
N ALA E 332 -30.95 -42.80 -70.46
CA ALA E 332 -30.04 -43.64 -69.70
C ALA E 332 -28.95 -42.79 -69.05
N TYR E 333 -28.52 -41.74 -69.75
CA TYR E 333 -27.48 -40.86 -69.21
C TYR E 333 -28.03 -39.96 -68.12
N VAL E 334 -29.29 -39.56 -68.27
CA VAL E 334 -29.98 -38.80 -67.23
C VAL E 334 -30.08 -39.67 -65.97
N VAL E 335 -30.42 -40.93 -66.14
CA VAL E 335 -30.44 -41.87 -65.02
C VAL E 335 -29.06 -42.00 -64.39
N LYS E 336 -28.05 -42.16 -65.24
CA LYS E 336 -26.67 -42.32 -64.77
C LYS E 336 -26.20 -41.11 -63.96
N VAL E 337 -26.63 -39.92 -64.37
CA VAL E 337 -26.25 -38.69 -63.68
C VAL E 337 -27.03 -38.48 -62.38
N PHE E 338 -28.35 -38.63 -62.45
CA PHE E 338 -29.19 -38.42 -61.28
C PHE E 338 -28.89 -39.44 -60.20
N SER E 339 -28.39 -40.61 -60.62
CA SER E 339 -28.02 -41.67 -59.70
C SER E 339 -26.84 -41.22 -58.85
N LEU E 340 -25.91 -40.51 -59.47
CA LEU E 340 -24.73 -40.01 -58.79
C LEU E 340 -25.04 -38.75 -58.00
N ALA E 341 -26.12 -38.07 -58.39
CA ALA E 341 -26.50 -36.80 -57.76
C ALA E 341 -27.27 -36.97 -56.46
N VAL E 342 -27.60 -38.21 -56.10
CA VAL E 342 -28.35 -38.48 -54.89
C VAL E 342 -27.58 -38.04 -53.64
N ASN E 343 -26.25 -38.17 -53.71
CA ASN E 343 -25.39 -37.78 -52.60
C ASN E 343 -25.31 -36.27 -52.42
N LEU E 344 -25.88 -35.53 -53.37
CA LEU E 344 -25.72 -34.08 -53.42
C LEU E 344 -27.03 -33.32 -53.19
N ILE E 345 -27.98 -33.53 -54.10
CA ILE E 345 -29.23 -32.78 -54.07
C ILE E 345 -30.44 -33.70 -53.94
N ALA E 346 -31.57 -33.13 -53.53
CA ALA E 346 -32.82 -33.87 -53.44
C ALA E 346 -33.30 -34.26 -54.84
N ILE E 347 -33.65 -35.53 -55.00
CA ILE E 347 -34.06 -36.04 -56.29
C ILE E 347 -35.29 -36.94 -56.13
N ASP E 348 -36.27 -36.76 -57.00
CA ASP E 348 -37.52 -37.51 -56.91
C ASP E 348 -37.34 -38.91 -57.48
N SER E 349 -37.56 -39.91 -56.63
CA SER E 349 -37.37 -41.31 -57.01
C SER E 349 -38.35 -41.75 -58.10
N GLN E 350 -39.52 -41.11 -58.14
CA GLN E 350 -40.52 -41.43 -59.14
C GLN E 350 -40.06 -41.07 -60.55
N VAL E 351 -39.37 -39.93 -60.68
CA VAL E 351 -38.85 -39.50 -61.97
C VAL E 351 -37.78 -40.47 -62.47
N LEU E 352 -36.92 -40.89 -61.54
CA LEU E 352 -35.77 -41.73 -61.86
C LEU E 352 -36.23 -43.14 -62.18
N CYS E 353 -36.83 -43.80 -61.19
CA CYS E 353 -37.32 -45.16 -61.34
C CYS E 353 -38.38 -45.23 -62.43
N GLY E 354 -39.06 -44.10 -62.67
CA GLY E 354 -40.02 -44.01 -63.75
C GLY E 354 -39.32 -44.08 -65.09
N ALA E 355 -38.20 -43.35 -65.20
CA ALA E 355 -37.41 -43.39 -66.42
C ALA E 355 -36.84 -44.78 -66.65
N VAL E 356 -36.37 -45.40 -65.57
CA VAL E 356 -35.86 -46.77 -65.63
C VAL E 356 -36.92 -47.75 -66.11
N LYS E 357 -38.10 -47.66 -65.51
CA LYS E 357 -39.22 -48.51 -65.85
C LYS E 357 -39.60 -48.35 -67.31
N TRP E 358 -39.63 -47.11 -67.79
CA TRP E 358 -39.91 -46.87 -69.19
C TRP E 358 -38.84 -47.54 -70.07
N LEU E 359 -37.59 -47.39 -69.67
CA LEU E 359 -36.47 -48.00 -70.40
C LEU E 359 -36.68 -49.50 -70.58
N ILE E 360 -36.98 -50.18 -69.48
CA ILE E 360 -37.18 -51.64 -69.50
C ILE E 360 -38.43 -52.06 -70.27
N LEU E 361 -39.56 -51.41 -70.00
CA LEU E 361 -40.82 -51.86 -70.56
C LEU E 361 -41.07 -51.34 -71.97
N GLU E 362 -40.12 -50.55 -72.49
CA GLU E 362 -40.25 -49.99 -73.83
C GLU E 362 -39.07 -50.34 -74.72
N LYS E 363 -37.88 -49.91 -74.34
CA LYS E 363 -36.73 -50.00 -75.23
C LYS E 363 -35.91 -51.28 -75.17
N GLN E 364 -36.34 -52.27 -74.38
CA GLN E 364 -35.60 -53.52 -74.31
C GLN E 364 -36.17 -54.60 -75.24
N LYS E 365 -35.30 -55.10 -76.10
CA LYS E 365 -35.66 -56.16 -77.05
C LYS E 365 -35.71 -57.53 -76.35
N PRO E 366 -36.44 -58.50 -76.93
CA PRO E 366 -36.57 -59.85 -76.36
C PRO E 366 -35.24 -60.57 -76.11
N ASP E 367 -34.18 -60.18 -76.81
CA ASP E 367 -32.88 -60.80 -76.59
C ASP E 367 -32.07 -60.11 -75.49
N GLY E 368 -32.66 -59.10 -74.86
CA GLY E 368 -32.02 -58.39 -73.76
C GLY E 368 -31.25 -57.16 -74.21
N VAL E 369 -31.37 -56.82 -75.48
CA VAL E 369 -30.63 -55.70 -76.04
C VAL E 369 -31.44 -54.41 -75.96
N PHE E 370 -30.78 -53.33 -75.52
CA PHE E 370 -31.39 -52.01 -75.56
C PHE E 370 -31.01 -51.34 -76.88
N GLN E 371 -31.98 -50.67 -77.49
CA GLN E 371 -31.76 -50.06 -78.79
C GLN E 371 -32.22 -48.60 -78.81
N GLU E 372 -31.47 -47.76 -79.50
CA GLU E 372 -31.83 -46.35 -79.62
C GLU E 372 -32.72 -46.13 -80.83
N ASP E 373 -33.97 -45.77 -80.57
CA ASP E 373 -34.93 -45.48 -81.63
C ASP E 373 -34.76 -44.04 -82.13
N ALA E 374 -34.49 -43.13 -81.21
CA ALA E 374 -34.34 -41.72 -81.55
C ALA E 374 -33.02 -41.16 -81.05
N PRO E 375 -31.98 -41.22 -81.90
CA PRO E 375 -30.61 -40.82 -81.56
C PRO E 375 -30.51 -39.40 -81.02
N VAL E 376 -29.59 -39.18 -80.10
CA VAL E 376 -29.34 -37.83 -79.58
C VAL E 376 -28.74 -36.94 -80.65
N ILE E 377 -28.99 -35.64 -80.52
CA ILE E 377 -28.54 -34.69 -81.51
C ILE E 377 -27.04 -34.40 -81.44
N HIS E 378 -26.49 -34.41 -80.23
CA HIS E 378 -25.07 -34.17 -80.07
C HIS E 378 -24.32 -35.49 -80.06
N GLN E 379 -23.55 -35.74 -81.12
CA GLN E 379 -22.80 -36.98 -81.23
C GLN E 379 -21.45 -36.87 -80.54
N GLU E 380 -21.13 -35.68 -80.04
CA GLU E 380 -19.89 -35.50 -79.29
C GLU E 380 -20.12 -35.73 -77.79
N MET E 381 -21.38 -35.85 -77.38
CA MET E 381 -21.67 -36.05 -75.97
C MET E 381 -21.81 -37.52 -75.60
N ILE E 382 -21.77 -38.40 -76.60
CA ILE E 382 -21.90 -39.84 -76.35
C ILE E 382 -20.56 -40.53 -76.18
N GLY E 383 -19.48 -39.81 -76.46
CA GLY E 383 -18.15 -40.36 -76.32
C GLY E 383 -17.80 -41.36 -77.40
N GLY E 384 -17.25 -42.49 -76.99
CA GLY E 384 -16.74 -43.49 -77.91
C GLY E 384 -17.75 -44.46 -78.48
N LEU E 385 -19.03 -44.11 -78.41
CA LEU E 385 -20.06 -44.96 -79.01
C LEU E 385 -20.04 -44.91 -80.53
N ARG E 386 -19.36 -43.92 -81.09
CA ARG E 386 -19.24 -43.80 -82.53
C ARG E 386 -18.22 -44.78 -83.11
N ASN E 387 -18.30 -45.02 -84.41
CA ASN E 387 -17.30 -45.79 -85.17
C ASN E 387 -17.17 -47.26 -84.81
N ASN E 388 -17.76 -47.69 -83.69
CA ASN E 388 -17.54 -49.04 -83.18
C ASN E 388 -18.18 -50.11 -84.06
N ASN E 389 -19.39 -49.81 -84.55
CA ASN E 389 -20.25 -50.75 -85.27
C ASN E 389 -20.72 -51.88 -84.35
N GLU E 390 -20.17 -51.88 -83.14
CA GLU E 390 -20.49 -52.82 -82.08
C GLU E 390 -21.58 -52.23 -81.20
N LYS E 391 -22.12 -51.10 -81.64
CA LYS E 391 -23.00 -50.24 -80.85
C LYS E 391 -24.14 -50.96 -80.12
N ASP E 392 -24.59 -52.10 -80.63
CA ASP E 392 -25.58 -52.90 -79.91
C ASP E 392 -25.04 -53.26 -78.52
N MET E 393 -23.84 -53.84 -78.50
CA MET E 393 -23.18 -54.21 -77.26
C MET E 393 -22.84 -52.99 -76.40
N ALA E 394 -22.26 -51.98 -77.03
CA ALA E 394 -21.84 -50.77 -76.33
C ALA E 394 -23.02 -50.12 -75.62
N LEU E 395 -24.08 -49.83 -76.37
CA LEU E 395 -25.28 -49.22 -75.80
C LEU E 395 -25.90 -50.10 -74.74
N THR E 396 -25.96 -51.41 -75.00
CA THR E 396 -26.50 -52.33 -74.01
C THR E 396 -25.73 -52.23 -72.69
N ALA E 397 -24.41 -52.07 -72.79
CA ALA E 397 -23.55 -51.91 -71.63
C ALA E 397 -23.82 -50.59 -70.91
N PHE E 398 -23.86 -49.50 -71.67
CA PHE E 398 -24.10 -48.17 -71.11
C PHE E 398 -25.41 -48.14 -70.32
N VAL E 399 -26.48 -48.52 -71.00
CA VAL E 399 -27.80 -48.57 -70.38
C VAL E 399 -27.80 -49.49 -69.16
N LEU E 400 -27.17 -50.66 -69.28
CA LEU E 400 -27.14 -51.60 -68.18
C LEU E 400 -26.45 -51.02 -66.96
N ILE E 401 -25.35 -50.30 -67.19
CA ILE E 401 -24.62 -49.63 -66.12
C ILE E 401 -25.51 -48.60 -65.45
N SER E 402 -26.20 -47.80 -66.26
CA SER E 402 -27.13 -46.82 -65.73
C SER E 402 -28.24 -47.48 -64.92
N LEU E 403 -28.58 -48.72 -65.27
CA LEU E 403 -29.59 -49.48 -64.55
C LEU E 403 -29.07 -50.00 -63.22
N GLN E 404 -27.79 -50.39 -63.19
CA GLN E 404 -27.21 -50.96 -61.99
C GLN E 404 -26.84 -49.89 -60.96
N GLU E 405 -26.61 -48.67 -61.45
CA GLU E 405 -26.33 -47.55 -60.56
C GLU E 405 -27.60 -47.11 -59.82
N ALA E 406 -28.74 -47.26 -60.50
CA ALA E 406 -30.03 -46.85 -59.93
C ALA E 406 -30.76 -48.01 -59.24
N LYS E 407 -30.10 -49.16 -59.14
CA LYS E 407 -30.74 -50.36 -58.62
C LYS E 407 -31.26 -50.21 -57.19
N ASP E 408 -30.36 -49.90 -56.26
CA ASP E 408 -30.68 -49.85 -54.84
C ASP E 408 -31.86 -48.93 -54.50
N ILE E 409 -32.04 -47.90 -55.32
CA ILE E 409 -33.17 -46.99 -55.17
C ILE E 409 -34.44 -47.58 -55.78
N CYS E 410 -34.31 -48.16 -56.96
CA CYS E 410 -35.47 -48.63 -57.72
C CYS E 410 -35.78 -50.12 -57.61
N GLU E 411 -34.93 -50.86 -56.90
CA GLU E 411 -35.08 -52.32 -56.80
C GLU E 411 -36.40 -52.74 -56.15
N GLU E 412 -36.76 -52.07 -55.05
CA GLU E 412 -37.95 -52.45 -54.30
C GLU E 412 -39.18 -51.74 -54.84
N GLN E 413 -39.00 -51.03 -55.95
CA GLN E 413 -40.10 -50.33 -56.60
C GLN E 413 -40.47 -50.98 -57.92
N VAL E 414 -39.52 -51.03 -58.86
CA VAL E 414 -39.74 -51.66 -60.15
C VAL E 414 -39.41 -53.16 -60.10
N ASN E 415 -40.39 -53.98 -60.45
CA ASN E 415 -40.26 -55.43 -60.38
C ASN E 415 -39.46 -56.03 -61.53
N SER E 416 -39.47 -55.35 -62.67
CA SER E 416 -38.84 -55.86 -63.88
C SER E 416 -37.37 -55.47 -64.01
N LEU E 417 -36.83 -54.82 -62.98
CA LEU E 417 -35.43 -54.38 -63.03
C LEU E 417 -34.40 -55.52 -63.00
N PRO E 418 -34.47 -56.43 -62.02
CA PRO E 418 -33.45 -57.49 -62.00
C PRO E 418 -33.59 -58.42 -63.20
N GLY E 419 -34.83 -58.66 -63.62
CA GLY E 419 -35.11 -59.47 -64.78
C GLY E 419 -34.40 -58.91 -65.99
N SER E 420 -34.64 -57.63 -66.27
CA SER E 420 -34.00 -56.96 -67.40
C SER E 420 -32.48 -56.96 -67.26
N ILE E 421 -31.99 -56.81 -66.04
CA ILE E 421 -30.56 -56.80 -65.76
C ILE E 421 -29.89 -58.12 -66.15
N THR E 422 -30.42 -59.23 -65.65
CA THR E 422 -29.86 -60.55 -65.95
C THR E 422 -30.09 -60.92 -67.43
N LYS E 423 -31.20 -60.45 -67.98
CA LYS E 423 -31.53 -60.67 -69.37
C LYS E 423 -30.48 -60.06 -70.28
N ALA E 424 -30.16 -58.79 -70.04
CA ALA E 424 -29.13 -58.10 -70.82
C ALA E 424 -27.74 -58.67 -70.51
N GLY E 425 -27.58 -59.14 -69.27
CA GLY E 425 -26.32 -59.70 -68.83
C GLY E 425 -25.96 -60.97 -69.56
N ASP E 426 -26.97 -61.79 -69.88
CA ASP E 426 -26.74 -63.01 -70.64
C ASP E 426 -26.25 -62.64 -72.03
N PHE E 427 -26.90 -61.66 -72.63
CA PHE E 427 -26.52 -61.17 -73.96
C PHE E 427 -25.09 -60.64 -74.00
N LEU E 428 -24.71 -59.87 -72.98
CA LEU E 428 -23.33 -59.38 -72.91
C LEU E 428 -22.35 -60.52 -72.72
N GLU E 429 -22.76 -61.51 -71.92
CA GLU E 429 -21.91 -62.64 -71.60
C GLU E 429 -21.61 -63.47 -72.84
N ALA E 430 -22.63 -63.73 -73.64
CA ALA E 430 -22.50 -64.61 -74.78
C ALA E 430 -21.63 -64.04 -75.89
N ASN E 431 -21.70 -62.72 -76.08
CA ASN E 431 -21.00 -62.08 -77.18
C ASN E 431 -19.66 -61.43 -76.84
N TYR E 432 -19.20 -61.58 -75.60
CA TYR E 432 -18.03 -60.84 -75.13
C TYR E 432 -16.73 -61.19 -75.86
N MET E 433 -16.50 -62.48 -76.06
CA MET E 433 -15.22 -62.95 -76.59
C MET E 433 -14.95 -62.51 -78.03
N ASN E 434 -15.99 -62.08 -78.72
CA ASN E 434 -15.86 -61.68 -80.12
C ASN E 434 -15.55 -60.19 -80.30
N LEU E 435 -15.35 -59.47 -79.20
CA LEU E 435 -15.12 -58.03 -79.24
C LEU E 435 -13.81 -57.65 -79.93
N GLN E 436 -13.90 -56.79 -80.95
CA GLN E 436 -12.72 -56.37 -81.70
C GLN E 436 -12.11 -55.06 -81.23
N ARG E 437 -12.82 -54.31 -80.38
CA ARG E 437 -12.36 -52.99 -79.98
C ARG E 437 -12.24 -52.84 -78.46
N SER E 438 -11.09 -52.34 -78.01
CA SER E 438 -10.78 -52.22 -76.58
C SER E 438 -11.83 -51.43 -75.81
N TYR E 439 -12.35 -50.37 -76.42
CA TYR E 439 -13.39 -49.54 -75.80
C TYR E 439 -14.58 -50.37 -75.34
N THR E 440 -15.06 -51.24 -76.23
CA THR E 440 -16.21 -52.09 -75.92
C THR E 440 -15.85 -53.11 -74.85
N VAL E 441 -14.63 -53.65 -74.93
CA VAL E 441 -14.13 -54.58 -73.93
C VAL E 441 -14.15 -53.94 -72.55
N ALA E 442 -13.83 -52.65 -72.50
CA ALA E 442 -13.81 -51.91 -71.24
C ALA E 442 -15.21 -51.64 -70.72
N ILE E 443 -16.07 -51.08 -71.56
CA ILE E 443 -17.41 -50.70 -71.10
C ILE E 443 -18.26 -51.92 -70.73
N ALA E 444 -18.24 -52.94 -71.58
CA ALA E 444 -18.95 -54.18 -71.30
C ALA E 444 -18.25 -54.94 -70.18
N GLY E 445 -16.96 -54.70 -70.03
CA GLY E 445 -16.19 -55.26 -68.93
C GLY E 445 -16.71 -54.77 -67.59
N TYR E 446 -16.82 -53.45 -67.44
CA TYR E 446 -17.37 -52.88 -66.23
C TYR E 446 -18.84 -53.27 -66.07
N ALA E 447 -19.54 -53.34 -67.20
CA ALA E 447 -20.95 -53.76 -67.18
C ALA E 447 -21.13 -55.14 -66.56
N LEU E 448 -20.25 -56.07 -66.92
CA LEU E 448 -20.33 -57.42 -66.41
C LEU E 448 -19.74 -57.55 -65.01
N ALA E 449 -18.80 -56.68 -64.69
CA ALA E 449 -18.11 -56.74 -63.40
C ALA E 449 -19.03 -56.44 -62.22
N GLN E 450 -20.05 -55.62 -62.44
CA GLN E 450 -21.01 -55.30 -61.38
C GLN E 450 -21.91 -56.48 -61.04
N MET E 451 -21.99 -57.45 -61.94
CA MET E 451 -22.73 -58.68 -61.67
C MET E 451 -21.82 -59.74 -61.08
N GLY E 452 -20.51 -59.48 -61.13
CA GLY E 452 -19.53 -60.47 -60.73
C GLY E 452 -19.43 -61.55 -61.79
N ARG E 453 -20.00 -61.28 -62.96
CA ARG E 453 -20.06 -62.24 -64.05
C ARG E 453 -18.88 -62.12 -65.00
N LEU E 454 -17.92 -61.26 -64.67
CA LEU E 454 -16.68 -61.24 -65.42
C LEU E 454 -15.72 -62.16 -64.69
N LYS E 455 -15.47 -63.32 -65.28
CA LYS E 455 -14.68 -64.38 -64.67
C LYS E 455 -14.06 -65.26 -65.76
N GLY E 456 -12.96 -65.92 -65.41
CA GLY E 456 -12.35 -66.89 -66.30
C GLY E 456 -11.83 -66.32 -67.60
N PRO E 457 -12.29 -66.87 -68.73
CA PRO E 457 -11.86 -66.50 -70.08
C PRO E 457 -12.18 -65.04 -70.41
N LEU E 458 -13.36 -64.58 -69.98
CA LEU E 458 -13.79 -63.21 -70.23
C LEU E 458 -12.86 -62.23 -69.54
N LEU E 459 -12.58 -62.48 -68.25
CA LEU E 459 -11.70 -61.64 -67.47
C LEU E 459 -10.30 -61.60 -68.07
N ASN E 460 -9.84 -62.75 -68.56
CA ASN E 460 -8.55 -62.83 -69.20
C ASN E 460 -8.52 -62.00 -70.47
N LYS E 461 -9.61 -62.04 -71.23
CA LYS E 461 -9.73 -61.22 -72.44
C LYS E 461 -9.67 -59.75 -72.09
N PHE E 462 -10.29 -59.39 -70.97
CA PHE E 462 -10.30 -58.01 -70.53
C PHE E 462 -8.90 -57.55 -70.15
N LEU E 463 -8.18 -58.40 -69.42
CA LEU E 463 -6.85 -58.04 -68.93
C LEU E 463 -5.80 -57.99 -70.04
N THR E 464 -5.86 -58.95 -70.96
CA THR E 464 -4.86 -59.03 -72.02
C THR E 464 -5.04 -57.98 -73.11
N THR E 465 -6.18 -57.29 -73.09
CA THR E 465 -6.47 -56.22 -74.04
C THR E 465 -5.62 -54.97 -73.76
N ALA E 466 -5.20 -54.80 -72.52
CA ALA E 466 -4.43 -53.63 -72.11
C ALA E 466 -3.00 -53.64 -72.65
N LYS E 467 -2.65 -52.57 -73.37
CA LYS E 467 -1.29 -52.41 -73.86
C LYS E 467 -0.35 -51.98 -72.73
N ASP E 468 0.73 -52.73 -72.55
CA ASP E 468 1.71 -52.50 -71.48
C ASP E 468 1.12 -52.57 -70.07
N LYS E 469 -0.03 -53.23 -69.93
CA LYS E 469 -0.72 -53.40 -68.65
C LYS E 469 -1.04 -52.07 -67.95
N ASN E 470 -1.08 -50.99 -68.73
CA ASN E 470 -1.41 -49.67 -68.21
C ASN E 470 -2.69 -49.09 -68.83
N ARG E 471 -2.74 -49.08 -70.17
CA ARG E 471 -3.78 -48.35 -70.89
C ARG E 471 -4.62 -49.21 -71.85
N TRP E 472 -5.93 -49.02 -71.80
CA TRP E 472 -6.84 -49.58 -72.79
C TRP E 472 -7.09 -48.55 -73.88
N GLU E 473 -6.60 -48.83 -75.09
CA GLU E 473 -6.68 -47.85 -76.16
C GLU E 473 -6.93 -48.47 -77.53
N ASP E 474 -7.60 -47.71 -78.40
CA ASP E 474 -7.77 -48.10 -79.79
C ASP E 474 -7.23 -46.95 -80.65
N PRO E 475 -6.81 -47.26 -81.89
CA PRO E 475 -6.42 -46.18 -82.80
C PRO E 475 -7.62 -45.28 -83.10
N GLY E 476 -7.40 -43.98 -82.95
CA GLY E 476 -8.47 -43.01 -83.09
C GLY E 476 -8.21 -41.85 -82.16
N LYS E 477 -9.25 -41.05 -81.90
CA LYS E 477 -9.11 -39.91 -81.00
C LYS E 477 -8.82 -40.37 -79.57
N GLN E 478 -8.10 -39.53 -78.82
CA GLN E 478 -7.60 -39.91 -77.51
C GLN E 478 -8.69 -40.05 -76.44
N LEU E 479 -9.67 -39.15 -76.48
CA LEU E 479 -10.74 -39.09 -75.48
C LEU E 479 -11.43 -40.44 -75.29
N TYR E 480 -11.61 -41.17 -76.39
CA TYR E 480 -12.21 -42.49 -76.33
C TYR E 480 -11.33 -43.41 -75.49
N ASN E 481 -10.01 -43.36 -75.73
CA ASN E 481 -9.08 -44.20 -74.99
C ASN E 481 -9.05 -43.86 -73.51
N VAL E 482 -9.14 -42.57 -73.20
CA VAL E 482 -9.18 -42.13 -71.80
C VAL E 482 -10.45 -42.62 -71.11
N GLU E 483 -11.59 -42.42 -71.77
CA GLU E 483 -12.87 -42.86 -71.25
C GLU E 483 -12.90 -44.38 -71.01
N ALA E 484 -12.41 -45.12 -72.00
CA ALA E 484 -12.37 -46.58 -71.92
C ALA E 484 -11.46 -47.02 -70.79
N THR E 485 -10.31 -46.34 -70.65
CA THR E 485 -9.38 -46.66 -69.59
C THR E 485 -10.03 -46.43 -68.23
N SER E 486 -10.86 -45.39 -68.16
CA SER E 486 -11.59 -45.08 -66.93
C SER E 486 -12.58 -46.20 -66.59
N TYR E 487 -13.31 -46.65 -67.61
CA TYR E 487 -14.23 -47.77 -67.45
C TYR E 487 -13.49 -49.01 -66.96
N ALA E 488 -12.30 -49.24 -67.52
CA ALA E 488 -11.47 -50.36 -67.15
C ALA E 488 -11.00 -50.27 -65.71
N LEU E 489 -10.74 -49.03 -65.26
CA LEU E 489 -10.35 -48.78 -63.89
C LEU E 489 -11.48 -49.11 -62.93
N LEU E 490 -12.69 -48.70 -63.30
CA LEU E 490 -13.88 -49.05 -62.52
C LEU E 490 -14.06 -50.57 -62.48
N ALA E 491 -13.71 -51.22 -63.59
CA ALA E 491 -13.79 -52.68 -63.68
C ALA E 491 -12.81 -53.35 -62.72
N LEU E 492 -11.55 -52.90 -62.74
CA LEU E 492 -10.53 -53.42 -61.86
C LEU E 492 -10.90 -53.23 -60.39
N LEU E 493 -11.39 -52.03 -60.08
CA LEU E 493 -11.80 -51.71 -58.71
C LEU E 493 -13.03 -52.52 -58.29
N GLN E 494 -13.84 -52.92 -59.27
CA GLN E 494 -15.01 -53.73 -58.96
C GLN E 494 -14.60 -55.17 -58.66
N LEU E 495 -13.54 -55.63 -59.31
CA LEU E 495 -13.02 -56.98 -59.11
C LEU E 495 -11.90 -57.03 -58.08
N LYS E 496 -11.60 -55.86 -57.52
CA LYS E 496 -10.61 -55.75 -56.44
C LYS E 496 -9.23 -56.29 -56.82
N ASP E 497 -8.79 -56.01 -58.03
CA ASP E 497 -7.43 -56.41 -58.38
C ASP E 497 -6.56 -55.17 -58.26
N PHE E 498 -5.79 -55.11 -57.18
CA PHE E 498 -4.98 -53.94 -56.87
C PHE E 498 -3.55 -54.07 -57.38
N ASP E 499 -3.19 -55.25 -57.84
CA ASP E 499 -1.87 -55.47 -58.41
C ASP E 499 -1.79 -54.74 -59.75
N PHE E 500 -2.90 -54.79 -60.49
CA PHE E 500 -2.97 -54.24 -61.83
C PHE E 500 -3.21 -52.73 -61.85
N VAL E 501 -3.87 -52.23 -60.81
CA VAL E 501 -4.34 -50.84 -60.78
C VAL E 501 -3.29 -49.72 -60.93
N PRO E 502 -2.25 -49.70 -60.08
CA PRO E 502 -1.34 -48.55 -60.09
C PRO E 502 -0.71 -48.16 -61.44
N PRO E 503 -0.31 -49.12 -62.29
CA PRO E 503 0.21 -48.68 -63.60
C PRO E 503 -0.84 -47.97 -64.45
N VAL E 504 -2.11 -48.29 -64.23
CA VAL E 504 -3.21 -47.68 -64.97
C VAL E 504 -3.39 -46.22 -64.56
N VAL E 505 -3.51 -46.00 -63.25
CA VAL E 505 -3.73 -44.67 -62.69
C VAL E 505 -2.54 -43.75 -62.96
N ARG E 506 -1.34 -44.33 -62.95
CA ARG E 506 -0.12 -43.59 -63.25
C ARG E 506 -0.16 -43.06 -64.69
N TRP E 507 -0.81 -43.81 -65.57
CA TRP E 507 -0.92 -43.42 -66.97
C TRP E 507 -1.99 -42.36 -67.18
N LEU E 508 -3.13 -42.52 -66.51
CA LEU E 508 -4.22 -41.55 -66.60
C LEU E 508 -3.78 -40.13 -66.21
N ASN E 509 -3.22 -40.01 -65.01
CA ASN E 509 -2.72 -38.74 -64.51
C ASN E 509 -1.60 -38.18 -65.39
N GLU E 510 -0.87 -39.06 -66.05
CA GLU E 510 0.23 -38.68 -66.92
C GLU E 510 -0.26 -37.96 -68.17
N GLN E 511 -1.51 -38.22 -68.55
CA GLN E 511 -2.08 -37.64 -69.77
C GLN E 511 -2.37 -36.15 -69.62
N ARG E 512 -2.36 -35.66 -68.38
CA ARG E 512 -2.65 -34.27 -68.06
C ARG E 512 -4.01 -33.86 -68.61
N TYR E 513 -5.00 -34.73 -68.50
CA TYR E 513 -6.34 -34.44 -69.01
C TYR E 513 -7.30 -34.11 -67.88
N TYR E 514 -7.70 -32.84 -67.80
CA TYR E 514 -8.63 -32.39 -66.78
C TYR E 514 -10.06 -32.24 -67.30
N GLY E 515 -10.25 -32.47 -68.59
CA GLY E 515 -11.58 -32.43 -69.18
C GLY E 515 -12.20 -31.05 -69.26
N GLY E 516 -13.46 -30.99 -69.66
CA GLY E 516 -14.22 -29.75 -69.67
C GLY E 516 -14.26 -29.02 -70.99
N GLY E 517 -13.93 -29.72 -72.07
CA GLY E 517 -13.93 -29.11 -73.38
C GLY E 517 -15.12 -29.54 -74.21
N TYR E 518 -15.11 -29.16 -75.49
CA TYR E 518 -16.11 -29.60 -76.46
C TYR E 518 -16.11 -31.13 -76.55
N GLY E 519 -17.28 -31.72 -76.36
CA GLY E 519 -17.44 -33.17 -76.38
C GLY E 519 -16.61 -33.91 -75.35
N SER E 520 -16.37 -33.26 -74.22
CA SER E 520 -15.57 -33.84 -73.14
C SER E 520 -16.43 -34.52 -72.08
N THR E 521 -17.73 -34.58 -72.32
CA THR E 521 -18.70 -35.07 -71.34
C THR E 521 -18.35 -36.44 -70.76
N GLN E 522 -18.23 -37.43 -71.64
CA GLN E 522 -17.98 -38.81 -71.23
C GLN E 522 -16.60 -38.98 -70.61
N ALA E 523 -15.60 -38.39 -71.25
CA ALA E 523 -14.23 -38.45 -70.75
C ALA E 523 -14.16 -37.88 -69.34
N THR E 524 -14.63 -36.64 -69.18
CA THR E 524 -14.60 -35.96 -67.89
C THR E 524 -15.33 -36.75 -66.81
N PHE E 525 -16.59 -37.06 -67.08
CA PHE E 525 -17.44 -37.74 -66.11
C PHE E 525 -16.84 -39.08 -65.68
N MET E 526 -16.48 -39.91 -66.66
CA MET E 526 -15.98 -41.24 -66.34
C MET E 526 -14.58 -41.25 -65.72
N VAL E 527 -13.72 -40.35 -66.17
CA VAL E 527 -12.36 -40.30 -65.62
C VAL E 527 -12.38 -39.80 -64.18
N PHE E 528 -13.29 -38.88 -63.88
CA PHE E 528 -13.38 -38.38 -62.51
C PHE E 528 -14.15 -39.31 -61.59
N GLN E 529 -15.09 -40.07 -62.15
CA GLN E 529 -15.78 -41.11 -61.39
C GLN E 529 -14.78 -42.19 -61.01
N ALA E 530 -13.97 -42.58 -61.98
CA ALA E 530 -12.95 -43.61 -61.77
C ALA E 530 -11.84 -43.15 -60.81
N LEU E 531 -11.38 -41.92 -60.99
CA LEU E 531 -10.32 -41.39 -60.15
C LEU E 531 -10.81 -41.07 -58.73
N ALA E 532 -12.13 -40.91 -58.59
CA ALA E 532 -12.71 -40.75 -57.26
C ALA E 532 -12.86 -42.10 -56.57
N GLN E 533 -13.33 -43.09 -57.32
CA GLN E 533 -13.50 -44.44 -56.77
C GLN E 533 -12.15 -45.06 -56.41
N TYR E 534 -11.11 -44.68 -57.16
CA TYR E 534 -9.76 -45.14 -56.87
C TYR E 534 -9.33 -44.70 -55.49
N GLN E 535 -9.34 -43.38 -55.26
CA GLN E 535 -8.96 -42.80 -53.97
C GLN E 535 -9.87 -43.27 -52.84
N LYS E 536 -11.14 -43.51 -53.16
CA LYS E 536 -12.07 -44.03 -52.16
C LYS E 536 -11.67 -45.44 -51.73
N ASP E 537 -11.27 -46.27 -52.69
CA ASP E 537 -10.96 -47.67 -52.42
C ASP E 537 -9.46 -47.97 -52.24
N ALA E 538 -8.61 -46.96 -52.41
CA ALA E 538 -7.16 -47.17 -52.32
C ALA E 538 -6.66 -47.28 -50.89
N PRO E 539 -6.03 -48.41 -50.54
CA PRO E 539 -5.41 -48.55 -49.22
C PRO E 539 -4.18 -47.65 -49.09
N ASP E 540 -4.07 -46.91 -48.00
CA ASP E 540 -2.94 -46.02 -47.76
C ASP E 540 -1.90 -46.68 -46.86
N HIS E 541 -2.16 -47.91 -46.45
CA HIS E 541 -1.30 -48.57 -45.49
C HIS E 541 -1.34 -50.08 -45.63
N GLN E 542 -0.36 -50.74 -45.03
CA GLN E 542 -0.37 -52.20 -44.94
C GLN E 542 -1.02 -52.57 -43.61
N GLU E 543 -1.90 -53.57 -43.65
CA GLU E 543 -2.66 -54.00 -42.47
C GLU E 543 -1.73 -54.32 -41.32
N LEU E 544 -2.01 -53.73 -40.16
CA LEU E 544 -1.23 -54.00 -38.97
C LEU E 544 -2.17 -54.43 -37.84
N ASN E 545 -2.07 -55.70 -37.44
CA ASN E 545 -2.64 -56.21 -36.21
C ASN E 545 -1.62 -57.11 -35.52
N LEU E 546 -1.16 -56.72 -34.33
CA LEU E 546 -0.14 -57.50 -33.66
C LEU E 546 -0.67 -58.08 -32.36
N ASP E 547 -0.46 -59.37 -32.17
CA ASP E 547 -0.82 -60.03 -30.94
C ASP E 547 0.48 -60.51 -30.31
N VAL E 548 0.88 -59.83 -29.24
CA VAL E 548 2.14 -60.15 -28.58
C VAL E 548 1.90 -60.61 -27.16
N SER E 549 2.53 -61.71 -26.78
CA SER E 549 2.40 -62.24 -25.43
C SER E 549 3.77 -62.54 -24.83
N LEU E 550 3.87 -62.40 -23.51
CA LEU E 550 5.14 -62.56 -22.82
C LEU E 550 5.05 -63.59 -21.71
N GLN E 551 5.98 -64.54 -21.72
CA GLN E 551 6.06 -65.55 -20.68
C GLN E 551 7.34 -65.38 -19.87
N LEU E 552 7.16 -64.92 -18.63
CA LEU E 552 8.23 -64.77 -17.66
C LEU E 552 8.19 -65.91 -16.65
N PRO E 553 9.33 -66.56 -16.42
CA PRO E 553 9.41 -67.64 -15.41
C PRO E 553 9.07 -67.17 -14.00
N SER E 554 9.12 -65.86 -13.77
CA SER E 554 8.82 -65.31 -12.44
C SER E 554 7.36 -64.93 -12.28
N ARG E 555 6.62 -64.95 -13.40
CA ARG E 555 5.19 -64.67 -13.34
C ARG E 555 4.35 -65.71 -14.07
N SER E 556 3.52 -66.43 -13.31
CA SER E 556 2.60 -67.41 -13.88
C SER E 556 1.54 -66.68 -14.70
N SER E 557 1.37 -65.39 -14.42
CA SER E 557 0.41 -64.55 -15.10
C SER E 557 0.84 -64.28 -16.55
N LYS E 558 -0.12 -64.36 -17.47
CA LYS E 558 0.14 -64.18 -18.90
C LYS E 558 0.08 -62.71 -19.35
N ILE E 559 1.19 -62.20 -19.87
CA ILE E 559 1.31 -60.80 -20.27
C ILE E 559 0.81 -60.60 -21.70
N THR E 560 -0.24 -59.80 -21.88
CA THR E 560 -0.83 -59.59 -23.20
C THR E 560 -0.75 -58.14 -23.70
N HIS E 561 -0.29 -57.97 -24.93
CA HIS E 561 -0.26 -56.66 -25.58
C HIS E 561 -0.71 -56.75 -27.05
N ARG E 562 -1.72 -55.95 -27.40
CA ARG E 562 -2.22 -55.92 -28.77
C ARG E 562 -1.84 -54.61 -29.48
N ILE E 563 -1.12 -54.73 -30.59
CA ILE E 563 -0.69 -53.56 -31.35
C ILE E 563 -1.47 -53.44 -32.66
N HIS E 564 -2.09 -52.29 -32.86
CA HIS E 564 -2.87 -52.00 -34.08
C HIS E 564 -2.23 -50.86 -34.85
N TRP E 565 -2.86 -50.44 -35.94
CA TRP E 565 -2.29 -49.40 -36.79
C TRP E 565 -2.47 -48.01 -36.18
N GLU E 566 -3.39 -47.88 -35.23
CA GLU E 566 -3.56 -46.61 -34.54
C GLU E 566 -2.61 -46.61 -33.33
N SER E 567 -2.14 -47.80 -32.98
CA SER E 567 -1.22 -47.98 -31.85
C SER E 567 0.24 -47.82 -32.27
N ALA E 568 0.47 -47.84 -33.59
CA ALA E 568 1.83 -47.78 -34.16
C ALA E 568 2.68 -46.69 -33.53
N SER E 569 2.07 -45.54 -33.25
CA SER E 569 2.75 -44.44 -32.57
C SER E 569 3.13 -44.82 -31.14
N LEU E 570 2.32 -45.66 -30.52
CA LEU E 570 2.50 -46.01 -29.11
C LEU E 570 3.56 -47.10 -28.93
N LEU E 571 4.33 -46.97 -27.87
CA LEU E 571 5.44 -47.87 -27.57
C LEU E 571 5.09 -48.71 -26.34
N ARG E 572 5.30 -50.02 -26.42
CA ARG E 572 5.04 -50.88 -25.27
C ARG E 572 6.27 -51.06 -24.40
N SER E 573 6.10 -50.88 -23.09
CA SER E 573 7.20 -51.04 -22.15
C SER E 573 6.87 -52.02 -21.02
N GLU E 574 7.81 -52.92 -20.73
CA GLU E 574 7.67 -53.86 -19.62
C GLU E 574 8.99 -54.00 -18.87
N GLU E 575 8.94 -54.13 -17.55
CA GLU E 575 10.15 -54.18 -16.74
C GLU E 575 10.17 -55.38 -15.80
N THR E 576 11.36 -55.94 -15.59
CA THR E 576 11.53 -56.99 -14.58
C THR E 576 12.83 -56.82 -13.78
N LYS E 577 12.74 -56.96 -12.47
CA LYS E 577 13.92 -56.79 -11.62
C LYS E 577 14.79 -58.04 -11.55
N GLU E 578 14.19 -59.19 -11.85
CA GLU E 578 14.93 -60.44 -11.85
C GLU E 578 15.51 -60.74 -13.23
N ASN E 579 16.80 -61.07 -13.28
CA ASN E 579 17.41 -61.44 -14.54
C ASN E 579 17.03 -62.88 -14.85
N GLU E 580 16.28 -63.06 -15.94
CA GLU E 580 15.76 -64.37 -16.29
C GLU E 580 15.55 -64.49 -17.79
N GLY E 581 15.76 -65.68 -18.33
CA GLY E 581 15.41 -65.95 -19.72
C GLY E 581 13.90 -66.04 -19.82
N PHE E 582 13.32 -65.43 -20.86
CA PHE E 582 11.88 -65.45 -21.02
C PHE E 582 11.48 -65.70 -22.46
N THR E 583 10.21 -66.05 -22.67
CA THR E 583 9.75 -66.41 -24.01
C THR E 583 8.74 -65.41 -24.56
N VAL E 584 8.91 -65.02 -25.82
CA VAL E 584 7.98 -64.10 -26.46
C VAL E 584 7.15 -64.81 -27.54
N THR E 585 5.84 -64.85 -27.35
CA THR E 585 4.98 -65.49 -28.34
C THR E 585 4.25 -64.43 -29.16
N ALA E 586 4.66 -64.26 -30.41
CA ALA E 586 4.09 -63.25 -31.30
C ALA E 586 3.25 -63.87 -32.42
N GLU E 587 2.21 -63.15 -32.83
CA GLU E 587 1.31 -63.63 -33.88
C GLU E 587 0.68 -62.45 -34.63
N GLY E 588 0.24 -62.70 -35.86
CA GLY E 588 -0.46 -61.71 -36.64
C GLY E 588 0.37 -60.94 -37.65
N LYS E 589 -0.30 -60.03 -38.38
CA LYS E 589 0.33 -59.22 -39.41
C LYS E 589 1.12 -58.04 -38.85
N GLY E 590 2.06 -57.53 -39.64
CA GLY E 590 2.81 -56.34 -39.27
C GLY E 590 4.26 -56.56 -38.91
N GLN E 591 5.01 -55.46 -38.81
CA GLN E 591 6.44 -55.53 -38.54
C GLN E 591 6.78 -54.83 -37.22
N GLY E 592 7.21 -55.60 -36.23
CA GLY E 592 7.59 -55.06 -34.95
C GLY E 592 9.09 -55.05 -34.70
N THR E 593 9.50 -54.33 -33.65
CA THR E 593 10.89 -54.26 -33.23
C THR E 593 10.95 -54.47 -31.73
N LEU E 594 11.83 -55.38 -31.29
CA LEU E 594 11.91 -55.73 -29.88
C LEU E 594 13.30 -55.40 -29.32
N SER E 595 13.34 -54.64 -28.24
CA SER E 595 14.61 -54.27 -27.62
C SER E 595 14.65 -54.61 -26.14
N VAL E 596 15.68 -55.33 -25.72
CA VAL E 596 15.85 -55.72 -24.33
C VAL E 596 17.21 -55.26 -23.80
N VAL E 597 17.17 -54.41 -22.78
CA VAL E 597 18.38 -53.80 -22.22
C VAL E 597 18.35 -53.78 -20.69
N THR E 598 19.44 -54.22 -20.05
CA THR E 598 19.52 -54.24 -18.59
C THR E 598 20.42 -53.16 -18.01
N MET E 599 20.06 -52.69 -16.82
CA MET E 599 20.88 -51.74 -16.06
C MET E 599 21.29 -52.42 -14.76
N TYR E 600 22.57 -52.36 -14.41
CA TYR E 600 23.07 -53.05 -13.23
C TYR E 600 24.25 -52.35 -12.55
N HIS E 601 24.83 -53.03 -11.57
CA HIS E 601 26.02 -52.54 -10.88
C HIS E 601 27.25 -53.36 -11.27
N ALA E 602 28.33 -52.67 -11.64
CA ALA E 602 29.53 -53.33 -12.15
C ALA E 602 30.61 -53.53 -11.07
N LYS E 603 31.35 -54.62 -11.18
CA LYS E 603 32.43 -54.95 -10.23
C LYS E 603 33.64 -54.05 -10.46
N ALA E 604 33.54 -53.17 -11.46
CA ALA E 604 34.64 -52.31 -11.87
C ALA E 604 35.26 -51.52 -10.71
N LYS E 605 36.59 -51.53 -10.68
CA LYS E 605 37.36 -50.90 -9.62
C LYS E 605 38.38 -49.95 -10.27
N ASP E 606 38.90 -48.99 -9.52
CA ASP E 606 38.49 -48.69 -8.14
C ASP E 606 37.25 -47.81 -8.05
N GLN E 607 37.17 -46.82 -8.93
CA GLN E 607 36.09 -45.83 -8.95
C GLN E 607 36.14 -44.88 -7.76
N LEU E 608 37.11 -45.11 -6.87
CA LEU E 608 37.29 -44.27 -5.68
C LEU E 608 38.75 -43.82 -5.57
N THR E 609 38.94 -42.51 -5.47
CA THR E 609 40.26 -41.88 -5.51
C THR E 609 40.12 -40.41 -5.21
N CYS E 610 41.26 -39.75 -5.01
CA CYS E 610 41.29 -38.30 -5.00
C CYS E 610 41.57 -37.89 -6.43
N ASN E 611 40.58 -37.30 -7.08
CA ASN E 611 40.63 -37.05 -8.51
C ASN E 611 41.79 -36.16 -8.96
N LYS E 612 41.70 -34.87 -8.65
CA LYS E 612 42.69 -33.90 -9.10
C LYS E 612 43.75 -33.55 -8.05
N PHE E 613 43.60 -34.05 -6.82
CA PHE E 613 44.47 -33.64 -5.73
C PHE E 613 45.32 -34.75 -5.13
N ASP E 614 46.61 -34.49 -4.99
CA ASP E 614 47.51 -35.35 -4.24
C ASP E 614 47.70 -34.73 -2.87
N LEU E 615 47.45 -35.51 -1.84
CA LEU E 615 47.49 -35.00 -0.47
C LEU E 615 48.24 -35.94 0.46
N LYS E 616 49.29 -35.42 1.08
CA LYS E 616 50.07 -36.17 2.07
C LYS E 616 50.05 -35.42 3.39
N VAL E 617 49.59 -36.11 4.44
CA VAL E 617 49.52 -35.52 5.77
C VAL E 617 50.44 -36.23 6.75
N THR E 618 51.32 -35.47 7.41
CA THR E 618 52.27 -36.03 8.36
C THR E 618 52.25 -35.30 9.68
N ILE E 619 51.93 -36.02 10.74
CA ILE E 619 51.91 -35.45 12.09
C ILE E 619 53.08 -36.02 12.91
N LYS E 620 53.97 -35.14 13.36
CA LYS E 620 55.18 -35.58 14.03
C LYS E 620 55.42 -34.88 15.36
N PRO E 621 55.92 -35.63 16.36
CA PRO E 621 56.19 -35.10 17.70
C PRO E 621 57.23 -33.98 17.66
N ALA E 622 56.94 -32.86 18.31
CA ALA E 622 57.87 -31.73 18.34
C ALA E 622 58.89 -31.89 19.46
N PRO E 623 60.16 -31.58 19.17
CA PRO E 623 61.24 -31.68 20.15
C PRO E 623 61.11 -30.63 21.26
N LYS E 633 51.98 -28.61 28.04
CA LYS E 633 51.78 -30.05 27.91
C LYS E 633 52.47 -30.60 26.66
N ASN E 634 51.75 -31.43 25.92
CA ASN E 634 52.28 -32.04 24.70
C ASN E 634 52.06 -31.15 23.48
N THR E 635 53.14 -30.95 22.71
CA THR E 635 53.08 -30.15 21.51
C THR E 635 53.56 -30.97 20.32
N MET E 636 52.80 -30.95 19.23
CA MET E 636 53.16 -31.70 18.04
C MET E 636 53.18 -30.76 16.84
N ILE E 637 53.54 -31.30 15.68
CA ILE E 637 53.60 -30.52 14.45
C ILE E 637 52.84 -31.22 13.33
N LEU E 638 51.82 -30.54 12.82
CA LEU E 638 51.06 -31.07 11.70
C LEU E 638 51.51 -30.44 10.39
N GLU E 639 51.88 -31.29 9.44
CA GLU E 639 52.37 -30.82 8.15
C GLU E 639 51.52 -31.39 7.04
N ILE E 640 51.05 -30.50 6.17
CA ILE E 640 50.20 -30.86 5.05
C ILE E 640 50.89 -30.48 3.75
N CYS E 641 51.07 -31.47 2.88
CA CYS E 641 51.67 -31.24 1.58
C CYS E 641 50.69 -31.64 0.49
N THR E 642 50.52 -30.77 -0.51
CA THR E 642 49.54 -31.04 -1.56
C THR E 642 50.04 -30.61 -2.94
N ARG E 643 49.60 -31.34 -3.96
CA ARG E 643 49.91 -30.96 -5.33
C ARG E 643 48.73 -31.29 -6.25
N TYR E 644 48.38 -30.35 -7.11
CA TYR E 644 47.25 -30.51 -8.02
C TYR E 644 47.65 -31.32 -9.27
N ARG E 645 46.75 -32.18 -9.72
CA ARG E 645 46.98 -32.94 -10.95
C ARG E 645 46.37 -32.20 -12.13
N GLY E 646 47.23 -31.68 -13.00
CA GLY E 646 46.78 -30.97 -14.18
C GLY E 646 47.93 -30.28 -14.90
N ASP E 647 47.60 -29.53 -15.95
CA ASP E 647 48.62 -28.80 -16.70
C ASP E 647 48.81 -27.38 -16.18
N GLN E 648 47.92 -26.96 -15.29
CA GLN E 648 47.98 -25.62 -14.71
C GLN E 648 47.83 -25.68 -13.19
N ASP E 649 48.29 -24.64 -12.51
CA ASP E 649 48.08 -24.53 -11.08
C ASP E 649 46.61 -24.23 -10.82
N ALA E 650 46.06 -24.81 -9.76
CA ALA E 650 44.66 -24.61 -9.44
C ALA E 650 44.39 -23.19 -8.92
N THR E 651 43.13 -22.79 -8.99
CA THR E 651 42.69 -21.49 -8.48
C THR E 651 42.46 -21.61 -6.99
N MET E 652 41.77 -20.61 -6.41
CA MET E 652 41.55 -20.58 -4.98
C MET E 652 40.99 -21.91 -4.48
N SER E 653 41.66 -22.46 -3.46
CA SER E 653 41.31 -23.77 -2.92
C SER E 653 41.01 -23.69 -1.43
N ILE E 654 40.37 -24.73 -0.92
CA ILE E 654 39.98 -24.79 0.47
C ILE E 654 40.63 -25.98 1.17
N LEU E 655 41.22 -25.72 2.33
CA LEU E 655 41.72 -26.76 3.21
C LEU E 655 40.84 -26.82 4.45
N ASP E 656 40.04 -27.87 4.54
CA ASP E 656 39.15 -28.08 5.68
C ASP E 656 39.82 -29.04 6.65
N ILE E 657 40.17 -28.52 7.83
CA ILE E 657 40.91 -29.30 8.81
C ILE E 657 40.13 -29.48 10.09
N SER E 658 39.96 -30.73 10.52
CA SER E 658 39.37 -31.00 11.82
C SER E 658 40.48 -31.30 12.81
N MET E 659 40.13 -31.50 14.07
CA MET E 659 41.13 -31.70 15.11
C MET E 659 40.99 -33.05 15.80
N MET E 660 42.12 -33.62 16.21
CA MET E 660 42.10 -34.77 17.10
C MET E 660 41.52 -34.26 18.41
N THR E 661 40.62 -35.02 19.01
CA THR E 661 39.89 -34.55 20.19
C THR E 661 40.83 -34.14 21.32
N GLY E 662 40.66 -32.91 21.79
CA GLY E 662 41.50 -32.36 22.84
C GLY E 662 42.71 -31.63 22.32
N PHE E 663 42.68 -31.23 21.05
CA PHE E 663 43.79 -30.52 20.44
C PHE E 663 43.37 -29.18 19.86
N ALA E 664 44.33 -28.26 19.78
CA ALA E 664 44.09 -26.98 19.13
C ALA E 664 45.37 -26.49 18.46
N PRO E 665 45.23 -25.78 17.32
CA PRO E 665 46.42 -25.23 16.65
C PRO E 665 47.08 -24.15 17.50
N ASP E 666 48.36 -23.89 17.28
CA ASP E 666 49.03 -22.82 18.00
C ASP E 666 48.57 -21.50 17.41
N THR E 667 47.97 -20.66 18.25
CA THR E 667 47.40 -19.39 17.80
C THR E 667 48.45 -18.46 17.21
N ASP E 668 49.66 -18.53 17.74
CA ASP E 668 50.75 -17.69 17.27
C ASP E 668 51.20 -18.11 15.87
N ASP E 669 51.35 -19.42 15.66
CA ASP E 669 51.83 -19.96 14.38
C ASP E 669 50.92 -19.61 13.20
N LEU E 670 49.64 -19.40 13.48
CA LEU E 670 48.64 -19.11 12.45
C LEU E 670 48.85 -17.76 11.77
N LYS E 671 49.25 -16.76 12.56
CA LYS E 671 49.40 -15.40 12.07
C LYS E 671 50.44 -15.26 10.96
N GLN E 672 51.55 -15.99 11.06
CA GLN E 672 52.61 -15.97 10.04
C GLN E 672 52.09 -16.49 8.70
N LEU E 673 51.22 -17.49 8.75
CA LEU E 673 50.61 -18.02 7.53
C LEU E 673 49.63 -16.99 7.00
N ALA E 674 48.70 -16.57 7.86
CA ALA E 674 47.66 -15.63 7.50
C ALA E 674 48.22 -14.32 6.92
N ASN E 675 49.25 -13.78 7.56
CA ASN E 675 49.90 -12.58 7.08
C ASN E 675 50.85 -12.86 5.93
N GLY E 676 51.15 -14.14 5.70
CA GLY E 676 51.99 -14.53 4.59
C GLY E 676 51.26 -14.38 3.27
N VAL E 677 52.02 -14.28 2.19
CA VAL E 677 51.46 -14.14 0.86
C VAL E 677 50.81 -15.45 0.41
N ASP E 678 49.77 -15.34 -0.42
CA ASP E 678 49.10 -16.50 -1.03
C ASP E 678 48.27 -17.35 -0.06
N ARG E 679 48.30 -16.99 1.22
CA ARG E 679 47.55 -17.73 2.24
C ARG E 679 46.55 -16.81 2.92
N TYR E 680 45.37 -17.36 3.21
CA TYR E 680 44.34 -16.59 3.89
C TYR E 680 43.62 -17.40 4.97
N ILE E 681 43.56 -16.83 6.15
CA ILE E 681 42.77 -17.39 7.25
C ILE E 681 41.85 -16.31 7.78
N SER E 682 40.56 -16.63 7.88
CA SER E 682 39.57 -15.66 8.32
C SER E 682 39.87 -15.16 9.73
N LYS E 683 39.61 -13.88 9.96
CA LYS E 683 39.86 -13.28 11.27
C LYS E 683 38.91 -13.87 12.32
N TYR E 684 37.78 -14.38 11.85
CA TYR E 684 36.81 -15.04 12.71
C TYR E 684 37.48 -16.13 13.55
N GLU E 685 38.30 -16.95 12.89
CA GLU E 685 38.99 -18.03 13.57
C GLU E 685 40.31 -17.57 14.20
N LEU E 686 40.80 -16.42 13.78
CA LEU E 686 42.08 -15.92 14.28
C LEU E 686 41.97 -15.23 15.65
N ASP E 687 40.90 -14.47 15.85
CA ASP E 687 40.68 -13.85 17.15
C ASP E 687 39.79 -14.71 18.03
N LYS E 688 39.41 -15.87 17.52
CA LYS E 688 38.59 -16.80 18.29
C LYS E 688 39.42 -17.37 19.43
N ALA E 689 38.74 -17.84 20.47
CA ALA E 689 39.42 -18.39 21.63
C ALA E 689 40.24 -19.63 21.30
N PHE E 690 41.28 -19.87 22.10
CA PHE E 690 42.13 -21.05 21.94
C PHE E 690 41.28 -22.30 22.08
N SER E 691 40.40 -22.29 23.07
CA SER E 691 39.47 -23.39 23.27
C SER E 691 38.40 -23.35 22.20
N ASP E 692 37.79 -24.51 21.95
CA ASP E 692 36.67 -24.64 21.01
C ASP E 692 37.00 -24.27 19.56
N ARG E 693 38.25 -24.48 19.16
CA ARG E 693 38.53 -24.50 17.73
C ARG E 693 38.94 -25.94 17.43
N ASN E 694 37.98 -26.73 16.97
CA ASN E 694 38.26 -28.07 16.46
C ASN E 694 38.21 -28.13 14.95
N THR E 695 37.84 -27.01 14.34
CA THR E 695 37.71 -26.91 12.90
C THR E 695 38.35 -25.63 12.39
N LEU E 696 39.35 -25.78 11.54
CA LEU E 696 40.03 -24.62 10.96
C LEU E 696 40.09 -24.76 9.45
N ILE E 697 39.74 -23.68 8.75
CA ILE E 697 39.74 -23.67 7.31
C ILE E 697 40.80 -22.72 6.78
N ILE E 698 41.75 -23.26 6.04
CA ILE E 698 42.80 -22.44 5.44
C ILE E 698 42.51 -22.27 3.95
N TYR E 699 42.25 -21.02 3.56
CA TYR E 699 41.97 -20.70 2.16
C TYR E 699 43.28 -20.43 1.44
N LEU E 700 43.55 -21.26 0.43
CA LEU E 700 44.75 -21.09 -0.38
C LEU E 700 44.40 -20.30 -1.63
N ASP E 701 45.31 -19.43 -2.06
CA ASP E 701 45.10 -18.70 -3.32
C ASP E 701 45.37 -19.62 -4.50
N LYS E 702 46.34 -20.51 -4.36
CA LYS E 702 46.67 -21.46 -5.41
C LYS E 702 47.42 -22.68 -4.88
N VAL E 703 47.42 -23.76 -5.66
CA VAL E 703 48.25 -24.92 -5.36
C VAL E 703 48.96 -25.38 -6.64
N SER E 704 50.28 -25.50 -6.56
CA SER E 704 51.09 -25.78 -7.75
C SER E 704 50.82 -27.14 -8.37
N HIS E 705 50.92 -27.21 -9.69
CA HIS E 705 50.72 -28.44 -10.42
C HIS E 705 52.06 -29.12 -10.74
N SER E 706 53.15 -28.45 -10.41
CA SER E 706 54.49 -28.97 -10.70
C SER E 706 55.08 -29.68 -9.48
N GLU E 707 55.36 -28.91 -8.44
CA GLU E 707 55.94 -29.47 -7.22
C GLU E 707 55.01 -29.26 -6.03
N ASP E 708 55.21 -30.08 -5.00
CA ASP E 708 54.34 -30.06 -3.82
C ASP E 708 54.43 -28.74 -3.06
N ASP E 709 53.26 -28.16 -2.77
CA ASP E 709 53.18 -26.97 -1.92
C ASP E 709 52.80 -27.39 -0.51
N CYS E 710 53.72 -27.23 0.43
CA CYS E 710 53.54 -27.74 1.78
C CYS E 710 53.51 -26.64 2.83
N LEU E 711 52.88 -26.94 3.96
CA LEU E 711 52.81 -25.99 5.06
C LEU E 711 52.70 -26.78 6.36
N ALA E 712 52.99 -26.13 7.49
CA ALA E 712 52.92 -26.82 8.77
C ALA E 712 52.61 -25.87 9.92
N PHE E 713 51.98 -26.40 10.96
CA PHE E 713 51.76 -25.63 12.19
C PHE E 713 51.71 -26.52 13.42
N LYS E 714 51.99 -25.93 14.57
CA LYS E 714 52.06 -26.67 15.82
C LYS E 714 50.67 -26.86 16.43
N VAL E 715 50.47 -27.99 17.08
CA VAL E 715 49.20 -28.27 17.76
C VAL E 715 49.44 -28.72 19.20
N HIS E 716 48.73 -28.08 20.12
CA HIS E 716 48.88 -28.38 21.53
C HIS E 716 47.69 -29.23 21.99
N GLN E 717 47.93 -30.13 22.94
CA GLN E 717 46.86 -30.92 23.51
C GLN E 717 46.51 -30.30 24.86
N TYR E 718 45.37 -29.62 24.91
CA TYR E 718 44.91 -28.96 26.12
C TYR E 718 44.11 -29.89 27.02
N PHE E 719 43.67 -31.02 26.47
CA PHE E 719 42.93 -32.01 27.24
C PHE E 719 43.44 -33.42 26.97
N ASN E 720 43.94 -34.06 28.03
CA ASN E 720 44.41 -35.44 27.93
C ASN E 720 43.27 -36.42 28.15
N VAL E 721 43.15 -37.39 27.24
CA VAL E 721 42.06 -38.35 27.31
C VAL E 721 42.47 -39.64 26.60
N GLU E 722 41.79 -40.74 26.92
CA GLU E 722 42.05 -42.02 26.29
C GLU E 722 41.40 -42.15 24.92
N LEU E 723 42.11 -42.77 23.99
CA LEU E 723 41.57 -43.10 22.67
C LEU E 723 41.04 -41.89 21.90
N ILE E 724 41.97 -41.04 21.43
CA ILE E 724 41.61 -39.88 20.63
C ILE E 724 41.29 -40.23 19.18
N GLN E 725 40.37 -39.48 18.58
CA GLN E 725 39.95 -39.71 17.20
C GLN E 725 40.85 -38.97 16.21
N PRO E 726 41.23 -39.65 15.10
CA PRO E 726 42.08 -39.05 14.07
C PRO E 726 41.45 -37.79 13.47
N GLY E 727 42.28 -36.81 13.16
CA GLY E 727 41.82 -35.58 12.56
C GLY E 727 41.75 -35.76 11.05
N ALA E 728 41.03 -34.89 10.37
CA ALA E 728 40.86 -35.00 8.92
C ALA E 728 41.36 -33.77 8.17
N VAL E 729 41.86 -33.99 6.96
CA VAL E 729 42.28 -32.91 6.09
C VAL E 729 41.65 -33.08 4.71
N LYS E 730 40.88 -32.09 4.29
CA LYS E 730 40.15 -32.15 3.03
C LYS E 730 40.49 -30.97 2.12
N VAL E 731 41.09 -31.25 0.98
CA VAL E 731 41.41 -30.18 0.03
C VAL E 731 40.45 -30.21 -1.15
N TYR E 732 39.91 -29.04 -1.51
CA TYR E 732 39.02 -28.99 -2.67
C TYR E 732 38.95 -27.63 -3.36
N ALA E 733 38.61 -27.65 -4.65
CA ALA E 733 38.39 -26.41 -5.41
C ALA E 733 37.02 -25.81 -5.14
N TYR E 734 36.97 -24.50 -5.00
CA TYR E 734 35.75 -23.82 -4.58
C TYR E 734 34.58 -24.04 -5.53
N TYR E 735 34.89 -24.18 -6.82
CA TYR E 735 33.85 -24.37 -7.82
C TYR E 735 33.35 -25.81 -7.86
N ASN E 736 34.19 -26.74 -7.42
CA ASN E 736 33.78 -28.13 -7.41
C ASN E 736 34.11 -28.85 -6.09
N LEU E 737 33.07 -29.19 -5.34
CA LEU E 737 33.25 -29.94 -4.10
C LEU E 737 33.36 -31.44 -4.37
N GLU E 738 32.79 -31.86 -5.49
CA GLU E 738 32.75 -33.27 -5.86
C GLU E 738 34.15 -33.82 -6.10
N GLU E 739 35.05 -33.00 -6.63
CA GLU E 739 36.43 -33.40 -6.79
C GLU E 739 37.26 -32.93 -5.60
N SER E 740 37.72 -33.87 -4.79
CA SER E 740 38.49 -33.54 -3.59
C SER E 740 39.37 -34.69 -3.14
N CYS E 741 40.04 -34.49 -2.01
CA CYS E 741 40.85 -35.54 -1.40
C CYS E 741 40.75 -35.45 0.11
N THR E 742 40.57 -36.59 0.76
CA THR E 742 40.40 -36.63 2.20
C THR E 742 41.48 -37.50 2.85
N ARG E 743 42.17 -36.93 3.83
CA ARG E 743 43.26 -37.62 4.53
C ARG E 743 43.10 -37.51 6.03
N PHE E 744 43.51 -38.55 6.75
CA PHE E 744 43.42 -38.58 8.21
C PHE E 744 44.81 -38.64 8.83
N TYR E 745 44.92 -38.19 10.08
CA TYR E 745 46.19 -38.24 10.78
C TYR E 745 46.02 -38.66 12.25
N HIS E 746 46.84 -39.60 12.67
CA HIS E 746 46.86 -40.08 14.05
C HIS E 746 48.32 -40.37 14.40
N PRO E 747 48.73 -40.07 15.64
CA PRO E 747 50.11 -40.40 15.97
C PRO E 747 50.38 -41.90 16.19
N GLU E 748 49.42 -42.62 16.76
CA GLU E 748 49.60 -44.05 17.02
C GLU E 748 48.84 -44.96 16.05
N LYS E 749 48.20 -44.35 15.06
CA LYS E 749 47.53 -45.13 14.02
C LYS E 749 48.08 -44.82 12.63
N GLU E 750 48.31 -45.86 11.84
CA GLU E 750 48.91 -45.72 10.52
C GLU E 750 47.99 -44.96 9.56
N ASP E 751 48.50 -43.85 9.01
CA ASP E 751 47.78 -43.07 8.01
C ASP E 751 46.43 -42.53 8.48
N GLY E 752 46.21 -42.51 9.79
CA GLY E 752 44.96 -42.03 10.35
C GLY E 752 43.82 -43.04 10.24
N LYS E 753 44.13 -44.20 9.66
CA LYS E 753 43.12 -45.24 9.46
C LYS E 753 42.65 -45.88 10.76
N LEU E 754 41.36 -46.15 10.86
CA LEU E 754 40.79 -46.89 11.97
C LEU E 754 41.05 -48.37 11.76
N ASN E 755 41.14 -49.13 12.85
CA ASN E 755 41.32 -50.56 12.73
C ASN E 755 40.05 -51.23 12.20
N LYS E 756 40.19 -51.94 11.08
CA LYS E 756 39.10 -52.69 10.50
C LYS E 756 39.66 -53.89 9.74
N LEU E 757 38.98 -55.02 9.83
CA LEU E 757 39.48 -56.27 9.25
C LEU E 757 38.73 -56.66 7.98
N CYS E 758 39.44 -56.72 6.85
CA CYS E 758 38.79 -56.94 5.57
C CYS E 758 39.42 -58.07 4.75
N ARG E 759 38.58 -58.96 4.25
CA ARG E 759 38.97 -59.94 3.24
C ARG E 759 37.86 -59.97 2.21
N ASP E 760 38.21 -60.25 0.96
CA ASP E 760 37.27 -60.12 -0.15
C ASP E 760 36.67 -58.72 -0.14
N GLU E 761 35.34 -58.63 -0.27
CA GLU E 761 34.66 -57.35 -0.26
C GLU E 761 34.02 -56.96 1.08
N LEU E 762 34.21 -57.79 2.11
CA LEU E 762 33.56 -57.56 3.40
C LEU E 762 34.54 -57.17 4.51
N CYS E 763 34.10 -56.26 5.39
CA CYS E 763 34.95 -55.77 6.49
C CYS E 763 34.20 -55.74 7.82
N ARG E 764 34.92 -56.02 8.91
CA ARG E 764 34.34 -55.94 10.26
C ARG E 764 35.12 -54.99 11.17
N CYS E 765 34.42 -54.39 12.13
CA CYS E 765 35.01 -53.36 13.02
C CYS E 765 35.91 -53.93 14.12
N ALA E 766 37.13 -53.40 14.20
CA ALA E 766 38.12 -53.83 15.19
C ALA E 766 38.23 -52.96 16.45
N GLU E 767 37.35 -51.98 16.61
CA GLU E 767 37.52 -50.96 17.65
C GLU E 767 37.08 -51.38 19.05
N GLU E 768 36.63 -52.62 19.21
CA GLU E 768 36.23 -53.13 20.51
C GLU E 768 37.44 -53.63 21.30
N ASN E 769 37.21 -54.15 22.50
CA ASN E 769 38.28 -54.76 23.30
C ASN E 769 38.89 -55.96 22.57
N CYS E 770 40.19 -56.17 22.78
CA CYS E 770 40.91 -57.25 22.11
C CYS E 770 40.42 -58.64 22.54
N PHE E 771 40.09 -58.79 23.82
CA PHE E 771 39.56 -60.05 24.33
C PHE E 771 38.80 -59.91 25.63
N ILE E 772 38.39 -61.05 26.20
CA ILE E 772 37.65 -61.08 27.46
C ILE E 772 38.43 -60.38 28.57
N GLN E 773 37.72 -59.69 29.45
CA GLN E 773 38.35 -58.97 30.55
C GLN E 773 39.23 -59.91 31.37
N LYS E 774 40.49 -59.51 31.55
CA LYS E 774 41.47 -60.34 32.24
C LYS E 774 41.21 -60.50 33.74
N SER E 775 41.81 -61.53 34.33
CA SER E 775 41.79 -61.72 35.78
C SER E 775 42.94 -60.91 36.38
N ASP E 776 42.69 -60.17 37.46
CA ASP E 776 41.50 -60.28 38.31
C ASP E 776 40.26 -59.60 37.73
N ASP E 777 39.06 -60.13 38.03
CA ASP E 777 38.82 -61.19 39.02
C ASP E 777 39.29 -62.58 38.62
N LYS E 778 39.97 -63.25 39.54
CA LYS E 778 40.57 -64.56 39.29
C LYS E 778 39.49 -65.60 39.02
N VAL E 779 39.64 -66.31 37.91
CA VAL E 779 38.65 -67.27 37.45
C VAL E 779 38.70 -68.60 38.20
N THR E 780 37.54 -69.12 38.56
CA THR E 780 37.46 -70.42 39.24
C THR E 780 36.95 -71.48 38.27
N LEU E 781 36.70 -72.67 38.78
CA LEU E 781 36.29 -73.78 37.93
C LEU E 781 34.83 -73.66 37.49
N GLU E 782 33.98 -73.21 38.41
CA GLU E 782 32.56 -73.05 38.11
C GLU E 782 32.36 -71.96 37.07
N GLU E 783 33.18 -70.92 37.16
CA GLU E 783 33.13 -69.82 36.19
C GLU E 783 33.41 -70.34 34.78
N ARG E 784 34.53 -71.01 34.60
CA ARG E 784 34.92 -71.54 33.30
C ARG E 784 33.90 -72.54 32.78
N LEU E 785 33.46 -73.44 33.65
CA LEU E 785 32.50 -74.46 33.27
C LEU E 785 31.17 -73.88 32.79
N ASP E 786 30.61 -72.97 33.59
CA ASP E 786 29.35 -72.32 33.24
C ASP E 786 29.46 -71.43 32.00
N LYS E 787 30.57 -70.70 31.90
CA LYS E 787 30.79 -69.81 30.76
C LYS E 787 30.97 -70.57 29.45
N ALA E 788 31.68 -71.69 29.52
CA ALA E 788 31.92 -72.49 28.32
C ALA E 788 30.72 -73.36 27.97
N CYS E 789 29.80 -73.50 28.92
CA CYS E 789 28.59 -74.28 28.69
C CYS E 789 27.46 -73.40 28.17
N GLU E 790 27.77 -72.13 27.96
CA GLU E 790 26.82 -71.23 27.32
C GLU E 790 26.57 -71.72 25.90
N PRO E 791 25.29 -71.83 25.52
CA PRO E 791 24.87 -72.36 24.22
C PRO E 791 25.53 -71.66 23.03
N GLY E 792 25.81 -70.37 23.19
CA GLY E 792 26.45 -69.59 22.13
C GLY E 792 27.87 -70.02 21.80
N VAL E 793 28.64 -70.36 22.83
CA VAL E 793 30.04 -70.76 22.65
C VAL E 793 30.17 -71.96 21.73
N ASP E 794 31.03 -71.83 20.71
CA ASP E 794 31.13 -72.84 19.67
C ASP E 794 32.28 -73.81 19.91
N TYR E 795 33.50 -73.29 19.89
CA TYR E 795 34.69 -74.14 19.97
C TYR E 795 35.50 -73.87 21.23
N VAL E 796 36.16 -74.91 21.73
CA VAL E 796 37.16 -74.76 22.78
C VAL E 796 38.37 -75.63 22.42
N TYR E 797 39.53 -74.99 22.21
CA TYR E 797 40.75 -75.71 21.86
C TYR E 797 41.88 -75.43 22.84
N LYS E 798 42.75 -76.42 23.04
CA LYS E 798 44.03 -76.18 23.69
C LYS E 798 45.10 -76.12 22.61
N THR E 799 45.85 -75.02 22.59
CA THR E 799 46.72 -74.71 21.46
C THR E 799 48.16 -74.42 21.84
N ARG E 800 49.03 -74.43 20.83
CA ARG E 800 50.43 -74.07 20.99
C ARG E 800 50.81 -73.10 19.88
N LEU E 801 51.45 -71.99 20.24
CA LEU E 801 51.83 -70.99 19.24
C LEU E 801 53.07 -71.46 18.50
N VAL E 802 52.96 -71.64 17.20
CA VAL E 802 54.08 -72.09 16.38
C VAL E 802 54.95 -70.90 15.97
N LYS E 803 54.39 -70.02 15.15
CA LYS E 803 55.15 -68.88 14.64
C LYS E 803 54.27 -67.63 14.53
N VAL E 804 54.83 -66.49 14.92
CA VAL E 804 54.15 -65.21 14.79
C VAL E 804 54.55 -64.52 13.50
N GLN E 805 53.58 -64.34 12.61
CA GLN E 805 53.80 -63.58 11.38
C GLN E 805 53.19 -62.19 11.53
N LEU E 806 54.05 -61.20 11.70
CA LEU E 806 53.59 -59.81 11.80
C LEU E 806 53.37 -59.21 10.42
N SER E 807 52.49 -58.21 10.35
CA SER E 807 52.26 -57.47 9.12
C SER E 807 52.14 -55.98 9.41
N ASN E 808 51.90 -55.19 8.36
CA ASN E 808 51.72 -53.76 8.52
C ASN E 808 50.46 -53.41 9.30
N ASP E 809 49.50 -54.34 9.29
CA ASP E 809 48.21 -54.10 9.93
C ASP E 809 47.84 -55.18 10.95
N PHE E 810 47.65 -56.40 10.47
CA PHE E 810 47.15 -57.49 11.33
C PHE E 810 48.20 -58.53 11.66
N ASP E 811 48.21 -58.94 12.93
CA ASP E 811 49.13 -59.97 13.39
C ASP E 811 48.51 -61.34 13.19
N GLU E 812 49.29 -62.26 12.65
CA GLU E 812 48.83 -63.63 12.43
C GLU E 812 49.61 -64.59 13.31
N TYR E 813 48.92 -65.20 14.27
CA TYR E 813 49.55 -66.18 15.15
C TYR E 813 49.22 -67.57 14.63
N ILE E 814 50.26 -68.38 14.40
CA ILE E 814 50.03 -69.73 13.94
C ILE E 814 49.95 -70.65 15.16
N MET E 815 48.75 -71.16 15.43
CA MET E 815 48.52 -71.98 16.60
C MET E 815 48.19 -73.42 16.19
N ALA E 816 49.01 -74.36 16.64
CA ALA E 816 48.74 -75.77 16.41
C ALA E 816 47.84 -76.31 17.53
N ILE E 817 46.68 -76.84 17.16
CA ILE E 817 45.76 -77.34 18.18
C ILE E 817 46.21 -78.73 18.63
N GLU E 818 46.55 -78.83 19.91
CA GLU E 818 47.03 -80.09 20.49
C GLU E 818 45.91 -81.04 20.89
N GLN E 819 44.78 -80.47 21.29
CA GLN E 819 43.58 -81.24 21.58
C GLN E 819 42.33 -80.40 21.38
N THR E 820 41.22 -81.04 21.01
CA THR E 820 39.97 -80.30 20.85
C THR E 820 39.04 -80.61 22.00
N ILE E 821 38.91 -79.67 22.92
CA ILE E 821 37.95 -79.77 24.01
C ILE E 821 36.51 -79.81 23.49
N LYS E 822 36.07 -78.70 22.89
CA LYS E 822 34.75 -78.63 22.28
C LYS E 822 34.84 -78.28 20.79
N SER E 823 34.05 -78.97 19.98
CA SER E 823 34.07 -78.73 18.54
C SER E 823 32.83 -77.98 18.09
N GLY E 824 33.02 -77.08 17.12
CA GLY E 824 31.92 -76.28 16.60
C GLY E 824 31.51 -76.69 15.20
N SER E 825 30.96 -75.73 14.46
CA SER E 825 30.53 -75.97 13.09
C SER E 825 31.71 -76.27 12.17
N ASP E 826 32.91 -75.99 12.65
CA ASP E 826 34.13 -76.30 11.92
C ASP E 826 34.55 -77.73 12.20
N GLU E 827 35.02 -78.43 11.17
CA GLU E 827 35.54 -79.77 11.35
C GLU E 827 37.06 -79.71 11.42
N VAL E 828 37.58 -79.91 12.62
CA VAL E 828 39.02 -79.83 12.85
C VAL E 828 39.51 -81.02 13.67
N GLN E 829 40.52 -81.71 13.15
CA GLN E 829 41.07 -82.88 13.81
C GLN E 829 42.37 -82.54 14.53
N VAL E 830 42.61 -83.22 15.65
CA VAL E 830 43.77 -82.98 16.50
C VAL E 830 45.09 -83.01 15.73
N GLY E 831 45.89 -81.97 15.92
CA GLY E 831 47.18 -81.88 15.26
C GLY E 831 47.23 -80.90 14.11
N GLN E 832 46.05 -80.47 13.65
CA GLN E 832 45.97 -79.51 12.56
C GLN E 832 46.27 -78.09 13.02
N GLN E 833 47.03 -77.36 12.20
CA GLN E 833 47.33 -75.97 12.51
C GLN E 833 46.18 -75.04 12.13
N ARG E 834 46.08 -73.91 12.82
CA ARG E 834 45.09 -72.89 12.53
C ARG E 834 45.75 -71.52 12.65
N THR E 835 45.13 -70.52 12.02
CA THR E 835 45.65 -69.17 12.05
C THR E 835 44.71 -68.24 12.81
N PHE E 836 45.26 -67.48 13.74
CA PHE E 836 44.47 -66.52 14.50
C PHE E 836 44.90 -65.10 14.16
N ILE E 837 43.93 -64.22 13.95
CA ILE E 837 44.23 -62.85 13.54
C ILE E 837 43.87 -61.84 14.61
N SER E 838 44.82 -60.99 14.95
CA SER E 838 44.58 -59.96 15.95
C SER E 838 45.01 -58.60 15.42
N PRO E 839 44.24 -57.54 15.75
CA PRO E 839 44.63 -56.18 15.38
C PRO E 839 45.95 -55.80 16.03
N ILE E 840 46.72 -54.97 15.35
CA ILE E 840 47.97 -54.50 15.88
C ILE E 840 47.46 -53.57 16.97
N LYS E 841 48.26 -53.35 17.99
CA LYS E 841 47.95 -52.51 19.16
C LYS E 841 47.40 -53.41 20.27
N CYS E 842 46.97 -54.59 19.90
CA CYS E 842 46.50 -55.58 20.86
C CYS E 842 47.60 -56.62 21.06
N ARG E 843 48.67 -56.53 20.27
CA ARG E 843 49.80 -57.45 20.34
C ARG E 843 50.52 -57.36 21.67
N GLU E 844 50.70 -56.15 22.19
CA GLU E 844 51.43 -56.04 23.46
C GLU E 844 50.55 -56.38 24.67
N ALA E 845 49.24 -56.26 24.51
CA ALA E 845 48.30 -56.72 25.54
C ALA E 845 48.18 -58.23 25.55
N LEU E 846 48.24 -58.84 24.37
CA LEU E 846 48.24 -60.29 24.24
C LEU E 846 49.53 -60.90 24.78
N LYS E 847 50.64 -60.17 24.59
CA LYS E 847 51.99 -60.60 24.96
C LYS E 847 52.29 -62.05 24.55
N LEU E 848 51.83 -62.43 23.37
CA LEU E 848 52.02 -63.78 22.86
C LEU E 848 53.42 -63.98 22.29
N GLU E 849 54.05 -65.08 22.67
CA GLU E 849 55.37 -65.45 22.14
C GLU E 849 55.38 -66.93 21.79
N GLU E 850 56.29 -67.33 20.91
CA GLU E 850 56.33 -68.68 20.38
C GLU E 850 56.66 -69.75 21.42
N LYS E 851 56.26 -70.99 21.11
CA LYS E 851 56.58 -72.18 21.89
C LYS E 851 55.77 -72.32 23.20
N LYS E 852 55.14 -71.23 23.62
CA LYS E 852 54.24 -71.27 24.78
C LYS E 852 52.86 -71.81 24.41
N HIS E 853 52.15 -72.34 25.39
CA HIS E 853 50.82 -72.92 25.15
C HIS E 853 49.71 -72.01 25.67
N TYR E 854 48.58 -72.03 24.98
CA TYR E 854 47.44 -71.18 25.35
C TYR E 854 46.11 -71.94 25.23
N LEU E 855 45.10 -71.45 25.94
CA LEU E 855 43.75 -71.99 25.87
C LEU E 855 42.81 -70.93 25.29
N MET E 856 42.11 -71.30 24.21
CA MET E 856 41.27 -70.37 23.48
C MET E 856 39.86 -70.92 23.24
N TRP E 857 38.87 -70.05 23.34
CA TRP E 857 37.50 -70.40 22.94
C TRP E 857 36.77 -69.21 22.34
N GLY E 858 35.79 -69.49 21.48
CA GLY E 858 35.08 -68.42 20.81
C GLY E 858 33.71 -68.77 20.27
N LEU E 859 33.13 -67.80 19.54
CA LEU E 859 31.78 -67.94 18.99
C LEU E 859 31.83 -68.39 17.53
N SER E 860 30.66 -68.57 16.94
CA SER E 860 30.55 -69.02 15.56
C SER E 860 30.59 -67.86 14.56
N SER E 861 30.64 -66.63 15.07
CA SER E 861 30.66 -65.45 14.22
C SER E 861 32.08 -64.95 13.95
N ASP E 862 33.07 -65.60 14.55
CA ASP E 862 34.46 -65.14 14.48
C ASP E 862 35.27 -65.78 13.36
N PHE E 863 34.61 -66.56 12.50
CA PHE E 863 35.32 -67.29 11.46
C PHE E 863 35.69 -66.39 10.27
N TRP E 864 36.87 -66.64 9.70
CA TRP E 864 37.36 -65.85 8.57
C TRP E 864 37.41 -66.71 7.32
N GLY E 865 36.59 -66.35 6.33
CA GLY E 865 36.47 -67.14 5.13
C GLY E 865 35.39 -68.19 5.29
N GLU E 866 35.26 -69.09 4.32
CA GLU E 866 34.22 -70.11 4.37
C GLU E 866 34.78 -71.53 4.45
N LYS E 867 33.97 -72.42 5.01
CA LYS E 867 34.33 -73.81 5.25
C LYS E 867 34.64 -74.59 3.96
N PRO E 868 35.42 -75.69 4.09
CA PRO E 868 36.20 -76.01 5.30
C PRO E 868 37.63 -75.48 5.25
N ASN E 869 37.80 -74.21 4.89
CA ASN E 869 39.06 -73.52 5.10
C ASN E 869 38.81 -72.28 5.93
N LEU E 870 39.26 -72.29 7.18
CA LEU E 870 38.92 -71.23 8.11
C LEU E 870 40.11 -70.61 8.84
N SER E 871 39.96 -69.34 9.18
CA SER E 871 40.92 -68.64 10.01
C SER E 871 40.13 -68.04 11.15
N TYR E 872 40.75 -67.96 12.33
CA TYR E 872 40.04 -67.51 13.52
C TYR E 872 40.35 -66.06 13.86
N ILE E 873 39.35 -65.36 14.38
CA ILE E 873 39.50 -63.95 14.74
C ILE E 873 39.30 -63.78 16.24
N ILE E 874 40.16 -62.99 16.86
CA ILE E 874 40.07 -62.75 18.30
C ILE E 874 39.26 -61.49 18.59
N GLY E 875 38.06 -61.68 19.15
CA GLY E 875 37.16 -60.58 19.41
C GLY E 875 37.02 -60.27 20.89
N LYS E 876 36.02 -59.45 21.23
CA LYS E 876 35.77 -59.08 22.62
C LYS E 876 35.30 -60.28 23.44
N ASP E 877 34.66 -61.23 22.75
CA ASP E 877 34.13 -62.42 23.41
C ASP E 877 35.08 -63.61 23.34
N THR E 878 36.26 -63.37 22.77
CA THR E 878 37.26 -64.43 22.61
C THR E 878 38.08 -64.60 23.90
N TRP E 879 38.15 -65.83 24.38
CA TRP E 879 38.86 -66.17 25.60
C TRP E 879 40.27 -66.63 25.31
N VAL E 880 41.26 -65.97 25.92
CA VAL E 880 42.65 -66.39 25.80
C VAL E 880 43.29 -66.51 27.18
N GLU E 881 43.73 -67.70 27.54
CA GLU E 881 44.36 -67.92 28.85
C GLU E 881 45.65 -68.71 28.72
N HIS E 882 46.75 -68.14 29.21
CA HIS E 882 48.05 -68.80 29.10
C HIS E 882 48.10 -70.11 29.88
N TRP E 883 48.46 -71.19 29.19
CA TRP E 883 48.60 -72.50 29.82
C TRP E 883 50.06 -72.73 30.20
N PRO E 884 50.37 -72.75 31.50
CA PRO E 884 51.73 -72.97 31.99
C PRO E 884 52.28 -74.32 31.54
N GLU E 885 53.57 -74.38 31.27
CA GLU E 885 54.23 -75.62 30.86
C GLU E 885 54.24 -76.61 32.02
N GLU E 886 54.34 -77.90 31.70
CA GLU E 886 54.28 -78.94 32.72
C GLU E 886 55.38 -78.79 33.78
N ASP E 887 56.57 -78.39 33.33
CA ASP E 887 57.68 -78.16 34.24
C ASP E 887 57.48 -76.87 35.03
N GLU E 888 56.69 -75.97 34.46
CA GLU E 888 56.40 -74.68 35.10
C GLU E 888 55.26 -74.81 36.11
N CYS E 889 54.58 -75.95 36.08
CA CYS E 889 53.47 -76.20 37.00
C CYS E 889 53.96 -76.50 38.42
N GLN E 890 55.21 -76.93 38.52
CA GLN E 890 55.81 -77.26 39.81
C GLN E 890 56.06 -76.01 40.65
N ASP E 891 56.14 -74.87 39.98
CA ASP E 891 56.31 -73.58 40.64
C ASP E 891 55.11 -73.28 41.53
N GLU E 892 55.34 -72.56 42.61
CA GLU E 892 54.33 -72.41 43.65
C GLU E 892 53.25 -71.39 43.29
N GLU E 893 53.47 -70.62 42.24
CA GLU E 893 52.49 -69.62 41.82
C GLU E 893 51.58 -70.10 40.68
N ASN E 894 51.86 -71.28 40.13
CA ASN E 894 51.06 -71.81 39.03
C ASN E 894 50.03 -72.86 39.45
N GLN E 895 49.97 -73.16 40.75
CA GLN E 895 49.24 -74.32 41.24
C GLN E 895 47.74 -74.24 40.95
N LYS E 896 47.10 -73.17 41.40
CA LYS E 896 45.66 -72.98 41.24
C LYS E 896 45.26 -72.98 39.76
N GLN E 897 46.04 -72.28 38.96
CA GLN E 897 45.77 -72.19 37.52
C GLN E 897 45.82 -73.56 36.86
N CYS E 898 46.88 -74.32 37.12
CA CYS E 898 47.03 -75.65 36.54
C CYS E 898 45.93 -76.61 36.98
N GLN E 899 45.58 -76.55 38.25
CA GLN E 899 44.50 -77.38 38.78
C GLN E 899 43.20 -77.05 38.06
N ASP E 900 42.93 -75.76 37.93
CA ASP E 900 41.74 -75.30 37.23
C ASP E 900 41.71 -75.71 35.75
N LEU E 901 42.86 -75.63 35.09
CA LEU E 901 42.96 -75.99 33.67
C LEU E 901 42.70 -77.47 33.43
N GLY E 902 43.42 -78.32 34.17
CA GLY E 902 43.21 -79.75 34.06
C GLY E 902 41.76 -80.12 34.35
N ALA E 903 41.25 -79.59 35.46
CA ALA E 903 39.87 -79.81 35.86
C ALA E 903 38.91 -79.44 34.73
N PHE E 904 38.88 -78.17 34.37
CA PHE E 904 38.03 -77.68 33.29
C PHE E 904 38.12 -78.56 32.03
N THR E 905 39.34 -78.86 31.61
CA THR E 905 39.56 -79.68 30.41
C THR E 905 38.88 -81.04 30.49
N GLU E 906 39.19 -81.82 31.53
CA GLU E 906 38.61 -83.16 31.62
C GLU E 906 37.11 -83.15 31.92
N SER E 907 36.65 -82.14 32.66
CA SER E 907 35.23 -82.00 32.95
C SER E 907 34.46 -81.70 31.69
N MET E 908 35.08 -80.95 30.79
CA MET E 908 34.43 -80.57 29.54
C MET E 908 34.47 -81.69 28.52
N VAL E 909 35.59 -82.41 28.47
CA VAL E 909 35.75 -83.48 27.50
C VAL E 909 34.92 -84.71 27.84
N VAL E 910 35.03 -85.20 29.07
CA VAL E 910 34.37 -86.44 29.46
C VAL E 910 32.86 -86.31 29.71
N PHE E 911 32.49 -85.39 30.60
CA PHE E 911 31.09 -85.22 31.00
C PHE E 911 30.24 -84.32 30.10
N GLY E 912 30.89 -83.37 29.43
CA GLY E 912 30.22 -82.33 28.67
C GLY E 912 29.35 -81.44 29.55
N CYS E 913 28.41 -80.72 28.93
CA CYS E 913 27.49 -79.87 29.68
C CYS E 913 26.20 -80.57 30.11
N PRO E 914 25.64 -80.16 31.26
CA PRO E 914 24.38 -80.70 31.77
C PRO E 914 23.18 -80.24 30.93
N ASN E 915 23.33 -79.11 30.27
CA ASN E 915 22.27 -78.53 29.45
C ASN E 915 22.30 -79.03 28.01
N GLY F 1 13.32 -25.53 63.11
CA GLY F 1 13.18 -26.66 64.01
C GLY F 1 11.74 -26.90 64.43
N HIS F 2 11.10 -27.90 63.82
CA HIS F 2 11.72 -28.72 62.78
C HIS F 2 10.76 -28.87 61.61
N CYS F 3 11.25 -28.64 60.40
CA CYS F 3 10.40 -28.63 59.21
C CYS F 3 9.56 -29.90 59.05
N GLN F 4 8.30 -29.71 58.74
CA GLN F 4 7.32 -30.79 58.68
C GLN F 4 7.55 -31.69 57.48
N ALA F 5 6.67 -32.69 57.33
CA ALA F 5 6.71 -33.58 56.18
C ALA F 5 6.64 -32.76 54.89
N PRO F 6 7.48 -33.11 53.90
CA PRO F 6 7.55 -32.30 52.69
C PRO F 6 6.28 -32.44 51.86
N ASP F 7 5.95 -31.40 51.10
CA ASP F 7 4.74 -31.42 50.29
C ASP F 7 4.87 -32.47 49.19
N HIS F 8 3.74 -33.00 48.74
CA HIS F 8 3.73 -34.01 47.70
C HIS F 8 3.60 -33.41 46.30
N PHE F 9 4.66 -33.56 45.51
CA PHE F 9 4.67 -33.10 44.13
C PHE F 9 3.98 -34.14 43.27
N LEU F 10 4.27 -35.41 43.56
CA LEU F 10 3.60 -36.57 42.97
C LEU F 10 3.98 -36.86 41.52
N PHE F 11 4.62 -35.90 40.87
CA PHE F 11 5.16 -36.12 39.52
C PHE F 11 6.64 -36.47 39.62
N ALA F 12 7.12 -36.60 40.85
CA ALA F 12 8.51 -36.95 41.12
C ALA F 12 8.52 -37.98 42.26
N LYS F 13 9.55 -38.82 42.30
CA LYS F 13 9.60 -39.88 43.29
C LYS F 13 10.89 -39.90 44.10
N LEU F 14 10.75 -40.10 45.40
CA LEU F 14 11.88 -40.31 46.30
C LEU F 14 11.98 -41.80 46.63
N LYS F 15 13.10 -42.43 46.29
CA LYS F 15 13.31 -43.78 46.78
C LYS F 15 14.50 -43.76 47.73
N THR F 16 14.16 -43.83 49.01
CA THR F 16 15.08 -43.79 50.14
C THR F 16 14.13 -43.82 51.32
N GLN F 17 14.68 -44.03 52.51
CA GLN F 17 13.86 -44.09 53.70
C GLN F 17 13.25 -42.74 54.06
N THR F 18 11.93 -42.68 54.19
CA THR F 18 11.33 -41.58 54.93
C THR F 18 10.69 -42.23 56.14
N ASN F 19 11.38 -42.16 57.27
CA ASN F 19 10.86 -42.65 58.54
C ASN F 19 10.39 -41.54 59.46
N ALA F 20 10.47 -40.29 58.99
CA ALA F 20 10.32 -39.15 59.89
C ALA F 20 9.38 -38.07 59.38
N SER F 21 8.88 -37.30 60.34
CA SER F 21 7.96 -36.19 60.07
C SER F 21 8.72 -34.88 60.18
N ASP F 22 9.29 -34.62 61.35
CA ASP F 22 10.02 -33.38 61.56
C ASP F 22 11.48 -33.54 61.14
N PHE F 23 11.84 -32.85 60.05
CA PHE F 23 13.19 -32.85 59.50
C PHE F 23 13.99 -31.68 60.07
N PRO F 24 15.32 -31.81 60.13
CA PRO F 24 16.11 -30.70 60.67
C PRO F 24 16.49 -29.68 59.60
N ILE F 25 17.16 -28.61 60.02
CA ILE F 25 17.59 -27.56 59.11
C ILE F 25 18.79 -27.97 58.26
N GLY F 26 18.73 -27.69 56.97
CA GLY F 26 19.81 -27.99 56.05
C GLY F 26 20.03 -29.47 55.77
N THR F 27 18.96 -30.15 55.36
CA THR F 27 19.07 -31.57 55.00
C THR F 27 18.50 -31.84 53.61
N SER F 28 19.37 -32.29 52.71
CA SER F 28 19.00 -32.53 51.31
C SER F 28 18.26 -33.84 51.10
N LEU F 29 17.09 -33.76 50.47
CA LEU F 29 16.31 -34.93 50.08
C LEU F 29 16.32 -35.04 48.56
N LYS F 30 16.43 -36.26 48.05
CA LYS F 30 16.61 -36.47 46.62
C LYS F 30 15.30 -36.85 45.92
N TYR F 31 14.78 -35.94 45.10
CA TYR F 31 13.54 -36.19 44.36
C TYR F 31 13.78 -36.47 42.88
N GLU F 32 13.50 -37.71 42.47
CA GLU F 32 13.66 -38.13 41.09
C GLU F 32 12.30 -38.11 40.39
N CYS F 33 12.27 -37.65 39.14
CA CYS F 33 11.01 -37.58 38.39
C CYS F 33 10.34 -38.94 38.22
N ARG F 34 9.02 -38.98 38.42
CA ARG F 34 8.23 -40.19 38.30
C ARG F 34 8.35 -40.78 36.90
N PRO F 35 8.35 -42.13 36.79
CA PRO F 35 8.42 -42.83 35.50
C PRO F 35 7.39 -42.40 34.46
N GLU F 36 6.29 -41.79 34.90
CA GLU F 36 5.31 -41.23 33.97
C GLU F 36 5.84 -39.92 33.38
N TYR F 37 6.94 -39.44 33.93
CA TYR F 37 7.52 -38.17 33.51
C TYR F 37 9.01 -38.37 33.23
N TYR F 38 9.69 -37.33 32.77
CA TYR F 38 11.14 -37.36 32.67
C TYR F 38 11.79 -36.01 33.02
N GLY F 39 12.82 -36.04 33.84
CA GLY F 39 13.54 -34.85 34.22
C GLY F 39 14.90 -35.14 34.85
N ARG F 40 15.76 -34.14 34.90
CA ARG F 40 17.06 -34.27 35.55
C ARG F 40 16.90 -34.54 37.04
N PRO F 41 17.76 -35.40 37.60
CA PRO F 41 17.76 -35.69 39.04
C PRO F 41 18.14 -34.44 39.85
N PHE F 42 17.33 -34.11 40.85
CA PHE F 42 17.58 -32.91 41.65
C PHE F 42 17.41 -33.20 43.15
N SER F 43 17.67 -32.18 43.96
CA SER F 43 17.57 -32.33 45.41
C SER F 43 16.94 -31.09 46.06
N ILE F 44 15.97 -31.33 46.93
CA ILE F 44 15.28 -30.25 47.64
C ILE F 44 15.80 -30.13 49.07
N THR F 45 15.93 -28.90 49.56
CA THR F 45 16.49 -28.65 50.88
C THR F 45 15.60 -27.74 51.70
N CYS F 46 15.64 -27.88 53.02
CA CYS F 46 14.91 -26.99 53.92
C CYS F 46 15.41 -25.55 53.77
N LEU F 47 14.49 -24.59 53.75
CA LEU F 47 14.84 -23.18 53.59
C LEU F 47 15.61 -22.63 54.79
N ASP F 48 15.54 -23.37 55.90
CA ASP F 48 15.92 -22.92 57.25
C ASP F 48 14.74 -22.13 57.82
N ASN F 49 13.76 -21.88 56.96
CA ASN F 49 12.50 -21.27 57.33
C ASN F 49 11.44 -22.32 57.65
N LEU F 50 11.87 -23.58 57.71
CA LEU F 50 10.99 -24.74 57.94
C LEU F 50 10.19 -25.15 56.70
N VAL F 51 10.47 -24.51 55.57
CA VAL F 51 9.82 -24.86 54.32
C VAL F 51 10.84 -25.42 53.33
N TRP F 52 10.44 -26.40 52.53
CA TRP F 52 11.33 -27.01 51.54
C TRP F 52 11.57 -26.15 50.29
N SER F 53 12.66 -26.41 49.59
CA SER F 53 13.04 -25.60 48.44
C SER F 53 12.13 -25.84 47.24
N SER F 54 12.11 -24.88 46.32
CA SER F 54 11.30 -24.97 45.12
C SER F 54 12.11 -25.51 43.94
N PRO F 55 11.56 -26.48 43.21
CA PRO F 55 12.24 -26.97 42.01
C PRO F 55 12.12 -25.94 40.88
N LYS F 56 13.16 -25.78 40.07
CA LYS F 56 13.10 -25.01 38.82
C LYS F 56 12.42 -25.96 37.84
N ASP F 57 12.34 -25.63 36.55
CA ASP F 57 11.64 -26.63 35.76
C ASP F 57 12.64 -27.72 35.40
N VAL F 58 12.63 -28.75 36.24
CA VAL F 58 13.42 -29.96 36.09
C VAL F 58 12.74 -31.07 35.30
N CYS F 59 11.45 -31.26 35.59
CA CYS F 59 10.71 -32.41 35.12
C CYS F 59 9.56 -32.04 34.19
N LYS F 60 9.29 -32.94 33.23
CA LYS F 60 8.23 -32.74 32.26
C LYS F 60 7.53 -34.08 31.98
N ARG F 61 6.32 -34.01 31.40
CA ARG F 61 5.58 -35.21 31.06
C ARG F 61 6.14 -35.81 29.78
N LYS F 62 5.46 -36.81 29.22
CA LYS F 62 5.97 -37.46 28.02
C LYS F 62 4.99 -37.35 26.87
N SER F 63 5.40 -37.85 25.71
CA SER F 63 4.59 -37.83 24.50
C SER F 63 5.06 -38.95 23.59
N CYS F 64 4.19 -39.47 22.73
CA CYS F 64 4.68 -40.51 21.83
C CYS F 64 4.97 -40.00 20.42
N LYS F 65 6.25 -39.72 20.19
CA LYS F 65 6.83 -39.37 18.89
C LYS F 65 6.12 -38.33 18.03
N THR F 66 6.24 -38.52 16.72
CA THR F 66 5.67 -37.68 15.68
C THR F 66 4.76 -38.49 14.74
N PRO F 67 3.46 -38.18 14.67
CA PRO F 67 2.71 -38.93 13.66
C PRO F 67 3.14 -38.54 12.24
N PRO F 68 3.50 -39.54 11.41
CA PRO F 68 3.90 -39.35 10.01
C PRO F 68 2.72 -39.15 9.08
N ASP F 69 2.85 -38.29 8.08
CA ASP F 69 1.88 -38.25 6.99
C ASP F 69 2.12 -39.47 6.10
N PRO F 70 1.16 -40.40 6.07
CA PRO F 70 1.34 -41.63 5.29
C PRO F 70 1.17 -41.36 3.79
N VAL F 71 1.59 -42.31 2.96
CA VAL F 71 1.40 -42.18 1.52
C VAL F 71 -0.08 -42.33 1.13
N ASN F 72 -0.60 -41.33 0.42
CA ASN F 72 -1.99 -41.28 -0.03
C ASN F 72 -3.02 -41.36 1.09
N GLY F 73 -2.73 -40.69 2.20
CA GLY F 73 -3.61 -40.78 3.36
C GLY F 73 -3.67 -39.51 4.19
N MET F 74 -4.70 -39.42 5.03
CA MET F 74 -4.90 -38.25 5.88
C MET F 74 -4.89 -38.62 7.36
N VAL F 75 -4.12 -37.87 8.15
CA VAL F 75 -4.08 -38.07 9.59
C VAL F 75 -4.89 -37.02 10.32
N HIS F 76 -5.98 -37.45 10.94
CA HIS F 76 -6.80 -36.55 11.75
C HIS F 76 -6.35 -36.64 13.19
N VAL F 77 -5.76 -35.55 13.69
CA VAL F 77 -5.32 -35.51 15.07
C VAL F 77 -6.17 -34.57 15.92
N ILE F 78 -6.85 -35.14 16.90
CA ILE F 78 -7.64 -34.36 17.84
C ILE F 78 -6.84 -34.24 19.14
N THR F 79 -6.95 -33.09 19.79
CA THR F 79 -6.17 -32.78 20.99
C THR F 79 -4.66 -32.84 20.71
N ASP F 80 -3.92 -33.47 21.60
CA ASP F 80 -2.45 -33.50 21.50
C ASP F 80 -1.88 -34.91 21.38
N ILE F 81 -0.56 -35.00 21.33
CA ILE F 81 0.14 -36.28 21.22
C ILE F 81 0.46 -36.89 22.58
N GLN F 82 -0.03 -36.26 23.64
CA GLN F 82 0.26 -36.70 25.00
C GLN F 82 -0.30 -38.10 25.26
N VAL F 83 0.29 -38.78 26.25
CA VAL F 83 -0.05 -40.17 26.55
C VAL F 83 -1.55 -40.40 26.79
N GLY F 84 -2.10 -41.43 26.15
CA GLY F 84 -3.49 -41.78 26.29
C GLY F 84 -4.41 -41.10 25.29
N SER F 85 -3.82 -40.27 24.43
CA SER F 85 -4.58 -39.57 23.40
C SER F 85 -4.81 -40.42 22.15
N ARG F 86 -5.95 -40.21 21.50
CA ARG F 86 -6.28 -40.98 20.31
C ARG F 86 -6.14 -40.12 19.05
N ILE F 87 -5.60 -40.71 17.99
CA ILE F 87 -5.55 -40.08 16.68
C ILE F 87 -6.21 -41.02 15.69
N ASN F 88 -6.68 -40.48 14.56
CA ASN F 88 -7.34 -41.32 13.57
C ASN F 88 -6.72 -41.21 12.18
N TYR F 89 -6.85 -42.28 11.41
CA TYR F 89 -6.35 -42.31 10.03
C TYR F 89 -7.50 -42.50 9.06
N SER F 90 -7.53 -41.69 8.00
CA SER F 90 -8.54 -41.83 6.96
C SER F 90 -7.96 -41.73 5.55
N CYS F 91 -8.21 -42.75 4.74
CA CYS F 91 -7.92 -42.63 3.31
C CYS F 91 -9.11 -41.91 2.69
N THR F 92 -8.85 -40.80 2.01
CA THR F 92 -9.94 -39.97 1.48
C THR F 92 -10.70 -40.61 0.32
N THR F 93 -9.99 -40.94 -0.76
CA THR F 93 -10.65 -41.41 -1.98
C THR F 93 -9.84 -42.42 -2.79
N GLY F 94 -10.53 -43.44 -3.30
CA GLY F 94 -9.93 -44.40 -4.21
C GLY F 94 -8.93 -45.36 -3.62
N HIS F 95 -8.87 -45.44 -2.29
CA HIS F 95 -7.94 -46.36 -1.64
C HIS F 95 -8.57 -47.11 -0.47
N ARG F 96 -8.16 -48.36 -0.27
CA ARG F 96 -8.66 -49.15 0.85
C ARG F 96 -7.63 -49.18 1.98
N LEU F 97 -8.11 -49.20 3.21
CA LEU F 97 -7.24 -49.21 4.39
C LEU F 97 -6.86 -50.63 4.82
N ILE F 98 -5.56 -50.88 4.92
CA ILE F 98 -5.07 -52.12 5.50
C ILE F 98 -4.33 -51.79 6.79
N GLY F 99 -4.94 -52.10 7.92
CA GLY F 99 -4.40 -51.74 9.22
C GLY F 99 -5.50 -51.46 10.21
N HIS F 100 -5.18 -50.73 11.26
CA HIS F 100 -6.18 -50.28 12.21
C HIS F 100 -6.38 -48.77 12.08
N SER F 101 -7.61 -48.34 11.86
CA SER F 101 -7.93 -46.92 11.64
C SER F 101 -7.62 -46.07 12.88
N SER F 102 -8.14 -46.50 14.03
CA SER F 102 -7.92 -45.79 15.28
C SER F 102 -6.55 -46.11 15.86
N ALA F 103 -5.81 -45.08 16.25
CA ALA F 103 -4.49 -45.24 16.85
C ALA F 103 -4.47 -44.63 18.24
N GLU F 104 -3.71 -45.25 19.14
CA GLU F 104 -3.69 -44.86 20.54
C GLU F 104 -2.29 -44.49 21.02
N CYS F 105 -2.21 -43.40 21.79
CA CYS F 105 -0.98 -43.02 22.45
C CYS F 105 -0.84 -43.90 23.69
N ILE F 106 0.32 -44.53 23.83
CA ILE F 106 0.50 -45.61 24.79
C ILE F 106 1.55 -45.33 25.85
N LEU F 107 1.50 -46.13 26.92
CA LEU F 107 2.58 -46.22 27.89
C LEU F 107 2.82 -47.70 28.13
N SER F 108 3.97 -48.22 27.71
CA SER F 108 4.34 -49.58 28.04
C SER F 108 5.02 -49.59 29.41
N GLY F 109 5.39 -48.39 29.84
CA GLY F 109 5.88 -48.12 31.18
C GLY F 109 7.39 -47.96 31.24
N ASN F 110 8.12 -48.60 30.33
CA ASN F 110 9.51 -48.25 30.12
C ASN F 110 9.68 -47.10 29.13
N THR F 111 9.02 -47.23 27.98
CA THR F 111 9.07 -46.24 26.91
C THR F 111 7.81 -46.37 26.07
N ALA F 112 7.38 -45.30 25.42
CA ALA F 112 6.16 -45.32 24.61
C ALA F 112 6.42 -45.61 23.13
N HIS F 113 5.66 -46.54 22.56
CA HIS F 113 5.70 -46.83 21.13
C HIS F 113 4.27 -47.11 20.69
N TRP F 114 3.85 -46.55 19.56
CA TRP F 114 2.45 -46.62 19.15
C TRP F 114 1.84 -48.04 19.14
N SER F 115 0.63 -48.14 19.67
CA SER F 115 -0.08 -49.41 19.83
C SER F 115 -0.37 -50.08 18.49
N THR F 116 -0.80 -49.29 17.52
CA THR F 116 -1.08 -49.81 16.20
C THR F 116 -0.03 -49.24 15.26
N LYS F 117 0.19 -49.92 14.14
CA LYS F 117 1.17 -49.47 13.17
C LYS F 117 0.45 -48.64 12.12
N PRO F 118 1.17 -47.67 11.51
CA PRO F 118 0.48 -46.85 10.52
C PRO F 118 -0.04 -47.73 9.39
N PRO F 119 -1.34 -47.61 9.07
CA PRO F 119 -1.96 -48.43 8.03
C PRO F 119 -1.50 -48.00 6.66
N ILE F 120 -1.70 -48.85 5.66
CA ILE F 120 -1.42 -48.47 4.29
C ILE F 120 -2.72 -48.40 3.51
N CYS F 121 -2.89 -47.32 2.76
CA CYS F 121 -4.07 -47.15 1.93
C CYS F 121 -3.66 -47.43 0.49
N GLN F 122 -4.22 -48.49 -0.08
CA GLN F 122 -3.81 -48.93 -1.41
C GLN F 122 -4.87 -48.74 -2.48
N ARG F 123 -4.42 -48.41 -3.69
CA ARG F 123 -5.30 -48.15 -4.83
C ARG F 123 -6.24 -49.33 -5.08
N ILE F 124 -7.53 -49.01 -5.21
CA ILE F 124 -8.56 -50.01 -5.39
C ILE F 124 -8.38 -50.82 -6.67
N PRO F 125 -8.13 -52.13 -6.53
CA PRO F 125 -7.96 -52.99 -7.70
C PRO F 125 -9.29 -53.38 -8.33
N CYS F 126 -9.26 -53.71 -9.63
CA CYS F 126 -10.46 -54.15 -10.34
C CYS F 126 -10.19 -55.44 -11.10
N GLY F 127 -11.20 -56.28 -11.20
CA GLY F 127 -11.09 -57.53 -11.94
C GLY F 127 -11.08 -57.30 -13.44
N LEU F 128 -11.15 -58.39 -14.21
CA LEU F 128 -11.15 -58.31 -15.66
C LEU F 128 -12.42 -57.64 -16.16
N PRO F 129 -12.30 -56.78 -17.17
CA PRO F 129 -13.46 -56.11 -17.78
C PRO F 129 -14.42 -57.12 -18.38
N PRO F 130 -15.73 -56.84 -18.33
CA PRO F 130 -16.73 -57.75 -18.90
C PRO F 130 -16.45 -58.03 -20.37
N THR F 131 -16.44 -59.30 -20.75
CA THR F 131 -16.11 -59.69 -22.12
C THR F 131 -17.38 -59.87 -22.95
N ILE F 132 -17.40 -59.23 -24.12
CA ILE F 132 -18.54 -59.33 -25.02
C ILE F 132 -18.12 -59.98 -26.35
N ALA F 133 -19.08 -60.62 -27.00
CA ALA F 133 -18.83 -61.32 -28.26
C ALA F 133 -18.61 -60.36 -29.43
N ASN F 134 -17.79 -60.78 -30.39
CA ASN F 134 -17.60 -60.05 -31.65
C ASN F 134 -16.86 -58.70 -31.55
N GLY F 135 -16.48 -58.30 -30.34
CA GLY F 135 -15.78 -57.05 -30.17
C GLY F 135 -14.79 -57.05 -29.03
N ASP F 136 -13.82 -56.14 -29.10
CA ASP F 136 -12.74 -56.07 -28.13
C ASP F 136 -12.57 -54.66 -27.55
N PHE F 137 -11.80 -54.57 -26.47
CA PHE F 137 -11.46 -53.28 -25.89
C PHE F 137 -10.01 -52.91 -26.21
N ILE F 138 -9.74 -51.62 -26.35
CA ILE F 138 -8.38 -51.17 -26.64
C ILE F 138 -7.78 -50.34 -25.51
N SER F 139 -6.54 -50.65 -25.15
CA SER F 139 -5.78 -49.94 -24.13
C SER F 139 -4.36 -50.45 -24.09
N THR F 140 -3.46 -49.67 -23.48
CA THR F 140 -2.09 -50.10 -23.31
C THR F 140 -2.00 -51.09 -22.16
N ASN F 141 -2.96 -51.00 -21.25
CA ASN F 141 -3.07 -51.97 -20.16
C ASN F 141 -4.23 -52.92 -20.40
N ARG F 142 -3.95 -54.21 -20.28
CA ARG F 142 -4.96 -55.24 -20.49
C ARG F 142 -5.12 -56.10 -19.24
N GLU F 143 -4.04 -56.78 -18.89
CA GLU F 143 -4.03 -57.75 -17.81
C GLU F 143 -4.26 -57.15 -16.43
N ASN F 144 -3.56 -56.07 -16.11
CA ASN F 144 -3.61 -55.49 -14.77
C ASN F 144 -4.31 -54.14 -14.75
N PHE F 145 -5.37 -54.05 -13.96
CA PHE F 145 -6.19 -52.85 -13.87
C PHE F 145 -6.20 -52.27 -12.47
N HIS F 146 -6.22 -50.94 -12.38
CA HIS F 146 -6.28 -50.24 -11.11
C HIS F 146 -7.43 -49.23 -11.10
N TYR F 147 -7.72 -48.69 -9.93
CA TYR F 147 -8.82 -47.73 -9.76
C TYR F 147 -8.70 -46.52 -10.68
N GLY F 148 -9.80 -46.17 -11.33
CA GLY F 148 -9.85 -44.99 -12.18
C GLY F 148 -9.41 -45.27 -13.60
N SER F 149 -8.94 -46.47 -13.86
CA SER F 149 -8.53 -46.84 -15.20
C SER F 149 -9.75 -46.98 -16.10
N VAL F 150 -9.70 -46.34 -17.26
CA VAL F 150 -10.81 -46.35 -18.18
C VAL F 150 -10.47 -47.16 -19.42
N VAL F 151 -11.42 -47.99 -19.85
CA VAL F 151 -11.21 -48.81 -21.03
C VAL F 151 -12.27 -48.52 -22.08
N THR F 152 -11.89 -48.59 -23.36
CA THR F 152 -12.78 -48.25 -24.44
C THR F 152 -12.92 -49.41 -25.41
N TYR F 153 -14.16 -49.71 -25.81
CA TYR F 153 -14.42 -50.83 -26.69
C TYR F 153 -14.38 -50.42 -28.16
N ARG F 154 -14.53 -51.41 -29.03
CA ARG F 154 -14.50 -51.20 -30.47
C ARG F 154 -15.07 -52.46 -31.11
N CYS F 155 -15.16 -52.49 -32.43
CA CYS F 155 -15.60 -53.68 -33.13
C CYS F 155 -14.53 -54.12 -34.11
N ASN F 156 -14.30 -55.43 -34.20
CA ASN F 156 -13.27 -55.97 -35.06
C ASN F 156 -13.58 -55.74 -36.53
N LEU F 157 -12.58 -55.30 -37.29
CA LEU F 157 -12.78 -54.96 -38.70
C LEU F 157 -12.41 -56.10 -39.63
N GLY F 158 -12.04 -57.25 -39.06
CA GLY F 158 -11.55 -58.36 -39.85
C GLY F 158 -10.18 -58.13 -40.47
N SER F 159 -10.10 -58.26 -41.80
CA SER F 159 -8.82 -58.17 -42.49
C SER F 159 -8.72 -56.96 -43.43
N ARG F 160 -9.47 -57.00 -44.53
CA ARG F 160 -9.50 -55.89 -45.48
C ARG F 160 -10.08 -54.67 -44.79
N GLY F 161 -11.06 -54.94 -43.95
CA GLY F 161 -11.79 -53.93 -43.20
C GLY F 161 -13.09 -53.63 -43.91
N ARG F 162 -14.14 -53.49 -43.11
CA ARG F 162 -15.50 -53.23 -43.58
C ARG F 162 -16.20 -52.70 -42.35
N LYS F 163 -17.38 -52.12 -42.49
CA LYS F 163 -18.10 -51.78 -41.27
C LYS F 163 -18.95 -52.98 -40.91
N VAL F 164 -18.49 -53.69 -39.89
CA VAL F 164 -19.18 -54.87 -39.38
C VAL F 164 -19.97 -54.50 -38.14
N PHE F 165 -21.22 -54.95 -38.10
CA PHE F 165 -22.13 -54.69 -36.99
C PHE F 165 -22.25 -53.19 -36.73
N GLU F 166 -22.46 -52.83 -35.46
CA GLU F 166 -22.48 -51.44 -35.04
C GLU F 166 -22.01 -51.33 -33.60
N LEU F 167 -21.20 -50.32 -33.29
CA LEU F 167 -20.83 -50.08 -31.91
C LEU F 167 -22.02 -49.40 -31.22
N VAL F 168 -22.48 -49.99 -30.12
CA VAL F 168 -23.66 -49.50 -29.42
C VAL F 168 -23.49 -49.57 -27.91
N GLY F 169 -24.19 -48.70 -27.19
CA GLY F 169 -24.22 -48.79 -25.74
C GLY F 169 -22.96 -48.43 -24.98
N GLU F 170 -22.50 -47.18 -25.13
CA GLU F 170 -21.51 -46.61 -24.23
C GLU F 170 -20.17 -47.36 -24.14
N PRO F 171 -19.35 -47.25 -25.19
CA PRO F 171 -18.08 -47.99 -25.31
C PRO F 171 -17.10 -47.75 -24.17
N SER F 172 -17.01 -46.53 -23.65
CA SER F 172 -16.07 -46.23 -22.58
C SER F 172 -16.62 -46.51 -21.19
N ILE F 173 -15.82 -47.18 -20.36
CA ILE F 173 -16.20 -47.54 -18.99
C ILE F 173 -14.97 -47.54 -18.07
N TYR F 174 -15.18 -47.40 -16.76
CA TYR F 174 -14.07 -47.26 -15.82
C TYR F 174 -14.30 -48.00 -14.50
N CYS F 175 -13.22 -48.22 -13.75
CA CYS F 175 -13.29 -48.82 -12.42
C CYS F 175 -13.72 -47.82 -11.34
N THR F 176 -14.64 -48.24 -10.48
CA THR F 176 -15.12 -47.38 -9.40
C THR F 176 -15.64 -48.21 -8.23
N SER F 177 -15.79 -47.58 -7.06
CA SER F 177 -16.32 -48.27 -5.88
C SER F 177 -17.30 -47.40 -5.10
N ASN F 178 -18.49 -47.92 -4.82
CA ASN F 178 -19.48 -47.19 -4.04
C ASN F 178 -19.40 -47.51 -2.55
N ASP F 179 -18.43 -48.34 -2.21
CA ASP F 179 -18.10 -48.67 -0.83
C ASP F 179 -16.59 -48.79 -0.80
N ASP F 180 -15.99 -48.87 0.38
CA ASP F 180 -14.55 -49.04 0.37
C ASP F 180 -14.31 -50.53 0.28
N GLN F 181 -14.00 -50.99 -0.93
CA GLN F 181 -13.77 -52.39 -1.25
C GLN F 181 -13.13 -52.51 -2.62
N VAL F 182 -12.97 -53.73 -3.10
CA VAL F 182 -12.47 -54.00 -4.45
C VAL F 182 -13.42 -53.35 -5.47
N GLY F 183 -12.86 -52.71 -6.50
CA GLY F 183 -13.67 -51.91 -7.39
C GLY F 183 -14.47 -52.69 -8.41
N ILE F 184 -15.66 -52.18 -8.73
CA ILE F 184 -16.50 -52.75 -9.76
C ILE F 184 -16.69 -51.77 -10.92
N TRP F 185 -16.89 -52.30 -12.12
CA TRP F 185 -17.03 -51.45 -13.30
C TRP F 185 -18.28 -50.56 -13.24
N SER F 186 -18.15 -49.35 -13.80
CA SER F 186 -19.23 -48.37 -13.81
C SER F 186 -20.50 -48.96 -14.43
N GLY F 187 -20.33 -49.67 -15.55
CA GLY F 187 -21.40 -50.48 -16.10
C GLY F 187 -20.88 -51.44 -17.15
N PRO F 188 -21.58 -52.58 -17.32
CA PRO F 188 -21.30 -53.58 -18.36
C PRO F 188 -22.11 -53.29 -19.63
N ALA F 189 -21.97 -52.09 -20.15
CA ALA F 189 -22.76 -51.62 -21.29
C ALA F 189 -22.53 -52.21 -22.70
N PRO F 190 -21.27 -52.33 -23.15
CA PRO F 190 -21.03 -52.38 -24.60
C PRO F 190 -21.46 -53.65 -25.33
N GLN F 191 -21.80 -53.49 -26.61
CA GLN F 191 -22.16 -54.58 -27.51
C GLN F 191 -21.75 -54.26 -28.94
N CYS F 192 -21.32 -55.27 -29.69
CA CYS F 192 -21.11 -55.11 -31.12
C CYS F 192 -22.11 -55.99 -31.87
N ILE F 193 -23.12 -55.37 -32.46
CA ILE F 193 -24.16 -56.09 -33.21
C ILE F 193 -24.65 -55.29 -34.41
N ILE F 194 -24.59 -54.06 -34.42
C1 NAG G . 2.09 33.56 -22.48
C2 NAG G . 2.07 32.38 -21.49
C3 NAG G . 3.42 31.95 -20.93
C4 NAG G . 4.55 32.27 -21.87
C5 NAG G . 4.52 33.78 -22.11
C6 NAG G . 5.76 34.24 -22.87
C7 NAG G . -0.02 32.15 -20.22
C8 NAG G . -0.62 32.21 -18.85
N2 NAG G . 1.18 32.70 -20.38
O3 NAG G . 3.42 30.55 -20.69
O4 NAG G . 5.78 31.89 -21.31
O5 NAG G . 3.34 34.13 -22.83
O6 NAG G . 5.84 35.64 -22.86
O7 NAG G . -0.64 31.59 -21.13
C1 NAG H . -28.91 -16.16 -24.76
C2 NAG H . -27.88 -15.30 -24.03
C3 NAG H . -27.82 -15.60 -22.54
C4 NAG H . -29.22 -15.64 -21.93
C5 NAG H . -30.11 -16.56 -22.74
C6 NAG H . -31.52 -16.61 -22.16
C7 NAG H . -25.79 -14.46 -25.01
C8 NAG H . -24.44 -14.79 -25.54
N2 NAG H . -26.55 -15.49 -24.61
O3 NAG H . -27.07 -14.61 -21.88
O4 NAG H . -29.15 -16.07 -20.59
O5 NAG H . -30.16 -16.13 -24.08
O6 NAG H . -32.28 -17.60 -22.81
O7 NAG H . -26.17 -13.29 -24.94
#